data_5GM2
#
_entry.id   5GM2
#
_cell.length_a   257.459
_cell.length_b   152.757
_cell.length_c   154.171
_cell.angle_alpha   90.00
_cell.angle_beta   93.06
_cell.angle_gamma   90.00
#
_symmetry.space_group_name_H-M   'C 1 2 1'
#
loop_
_entity.id
_entity.type
_entity.pdbx_description
1 polymer O-methylransferase
2 non-polymer S-ADENOSYL-L-HOMOCYSTEINE
3 non-polymer (2S,5S)-9-[(3R)-3,7-dimethylocta-1,6-dien-3-yl]-5-(hydroxymethyl)-1-methyl-2-(propan-2-yl)-1,2,4,5,6,8-hexahydro-3H-[1,4]diazonino[7,6,5-cd]indol-3-one
4 water water
#
_entity_poly.entity_id   1
_entity_poly.type   'polypeptide(L)'
_entity_poly.pdbx_seq_one_letter_code
;MPQEARTPQQQVTADEVGDWYDKFGEVYHLTLGESVHCGLWFPPDAPVPQDMELVTMSSQAQDRYTDYLIETLDPKAGQH
LLDIGCGTGRTALKAARQRGIAVTGVAVSKEQIAAANRLAAGHGLTERLTFEVADAMRLPYEDESFDCAWAIESLCHMDR
AKALGEAWRVLKPGGDLLVLESVVTEELTEPETALFETLYAANVPPRLGEFFDIVSGAGFHTLSLKDLSANLAMTMNVFA
LGVYSRRAEFTERFGAEFVDGLLAGLGSAQETLIRKTRFFMATLRKPAVLEHHHHHH
;
_entity_poly.pdbx_strand_id   A,B,C,D,E,F,G,H,I,J,K,L,M,N,O,P,Q,R
#
# COMPACT_ATOMS: atom_id res chain seq x y z
N GLN A 10 -2.26 41.66 42.39
CA GLN A 10 -2.94 42.08 41.17
C GLN A 10 -2.44 43.44 40.69
N GLN A 11 -1.30 43.43 39.99
CA GLN A 11 -0.70 44.65 39.49
C GLN A 11 -0.95 44.86 38.00
N VAL A 12 -1.25 43.80 37.24
CA VAL A 12 -1.44 43.89 35.81
C VAL A 12 -2.74 43.18 35.42
N THR A 13 -3.18 43.44 34.19
CA THR A 13 -4.36 42.82 33.60
C THR A 13 -3.92 41.86 32.49
N ALA A 14 -4.90 41.14 31.95
CA ALA A 14 -4.61 40.13 30.94
C ALA A 14 -4.06 40.78 29.67
N ASP A 15 -4.68 41.88 29.21
CA ASP A 15 -4.28 42.49 27.96
C ASP A 15 -2.88 43.10 28.07
N GLU A 16 -2.54 43.66 29.22
CA GLU A 16 -1.18 44.13 29.45
C GLU A 16 -0.18 43.00 29.32
N VAL A 17 -0.47 41.87 29.98
CA VAL A 17 0.42 40.71 29.91
C VAL A 17 0.45 40.15 28.49
N GLY A 18 -0.70 40.16 27.82
CA GLY A 18 -0.73 39.69 26.44
C GLY A 18 0.18 40.52 25.54
N ASP A 19 0.11 41.85 25.68
CA ASP A 19 0.95 42.71 24.86
C ASP A 19 2.42 42.53 25.19
N TRP A 20 2.73 42.29 26.47
CA TRP A 20 4.13 42.15 26.88
C TRP A 20 4.76 40.93 26.22
N TYR A 21 4.07 39.80 26.24
CA TYR A 21 4.63 38.58 25.64
C TYR A 21 4.63 38.63 24.12
N ASP A 22 3.79 39.45 23.50
CA ASP A 22 3.87 39.67 22.06
C ASP A 22 5.16 40.39 21.68
N LYS A 23 5.48 41.49 22.39
CA LYS A 23 6.65 42.29 22.07
C LYS A 23 7.95 41.66 22.55
N PHE A 24 7.93 40.97 23.69
CA PHE A 24 9.17 40.59 24.37
C PHE A 24 9.31 39.11 24.69
N GLY A 25 8.24 38.31 24.60
CA GLY A 25 8.30 36.93 25.07
C GLY A 25 9.45 36.13 24.49
N GLU A 26 9.86 36.48 23.26
CA GLU A 26 10.90 35.73 22.57
C GLU A 26 12.29 35.98 23.14
N VAL A 27 12.45 36.95 24.05
CA VAL A 27 13.74 37.13 24.70
C VAL A 27 14.07 35.93 25.60
N TYR A 28 13.04 35.29 26.16
CA TYR A 28 13.26 34.06 26.92
C TYR A 28 13.70 32.92 26.02
N HIS A 29 13.15 32.87 24.79
CA HIS A 29 13.59 31.88 23.83
C HIS A 29 15.01 32.14 23.32
N LEU A 30 15.46 33.41 23.33
CA LEU A 30 16.84 33.72 22.96
C LEU A 30 17.84 33.43 24.07
N THR A 31 17.40 33.41 25.33
CA THR A 31 18.28 33.19 26.47
C THR A 31 18.09 31.85 27.16
N LEU A 32 16.86 31.41 27.37
CA LEU A 32 16.58 30.24 28.21
C LEU A 32 16.26 28.99 27.41
N GLY A 33 15.76 29.11 26.18
CA GLY A 33 15.60 27.94 25.36
C GLY A 33 14.23 27.87 24.70
N GLU A 34 13.89 26.67 24.21
CA GLU A 34 12.67 26.47 23.42
C GLU A 34 11.39 26.56 24.24
N SER A 35 11.49 26.67 25.56
CA SER A 35 10.34 26.87 26.43
C SER A 35 10.50 28.19 27.17
N VAL A 36 9.57 28.48 28.08
CA VAL A 36 9.59 29.70 28.86
C VAL A 36 9.47 29.36 30.34
N HIS A 37 10.34 28.48 30.84
CA HIS A 37 10.32 28.15 32.26
C HIS A 37 11.72 27.78 32.71
N CYS A 38 11.82 27.39 33.98
CA CYS A 38 13.11 27.11 34.60
C CYS A 38 13.76 25.87 34.00
N GLY A 39 15.07 25.79 34.18
CA GLY A 39 15.79 24.57 33.90
C GLY A 39 15.91 23.75 35.16
N LEU A 40 16.04 22.43 34.98
CA LEU A 40 16.28 21.53 36.11
C LEU A 40 17.78 21.40 36.30
N TRP A 41 18.38 22.49 36.78
CA TRP A 41 19.82 22.54 36.95
C TRP A 41 20.28 21.64 38.09
N PHE A 42 19.46 21.46 39.10
CA PHE A 42 19.77 20.55 40.20
C PHE A 42 18.80 19.38 40.18
N PRO A 43 19.31 18.14 40.13
CA PRO A 43 18.41 16.97 40.09
C PRO A 43 17.48 16.95 41.28
N PRO A 44 16.30 16.30 41.13
CA PRO A 44 15.30 16.36 42.21
C PRO A 44 15.78 15.80 43.54
N ASP A 45 16.62 14.78 43.54
CA ASP A 45 17.03 14.18 44.81
C ASP A 45 18.11 14.99 45.54
N ALA A 46 18.50 16.14 44.99
CA ALA A 46 19.58 16.94 45.58
C ALA A 46 19.05 17.75 46.75
N PRO A 47 19.85 17.96 47.79
CA PRO A 47 19.40 18.79 48.91
C PRO A 47 19.29 20.25 48.51
N VAL A 48 18.42 20.98 49.20
CA VAL A 48 18.31 22.42 48.96
C VAL A 48 19.57 23.11 49.50
N PRO A 49 20.15 24.05 48.76
CA PRO A 49 21.37 24.70 49.24
C PRO A 49 21.12 25.58 50.46
N GLN A 50 22.22 25.88 51.16
CA GLN A 50 22.16 26.80 52.29
C GLN A 50 21.90 28.23 51.81
N ASP A 51 22.51 28.59 50.70
CA ASP A 51 22.36 29.90 50.09
C ASP A 51 21.92 29.73 48.64
N MET A 52 21.38 30.80 48.07
CA MET A 52 21.13 30.86 46.65
C MET A 52 22.20 31.64 45.90
N GLU A 53 23.29 31.99 46.58
CA GLU A 53 24.42 32.63 45.92
C GLU A 53 24.97 31.72 44.83
N LEU A 54 25.44 32.33 43.74
CA LEU A 54 25.94 31.57 42.61
C LEU A 54 27.09 30.65 43.01
N VAL A 55 27.92 31.10 43.96
CA VAL A 55 29.06 30.29 44.37
C VAL A 55 28.59 29.06 45.14
N THR A 56 27.64 29.25 46.06
CA THR A 56 27.17 28.13 46.87
C THR A 56 26.47 27.09 46.00
N MET A 57 25.68 27.54 45.02
CA MET A 57 25.04 26.61 44.10
C MET A 57 26.07 25.89 43.23
N SER A 58 27.05 26.63 42.71
CA SER A 58 28.13 26.01 41.95
C SER A 58 28.92 25.03 42.81
N SER A 59 29.11 25.36 44.09
CA SER A 59 29.88 24.50 44.97
C SER A 59 29.20 23.15 45.17
N GLN A 60 27.86 23.15 45.31
CA GLN A 60 27.14 21.89 45.41
C GLN A 60 27.22 21.11 44.10
N ALA A 61 27.24 21.80 42.97
CA ALA A 61 27.46 21.12 41.69
C ALA A 61 28.86 20.51 41.63
N GLN A 62 29.85 21.20 42.20
CA GLN A 62 31.20 20.65 42.27
C GLN A 62 31.22 19.36 43.07
N ASP A 63 30.55 19.35 44.23
CA ASP A 63 30.60 18.18 45.09
C ASP A 63 29.88 16.99 44.43
N ARG A 64 28.77 17.25 43.74
CA ARG A 64 28.11 16.18 42.99
C ARG A 64 28.98 15.69 41.85
N TYR A 65 29.72 16.61 41.22
CA TYR A 65 30.77 16.24 40.27
C TYR A 65 31.76 15.28 40.91
N THR A 66 32.24 15.63 42.12
CA THR A 66 33.21 14.77 42.80
C THR A 66 32.62 13.42 43.17
N ASP A 67 31.36 13.40 43.61
CA ASP A 67 30.68 12.12 43.86
C ASP A 67 30.66 11.24 42.62
N TYR A 68 30.52 11.85 41.44
CA TYR A 68 30.43 11.08 40.21
C TYR A 68 31.80 10.48 39.84
N LEU A 69 32.87 11.27 39.97
CA LEU A 69 34.20 10.75 39.70
C LEU A 69 34.55 9.61 40.64
N ILE A 70 34.21 9.75 41.92
CA ILE A 70 34.42 8.67 42.88
C ILE A 70 33.67 7.42 42.43
N GLU A 71 32.40 7.59 42.07
CA GLU A 71 31.59 6.47 41.59
C GLU A 71 32.23 5.81 40.37
N THR A 72 32.75 6.63 39.44
CA THR A 72 33.28 6.10 38.19
C THR A 72 34.57 5.31 38.42
N LEU A 73 35.57 5.92 39.04
CA LEU A 73 36.84 5.24 39.26
C LEU A 73 36.67 4.05 40.20
N ASP A 74 35.85 4.21 41.25
CA ASP A 74 35.50 3.18 42.22
C ASP A 74 36.71 2.71 43.02
N PRO A 75 37.32 3.57 43.83
CA PRO A 75 38.38 3.10 44.73
C PRO A 75 37.81 2.27 45.87
N LYS A 76 38.52 1.18 46.21
CA LYS A 76 38.07 0.24 47.22
C LYS A 76 38.71 0.56 48.57
N ALA A 77 38.05 0.13 49.63
CA ALA A 77 38.48 0.45 50.99
C ALA A 77 39.87 -0.10 51.27
N GLY A 78 40.74 0.75 51.79
CA GLY A 78 42.11 0.38 52.09
C GLY A 78 43.10 0.62 50.97
N GLN A 79 42.67 1.20 49.86
CA GLN A 79 43.56 1.52 48.76
C GLN A 79 44.20 2.89 48.97
N HIS A 80 45.24 3.15 48.18
CA HIS A 80 45.95 4.42 48.20
C HIS A 80 45.80 5.08 46.84
N LEU A 81 45.35 6.33 46.82
CA LEU A 81 45.00 7.04 45.60
C LEU A 81 45.89 8.28 45.46
N LEU A 82 46.46 8.46 44.27
CA LEU A 82 47.31 9.61 43.98
C LEU A 82 46.49 10.65 43.23
N ASP A 83 46.37 11.84 43.83
CA ASP A 83 45.59 12.93 43.24
C ASP A 83 46.56 13.86 42.52
N ILE A 84 46.65 13.72 41.20
CA ILE A 84 47.63 14.44 40.39
C ILE A 84 47.09 15.85 40.15
N GLY A 85 47.60 16.82 40.90
CA GLY A 85 47.11 18.18 40.81
C GLY A 85 45.92 18.41 41.71
N CYS A 86 46.11 18.27 43.01
CA CYS A 86 45.04 18.08 43.97
C CYS A 86 44.31 19.38 44.37
N GLY A 87 44.76 20.54 43.89
CA GLY A 87 44.13 21.78 44.30
C GLY A 87 44.28 22.00 45.80
N THR A 88 43.16 22.33 46.46
CA THR A 88 43.16 22.51 47.90
C THR A 88 42.51 21.33 48.64
N GLY A 89 42.29 20.21 47.97
CA GLY A 89 42.11 18.94 48.63
C GLY A 89 40.70 18.52 48.99
N ARG A 90 39.67 19.28 48.61
CA ARG A 90 38.32 18.87 48.96
C ARG A 90 37.92 17.60 48.22
N THR A 91 38.38 17.43 46.98
CA THR A 91 38.16 16.17 46.27
C THR A 91 38.76 14.99 47.05
N ALA A 92 40.01 15.14 47.49
CA ALA A 92 40.68 14.07 48.21
C ALA A 92 39.97 13.75 49.53
N LEU A 93 39.51 14.79 50.23
CA LEU A 93 38.81 14.59 51.50
C LEU A 93 37.54 13.77 51.31
N LYS A 94 36.72 14.17 50.34
CA LYS A 94 35.47 13.45 50.08
C LYS A 94 35.73 12.00 49.71
N ALA A 95 36.72 11.76 48.84
CA ALA A 95 37.06 10.40 48.47
C ALA A 95 37.50 9.59 49.67
N ALA A 96 38.25 10.22 50.59
CA ALA A 96 38.73 9.52 51.76
C ALA A 96 37.58 9.16 52.71
N ARG A 97 36.68 10.12 52.96
CA ARG A 97 35.57 9.86 53.87
C ARG A 97 34.62 8.80 53.31
N GLN A 98 34.38 8.83 52.00
CA GLN A 98 33.32 8.01 51.42
C GLN A 98 33.74 6.58 51.17
N ARG A 99 35.03 6.33 50.99
CA ARG A 99 35.49 5.00 50.60
C ARG A 99 36.47 4.36 51.57
N GLY A 100 36.98 5.09 52.55
CA GLY A 100 37.95 4.53 53.47
C GLY A 100 39.27 4.24 52.80
N ILE A 101 39.82 5.25 52.11
CA ILE A 101 41.09 5.13 51.41
C ILE A 101 42.03 6.22 51.92
N ALA A 102 43.31 5.96 51.77
CA ALA A 102 44.32 7.00 51.91
C ALA A 102 44.51 7.69 50.57
N VAL A 103 44.79 8.99 50.63
CA VAL A 103 44.97 9.80 49.42
C VAL A 103 46.23 10.64 49.57
N THR A 104 47.07 10.64 48.54
CA THR A 104 48.24 11.49 48.45
C THR A 104 48.05 12.44 47.29
N GLY A 105 48.12 13.73 47.55
CA GLY A 105 47.92 14.75 46.52
C GLY A 105 49.17 15.58 46.33
N VAL A 106 49.45 15.90 45.08
CA VAL A 106 50.60 16.72 44.71
C VAL A 106 50.12 17.92 43.92
N ALA A 107 50.70 19.08 44.20
CA ALA A 107 50.46 20.29 43.44
C ALA A 107 51.74 21.12 43.47
N VAL A 108 51.83 22.07 42.53
CA VAL A 108 52.99 22.93 42.44
C VAL A 108 52.81 24.24 43.19
N SER A 109 51.68 24.42 43.89
CA SER A 109 51.38 25.65 44.61
C SER A 109 51.54 25.43 46.11
N LYS A 110 52.42 26.22 46.72
CA LYS A 110 52.57 26.16 48.18
C LYS A 110 51.25 26.50 48.86
N GLU A 111 50.57 27.54 48.39
CA GLU A 111 49.35 28.00 49.05
C GLU A 111 48.26 26.93 49.02
N GLN A 112 48.08 26.26 47.88
CA GLN A 112 47.06 25.23 47.78
C GLN A 112 47.37 24.05 48.68
N ILE A 113 48.64 23.64 48.72
CA ILE A 113 49.03 22.50 49.55
C ILE A 113 48.87 22.84 51.03
N ALA A 114 49.19 24.08 51.41
CA ALA A 114 48.94 24.52 52.78
C ALA A 114 47.46 24.42 53.12
N ALA A 115 46.58 24.86 52.19
CA ALA A 115 45.15 24.80 52.44
C ALA A 115 44.66 23.36 52.52
N ALA A 116 45.24 22.47 51.71
CA ALA A 116 44.83 21.07 51.75
C ALA A 116 45.28 20.39 53.03
N ASN A 117 46.44 20.76 53.57
CA ASN A 117 46.86 20.23 54.86
C ASN A 117 45.99 20.76 55.99
N ARG A 118 45.63 22.04 55.94
CA ARG A 118 44.67 22.59 56.89
C ARG A 118 43.35 21.82 56.85
N LEU A 119 42.87 21.51 55.65
CA LEU A 119 41.62 20.78 55.52
C LEU A 119 41.72 19.41 56.18
N ALA A 120 42.81 18.70 55.96
CA ALA A 120 42.98 17.37 56.55
C ALA A 120 43.12 17.44 58.06
N ALA A 121 43.70 18.53 58.58
CA ALA A 121 43.79 18.68 60.03
C ALA A 121 42.44 19.02 60.64
N GLY A 122 41.70 19.94 60.00
CA GLY A 122 40.40 20.32 60.52
C GLY A 122 39.39 19.19 60.53
N HIS A 123 39.52 18.25 59.59
CA HIS A 123 38.67 17.07 59.56
C HIS A 123 39.30 15.86 60.24
N GLY A 124 40.40 16.06 60.95
CA GLY A 124 41.08 14.99 61.67
C GLY A 124 41.48 13.79 60.83
N LEU A 125 42.05 14.03 59.65
CA LEU A 125 42.39 12.96 58.72
C LEU A 125 43.81 13.10 58.21
N THR A 126 44.69 13.70 59.00
CA THR A 126 46.07 13.91 58.58
C THR A 126 46.85 12.61 58.45
N GLU A 127 46.32 11.49 58.94
CA GLU A 127 46.96 10.20 58.76
C GLU A 127 46.47 9.47 57.51
N ARG A 128 45.35 9.91 56.94
CA ARG A 128 44.85 9.35 55.69
C ARG A 128 44.93 10.31 54.51
N LEU A 129 45.22 11.60 54.75
CA LEU A 129 45.37 12.60 53.70
C LEU A 129 46.77 13.20 53.82
N THR A 130 47.61 12.95 52.83
CA THR A 130 48.93 13.58 52.73
C THR A 130 48.94 14.48 51.51
N PHE A 131 49.38 15.73 51.70
CA PHE A 131 49.45 16.71 50.62
C PHE A 131 50.86 17.27 50.57
N GLU A 132 51.49 17.16 49.40
CA GLU A 132 52.87 17.59 49.20
C GLU A 132 52.98 18.48 47.97
N VAL A 133 53.91 19.42 48.03
CA VAL A 133 54.26 20.21 46.86
C VAL A 133 55.19 19.37 46.00
N ALA A 134 54.72 18.95 44.83
CA ALA A 134 55.50 18.11 43.95
C ALA A 134 55.04 18.30 42.51
N ASP A 135 55.99 18.10 41.59
CA ASP A 135 55.72 18.13 40.17
C ASP A 135 55.24 16.76 39.70
N ALA A 136 54.15 16.75 38.92
CA ALA A 136 53.65 15.52 38.35
C ALA A 136 54.50 15.01 37.20
N MET A 137 55.30 15.89 36.59
CA MET A 137 56.17 15.49 35.50
C MET A 137 57.50 14.94 35.99
N ARG A 138 57.76 14.98 37.31
CA ARG A 138 58.87 14.32 37.99
C ARG A 138 58.39 13.99 39.41
N LEU A 139 57.48 13.02 39.51
CA LEU A 139 56.96 12.64 40.82
C LEU A 139 58.07 12.03 41.68
N PRO A 140 58.17 12.42 42.95
CA PRO A 140 59.21 11.85 43.81
C PRO A 140 58.91 10.44 44.24
N TYR A 141 57.67 9.99 44.14
CA TYR A 141 57.25 8.72 44.70
C TYR A 141 57.91 7.57 43.96
N GLU A 142 57.85 6.39 44.58
CA GLU A 142 58.53 5.22 44.06
C GLU A 142 57.79 4.63 42.86
N ASP A 143 58.08 3.37 42.57
CA ASP A 143 57.41 2.64 41.51
C ASP A 143 56.36 1.72 42.10
N GLU A 144 55.18 1.66 41.45
CA GLU A 144 54.09 0.80 41.88
C GLU A 144 53.72 1.06 43.34
N SER A 145 53.50 2.34 43.64
CA SER A 145 53.15 2.78 44.99
C SER A 145 51.65 2.95 45.20
N PHE A 146 50.91 3.31 44.15
CA PHE A 146 49.51 3.69 44.26
C PHE A 146 48.62 2.71 43.51
N ASP A 147 47.45 2.41 44.09
CA ASP A 147 46.50 1.49 43.45
C ASP A 147 45.75 2.16 42.32
N CYS A 148 45.38 3.43 42.51
CA CYS A 148 44.67 4.20 41.50
C CYS A 148 45.09 5.65 41.64
N ALA A 149 44.71 6.45 40.64
CA ALA A 149 45.07 7.85 40.62
C ALA A 149 44.07 8.61 39.77
N TRP A 150 44.07 9.93 39.91
CA TRP A 150 43.28 10.73 38.99
C TRP A 150 43.91 12.10 38.82
N ALA A 151 43.79 12.63 37.60
CA ALA A 151 44.20 13.99 37.25
C ALA A 151 42.94 14.72 36.84
N ILE A 152 42.38 15.48 37.76
CA ILE A 152 41.07 16.12 37.58
C ILE A 152 41.34 17.54 37.12
N GLU A 153 41.31 17.75 35.79
CA GLU A 153 41.40 19.07 35.18
C GLU A 153 42.75 19.75 35.44
N SER A 154 43.84 18.99 35.37
CA SER A 154 45.16 19.53 35.64
C SER A 154 46.18 19.25 34.54
N LEU A 155 45.97 18.24 33.70
CA LEU A 155 46.91 17.94 32.63
C LEU A 155 47.17 19.15 31.74
N CYS A 156 46.20 20.06 31.64
CA CYS A 156 46.35 21.25 30.81
C CYS A 156 47.46 22.16 31.31
N HIS A 157 47.94 21.97 32.53
CA HIS A 157 49.09 22.72 32.98
C HIS A 157 50.41 22.02 32.68
N MET A 158 50.34 20.76 32.27
CA MET A 158 51.51 19.89 32.20
C MET A 158 51.82 19.50 30.77
N ASP A 159 53.05 19.01 30.58
CA ASP A 159 53.37 18.20 29.41
C ASP A 159 52.75 16.81 29.63
N ARG A 160 51.72 16.49 28.84
CA ARG A 160 50.91 15.32 29.15
C ARG A 160 51.67 14.02 28.97
N ALA A 161 52.68 14.00 28.10
CA ALA A 161 53.43 12.77 27.89
C ALA A 161 54.28 12.41 29.10
N LYS A 162 54.95 13.42 29.70
CA LYS A 162 55.71 13.16 30.91
C LYS A 162 54.79 12.82 32.08
N ALA A 163 53.71 13.58 32.25
CA ALA A 163 52.83 13.37 33.40
C ALA A 163 52.14 12.01 33.32
N LEU A 164 51.75 11.57 32.12
CA LEU A 164 51.09 10.27 31.99
C LEU A 164 52.06 9.12 32.16
N GLY A 165 53.31 9.28 31.73
CA GLY A 165 54.31 8.26 32.01
C GLY A 165 54.68 8.20 33.48
N GLU A 166 54.76 9.37 34.12
CA GLU A 166 54.99 9.41 35.56
C GLU A 166 53.84 8.74 36.31
N ALA A 167 52.59 9.07 35.93
CA ALA A 167 51.43 8.41 36.52
C ALA A 167 51.49 6.91 36.30
N TRP A 168 51.90 6.48 35.12
CA TRP A 168 51.97 5.04 34.83
C TRP A 168 53.00 4.35 35.72
N ARG A 169 54.14 4.99 35.95
CA ARG A 169 55.19 4.36 36.75
C ARG A 169 54.78 4.18 38.21
N VAL A 170 54.17 5.21 38.80
CA VAL A 170 53.80 5.15 40.21
C VAL A 170 52.56 4.31 40.45
N LEU A 171 51.89 3.84 39.39
CA LEU A 171 50.71 3.01 39.51
C LEU A 171 51.08 1.54 39.56
N LYS A 172 50.47 0.80 40.47
CA LYS A 172 50.64 -0.64 40.48
C LYS A 172 50.02 -1.21 39.21
N PRO A 173 50.61 -2.26 38.63
CA PRO A 173 50.00 -2.88 37.45
C PRO A 173 48.59 -3.38 37.76
N GLY A 174 47.65 -3.03 36.87
CA GLY A 174 46.26 -3.41 37.04
C GLY A 174 45.38 -2.33 37.64
N GLY A 175 45.94 -1.28 38.22
CA GLY A 175 45.15 -0.17 38.72
C GLY A 175 44.85 0.85 37.63
N ASP A 176 44.00 1.81 37.96
CA ASP A 176 43.43 2.72 36.97
C ASP A 176 43.75 4.17 37.31
N LEU A 177 43.87 4.97 36.24
CA LEU A 177 44.07 6.42 36.35
C LEU A 177 42.89 7.10 35.67
N LEU A 178 42.12 7.86 36.45
CA LEU A 178 40.98 8.61 35.92
C LEU A 178 41.45 9.99 35.45
N VAL A 179 41.05 10.36 34.24
CA VAL A 179 41.60 11.54 33.58
C VAL A 179 40.44 12.41 33.08
N LEU A 180 40.52 13.71 33.36
CA LEU A 180 39.51 14.70 32.97
C LEU A 180 40.21 15.74 32.10
N GLU A 181 40.23 15.49 30.79
CA GLU A 181 41.09 16.23 29.88
C GLU A 181 40.28 16.87 28.76
N SER A 182 40.77 18.00 28.25
CA SER A 182 40.21 18.66 27.09
C SER A 182 40.99 18.30 25.83
N VAL A 183 40.38 18.62 24.69
CA VAL A 183 40.91 18.24 23.37
C VAL A 183 40.35 19.22 22.35
N VAL A 184 41.19 19.60 21.37
CA VAL A 184 40.74 20.49 20.31
C VAL A 184 40.02 19.70 19.23
N THR A 185 39.00 20.32 18.64
CA THR A 185 38.36 19.80 17.44
C THR A 185 38.68 20.60 16.18
N GLU A 186 39.07 21.87 16.32
CA GLU A 186 39.57 22.68 15.22
C GLU A 186 41.08 22.87 15.38
N GLU A 187 41.63 23.87 14.70
CA GLU A 187 43.08 24.04 14.62
C GLU A 187 43.63 25.06 15.60
N LEU A 188 42.80 26.00 16.08
CA LEU A 188 43.20 27.07 16.99
C LEU A 188 44.08 28.11 16.32
N THR A 189 43.58 29.33 16.21
CA THR A 189 44.41 30.45 15.78
C THR A 189 45.46 30.75 16.84
N GLU A 190 46.50 31.48 16.44
CA GLU A 190 47.55 31.85 17.38
C GLU A 190 47.04 32.74 18.50
N PRO A 191 46.15 33.72 18.29
CA PRO A 191 45.57 34.43 19.43
C PRO A 191 44.83 33.52 20.40
N GLU A 192 44.18 32.47 19.88
CA GLU A 192 43.46 31.55 20.76
C GLU A 192 44.43 30.73 21.62
N THR A 193 45.55 30.29 21.04
CA THR A 193 46.54 29.56 21.81
C THR A 193 47.10 30.41 22.94
N ALA A 194 47.29 31.70 22.69
CA ALA A 194 47.87 32.59 23.71
C ALA A 194 46.90 32.81 24.86
N LEU A 195 45.59 32.88 24.57
CA LEU A 195 44.62 33.09 25.64
C LEU A 195 44.68 31.99 26.70
N PHE A 196 44.99 30.76 26.29
CA PHE A 196 45.19 29.70 27.26
C PHE A 196 46.26 30.09 28.28
N GLU A 197 47.32 30.75 27.83
CA GLU A 197 48.43 31.10 28.72
C GLU A 197 48.12 32.35 29.54
N THR A 198 47.47 33.35 28.93
CA THR A 198 47.27 34.61 29.61
C THR A 198 46.11 34.56 30.62
N LEU A 199 45.03 33.85 30.27
CA LEU A 199 43.88 33.75 31.17
C LEU A 199 44.13 32.73 32.27
N TYR A 200 44.38 31.48 31.89
CA TYR A 200 44.66 30.43 32.85
C TYR A 200 46.17 30.19 32.91
N ALA A 201 46.58 28.93 32.95
CA ALA A 201 47.99 28.57 32.82
C ALA A 201 48.18 27.57 31.68
N ALA A 202 47.61 27.89 30.53
CA ALA A 202 48.09 27.46 29.21
C ALA A 202 48.06 25.98 28.90
N ASN A 203 49.09 25.55 28.16
CA ASN A 203 49.14 24.35 27.34
C ASN A 203 47.84 24.15 26.57
N VAL A 204 47.88 24.48 25.28
CA VAL A 204 46.74 24.24 24.40
C VAL A 204 46.39 22.77 24.42
N PRO A 205 45.12 22.39 24.38
CA PRO A 205 44.78 20.97 24.49
C PRO A 205 45.23 20.22 23.24
N PRO A 206 45.50 18.93 23.38
CA PRO A 206 45.96 18.13 22.23
C PRO A 206 44.80 17.77 21.33
N ARG A 207 45.10 17.04 20.28
CA ARG A 207 44.08 16.43 19.45
C ARG A 207 43.76 15.02 19.96
N LEU A 208 42.56 14.54 19.59
CA LEU A 208 42.07 13.28 20.10
C LEU A 208 43.06 12.15 19.83
N GLY A 209 43.35 11.89 18.55
CA GLY A 209 44.33 10.87 18.22
C GLY A 209 45.69 11.14 18.84
N GLU A 210 46.10 12.41 18.86
CA GLU A 210 47.37 12.78 19.49
C GLU A 210 47.34 12.44 20.97
N PHE A 211 46.27 12.80 21.67
CA PHE A 211 46.17 12.50 23.10
C PHE A 211 46.25 11.01 23.35
N PHE A 212 45.49 10.22 22.60
CA PHE A 212 45.48 8.78 22.85
C PHE A 212 46.70 8.06 22.30
N ASP A 213 47.43 8.66 21.35
CA ASP A 213 48.77 8.16 21.05
C ASP A 213 49.71 8.37 22.23
N ILE A 214 49.55 9.49 22.95
CA ILE A 214 50.30 9.69 24.19
C ILE A 214 49.87 8.69 25.25
N VAL A 215 48.55 8.46 25.38
CA VAL A 215 48.05 7.50 26.35
C VAL A 215 48.61 6.10 26.09
N SER A 216 48.70 5.72 24.82
CA SER A 216 49.30 4.44 24.48
C SER A 216 50.82 4.47 24.65
N GLY A 217 51.45 5.59 24.30
CA GLY A 217 52.90 5.69 24.43
C GLY A 217 53.39 5.57 25.86
N ALA A 218 52.59 6.01 26.82
CA ALA A 218 52.91 5.79 28.23
C ALA A 218 52.62 4.37 28.68
N GLY A 219 51.93 3.58 27.87
CA GLY A 219 51.62 2.21 28.20
C GLY A 219 50.22 1.96 28.75
N PHE A 220 49.33 2.95 28.67
CA PHE A 220 47.97 2.80 29.18
C PHE A 220 47.05 2.19 28.14
N HIS A 221 46.15 1.32 28.60
CA HIS A 221 44.95 0.95 27.85
C HIS A 221 43.84 1.95 28.14
N THR A 222 42.89 2.03 27.22
CA THR A 222 41.74 2.91 27.37
C THR A 222 40.50 2.07 27.66
N LEU A 223 39.92 2.27 28.84
CA LEU A 223 38.71 1.56 29.25
C LEU A 223 37.44 2.34 28.97
N SER A 224 37.44 3.66 29.11
CA SER A 224 36.20 4.41 28.96
C SER A 224 36.52 5.86 28.55
N LEU A 225 35.50 6.52 28.03
CA LEU A 225 35.53 7.95 27.74
C LEU A 225 34.08 8.43 27.71
N LYS A 226 33.82 9.58 28.33
CA LYS A 226 32.47 10.15 28.38
C LYS A 226 32.55 11.66 28.26
N ASP A 227 31.83 12.21 27.29
CA ASP A 227 31.85 13.65 27.09
C ASP A 227 31.18 14.36 28.27
N LEU A 228 31.80 15.46 28.70
CA LEU A 228 31.25 16.33 29.72
C LEU A 228 31.45 17.79 29.34
N SER A 229 31.46 18.07 28.03
CA SER A 229 31.77 19.41 27.54
C SER A 229 30.76 20.45 28.03
N ALA A 230 29.50 20.03 28.22
CA ALA A 230 28.48 20.97 28.66
C ALA A 230 28.73 21.43 30.09
N ASN A 231 29.18 20.52 30.96
CA ASN A 231 29.50 20.91 32.33
C ASN A 231 30.63 21.94 32.36
N LEU A 232 31.59 21.81 31.44
CA LEU A 232 32.69 22.77 31.37
C LEU A 232 32.23 24.10 30.80
N ALA A 233 31.30 24.06 29.85
CA ALA A 233 30.79 25.30 29.28
C ALA A 233 29.90 26.03 30.27
N MET A 234 29.09 25.29 31.04
CA MET A 234 28.28 25.91 32.07
C MET A 234 29.14 26.45 33.20
N THR A 235 30.16 25.69 33.60
CA THR A 235 31.05 26.16 34.66
C THR A 235 31.81 27.41 34.24
N MET A 236 32.36 27.41 33.03
CA MET A 236 33.01 28.61 32.51
C MET A 236 32.03 29.78 32.44
N ASN A 237 30.77 29.49 32.12
CA ASN A 237 29.73 30.52 32.17
C ASN A 237 29.57 31.06 33.58
N VAL A 238 29.47 30.17 34.57
CA VAL A 238 29.32 30.61 35.95
C VAL A 238 30.52 31.44 36.38
N PHE A 239 31.72 31.02 35.98
CA PHE A 239 32.92 31.80 36.26
C PHE A 239 32.83 33.19 35.64
N ALA A 240 32.48 33.25 34.35
CA ALA A 240 32.44 34.54 33.65
C ALA A 240 31.39 35.46 34.26
N LEU A 241 30.26 34.91 34.70
CA LEU A 241 29.23 35.73 35.31
C LEU A 241 29.70 36.29 36.65
N GLY A 242 30.41 35.47 37.43
CA GLY A 242 30.94 35.96 38.69
C GLY A 242 31.97 37.07 38.52
N VAL A 243 32.84 36.93 37.52
CA VAL A 243 33.83 37.97 37.26
C VAL A 243 33.15 39.24 36.78
N TYR A 244 32.16 39.11 35.89
CA TYR A 244 31.50 40.28 35.32
C TYR A 244 30.78 41.09 36.39
N SER A 245 30.07 40.41 37.29
CA SER A 245 29.24 41.10 38.27
C SER A 245 30.00 41.55 39.51
N ARG A 246 31.23 41.10 39.72
CA ARG A 246 31.99 41.42 40.92
C ARG A 246 33.36 41.98 40.56
N ARG A 247 33.41 42.81 39.52
CA ARG A 247 34.68 43.36 39.06
C ARG A 247 35.37 44.16 40.15
N ALA A 248 34.61 45.01 40.85
CA ALA A 248 35.20 45.87 41.87
C ALA A 248 35.83 45.06 42.98
N GLU A 249 35.12 44.03 43.44
CA GLU A 249 35.62 43.20 44.53
C GLU A 249 36.91 42.48 44.14
N PHE A 250 36.97 41.97 42.91
CA PHE A 250 38.11 41.15 42.49
C PHE A 250 39.33 42.01 42.16
N THR A 251 39.12 43.23 41.65
CA THR A 251 40.25 44.13 41.43
C THR A 251 40.90 44.52 42.77
N GLU A 252 40.09 44.82 43.78
CA GLU A 252 40.61 45.10 45.12
C GLU A 252 41.30 43.90 45.76
N ARG A 253 41.11 42.71 45.21
CA ARG A 253 41.65 41.46 45.74
C ARG A 253 42.84 40.94 44.95
N PHE A 254 42.77 40.98 43.62
CA PHE A 254 43.82 40.45 42.77
C PHE A 254 44.47 41.51 41.87
N GLY A 255 44.05 42.76 41.97
CA GLY A 255 44.63 43.78 41.11
C GLY A 255 43.84 44.00 39.84
N ALA A 256 43.89 45.25 39.35
CA ALA A 256 43.14 45.59 38.14
C ALA A 256 43.66 44.82 36.94
N GLU A 257 44.98 44.69 36.81
CA GLU A 257 45.59 44.05 35.64
C GLU A 257 45.05 42.64 35.44
N PHE A 258 44.83 41.90 36.53
CA PHE A 258 44.39 40.52 36.41
C PHE A 258 42.92 40.44 36.02
N VAL A 259 42.07 41.21 36.70
CA VAL A 259 40.64 41.20 36.38
C VAL A 259 40.38 41.75 34.98
N ASP A 260 41.05 42.85 34.63
CA ASP A 260 40.88 43.42 33.29
C ASP A 260 41.20 42.40 32.21
N GLY A 261 42.28 41.63 32.38
CA GLY A 261 42.57 40.56 31.44
C GLY A 261 41.44 39.56 31.34
N LEU A 262 40.82 39.23 32.47
CA LEU A 262 39.70 38.29 32.45
C LEU A 262 38.51 38.87 31.70
N LEU A 263 38.15 40.12 32.02
CA LEU A 263 37.05 40.77 31.32
C LEU A 263 37.32 40.85 29.82
N ALA A 264 38.58 41.07 29.45
CA ALA A 264 38.94 41.21 28.04
C ALA A 264 38.97 39.88 27.28
N GLY A 265 39.21 38.75 27.96
CA GLY A 265 39.43 37.50 27.26
C GLY A 265 38.34 36.44 27.41
N LEU A 266 37.49 36.58 28.43
CA LEU A 266 36.58 35.49 28.77
C LEU A 266 35.56 35.24 27.66
N GLY A 267 35.03 36.30 27.05
CA GLY A 267 34.09 36.10 25.96
C GLY A 267 34.70 35.32 24.80
N SER A 268 35.88 35.75 24.36
CA SER A 268 36.54 35.08 23.24
C SER A 268 36.96 33.66 23.61
N ALA A 269 37.36 33.46 24.86
CA ALA A 269 37.73 32.12 25.30
C ALA A 269 36.51 31.22 25.39
N GLN A 270 35.37 31.76 25.83
CA GLN A 270 34.13 30.99 25.83
C GLN A 270 33.77 30.54 24.43
N GLU A 271 33.91 31.43 23.44
CA GLU A 271 33.59 31.09 22.07
C GLU A 271 34.50 29.97 21.56
N THR A 272 35.80 30.08 21.84
CA THR A 272 36.74 29.06 21.38
C THR A 272 36.47 27.71 22.03
N LEU A 273 36.18 27.72 23.33
CA LEU A 273 35.84 26.48 24.04
C LEU A 273 34.63 25.81 23.42
N ILE A 274 33.58 26.60 23.17
CA ILE A 274 32.35 26.05 22.60
C ILE A 274 32.62 25.42 21.24
N ARG A 275 33.23 26.20 20.34
CA ARG A 275 33.28 25.83 18.93
C ARG A 275 34.47 24.95 18.56
N LYS A 276 35.51 24.87 19.40
CA LYS A 276 36.73 24.20 18.98
C LYS A 276 37.24 23.12 19.91
N THR A 277 36.71 22.97 21.13
CA THR A 277 37.22 21.97 22.05
C THR A 277 36.10 21.08 22.56
N ARG A 278 36.51 19.95 23.14
CA ARG A 278 35.62 19.07 23.87
C ARG A 278 36.34 18.61 25.14
N PHE A 279 35.55 18.22 26.14
CA PHE A 279 36.05 17.92 27.48
C PHE A 279 35.44 16.60 27.94
N PHE A 280 36.30 15.67 28.37
CA PHE A 280 35.83 14.32 28.65
C PHE A 280 36.49 13.77 29.91
N MET A 281 35.92 12.66 30.39
CA MET A 281 36.41 11.90 31.53
C MET A 281 36.74 10.50 31.05
N ALA A 282 38.03 10.18 30.97
CA ALA A 282 38.49 8.88 30.48
C ALA A 282 39.07 8.06 31.62
N THR A 283 38.94 6.75 31.50
CA THR A 283 39.55 5.81 32.43
C THR A 283 40.65 5.05 31.70
N LEU A 284 41.88 5.24 32.16
CA LEU A 284 43.03 4.54 31.61
C LEU A 284 43.45 3.44 32.58
N ARG A 285 43.87 2.31 32.04
CA ARG A 285 44.31 1.20 32.89
C ARG A 285 45.75 0.86 32.58
N LYS A 286 46.56 0.76 33.64
CA LYS A 286 47.86 0.13 33.53
C LYS A 286 47.66 -1.37 33.47
N PRO A 287 48.07 -2.04 32.40
CA PRO A 287 47.79 -3.48 32.27
C PRO A 287 48.41 -4.27 33.41
N ALA A 288 47.70 -5.31 33.83
CA ALA A 288 48.18 -6.21 34.87
C ALA A 288 48.96 -7.36 34.25
N VAL A 289 49.91 -7.87 35.01
CA VAL A 289 50.70 -9.02 34.58
C VAL A 289 50.02 -10.29 35.05
N LEU A 290 49.67 -11.16 34.11
CA LEU A 290 48.93 -12.39 34.40
C LEU A 290 49.76 -13.34 35.27
N GLN B 9 55.78 21.17 29.63
CA GLN B 9 56.96 21.76 29.00
C GLN B 9 56.55 22.83 27.99
N GLN B 10 55.29 22.78 27.56
CA GLN B 10 54.76 23.76 26.62
C GLN B 10 54.75 25.15 27.22
N GLN B 11 53.95 26.06 26.65
CA GLN B 11 54.05 27.50 26.89
C GLN B 11 54.04 27.92 28.37
N VAL B 12 54.00 26.98 29.31
CA VAL B 12 54.11 27.31 30.72
C VAL B 12 54.97 26.28 31.45
N THR B 13 55.66 26.74 32.48
CA THR B 13 56.45 25.90 33.36
C THR B 13 55.73 25.72 34.69
N ALA B 14 56.17 24.71 35.45
CA ALA B 14 55.51 24.37 36.71
C ALA B 14 55.58 25.52 37.71
N ASP B 15 56.74 26.17 37.83
CA ASP B 15 56.87 27.29 38.75
C ASP B 15 55.98 28.45 38.36
N GLU B 16 55.74 28.63 37.05
CA GLU B 16 54.79 29.65 36.60
C GLU B 16 53.37 29.31 37.00
N VAL B 17 53.00 28.02 36.89
CA VAL B 17 51.65 27.60 37.26
C VAL B 17 51.46 27.69 38.77
N GLY B 18 52.45 27.27 39.55
CA GLY B 18 52.30 27.32 41.00
C GLY B 18 52.27 28.75 41.52
N ASP B 19 53.09 29.62 40.94
CA ASP B 19 53.04 31.04 41.31
C ASP B 19 51.70 31.65 40.94
N TRP B 20 51.13 31.23 39.80
CA TRP B 20 49.83 31.72 39.38
C TRP B 20 48.75 31.31 40.37
N TYR B 21 48.77 30.05 40.82
CA TYR B 21 47.78 29.59 41.78
C TYR B 21 48.02 30.19 43.16
N ASP B 22 49.27 30.51 43.50
CA ASP B 22 49.54 31.19 44.75
C ASP B 22 48.92 32.58 44.77
N LYS B 23 48.88 33.26 43.63
CA LYS B 23 48.34 34.61 43.55
C LYS B 23 46.84 34.66 43.29
N PHE B 24 46.30 33.71 42.51
CA PHE B 24 44.96 33.86 41.97
C PHE B 24 44.03 32.67 42.14
N GLY B 25 44.50 31.53 42.65
CA GLY B 25 43.64 30.37 42.76
C GLY B 25 42.38 30.60 43.57
N GLU B 26 42.39 31.60 44.45
CA GLU B 26 41.21 31.90 45.27
C GLU B 26 40.07 32.49 44.43
N VAL B 27 40.34 32.97 43.21
CA VAL B 27 39.25 33.46 42.38
C VAL B 27 38.35 32.31 41.92
N TYR B 28 38.93 31.12 41.73
CA TYR B 28 38.10 29.96 41.41
C TYR B 28 37.24 29.55 42.61
N HIS B 29 37.75 29.72 43.83
CA HIS B 29 36.99 29.39 45.03
C HIS B 29 35.91 30.43 45.34
N LEU B 30 36.15 31.70 44.98
CA LEU B 30 35.13 32.74 45.15
C LEU B 30 34.00 32.65 44.14
N THR B 31 34.23 32.06 42.97
CA THR B 31 33.26 31.98 41.89
C THR B 31 32.65 30.59 41.69
N LEU B 32 33.43 29.52 41.88
CA LEU B 32 32.97 28.18 41.58
C LEU B 32 32.68 27.33 42.81
N GLY B 33 33.20 27.72 43.97
CA GLY B 33 32.92 26.96 45.18
C GLY B 33 34.12 26.40 45.92
N GLU B 34 33.89 25.41 46.80
CA GLU B 34 34.93 24.90 47.68
C GLU B 34 35.93 23.96 47.00
N SER B 35 35.79 23.71 45.70
CA SER B 35 36.77 22.98 44.91
C SER B 35 37.21 23.85 43.73
N VAL B 36 38.07 23.28 42.88
CA VAL B 36 38.57 24.01 41.72
C VAL B 36 38.33 23.19 40.46
N HIS B 37 37.09 22.73 40.26
CA HIS B 37 36.79 21.96 39.07
C HIS B 37 35.37 22.27 38.63
N CYS B 38 34.88 21.51 37.65
CA CYS B 38 33.57 21.75 37.08
C CYS B 38 32.48 21.37 38.06
N GLY B 39 31.29 21.90 37.82
CA GLY B 39 30.08 21.42 38.46
C GLY B 39 29.37 20.46 37.53
N LEU B 40 28.67 19.49 38.13
CA LEU B 40 27.92 18.51 37.36
C LEU B 40 26.53 19.08 37.07
N TRP B 41 26.49 20.03 36.13
CA TRP B 41 25.25 20.72 35.82
C TRP B 41 24.31 19.83 35.02
N PHE B 42 24.85 18.87 34.28
CA PHE B 42 24.03 17.94 33.50
C PHE B 42 24.24 16.52 34.00
N PRO B 43 23.19 15.83 34.43
CA PRO B 43 23.37 14.49 34.96
C PRO B 43 23.98 13.58 33.92
N PRO B 44 24.68 12.53 34.35
CA PRO B 44 25.33 11.63 33.39
C PRO B 44 24.41 11.03 32.33
N ASP B 45 23.19 10.63 32.69
CA ASP B 45 22.32 10.00 31.70
C ASP B 45 21.77 11.00 30.68
N ALA B 46 21.94 12.29 30.90
CA ALA B 46 21.52 13.28 29.92
C ALA B 46 22.35 13.13 28.64
N PRO B 47 21.82 13.58 27.50
CA PRO B 47 22.56 13.47 26.25
C PRO B 47 23.41 14.71 25.96
N VAL B 48 24.38 14.52 25.07
CA VAL B 48 25.25 15.63 24.68
C VAL B 48 24.46 16.60 23.80
N PRO B 49 24.46 17.90 24.12
CA PRO B 49 23.67 18.85 23.34
C PRO B 49 24.11 18.91 21.89
N GLN B 50 23.29 19.55 21.07
CA GLN B 50 23.62 19.73 19.66
C GLN B 50 24.74 20.74 19.50
N ASP B 51 24.62 21.89 20.16
CA ASP B 51 25.68 22.87 20.27
C ASP B 51 25.80 23.28 21.74
N MET B 52 26.71 24.20 22.02
CA MET B 52 27.01 24.57 23.40
C MET B 52 26.77 26.04 23.69
N GLU B 53 25.99 26.74 22.88
CA GLU B 53 25.53 28.06 23.29
C GLU B 53 24.78 27.93 24.61
N LEU B 54 24.87 28.98 25.43
CA LEU B 54 24.19 28.96 26.72
C LEU B 54 22.69 28.75 26.55
N VAL B 55 22.14 29.17 25.40
CA VAL B 55 20.71 29.01 25.16
C VAL B 55 20.37 27.54 24.96
N THR B 56 21.23 26.79 24.27
CA THR B 56 20.93 25.37 23.99
C THR B 56 21.00 24.54 25.26
N MET B 57 22.06 24.72 26.05
CA MET B 57 22.18 23.99 27.31
C MET B 57 21.04 24.35 28.26
N SER B 58 20.67 25.62 28.32
CA SER B 58 19.48 26.03 29.07
C SER B 58 18.23 25.35 28.50
N SER B 59 18.15 25.22 27.18
CA SER B 59 16.98 24.60 26.56
C SER B 59 16.87 23.13 26.93
N GLN B 60 17.99 22.41 26.94
CA GLN B 60 17.97 21.01 27.36
C GLN B 60 17.58 20.90 28.83
N ALA B 61 18.04 21.85 29.66
CA ALA B 61 17.62 21.88 31.05
C ALA B 61 16.12 22.11 31.16
N GLN B 62 15.56 22.92 30.26
CA GLN B 62 14.11 23.13 30.25
C GLN B 62 13.38 21.83 29.94
N ASP B 63 13.87 21.09 28.93
CA ASP B 63 13.22 19.83 28.56
C ASP B 63 13.26 18.83 29.72
N ARG B 64 14.38 18.77 30.43
CA ARG B 64 14.46 17.90 31.61
C ARG B 64 13.48 18.35 32.69
N TYR B 65 13.35 19.66 32.87
CA TYR B 65 12.34 20.23 33.75
C TYR B 65 10.94 19.77 33.36
N THR B 66 10.61 19.89 32.07
CA THR B 66 9.30 19.43 31.58
C THR B 66 9.12 17.94 31.83
N ASP B 67 10.16 17.14 31.58
CA ASP B 67 10.10 15.71 31.86
C ASP B 67 9.76 15.46 33.33
N TYR B 68 10.31 16.28 34.23
CA TYR B 68 10.07 16.08 35.65
C TYR B 68 8.65 16.46 36.03
N LEU B 69 8.09 17.48 35.39
CA LEU B 69 6.71 17.85 35.68
C LEU B 69 5.75 16.77 35.20
N ILE B 70 5.95 16.29 33.96
CA ILE B 70 5.17 15.14 33.47
C ILE B 70 5.25 14.00 34.46
N GLU B 71 6.47 13.65 34.87
CA GLU B 71 6.67 12.54 35.79
C GLU B 71 5.94 12.76 37.11
N THR B 72 5.94 14.01 37.61
CA THR B 72 5.32 14.30 38.89
C THR B 72 3.79 14.20 38.82
N LEU B 73 3.19 14.91 37.86
CA LEU B 73 1.73 14.91 37.74
C LEU B 73 1.20 13.57 37.27
N ASP B 74 1.95 12.88 36.42
CA ASP B 74 1.61 11.55 35.93
C ASP B 74 0.26 11.57 35.20
N PRO B 75 0.15 12.24 34.05
CA PRO B 75 -1.06 12.12 33.25
C PRO B 75 -1.14 10.77 32.57
N LYS B 76 -2.33 10.21 32.51
CA LYS B 76 -2.53 8.86 31.98
C LYS B 76 -3.02 8.94 30.54
N ALA B 77 -2.60 7.94 29.75
CA ALA B 77 -2.99 7.90 28.35
C ALA B 77 -4.50 7.97 28.21
N GLY B 78 -4.97 8.69 27.19
CA GLY B 78 -6.37 8.89 26.98
C GLY B 78 -6.99 10.00 27.79
N GLN B 79 -6.23 10.65 28.67
CA GLN B 79 -6.73 11.77 29.43
C GLN B 79 -6.54 13.08 28.65
N HIS B 80 -7.24 14.11 29.11
CA HIS B 80 -7.18 15.44 28.52
C HIS B 80 -6.59 16.40 29.55
N LEU B 81 -5.58 17.17 29.14
CA LEU B 81 -4.83 18.03 30.05
C LEU B 81 -5.01 19.50 29.63
N LEU B 82 -5.02 20.38 30.61
CA LEU B 82 -5.15 21.81 30.40
C LEU B 82 -3.86 22.52 30.81
N ASP B 83 -3.25 23.21 29.86
CA ASP B 83 -2.01 23.94 30.10
C ASP B 83 -2.36 25.40 30.33
N ILE B 84 -2.40 25.80 31.60
CA ILE B 84 -2.79 27.16 31.98
C ILE B 84 -1.61 28.08 31.74
N GLY B 85 -1.71 28.93 30.71
CA GLY B 85 -0.61 29.79 30.30
C GLY B 85 0.47 29.01 29.58
N CYS B 86 0.13 28.47 28.42
CA CYS B 86 0.94 27.44 27.77
C CYS B 86 2.13 27.98 26.99
N GLY B 87 2.36 29.29 26.98
CA GLY B 87 3.51 29.81 26.25
C GLY B 87 3.39 29.52 24.77
N THR B 88 4.45 28.93 24.21
CA THR B 88 4.50 28.62 22.79
C THR B 88 4.38 27.13 22.50
N GLY B 89 4.00 26.32 23.50
CA GLY B 89 3.46 25.01 23.25
C GLY B 89 4.38 23.82 23.45
N ARG B 90 5.67 24.04 23.76
CA ARG B 90 6.60 22.92 23.84
C ARG B 90 6.24 21.98 24.99
N THR B 91 5.85 22.53 26.14
CA THR B 91 5.48 21.69 27.27
C THR B 91 4.35 20.74 26.91
N ALA B 92 3.32 21.25 26.26
CA ALA B 92 2.18 20.42 25.87
C ALA B 92 2.59 19.36 24.87
N LEU B 93 3.37 19.75 23.87
CA LEU B 93 3.83 18.80 22.85
C LEU B 93 4.55 17.62 23.48
N LYS B 94 5.47 17.90 24.41
CA LYS B 94 6.21 16.83 25.07
C LYS B 94 5.28 15.97 25.93
N ALA B 95 4.36 16.59 26.66
CA ALA B 95 3.43 15.81 27.48
C ALA B 95 2.56 14.92 26.62
N ALA B 96 2.04 15.44 25.51
CA ALA B 96 1.22 14.63 24.62
C ALA B 96 2.03 13.52 23.95
N ARG B 97 3.24 13.84 23.48
CA ARG B 97 4.07 12.81 22.86
C ARG B 97 4.39 11.68 23.83
N GLN B 98 4.67 12.01 25.09
CA GLN B 98 5.20 11.01 26.02
C GLN B 98 4.11 10.18 26.69
N ARG B 99 2.95 10.78 26.96
CA ARG B 99 1.89 10.10 27.69
C ARG B 99 0.72 9.70 26.82
N GLY B 100 0.71 10.08 25.54
CA GLY B 100 -0.40 9.77 24.68
C GLY B 100 -1.69 10.39 25.16
N ILE B 101 -1.67 11.70 25.39
CA ILE B 101 -2.81 12.43 25.92
C ILE B 101 -3.17 13.55 24.97
N ALA B 102 -4.38 14.06 25.13
CA ALA B 102 -4.79 15.31 24.50
C ALA B 102 -4.50 16.46 25.45
N VAL B 103 -4.05 17.57 24.89
CA VAL B 103 -3.68 18.75 25.68
C VAL B 103 -4.29 19.99 25.05
N THR B 104 -4.95 20.81 25.86
CA THR B 104 -5.46 22.10 25.43
C THR B 104 -4.75 23.19 26.23
N GLY B 105 -4.09 24.10 25.54
CA GLY B 105 -3.34 25.17 26.18
C GLY B 105 -3.95 26.52 25.88
N VAL B 106 -3.95 27.39 26.88
CA VAL B 106 -4.49 28.74 26.76
C VAL B 106 -3.41 29.75 27.10
N ALA B 107 -3.48 30.91 26.45
CA ALA B 107 -2.54 32.00 26.72
C ALA B 107 -3.14 33.28 26.18
N VAL B 108 -2.79 34.41 26.82
CA VAL B 108 -3.32 35.71 26.42
C VAL B 108 -2.56 36.35 25.28
N SER B 109 -1.56 35.67 24.71
CA SER B 109 -0.71 36.23 23.67
C SER B 109 -1.06 35.60 22.33
N LYS B 110 -1.35 36.45 21.34
CA LYS B 110 -1.70 35.95 20.01
C LYS B 110 -0.51 35.26 19.35
N GLU B 111 0.62 35.95 19.25
CA GLU B 111 1.82 35.37 18.64
C GLU B 111 2.19 34.05 19.30
N GLN B 112 2.05 33.95 20.62
CA GLN B 112 2.38 32.73 21.32
C GLN B 112 1.48 31.57 20.89
N ILE B 113 0.17 31.80 20.84
CA ILE B 113 -0.76 30.75 20.46
C ILE B 113 -0.60 30.38 19.00
N ALA B 114 -0.29 31.36 18.14
CA ALA B 114 0.00 31.05 16.74
C ALA B 114 1.21 30.14 16.60
N ALA B 115 2.28 30.44 17.34
CA ALA B 115 3.47 29.58 17.29
C ALA B 115 3.20 28.21 17.90
N ALA B 116 2.24 28.11 18.82
CA ALA B 116 1.89 26.82 19.41
C ALA B 116 1.09 25.95 18.44
N ASN B 117 0.20 26.57 17.65
CA ASN B 117 -0.50 25.83 16.60
C ASN B 117 0.45 25.47 15.46
N ARG B 118 1.30 26.40 15.06
CA ARG B 118 2.38 26.10 14.12
C ARG B 118 3.18 24.89 14.59
N LEU B 119 3.47 24.82 15.89
CA LEU B 119 4.22 23.70 16.44
C LEU B 119 3.43 22.40 16.32
N ALA B 120 2.18 22.39 16.80
CA ALA B 120 1.34 21.21 16.69
C ALA B 120 1.20 20.74 15.24
N ALA B 121 1.16 21.70 14.31
CA ALA B 121 1.05 21.34 12.90
C ALA B 121 2.35 20.74 12.38
N GLY B 122 3.49 21.27 12.81
CA GLY B 122 4.76 20.75 12.33
C GLY B 122 5.00 19.31 12.73
N HIS B 123 4.42 18.88 13.85
CA HIS B 123 4.57 17.52 14.34
C HIS B 123 3.37 16.64 14.01
N GLY B 124 2.40 17.16 13.25
CA GLY B 124 1.23 16.37 12.89
C GLY B 124 0.30 16.03 14.05
N LEU B 125 0.19 16.92 15.04
CA LEU B 125 -0.60 16.66 16.24
C LEU B 125 -1.66 17.73 16.49
N THR B 126 -2.19 18.32 15.42
CA THR B 126 -3.26 19.30 15.58
C THR B 126 -4.55 18.68 16.08
N GLU B 127 -4.67 17.35 16.06
CA GLU B 127 -5.86 16.67 16.57
C GLU B 127 -5.80 16.39 18.07
N ARG B 128 -4.60 16.34 18.65
CA ARG B 128 -4.45 16.14 20.08
C ARG B 128 -3.91 17.37 20.81
N LEU B 129 -3.52 18.41 20.08
CA LEU B 129 -3.02 19.66 20.67
C LEU B 129 -3.89 20.80 20.19
N THR B 130 -4.58 21.45 21.13
CA THR B 130 -5.47 22.58 20.84
C THR B 130 -4.98 23.80 21.62
N PHE B 131 -4.67 24.88 20.91
CA PHE B 131 -4.15 26.10 21.51
C PHE B 131 -5.06 27.27 21.18
N GLU B 132 -5.49 28.01 22.21
CA GLU B 132 -6.47 29.08 22.04
C GLU B 132 -6.09 30.27 22.90
N VAL B 133 -6.48 31.46 22.43
CA VAL B 133 -6.30 32.70 23.18
C VAL B 133 -7.44 32.79 24.20
N ALA B 134 -7.12 32.61 25.48
CA ALA B 134 -8.14 32.64 26.51
C ALA B 134 -7.53 33.17 27.80
N ASP B 135 -8.37 33.78 28.63
CA ASP B 135 -7.97 34.24 29.95
C ASP B 135 -8.19 33.12 30.96
N ALA B 136 -7.15 32.83 31.76
CA ALA B 136 -7.25 31.79 32.77
C ALA B 136 -8.19 32.18 33.91
N MET B 137 -8.42 33.48 34.11
CA MET B 137 -9.34 33.95 35.14
C MET B 137 -10.79 33.90 34.69
N ARG B 138 -11.03 33.50 33.45
CA ARG B 138 -12.36 33.27 32.90
C ARG B 138 -12.31 32.26 31.77
N LEU B 139 -12.13 30.96 32.10
CA LEU B 139 -11.86 29.97 31.07
C LEU B 139 -13.08 29.72 30.19
N PRO B 140 -12.89 29.52 28.89
CA PRO B 140 -14.03 29.25 28.00
C PRO B 140 -14.34 27.77 27.88
N TYR B 141 -14.27 27.03 28.99
CA TYR B 141 -14.47 25.59 28.97
C TYR B 141 -15.48 25.19 30.03
N GLU B 142 -16.15 24.08 29.77
CA GLU B 142 -17.22 23.60 30.64
C GLU B 142 -16.64 23.16 32.00
N ASP B 143 -17.54 22.99 32.96
CA ASP B 143 -17.17 22.34 34.21
C ASP B 143 -16.78 20.90 33.95
N GLU B 144 -15.69 20.47 34.59
CA GLU B 144 -15.28 19.06 34.62
C GLU B 144 -14.97 18.52 33.22
N SER B 145 -14.17 19.26 32.45
CA SER B 145 -13.79 18.81 31.12
C SER B 145 -12.40 18.20 31.07
N PHE B 146 -11.59 18.36 32.12
CA PHE B 146 -10.18 17.98 32.08
C PHE B 146 -9.84 17.03 33.21
N ASP B 147 -9.05 16.00 32.90
CA ASP B 147 -8.57 15.08 33.93
C ASP B 147 -7.54 15.75 34.83
N CYS B 148 -6.64 16.54 34.25
CA CYS B 148 -5.61 17.24 35.02
C CYS B 148 -5.19 18.50 34.29
N ALA B 149 -4.37 19.30 34.95
CA ALA B 149 -3.94 20.59 34.41
C ALA B 149 -2.70 21.03 35.16
N TRP B 150 -2.01 22.03 34.60
CA TRP B 150 -0.87 22.61 35.31
C TRP B 150 -0.70 24.08 34.93
N ALA B 151 -0.30 24.87 35.93
CA ALA B 151 -0.02 26.29 35.76
C ALA B 151 1.48 26.49 35.96
N ILE B 152 2.23 26.31 34.88
CA ILE B 152 3.69 26.34 34.92
C ILE B 152 4.16 27.79 34.81
N GLU B 153 4.44 28.40 35.97
CA GLU B 153 5.06 29.74 36.02
C GLU B 153 4.21 30.75 35.26
N SER B 154 2.91 30.67 35.46
CA SER B 154 1.94 31.61 34.90
C SER B 154 1.14 32.39 35.93
N LEU B 155 0.85 31.80 37.10
CA LEU B 155 0.01 32.42 38.12
C LEU B 155 0.46 33.82 38.53
N CYS B 156 1.73 34.17 38.30
CA CYS B 156 2.21 35.49 38.67
C CYS B 156 1.72 36.59 37.73
N HIS B 157 1.04 36.24 36.65
CA HIS B 157 0.43 37.23 35.78
C HIS B 157 -1.06 37.39 36.04
N MET B 158 -1.62 36.62 36.96
CA MET B 158 -3.06 36.50 37.11
C MET B 158 -3.46 36.80 38.55
N ASP B 159 -4.76 36.92 38.75
CA ASP B 159 -5.34 36.82 40.07
C ASP B 159 -5.38 35.35 40.46
N ARG B 160 -4.63 34.99 41.50
CA ARG B 160 -4.52 33.59 41.87
C ARG B 160 -5.84 33.04 42.38
N ALA B 161 -6.63 33.86 43.09
CA ALA B 161 -7.93 33.41 43.57
C ALA B 161 -8.88 33.11 42.41
N LYS B 162 -8.88 33.96 41.38
CA LYS B 162 -9.75 33.70 40.22
C LYS B 162 -9.21 32.55 39.36
N ALA B 163 -7.90 32.54 39.11
CA ALA B 163 -7.32 31.49 38.27
C ALA B 163 -7.43 30.12 38.91
N LEU B 164 -7.20 30.04 40.23
CA LEU B 164 -7.32 28.76 40.92
C LEU B 164 -8.76 28.28 40.99
N GLY B 165 -9.70 29.18 41.27
CA GLY B 165 -11.10 28.79 41.27
C GLY B 165 -11.57 28.32 39.91
N GLU B 166 -11.12 29.00 38.85
CA GLU B 166 -11.50 28.61 37.49
C GLU B 166 -10.89 27.25 37.11
N ALA B 167 -9.64 27.01 37.51
CA ALA B 167 -9.03 25.70 37.28
C ALA B 167 -9.75 24.61 38.06
N TRP B 168 -10.21 24.92 39.27
CA TRP B 168 -10.99 23.95 40.04
C TRP B 168 -12.31 23.64 39.35
N ARG B 169 -12.92 24.64 38.69
CA ARG B 169 -14.21 24.42 38.03
C ARG B 169 -14.07 23.52 36.82
N VAL B 170 -12.99 23.67 36.05
CA VAL B 170 -12.83 22.91 34.81
C VAL B 170 -12.20 21.55 35.02
N LEU B 171 -11.78 21.24 36.25
CA LEU B 171 -11.21 19.93 36.56
C LEU B 171 -12.31 18.95 36.92
N LYS B 172 -12.13 17.70 36.47
CA LYS B 172 -12.99 16.64 36.97
C LYS B 172 -12.71 16.41 38.45
N PRO B 173 -13.72 16.02 39.23
CA PRO B 173 -13.49 15.72 40.64
C PRO B 173 -12.58 14.50 40.80
N GLY B 174 -11.58 14.63 41.67
CA GLY B 174 -10.55 13.64 41.81
C GLY B 174 -9.31 13.88 40.97
N GLY B 175 -9.33 14.88 40.07
CA GLY B 175 -8.17 15.21 39.28
C GLY B 175 -7.21 16.14 40.00
N ASP B 176 -6.07 16.38 39.35
CA ASP B 176 -4.98 17.12 39.97
C ASP B 176 -4.57 18.32 39.13
N LEU B 177 -4.14 19.37 39.81
CA LEU B 177 -3.57 20.57 39.19
C LEU B 177 -2.17 20.76 39.72
N LEU B 178 -1.18 20.68 38.82
CA LEU B 178 0.20 20.91 39.20
C LEU B 178 0.50 22.40 39.13
N VAL B 179 1.05 22.95 40.21
CA VAL B 179 1.31 24.38 40.32
C VAL B 179 2.80 24.61 40.52
N LEU B 180 3.34 25.59 39.79
CA LEU B 180 4.72 26.04 39.92
C LEU B 180 4.68 27.53 40.24
N GLU B 181 4.77 27.86 41.54
CA GLU B 181 4.50 29.21 42.02
C GLU B 181 5.63 29.69 42.93
N SER B 182 5.81 31.01 42.98
CA SER B 182 6.75 31.67 43.87
C SER B 182 6.02 32.23 45.09
N VAL B 183 6.80 32.51 46.13
CA VAL B 183 6.26 32.93 47.43
C VAL B 183 7.29 33.81 48.11
N VAL B 184 6.84 34.91 48.72
CA VAL B 184 7.74 35.77 49.47
C VAL B 184 7.98 35.18 50.85
N THR B 185 9.21 35.29 51.32
CA THR B 185 9.56 34.92 52.69
C THR B 185 9.79 36.12 53.59
N GLU B 186 10.22 37.24 53.01
CA GLU B 186 10.40 38.50 53.71
C GLU B 186 9.51 39.57 53.07
N GLU B 187 9.25 40.63 53.82
CA GLU B 187 8.41 41.71 53.31
C GLU B 187 9.19 42.54 52.30
N LEU B 188 8.62 42.68 51.11
CA LEU B 188 9.28 43.42 50.04
C LEU B 188 9.15 44.92 50.24
N THR B 189 10.17 45.64 49.81
CA THR B 189 10.06 47.09 49.71
C THR B 189 9.26 47.46 48.47
N GLU B 190 8.85 48.72 48.39
CA GLU B 190 8.06 49.16 47.25
C GLU B 190 8.87 49.15 45.96
N PRO B 191 10.15 49.57 45.96
CA PRO B 191 10.95 49.40 44.73
C PRO B 191 11.02 47.97 44.25
N GLU B 192 11.08 47.01 45.17
CA GLU B 192 11.11 45.60 44.78
C GLU B 192 9.79 45.17 44.16
N THR B 193 8.67 45.64 44.72
CA THR B 193 7.37 45.34 44.14
C THR B 193 7.22 45.94 42.75
N ALA B 194 7.89 47.06 42.49
CA ALA B 194 7.83 47.69 41.17
C ALA B 194 8.67 46.97 40.13
N LEU B 195 9.82 46.39 40.53
CA LEU B 195 10.63 45.61 39.60
C LEU B 195 9.86 44.43 39.03
N PHE B 196 8.92 43.88 39.81
CA PHE B 196 8.07 42.82 39.28
C PHE B 196 7.25 43.30 38.10
N GLU B 197 6.74 44.53 38.18
CA GLU B 197 5.92 45.08 37.09
C GLU B 197 6.77 45.52 35.90
N THR B 198 7.89 46.21 36.15
CA THR B 198 8.65 46.83 35.07
C THR B 198 9.53 45.82 34.33
N LEU B 199 10.04 44.79 35.01
CA LEU B 199 10.92 43.83 34.35
C LEU B 199 10.11 42.74 33.66
N TYR B 200 9.29 42.01 34.41
CA TYR B 200 8.44 40.97 33.83
C TYR B 200 7.03 41.52 33.67
N ALA B 201 6.02 40.74 34.06
CA ALA B 201 4.67 41.26 34.09
C ALA B 201 4.03 41.08 35.47
N ALA B 202 4.71 41.57 36.49
CA ALA B 202 4.10 42.02 37.74
C ALA B 202 3.50 40.95 38.64
N ASN B 203 2.54 41.40 39.45
CA ASN B 203 1.96 40.67 40.58
C ASN B 203 3.03 40.10 41.48
N VAL B 204 3.31 40.80 42.59
CA VAL B 204 4.25 40.25 43.56
C VAL B 204 3.72 38.93 44.11
N PRO B 205 4.58 37.95 44.40
CA PRO B 205 4.06 36.69 44.93
C PRO B 205 3.41 36.88 46.28
N PRO B 206 2.44 36.05 46.63
CA PRO B 206 1.81 36.16 47.96
C PRO B 206 2.72 35.63 49.04
N ARG B 207 2.13 35.30 50.18
CA ARG B 207 2.86 34.62 51.25
C ARG B 207 2.51 33.12 51.23
N LEU B 208 3.32 32.34 51.95
CA LEU B 208 3.11 30.89 51.96
C LEU B 208 1.74 30.54 52.53
N GLY B 209 1.47 30.97 53.77
CA GLY B 209 0.16 30.75 54.34
C GLY B 209 -0.95 31.42 53.55
N GLU B 210 -0.67 32.61 53.00
CA GLU B 210 -1.66 33.30 52.17
C GLU B 210 -1.96 32.51 50.91
N PHE B 211 -0.93 31.94 50.28
CA PHE B 211 -1.13 31.20 49.04
C PHE B 211 -1.97 29.95 49.26
N PHE B 212 -1.73 29.25 50.37
CA PHE B 212 -2.52 28.05 50.67
C PHE B 212 -3.89 28.36 51.25
N ASP B 213 -4.08 29.56 51.80
CA ASP B 213 -5.44 30.00 52.10
C ASP B 213 -6.26 30.17 50.82
N ILE B 214 -5.63 30.70 49.77
CA ILE B 214 -6.30 30.81 48.48
C ILE B 214 -6.56 29.43 47.88
N VAL B 215 -5.60 28.51 48.03
CA VAL B 215 -5.76 27.16 47.50
C VAL B 215 -6.90 26.43 48.20
N SER B 216 -6.98 26.58 49.53
CA SER B 216 -8.12 26.00 50.25
C SER B 216 -9.43 26.68 49.86
N GLY B 217 -9.41 28.01 49.70
CA GLY B 217 -10.63 28.71 49.32
C GLY B 217 -11.13 28.33 47.95
N ALA B 218 -10.25 27.92 47.05
CA ALA B 218 -10.66 27.40 45.75
C ALA B 218 -11.21 25.99 45.82
N GLY B 219 -11.13 25.34 46.98
CA GLY B 219 -11.61 23.98 47.14
C GLY B 219 -10.60 22.89 46.85
N PHE B 220 -9.31 23.21 46.90
CA PHE B 220 -8.25 22.25 46.62
C PHE B 220 -7.69 21.68 47.92
N HIS B 221 -7.32 20.40 47.88
CA HIS B 221 -6.43 19.81 48.87
C HIS B 221 -4.99 19.90 48.37
N THR B 222 -4.06 19.92 49.30
CA THR B 222 -2.64 19.95 48.97
C THR B 222 -2.04 18.58 49.24
N LEU B 223 -1.48 17.96 48.19
CA LEU B 223 -0.86 16.65 48.30
C LEU B 223 0.66 16.71 48.38
N SER B 224 1.30 17.73 47.80
CA SER B 224 2.75 17.81 47.84
C SER B 224 3.20 19.22 47.55
N LEU B 225 4.42 19.52 47.99
CA LEU B 225 5.14 20.75 47.67
C LEU B 225 6.61 20.38 47.68
N LYS B 226 7.36 20.93 46.73
CA LYS B 226 8.79 20.67 46.68
C LYS B 226 9.54 21.92 46.24
N ASP B 227 10.52 22.32 47.03
CA ASP B 227 11.28 23.51 46.72
C ASP B 227 12.15 23.29 45.49
N LEU B 228 12.05 24.21 44.53
CA LEU B 228 12.91 24.23 43.35
C LEU B 228 13.57 25.61 43.22
N SER B 229 13.84 26.26 44.36
CA SER B 229 14.27 27.64 44.34
C SER B 229 15.63 27.81 43.67
N ALA B 230 16.54 26.86 43.92
CA ALA B 230 17.85 26.94 43.27
C ALA B 230 17.71 26.92 41.75
N ASN B 231 16.79 26.12 41.23
CA ASN B 231 16.57 26.08 39.79
C ASN B 231 16.14 27.44 39.25
N LEU B 232 15.34 28.18 40.03
CA LEU B 232 14.95 29.51 39.61
C LEU B 232 16.12 30.49 39.67
N ALA B 233 17.01 30.31 40.65
CA ALA B 233 18.14 31.21 40.79
C ALA B 233 19.18 30.96 39.70
N MET B 234 19.38 29.69 39.33
CA MET B 234 20.30 29.40 38.23
C MET B 234 19.74 29.89 36.90
N THR B 235 18.44 29.71 36.67
CA THR B 235 17.83 30.18 35.43
C THR B 235 17.89 31.71 35.34
N MET B 236 17.59 32.39 36.44
CA MET B 236 17.69 33.85 36.46
C MET B 236 19.12 34.31 36.23
N ASN B 237 20.11 33.49 36.61
CA ASN B 237 21.51 33.79 36.31
C ASN B 237 21.80 33.61 34.82
N VAL B 238 21.37 32.47 34.26
CA VAL B 238 21.54 32.21 32.83
C VAL B 238 20.93 33.34 32.01
N PHE B 239 19.75 33.81 32.42
CA PHE B 239 19.11 34.95 31.75
C PHE B 239 20.00 36.19 31.83
N ALA B 240 20.39 36.58 33.04
CA ALA B 240 21.16 37.81 33.23
C ALA B 240 22.47 37.78 32.47
N LEU B 241 23.10 36.62 32.38
CA LEU B 241 24.33 36.50 31.59
C LEU B 241 24.05 36.69 30.10
N GLY B 242 22.96 36.09 29.60
CA GLY B 242 22.62 36.26 28.19
C GLY B 242 22.30 37.70 27.83
N VAL B 243 21.64 38.42 28.75
CA VAL B 243 21.33 39.82 28.49
C VAL B 243 22.59 40.67 28.55
N TYR B 244 23.46 40.43 29.54
CA TYR B 244 24.69 41.20 29.67
C TYR B 244 25.57 41.05 28.44
N SER B 245 25.74 39.81 27.97
CA SER B 245 26.67 39.52 26.88
C SER B 245 26.11 39.84 25.50
N ARG B 246 24.81 40.06 25.36
CA ARG B 246 24.19 40.30 24.06
C ARG B 246 23.30 41.55 24.11
N ARG B 247 23.86 42.64 24.66
CA ARG B 247 23.09 43.87 24.76
C ARG B 247 22.82 44.46 23.38
N ALA B 248 23.80 44.44 22.49
CA ALA B 248 23.63 45.04 21.17
C ALA B 248 22.56 44.31 20.37
N GLU B 249 22.61 42.98 20.37
CA GLU B 249 21.61 42.19 19.65
C GLU B 249 20.21 42.44 20.21
N PHE B 250 20.08 42.49 21.54
CA PHE B 250 18.76 42.64 22.15
C PHE B 250 18.23 44.07 22.03
N THR B 251 19.11 45.06 21.92
CA THR B 251 18.64 46.43 21.70
C THR B 251 18.15 46.63 20.27
N GLU B 252 18.78 45.96 19.29
CA GLU B 252 18.33 46.05 17.91
C GLU B 252 17.01 45.32 17.68
N ARG B 253 16.64 44.39 18.56
CA ARG B 253 15.41 43.62 18.42
C ARG B 253 14.27 44.14 19.29
N PHE B 254 14.55 44.49 20.54
CA PHE B 254 13.52 44.86 21.49
C PHE B 254 13.57 46.32 21.92
N GLY B 255 14.60 47.07 21.54
CA GLY B 255 14.68 48.48 21.85
C GLY B 255 15.64 48.77 22.98
N ALA B 256 15.99 50.06 23.10
CA ALA B 256 16.92 50.49 24.13
C ALA B 256 16.24 50.55 25.50
N GLU B 257 15.06 51.19 25.55
CA GLU B 257 14.34 51.34 26.81
C GLU B 257 14.14 50.01 27.51
N PHE B 258 13.75 48.97 26.75
CA PHE B 258 13.50 47.66 27.35
C PHE B 258 14.80 47.01 27.84
N VAL B 259 15.81 46.94 26.98
CA VAL B 259 17.07 46.29 27.35
C VAL B 259 17.74 47.03 28.50
N ASP B 260 17.79 48.36 28.42
CA ASP B 260 18.40 49.14 29.50
C ASP B 260 17.67 48.94 30.82
N GLY B 261 16.34 48.74 30.78
CA GLY B 261 15.62 48.42 32.00
C GLY B 261 16.01 47.07 32.59
N LEU B 262 16.35 46.10 31.75
CA LEU B 262 16.80 44.82 32.25
C LEU B 262 18.20 44.90 32.85
N LEU B 263 19.12 45.58 32.15
CA LEU B 263 20.48 45.71 32.65
C LEU B 263 20.51 46.40 34.01
N ALA B 264 19.69 47.44 34.19
CA ALA B 264 19.67 48.17 35.44
C ALA B 264 18.91 47.45 36.55
N GLY B 265 17.98 46.55 36.22
CA GLY B 265 17.14 45.94 37.23
C GLY B 265 17.47 44.50 37.58
N LEU B 266 18.11 43.77 36.64
CA LEU B 266 18.33 42.33 36.85
C LEU B 266 19.17 42.05 38.08
N GLY B 267 20.14 42.91 38.39
CA GLY B 267 20.97 42.74 39.57
C GLY B 267 20.16 42.78 40.86
N SER B 268 19.43 43.88 41.06
CA SER B 268 18.60 44.03 42.25
C SER B 268 17.53 42.96 42.31
N ALA B 269 16.96 42.58 41.16
CA ALA B 269 15.94 41.53 41.14
C ALA B 269 16.52 40.17 41.51
N GLN B 270 17.77 39.89 41.12
CA GLN B 270 18.41 38.63 41.51
C GLN B 270 18.62 38.56 43.02
N GLU B 271 19.07 39.66 43.62
CA GLU B 271 19.27 39.69 45.07
C GLU B 271 17.96 39.52 45.81
N THR B 272 16.90 40.18 45.33
CA THR B 272 15.58 40.01 45.92
C THR B 272 15.14 38.55 45.88
N LEU B 273 15.24 37.94 44.70
CA LEU B 273 14.91 36.53 44.53
C LEU B 273 15.69 35.65 45.49
N ILE B 274 17.00 35.92 45.62
CA ILE B 274 17.86 35.08 46.44
C ILE B 274 17.45 35.16 47.91
N ARG B 275 17.20 36.36 48.40
CA ARG B 275 17.04 36.58 49.84
C ARG B 275 15.60 36.56 50.32
N LYS B 276 14.63 36.82 49.44
CA LYS B 276 13.27 37.08 49.90
C LYS B 276 12.20 36.18 49.34
N THR B 277 12.48 35.36 48.32
CA THR B 277 11.45 34.51 47.75
C THR B 277 11.89 33.05 47.70
N ARG B 278 10.90 32.18 47.50
CA ARG B 278 11.11 30.76 47.25
C ARG B 278 10.18 30.32 46.13
N PHE B 279 10.61 29.30 45.39
CA PHE B 279 9.91 28.79 44.21
C PHE B 279 9.69 27.29 44.39
N PHE B 280 8.47 26.82 44.15
CA PHE B 280 8.16 25.43 44.46
C PHE B 280 7.19 24.85 43.43
N MET B 281 7.06 23.53 43.50
CA MET B 281 6.11 22.75 42.70
C MET B 281 5.16 22.06 43.67
N ALA B 282 3.87 22.36 43.55
CA ALA B 282 2.85 21.81 44.44
C ALA B 282 1.82 21.04 43.62
N THR B 283 1.32 19.96 44.21
CA THR B 283 0.26 19.15 43.62
C THR B 283 -1.03 19.39 44.38
N LEU B 284 -2.03 19.94 43.69
CA LEU B 284 -3.32 20.26 44.29
C LEU B 284 -4.36 19.32 43.71
N ARG B 285 -5.13 18.68 44.59
CA ARG B 285 -6.18 17.77 44.16
C ARG B 285 -7.55 18.36 44.41
N LYS B 286 -8.38 18.38 43.39
CA LYS B 286 -9.82 18.59 43.54
C LYS B 286 -10.40 17.35 44.22
N PRO B 287 -10.95 17.47 45.42
CA PRO B 287 -11.43 16.29 46.13
C PRO B 287 -12.50 15.55 45.33
N ALA B 288 -12.47 14.23 45.42
CA ALA B 288 -13.48 13.41 44.77
C ALA B 288 -14.74 13.39 45.62
N VAL B 289 -15.88 13.66 44.98
CA VAL B 289 -17.22 13.73 45.57
C VAL B 289 -17.32 14.81 46.65
N LEU B 290 -18.43 15.55 46.65
CA LEU B 290 -18.73 16.53 47.68
C LEU B 290 -20.18 17.00 47.56
N GLN C 11 44.25 -5.84 3.72
CA GLN C 11 42.82 -5.58 3.64
C GLN C 11 42.14 -6.55 2.67
N VAL C 12 40.80 -6.48 2.62
CA VAL C 12 40.02 -7.34 1.75
C VAL C 12 38.98 -6.50 1.03
N THR C 13 38.48 -7.05 -0.08
CA THR C 13 37.46 -6.39 -0.88
C THR C 13 36.08 -6.77 -0.37
N ALA C 14 35.08 -6.01 -0.81
CA ALA C 14 33.70 -6.24 -0.37
C ALA C 14 33.17 -7.56 -0.91
N ASP C 15 33.39 -7.82 -2.21
CA ASP C 15 32.87 -9.04 -2.83
C ASP C 15 33.39 -10.29 -2.14
N GLU C 16 34.62 -10.26 -1.64
CA GLU C 16 35.14 -11.38 -0.86
C GLU C 16 34.31 -11.61 0.39
N VAL C 17 34.00 -10.53 1.12
CA VAL C 17 33.21 -10.64 2.34
C VAL C 17 31.80 -11.13 2.01
N GLY C 18 31.24 -10.69 0.88
CA GLY C 18 29.89 -11.08 0.52
C GLY C 18 29.76 -12.56 0.22
N ASP C 19 30.69 -13.10 -0.57
CA ASP C 19 30.68 -14.54 -0.82
C ASP C 19 30.97 -15.33 0.45
N TRP C 20 31.73 -14.75 1.39
CA TRP C 20 32.07 -15.45 2.63
C TRP C 20 30.82 -15.65 3.50
N TYR C 21 30.07 -14.58 3.75
CA TYR C 21 28.83 -14.72 4.51
C TYR C 21 27.77 -15.49 3.73
N ASP C 22 27.77 -15.38 2.40
CA ASP C 22 26.84 -16.15 1.58
C ASP C 22 27.03 -17.64 1.75
N LYS C 23 28.20 -18.08 2.19
CA LYS C 23 28.49 -19.50 2.35
C LYS C 23 28.73 -19.93 3.79
N PHE C 24 29.09 -19.02 4.69
CA PHE C 24 29.48 -19.40 6.04
C PHE C 24 28.79 -18.61 7.14
N GLY C 25 27.92 -17.66 6.80
CA GLY C 25 27.29 -16.84 7.82
C GLY C 25 26.50 -17.65 8.84
N GLU C 26 25.85 -18.71 8.38
CA GLU C 26 24.97 -19.50 9.23
C GLU C 26 25.71 -20.27 10.32
N VAL C 27 27.04 -20.41 10.24
CA VAL C 27 27.77 -21.02 11.34
C VAL C 27 27.65 -20.17 12.60
N TYR C 28 27.49 -18.85 12.44
CA TYR C 28 27.30 -17.98 13.59
C TYR C 28 25.94 -18.20 14.23
N HIS C 29 24.89 -18.34 13.42
CA HIS C 29 23.57 -18.60 13.98
C HIS C 29 23.49 -19.99 14.62
N LEU C 30 24.31 -20.94 14.15
CA LEU C 30 24.34 -22.25 14.78
C LEU C 30 25.09 -22.21 16.11
N THR C 31 26.00 -21.26 16.28
CA THR C 31 26.88 -21.22 17.44
C THR C 31 26.61 -20.06 18.38
N LEU C 32 26.19 -18.90 17.86
CA LEU C 32 26.01 -17.70 18.67
C LEU C 32 24.56 -17.24 18.79
N GLY C 33 23.73 -17.48 17.78
CA GLY C 33 22.31 -17.22 17.94
C GLY C 33 21.73 -16.48 16.76
N GLU C 34 20.52 -15.96 16.95
CA GLU C 34 19.71 -15.37 15.89
C GLU C 34 20.23 -14.02 15.41
N SER C 35 21.28 -13.48 16.02
CA SER C 35 21.98 -12.30 15.54
C SER C 35 23.43 -12.67 15.24
N VAL C 36 24.17 -11.73 14.66
CA VAL C 36 25.57 -11.99 14.33
C VAL C 36 26.47 -11.00 15.05
N HIS C 37 26.49 -11.05 16.37
CA HIS C 37 27.36 -10.17 17.14
C HIS C 37 27.61 -10.79 18.51
N CYS C 38 28.24 -10.02 19.39
CA CYS C 38 28.59 -10.49 20.71
C CYS C 38 27.34 -10.66 21.58
N GLY C 39 27.51 -11.39 22.66
CA GLY C 39 26.51 -11.44 23.72
C GLY C 39 26.93 -10.53 24.85
N LEU C 40 25.95 -10.00 25.58
CA LEU C 40 26.23 -9.18 26.75
C LEU C 40 26.39 -10.11 27.96
N TRP C 41 27.53 -10.79 27.98
CA TRP C 41 27.83 -11.75 29.04
C TRP C 41 28.18 -11.08 30.36
N PHE C 42 28.59 -9.82 30.33
CA PHE C 42 28.95 -9.08 31.53
C PHE C 42 28.10 -7.82 31.58
N PRO C 43 27.35 -7.58 32.65
CA PRO C 43 26.47 -6.42 32.69
C PRO C 43 27.26 -5.14 32.54
N PRO C 44 26.68 -4.12 31.90
CA PRO C 44 27.44 -2.89 31.62
C PRO C 44 28.11 -2.26 32.83
N ASP C 45 27.53 -2.38 34.02
CA ASP C 45 28.12 -1.73 35.19
C ASP C 45 29.28 -2.52 35.79
N ALA C 46 29.58 -3.71 35.26
CA ALA C 46 30.66 -4.53 35.79
C ALA C 46 32.02 -3.94 35.41
N PRO C 47 33.07 -4.25 36.17
CA PRO C 47 34.39 -3.70 35.86
C PRO C 47 35.10 -4.50 34.78
N VAL C 48 35.98 -3.81 34.06
CA VAL C 48 36.85 -4.44 33.06
C VAL C 48 37.84 -5.34 33.80
N PRO C 49 37.89 -6.64 33.49
CA PRO C 49 38.70 -7.57 34.29
C PRO C 49 40.19 -7.25 34.15
N GLN C 50 40.97 -7.88 35.02
CA GLN C 50 42.42 -7.70 34.97
C GLN C 50 43.01 -8.31 33.70
N ASP C 51 42.43 -9.40 33.19
CA ASP C 51 42.82 -9.94 31.91
C ASP C 51 41.59 -10.57 31.25
N MET C 52 41.79 -11.11 30.06
CA MET C 52 40.72 -11.69 29.27
C MET C 52 40.75 -13.21 29.26
N GLU C 53 41.56 -13.83 30.11
CA GLU C 53 41.61 -15.27 30.16
C GLU C 53 40.29 -15.83 30.67
N LEU C 54 39.89 -16.96 30.10
CA LEU C 54 38.60 -17.57 30.45
C LEU C 54 38.47 -17.77 31.96
N VAL C 55 39.59 -18.08 32.63
CA VAL C 55 39.54 -18.35 34.05
C VAL C 55 39.27 -17.07 34.83
N THR C 56 39.82 -15.94 34.37
CA THR C 56 39.64 -14.69 35.10
C THR C 56 38.24 -14.12 34.89
N MET C 57 37.76 -14.12 33.65
CA MET C 57 36.37 -13.72 33.40
C MET C 57 35.41 -14.60 34.19
N SER C 58 35.64 -15.92 34.18
CA SER C 58 34.80 -16.82 34.93
C SER C 58 34.87 -16.56 36.43
N SER C 59 36.02 -16.07 36.93
CA SER C 59 36.11 -15.72 38.34
C SER C 59 35.26 -14.50 38.66
N GLN C 60 35.24 -13.52 37.77
CA GLN C 60 34.42 -12.32 37.99
C GLN C 60 32.94 -12.69 38.06
N ALA C 61 32.49 -13.58 37.17
CA ALA C 61 31.12 -14.05 37.23
C ALA C 61 30.85 -14.82 38.51
N GLN C 62 31.87 -15.50 39.05
CA GLN C 62 31.73 -16.15 40.34
C GLN C 62 31.57 -15.13 41.47
N ASP C 63 32.28 -14.00 41.38
CA ASP C 63 32.18 -12.98 42.42
C ASP C 63 30.84 -12.26 42.34
N ARG C 64 30.34 -12.01 41.13
CA ARG C 64 29.01 -11.45 40.97
C ARG C 64 27.95 -12.40 41.51
N TYR C 65 28.11 -13.69 41.21
CA TYR C 65 27.30 -14.74 41.82
C TYR C 65 27.30 -14.62 43.34
N THR C 66 28.48 -14.50 43.94
CA THR C 66 28.59 -14.42 45.39
C THR C 66 27.95 -13.14 45.93
N ASP C 67 28.18 -12.01 45.26
CA ASP C 67 27.49 -10.77 45.62
C ASP C 67 25.99 -10.99 45.68
N TYR C 68 25.45 -11.73 44.71
CA TYR C 68 24.01 -11.91 44.62
C TYR C 68 23.47 -12.78 45.75
N LEU C 69 24.22 -13.82 46.13
CA LEU C 69 23.79 -14.66 47.24
C LEU C 69 23.74 -13.87 48.54
N ILE C 70 24.80 -13.12 48.84
CA ILE C 70 24.82 -12.24 50.01
C ILE C 70 23.61 -11.34 50.00
N GLU C 71 23.32 -10.74 48.85
CA GLU C 71 22.19 -9.83 48.72
C GLU C 71 20.86 -10.53 48.96
N THR C 72 20.75 -11.78 48.51
CA THR C 72 19.51 -12.53 48.70
C THR C 72 19.27 -12.86 50.17
N LEU C 73 20.23 -13.55 50.79
CA LEU C 73 20.08 -13.94 52.19
C LEU C 73 19.99 -12.73 53.10
N ASP C 74 20.67 -11.65 52.75
CA ASP C 74 20.63 -10.39 53.49
C ASP C 74 20.98 -10.58 54.98
N PRO C 75 22.18 -11.06 55.29
CA PRO C 75 22.57 -11.15 56.70
C PRO C 75 22.93 -9.79 57.26
N LYS C 76 22.69 -9.63 58.56
CA LYS C 76 22.81 -8.33 59.20
C LYS C 76 24.11 -8.22 59.98
N ALA C 77 24.55 -6.99 60.18
CA ALA C 77 25.81 -6.73 60.86
C ALA C 77 25.78 -7.27 62.28
N GLY C 78 26.83 -8.01 62.64
CA GLY C 78 26.93 -8.60 63.95
C GLY C 78 26.36 -10.00 64.07
N GLN C 79 25.94 -10.60 62.96
CA GLN C 79 25.39 -11.95 62.95
C GLN C 79 26.48 -12.96 62.61
N HIS C 80 26.16 -14.25 62.80
CA HIS C 80 27.09 -15.33 62.55
C HIS C 80 26.48 -16.29 61.53
N LEU C 81 27.20 -16.55 60.44
CA LEU C 81 26.71 -17.30 59.29
C LEU C 81 27.52 -18.58 59.14
N LEU C 82 26.83 -19.67 58.81
CA LEU C 82 27.47 -20.97 58.62
C LEU C 82 27.58 -21.28 57.13
N ASP C 83 28.80 -21.55 56.67
CA ASP C 83 29.03 -21.94 55.29
C ASP C 83 29.19 -23.45 55.24
N ILE C 84 28.10 -24.14 54.88
CA ILE C 84 28.07 -25.59 54.82
C ILE C 84 28.72 -26.02 53.50
N GLY C 85 29.96 -26.50 53.59
CA GLY C 85 30.73 -26.79 52.39
C GLY C 85 31.42 -25.54 51.86
N CYS C 86 32.29 -24.95 52.68
CA CYS C 86 32.79 -23.61 52.42
C CYS C 86 33.73 -23.54 51.22
N GLY C 87 34.30 -24.66 50.81
CA GLY C 87 35.30 -24.61 49.74
C GLY C 87 36.58 -23.98 50.23
N THR C 88 37.16 -23.13 49.40
CA THR C 88 38.36 -22.38 49.79
C THR C 88 38.03 -21.03 50.41
N GLY C 89 36.76 -20.70 50.57
CA GLY C 89 36.33 -19.65 51.46
C GLY C 89 36.26 -18.25 50.89
N ARG C 90 36.43 -18.07 49.58
CA ARG C 90 36.31 -16.73 49.02
C ARG C 90 34.88 -16.20 49.21
N THR C 91 33.89 -17.08 49.12
CA THR C 91 32.52 -16.71 49.44
C THR C 91 32.43 -16.18 50.86
N ALA C 92 32.96 -16.93 51.82
CA ALA C 92 32.93 -16.52 53.22
C ALA C 92 33.66 -15.21 53.44
N LEU C 93 34.75 -14.99 52.69
CA LEU C 93 35.49 -13.74 52.83
C LEU C 93 34.66 -12.55 52.36
N LYS C 94 34.11 -12.63 51.15
CA LYS C 94 33.33 -11.51 50.61
C LYS C 94 32.12 -11.20 51.49
N ALA C 95 31.52 -12.22 52.09
CA ALA C 95 30.40 -11.97 53.01
C ALA C 95 30.87 -11.25 54.26
N ALA C 96 32.05 -11.61 54.77
CA ALA C 96 32.54 -11.00 56.00
C ALA C 96 32.93 -9.54 55.79
N ARG C 97 33.61 -9.24 54.67
CA ARG C 97 34.00 -7.86 54.41
C ARG C 97 32.79 -6.98 54.14
N GLN C 98 31.81 -7.49 53.39
CA GLN C 98 30.73 -6.64 52.90
C GLN C 98 29.69 -6.34 53.98
N ARG C 99 29.40 -7.30 54.87
CA ARG C 99 28.32 -7.15 55.82
C ARG C 99 28.78 -7.00 57.26
N GLY C 100 30.08 -7.09 57.53
CA GLY C 100 30.58 -7.01 58.89
C GLY C 100 30.03 -8.12 59.79
N ILE C 101 30.16 -9.35 59.34
CA ILE C 101 29.61 -10.51 60.02
C ILE C 101 30.73 -11.49 60.32
N ALA C 102 30.39 -12.51 61.12
CA ALA C 102 31.27 -13.64 61.36
C ALA C 102 30.81 -14.81 60.50
N VAL C 103 31.76 -15.51 59.89
CA VAL C 103 31.47 -16.65 59.04
C VAL C 103 32.29 -17.84 59.51
N THR C 104 31.61 -18.96 59.77
CA THR C 104 32.26 -20.22 60.07
C THR C 104 32.01 -21.18 58.92
N GLY C 105 33.09 -21.61 58.27
CA GLY C 105 33.01 -22.52 57.13
C GLY C 105 33.50 -23.91 57.51
N VAL C 106 32.85 -24.92 56.96
CA VAL C 106 33.21 -26.32 57.18
C VAL C 106 33.39 -27.01 55.84
N ALA C 107 34.23 -28.03 55.82
CA ALA C 107 34.49 -28.84 54.64
C ALA C 107 35.20 -30.11 55.06
N VAL C 108 35.05 -31.15 54.24
CA VAL C 108 35.64 -32.45 54.57
C VAL C 108 37.02 -32.59 53.94
N SER C 109 37.56 -31.49 53.43
CA SER C 109 38.82 -31.50 52.70
C SER C 109 39.87 -30.70 53.48
N LYS C 110 40.99 -31.35 53.81
CA LYS C 110 42.07 -30.67 54.52
C LYS C 110 42.74 -29.62 53.64
N GLU C 111 42.79 -29.85 52.32
CA GLU C 111 43.36 -28.85 51.41
C GLU C 111 42.57 -27.55 51.44
N GLN C 112 41.25 -27.64 51.26
CA GLN C 112 40.43 -26.44 51.09
C GLN C 112 40.28 -25.67 52.39
N ILE C 113 40.27 -26.35 53.53
CA ILE C 113 40.27 -25.65 54.81
C ILE C 113 41.61 -24.95 55.02
N ALA C 114 42.72 -25.57 54.57
CA ALA C 114 44.02 -24.91 54.63
C ALA C 114 44.05 -23.66 53.78
N ALA C 115 43.58 -23.76 52.53
CA ALA C 115 43.53 -22.60 51.65
C ALA C 115 42.56 -21.53 52.12
N ALA C 116 41.54 -21.90 52.91
CA ALA C 116 40.60 -20.91 53.45
C ALA C 116 41.18 -20.20 54.68
N ASN C 117 41.90 -20.93 55.53
CA ASN C 117 42.65 -20.27 56.61
C ASN C 117 43.69 -19.31 56.05
N ARG C 118 44.24 -19.63 54.87
CA ARG C 118 45.11 -18.73 54.13
C ARG C 118 44.43 -17.39 53.81
N LEU C 119 43.10 -17.38 53.71
CA LEU C 119 42.31 -16.15 53.55
C LEU C 119 42.01 -15.46 54.88
N ALA C 120 41.61 -16.23 55.90
CA ALA C 120 41.32 -15.66 57.21
C ALA C 120 42.54 -14.96 57.81
N ALA C 121 43.74 -15.41 57.48
CA ALA C 121 44.97 -14.81 57.97
C ALA C 121 45.15 -13.40 57.41
N GLY C 122 45.38 -13.29 56.10
CA GLY C 122 45.71 -12.03 55.46
C GLY C 122 44.78 -10.87 55.80
N HIS C 123 43.59 -10.85 55.20
CA HIS C 123 42.57 -9.88 55.58
C HIS C 123 42.29 -10.02 57.07
N GLY C 124 43.09 -9.35 57.90
CA GLY C 124 43.16 -9.60 59.33
C GLY C 124 41.84 -9.70 60.06
N LEU C 125 41.40 -10.91 60.35
CA LEU C 125 40.09 -11.14 60.96
C LEU C 125 40.13 -12.20 62.07
N THR C 126 40.32 -13.48 61.68
CA THR C 126 40.47 -14.63 62.58
C THR C 126 39.53 -14.66 63.79
N GLU C 127 39.32 -13.51 64.44
CA GLU C 127 38.26 -13.39 65.43
C GLU C 127 36.87 -13.33 64.79
N ARG C 128 36.80 -13.13 63.48
CA ARG C 128 35.54 -13.17 62.74
C ARG C 128 35.44 -14.42 61.86
N LEU C 129 36.35 -14.58 60.91
CA LEU C 129 36.32 -15.78 60.06
C LEU C 129 36.74 -17.01 60.86
N THR C 130 36.52 -18.18 60.26
CA THR C 130 36.79 -19.49 60.85
C THR C 130 36.59 -20.54 59.77
N PHE C 131 37.50 -21.51 59.69
CA PHE C 131 37.41 -22.59 58.71
C PHE C 131 37.92 -23.88 59.34
N GLU C 132 37.06 -24.89 59.40
CA GLU C 132 37.36 -26.14 60.08
C GLU C 132 37.03 -27.33 59.20
N VAL C 133 37.74 -28.43 59.42
CA VAL C 133 37.44 -29.69 58.75
C VAL C 133 36.37 -30.40 59.57
N ALA C 134 35.16 -30.48 59.01
CA ALA C 134 34.04 -31.08 59.71
C ALA C 134 33.12 -31.73 58.68
N ASP C 135 32.17 -32.52 59.17
CA ASP C 135 31.15 -33.13 58.34
C ASP C 135 29.83 -32.39 58.55
N ALA C 136 29.15 -32.09 57.44
CA ALA C 136 27.86 -31.41 57.54
C ALA C 136 26.77 -32.33 58.04
N MET C 137 26.87 -33.63 57.75
CA MET C 137 25.96 -34.62 58.30
C MET C 137 26.25 -34.94 59.77
N ARG C 138 27.36 -34.42 60.30
CA ARG C 138 27.73 -34.57 61.71
C ARG C 138 28.32 -33.26 62.22
N LEU C 139 27.51 -32.20 62.24
CA LEU C 139 28.03 -30.90 62.66
C LEU C 139 28.42 -30.95 64.13
N PRO C 140 29.60 -30.43 64.49
CA PRO C 140 30.06 -30.46 65.89
C PRO C 140 29.58 -29.30 66.75
N TYR C 141 28.83 -28.36 66.20
CA TYR C 141 28.50 -27.13 66.90
C TYR C 141 27.27 -27.31 67.79
N GLU C 142 27.07 -26.33 68.67
CA GLU C 142 25.99 -26.37 69.66
C GLU C 142 24.69 -25.85 69.04
N ASP C 143 23.58 -26.29 69.62
CA ASP C 143 22.27 -25.93 69.09
C ASP C 143 21.99 -24.44 69.27
N GLU C 144 21.35 -23.85 68.25
CA GLU C 144 20.89 -22.45 68.27
C GLU C 144 22.05 -21.47 68.29
N SER C 145 23.12 -21.75 67.53
CA SER C 145 24.32 -20.92 67.61
C SER C 145 24.46 -19.91 66.49
N PHE C 146 23.80 -20.10 65.35
CA PHE C 146 23.98 -19.23 64.20
C PHE C 146 22.70 -18.44 63.92
N ASP C 147 22.86 -17.40 63.10
CA ASP C 147 21.73 -16.58 62.67
C ASP C 147 21.27 -16.90 61.25
N CYS C 148 22.19 -17.23 60.35
CA CYS C 148 21.86 -17.69 59.01
C CYS C 148 22.83 -18.79 58.64
N ALA C 149 22.73 -19.27 57.39
CA ALA C 149 23.59 -20.34 56.89
C ALA C 149 23.39 -20.43 55.38
N TRP C 150 24.27 -21.19 54.73
CA TRP C 150 24.05 -21.51 53.33
C TRP C 150 24.91 -22.70 52.90
N ALA C 151 24.36 -23.50 51.99
CA ALA C 151 25.02 -24.66 51.39
C ALA C 151 25.09 -24.41 49.89
N ILE C 152 26.20 -23.85 49.44
CA ILE C 152 26.34 -23.35 48.07
C ILE C 152 26.87 -24.48 47.20
N GLU C 153 25.97 -25.11 46.44
CA GLU C 153 26.32 -26.18 45.50
C GLU C 153 27.08 -27.30 46.21
N SER C 154 26.73 -27.56 47.46
CA SER C 154 27.44 -28.52 48.29
C SER C 154 26.61 -29.72 48.71
N LEU C 155 25.28 -29.61 48.71
CA LEU C 155 24.44 -30.70 49.19
C LEU C 155 24.56 -31.96 48.35
N CYS C 156 25.03 -31.86 47.11
CA CYS C 156 25.14 -33.05 46.26
C CYS C 156 26.27 -33.98 46.69
N HIS C 157 27.04 -33.66 47.73
CA HIS C 157 28.03 -34.57 48.25
C HIS C 157 27.56 -35.28 49.52
N MET C 158 26.46 -34.84 50.10
CA MET C 158 26.02 -35.29 51.42
C MET C 158 24.65 -35.96 51.31
N ASP C 159 24.19 -36.48 52.45
CA ASP C 159 22.80 -36.88 52.59
C ASP C 159 21.97 -35.64 52.91
N ARG C 160 21.06 -35.29 52.01
CA ARG C 160 20.33 -34.04 52.16
C ARG C 160 19.46 -34.03 53.41
N ALA C 161 18.90 -35.19 53.78
CA ALA C 161 18.07 -35.26 54.99
C ALA C 161 18.89 -35.01 56.24
N LYS C 162 20.00 -35.73 56.41
CA LYS C 162 20.84 -35.53 57.59
C LYS C 162 21.42 -34.12 57.62
N ALA C 163 21.99 -33.68 56.49
CA ALA C 163 22.64 -32.37 56.44
C ALA C 163 21.65 -31.25 56.74
N LEU C 164 20.44 -31.35 56.19
CA LEU C 164 19.45 -30.30 56.41
C LEU C 164 18.91 -30.31 57.84
N GLY C 165 18.66 -31.50 58.39
CA GLY C 165 18.30 -31.58 59.80
C GLY C 165 19.41 -31.07 60.70
N GLU C 166 20.66 -31.33 60.31
CA GLU C 166 21.81 -30.83 61.05
C GLU C 166 21.95 -29.31 60.95
N ALA C 167 21.60 -28.74 59.78
CA ALA C 167 21.62 -27.29 59.64
C ALA C 167 20.45 -26.64 60.38
N TRP C 168 19.33 -27.34 60.51
CA TRP C 168 18.18 -26.80 61.24
C TRP C 168 18.47 -26.72 62.73
N ARG C 169 19.11 -27.76 63.28
CA ARG C 169 19.42 -27.78 64.70
C ARG C 169 20.32 -26.62 65.10
N VAL C 170 21.37 -26.37 64.31
CA VAL C 170 22.34 -25.32 64.64
C VAL C 170 21.84 -23.90 64.36
N LEU C 171 20.65 -23.73 63.80
CA LEU C 171 20.12 -22.42 63.43
C LEU C 171 19.21 -21.91 64.55
N LYS C 172 19.35 -20.63 64.88
CA LYS C 172 18.42 -19.99 65.77
C LYS C 172 17.05 -19.94 65.12
N PRO C 173 15.98 -20.03 65.90
CA PRO C 173 14.64 -19.87 65.34
C PRO C 173 14.44 -18.46 64.78
N GLY C 174 13.94 -18.40 63.55
CA GLY C 174 13.77 -17.15 62.84
C GLY C 174 14.83 -16.88 61.80
N GLY C 175 15.95 -17.62 61.82
CA GLY C 175 16.99 -17.45 60.83
C GLY C 175 16.74 -18.26 59.57
N ASP C 176 17.56 -18.01 58.56
CA ASP C 176 17.33 -18.50 57.21
C ASP C 176 18.51 -19.31 56.72
N LEU C 177 18.21 -20.35 55.93
CA LEU C 177 19.22 -21.20 55.30
C LEU C 177 19.09 -21.08 53.78
N LEU C 178 20.09 -20.48 53.15
CA LEU C 178 20.12 -20.39 51.70
C LEU C 178 20.71 -21.67 51.11
N VAL C 179 20.03 -22.24 50.12
CA VAL C 179 20.44 -23.52 49.55
C VAL C 179 20.48 -23.39 48.04
N LEU C 180 21.58 -23.85 47.43
CA LEU C 180 21.78 -23.85 45.99
C LEU C 180 21.88 -25.31 45.55
N GLU C 181 20.73 -25.90 45.23
CA GLU C 181 20.59 -27.33 45.00
C GLU C 181 20.10 -27.59 43.58
N SER C 182 20.38 -28.81 43.09
CA SER C 182 19.87 -29.29 41.82
C SER C 182 18.82 -30.39 42.04
N VAL C 183 18.05 -30.66 40.99
CA VAL C 183 16.91 -31.56 41.05
C VAL C 183 16.70 -32.15 39.67
N VAL C 184 16.22 -33.41 39.62
CA VAL C 184 15.96 -34.09 38.36
C VAL C 184 14.54 -33.79 37.88
N THR C 185 14.40 -33.63 36.57
CA THR C 185 13.09 -33.50 35.94
C THR C 185 12.66 -34.74 35.18
N GLU C 186 13.58 -35.63 34.84
CA GLU C 186 13.33 -36.95 34.27
C GLU C 186 13.73 -38.01 35.29
N GLU C 187 14.01 -39.23 34.80
CA GLU C 187 14.24 -40.38 35.67
C GLU C 187 15.70 -40.77 35.82
N LEU C 188 16.57 -40.36 34.88
CA LEU C 188 18.00 -40.71 34.88
C LEU C 188 18.23 -42.19 34.59
N THR C 189 19.04 -42.48 33.58
CA THR C 189 19.51 -43.83 33.34
C THR C 189 20.66 -44.16 34.30
N GLU C 190 21.02 -45.45 34.36
CA GLU C 190 22.09 -45.87 35.25
C GLU C 190 23.47 -45.33 34.83
N PRO C 191 23.81 -45.29 33.53
CA PRO C 191 25.07 -44.63 33.16
C PRO C 191 25.13 -43.16 33.55
N GLU C 192 23.99 -42.46 33.53
CA GLU C 192 23.98 -41.08 33.99
C GLU C 192 24.20 -41.00 35.50
N THR C 193 23.52 -41.85 36.27
CA THR C 193 23.70 -41.86 37.72
C THR C 193 25.14 -42.20 38.10
N ALA C 194 25.78 -43.09 37.33
CA ALA C 194 27.18 -43.41 37.59
C ALA C 194 28.09 -42.27 37.18
N LEU C 195 27.77 -41.58 36.08
CA LEU C 195 28.55 -40.42 35.67
C LEU C 195 28.62 -39.36 36.76
N PHE C 196 27.56 -39.25 37.57
CA PHE C 196 27.60 -38.33 38.70
C PHE C 196 28.73 -38.68 39.67
N GLU C 197 29.03 -39.97 39.83
CA GLU C 197 30.06 -40.40 40.77
C GLU C 197 31.46 -40.39 40.16
N THR C 198 31.59 -40.72 38.88
CA THR C 198 32.92 -40.84 38.28
C THR C 198 33.51 -39.48 37.92
N LEU C 199 32.67 -38.50 37.56
CA LEU C 199 33.15 -37.18 37.17
C LEU C 199 33.31 -36.26 38.37
N TYR C 200 32.22 -36.05 39.12
CA TYR C 200 32.28 -35.27 40.34
C TYR C 200 32.29 -36.23 41.53
N ALA C 201 31.68 -35.83 42.65
CA ALA C 201 31.60 -36.70 43.82
C ALA C 201 30.15 -37.11 44.14
N ALA C 202 29.38 -37.38 43.09
CA ALA C 202 28.22 -38.27 43.13
C ALA C 202 26.97 -37.73 43.84
N ASN C 203 26.17 -38.67 44.35
CA ASN C 203 24.82 -38.46 44.86
C ASN C 203 23.93 -37.81 43.81
N VAL C 204 23.09 -38.60 43.16
CA VAL C 204 22.19 -38.10 42.11
C VAL C 204 21.20 -37.13 42.74
N PRO C 205 20.78 -36.09 42.01
CA PRO C 205 19.85 -35.13 42.59
C PRO C 205 18.49 -35.76 42.84
N PRO C 206 17.76 -35.28 43.84
CA PRO C 206 16.40 -35.81 44.07
C PRO C 206 15.37 -35.11 43.21
N ARG C 207 14.10 -35.47 43.39
CA ARG C 207 13.03 -34.79 42.68
C ARG C 207 12.54 -33.59 43.48
N LEU C 208 11.87 -32.68 42.79
CA LEU C 208 11.48 -31.40 43.39
C LEU C 208 10.58 -31.63 44.61
N GLY C 209 9.48 -32.37 44.41
CA GLY C 209 8.63 -32.69 45.55
C GLY C 209 9.35 -33.52 46.59
N GLU C 210 10.20 -34.44 46.15
CA GLU C 210 11.02 -35.23 47.07
C GLU C 210 11.92 -34.31 47.90
N PHE C 211 12.61 -33.39 47.24
CA PHE C 211 13.52 -32.49 47.94
C PHE C 211 12.81 -31.65 48.97
N PHE C 212 11.57 -31.23 48.68
CA PHE C 212 10.84 -30.38 49.61
C PHE C 212 10.11 -31.16 50.69
N ASP C 213 9.81 -32.44 50.45
CA ASP C 213 9.42 -33.31 51.56
C ASP C 213 10.55 -33.42 52.57
N ILE C 214 11.79 -33.46 52.07
CA ILE C 214 12.95 -33.47 52.96
C ILE C 214 13.09 -32.14 53.67
N VAL C 215 12.94 -31.03 52.93
CA VAL C 215 13.02 -29.70 53.52
C VAL C 215 11.95 -29.53 54.59
N SER C 216 10.74 -30.02 54.32
CA SER C 216 9.69 -29.99 55.35
C SER C 216 10.04 -30.90 56.51
N GLY C 217 10.61 -32.08 56.22
CA GLY C 217 10.92 -33.04 57.28
C GLY C 217 11.99 -32.54 58.24
N ALA C 218 12.95 -31.77 57.74
CA ALA C 218 13.91 -31.12 58.63
C ALA C 218 13.29 -30.01 59.45
N GLY C 219 12.08 -29.58 59.10
CA GLY C 219 11.40 -28.52 59.82
C GLY C 219 11.46 -27.15 59.18
N PHE C 220 11.85 -27.06 57.91
CA PHE C 220 12.01 -25.78 57.24
C PHE C 220 10.73 -25.38 56.51
N HIS C 221 10.35 -24.11 56.67
CA HIS C 221 9.41 -23.49 55.75
C HIS C 221 10.16 -22.98 54.53
N THR C 222 9.44 -22.89 53.40
CA THR C 222 10.03 -22.37 52.17
C THR C 222 9.54 -20.95 51.94
N LEU C 223 10.49 -20.04 51.71
CA LEU C 223 10.20 -18.64 51.45
C LEU C 223 10.51 -18.20 50.03
N SER C 224 11.44 -18.86 49.34
CA SER C 224 11.76 -18.47 47.99
C SER C 224 12.36 -19.65 47.24
N LEU C 225 12.31 -19.56 45.92
CA LEU C 225 12.99 -20.47 45.00
C LEU C 225 13.20 -19.70 43.71
N LYS C 226 14.34 -19.90 43.08
CA LYS C 226 14.64 -19.20 41.83
C LYS C 226 15.55 -20.07 40.97
N ASP C 227 15.17 -20.24 39.71
CA ASP C 227 15.94 -21.08 38.81
C ASP C 227 17.21 -20.37 38.37
N LEU C 228 18.34 -21.05 38.52
CA LEU C 228 19.64 -20.57 38.06
C LEU C 228 20.28 -21.60 37.13
N SER C 229 19.44 -22.41 36.48
CA SER C 229 19.94 -23.55 35.72
C SER C 229 20.74 -23.12 34.50
N ALA C 230 20.42 -21.96 33.93
CA ALA C 230 21.21 -21.45 32.81
C ALA C 230 22.61 -21.03 33.25
N ASN C 231 22.76 -20.61 34.52
CA ASN C 231 24.08 -20.28 35.03
C ASN C 231 24.94 -21.53 35.19
N LEU C 232 24.35 -22.62 35.70
CA LEU C 232 25.10 -23.86 35.84
C LEU C 232 25.47 -24.46 34.49
N ALA C 233 24.60 -24.31 33.49
CA ALA C 233 24.92 -24.81 32.16
C ALA C 233 26.07 -24.04 31.53
N MET C 234 26.08 -22.71 31.67
CA MET C 234 27.20 -21.91 31.17
C MET C 234 28.48 -22.23 31.93
N THR C 235 28.40 -22.32 33.26
CA THR C 235 29.57 -22.67 34.06
C THR C 235 30.13 -24.02 33.65
N MET C 236 29.26 -24.99 33.34
CA MET C 236 29.74 -26.29 32.89
C MET C 236 30.28 -26.23 31.47
N ASN C 237 29.76 -25.33 30.64
CA ASN C 237 30.33 -25.14 29.31
C ASN C 237 31.72 -24.53 29.39
N VAL C 238 31.91 -23.56 30.29
CA VAL C 238 33.23 -22.97 30.50
C VAL C 238 34.20 -24.02 31.03
N PHE C 239 33.75 -24.82 32.01
CA PHE C 239 34.59 -25.88 32.54
C PHE C 239 34.98 -26.88 31.46
N ALA C 240 34.03 -27.22 30.58
CA ALA C 240 34.32 -28.14 29.48
C ALA C 240 35.34 -27.54 28.52
N LEU C 241 35.18 -26.26 28.17
CA LEU C 241 36.10 -25.61 27.25
C LEU C 241 37.52 -25.57 27.82
N GLY C 242 37.64 -25.30 29.12
CA GLY C 242 38.97 -25.25 29.74
C GLY C 242 39.66 -26.60 29.72
N VAL C 243 38.91 -27.67 30.02
CA VAL C 243 39.50 -29.00 30.00
C VAL C 243 39.87 -29.42 28.59
N TYR C 244 39.02 -29.09 27.61
CA TYR C 244 39.30 -29.45 26.23
C TYR C 244 40.56 -28.76 25.72
N SER C 245 40.71 -27.46 26.01
CA SER C 245 41.81 -26.69 25.46
C SER C 245 43.13 -26.93 26.16
N ARG C 246 43.12 -27.50 27.37
CA ARG C 246 44.31 -27.63 28.19
C ARG C 246 44.50 -29.08 28.66
N ARG C 247 44.30 -30.03 27.73
CA ARG C 247 44.44 -31.44 28.08
C ARG C 247 45.86 -31.76 28.51
N ALA C 248 46.85 -31.21 27.82
CA ALA C 248 48.24 -31.49 28.17
C ALA C 248 48.58 -30.95 29.55
N GLU C 249 48.08 -29.76 29.89
CA GLU C 249 48.40 -29.14 31.17
C GLU C 249 47.79 -29.90 32.33
N PHE C 250 46.53 -30.31 32.19
CA PHE C 250 45.85 -31.01 33.28
C PHE C 250 46.29 -32.48 33.39
N THR C 251 46.76 -33.10 32.31
CA THR C 251 47.36 -34.44 32.42
C THR C 251 48.72 -34.38 33.11
N GLU C 252 49.49 -33.32 32.87
CA GLU C 252 50.77 -33.15 33.53
C GLU C 252 50.61 -32.91 35.03
N ARG C 253 49.45 -32.44 35.47
CA ARG C 253 49.17 -32.20 36.88
C ARG C 253 48.42 -33.36 37.50
N PHE C 254 47.13 -33.49 37.15
CA PHE C 254 46.24 -34.43 37.82
C PHE C 254 46.38 -35.86 37.31
N GLY C 255 47.09 -36.08 36.22
CA GLY C 255 47.27 -37.43 35.72
C GLY C 255 46.31 -37.74 34.57
N ALA C 256 46.73 -38.68 33.72
CA ALA C 256 45.98 -38.97 32.50
C ALA C 256 44.63 -39.61 32.80
N GLU C 257 44.55 -40.45 33.83
CA GLU C 257 43.28 -41.05 34.22
C GLU C 257 42.18 -40.01 34.34
N PHE C 258 42.46 -38.95 35.10
CA PHE C 258 41.48 -37.91 35.36
C PHE C 258 41.00 -37.27 34.06
N VAL C 259 41.93 -36.76 33.26
CA VAL C 259 41.56 -35.98 32.07
C VAL C 259 40.75 -36.84 31.11
N ASP C 260 41.20 -38.06 30.85
CA ASP C 260 40.52 -38.93 29.90
C ASP C 260 39.08 -39.19 30.32
N GLY C 261 38.88 -39.54 31.61
CA GLY C 261 37.52 -39.72 32.10
C GLY C 261 36.69 -38.46 32.00
N LEU C 262 37.26 -37.31 32.34
CA LEU C 262 36.56 -36.04 32.20
C LEU C 262 36.04 -35.84 30.78
N LEU C 263 36.94 -35.89 29.80
CA LEU C 263 36.58 -35.66 28.41
C LEU C 263 35.37 -36.49 27.99
N ALA C 264 35.44 -37.81 28.19
CA ALA C 264 34.34 -38.69 27.82
C ALA C 264 33.06 -38.31 28.58
N GLY C 265 33.15 -38.21 29.89
CA GLY C 265 31.98 -37.89 30.68
C GLY C 265 31.39 -36.54 30.36
N LEU C 266 32.26 -35.51 30.22
CA LEU C 266 31.78 -34.15 30.00
C LEU C 266 30.80 -34.07 28.84
N GLY C 267 31.08 -34.78 27.75
CA GLY C 267 30.19 -34.80 26.61
C GLY C 267 28.81 -35.32 26.93
N SER C 268 28.74 -36.54 27.46
CA SER C 268 27.47 -37.16 27.82
C SER C 268 27.01 -36.80 29.23
N ALA C 269 27.58 -35.75 29.82
CA ALA C 269 27.04 -35.15 31.03
C ALA C 269 26.36 -33.82 30.78
N GLN C 270 26.87 -33.03 29.83
CA GLN C 270 26.24 -31.76 29.48
C GLN C 270 24.83 -31.98 28.94
N GLU C 271 24.64 -33.05 28.16
CA GLU C 271 23.32 -33.36 27.64
C GLU C 271 22.35 -33.77 28.74
N THR C 272 22.85 -34.45 29.78
CA THR C 272 21.99 -34.85 30.89
C THR C 272 21.63 -33.68 31.79
N LEU C 273 22.60 -32.78 32.03
CA LEU C 273 22.32 -31.57 32.79
C LEU C 273 21.29 -30.67 32.09
N ILE C 274 21.43 -30.51 30.78
CA ILE C 274 20.53 -29.63 30.02
C ILE C 274 19.12 -30.20 30.00
N ARG C 275 18.99 -31.50 29.74
CA ARG C 275 17.70 -32.08 29.42
C ARG C 275 16.98 -32.70 30.62
N LYS C 276 17.70 -33.03 31.70
CA LYS C 276 17.09 -33.78 32.78
C LYS C 276 17.26 -33.18 34.17
N THR C 277 17.86 -31.99 34.31
CA THR C 277 18.09 -31.43 35.63
C THR C 277 17.79 -29.93 35.63
N ARG C 278 17.46 -29.40 36.81
CA ARG C 278 17.31 -27.98 37.05
C ARG C 278 18.01 -27.58 38.34
N PHE C 279 18.50 -26.35 38.38
CA PHE C 279 19.36 -25.85 39.45
C PHE C 279 18.79 -24.55 39.96
N PHE C 280 18.69 -24.41 41.29
CA PHE C 280 17.95 -23.29 41.85
C PHE C 280 18.53 -22.84 43.19
N MET C 281 18.20 -21.60 43.55
CA MET C 281 18.50 -21.02 44.87
C MET C 281 17.20 -20.92 45.65
N ALA C 282 17.17 -21.52 46.84
CA ALA C 282 16.00 -21.53 47.69
C ALA C 282 16.31 -20.95 49.07
N THR C 283 15.39 -20.15 49.58
CA THR C 283 15.49 -19.61 50.94
C THR C 283 14.59 -20.44 51.85
N LEU C 284 15.20 -21.10 52.83
CA LEU C 284 14.49 -21.88 53.82
C LEU C 284 14.56 -21.15 55.16
N ARG C 285 13.47 -21.21 55.93
N ARG C 285 13.49 -21.23 55.94
CA ARG C 285 13.41 -20.56 57.23
CA ARG C 285 13.42 -20.55 57.22
C ARG C 285 13.10 -21.56 58.32
C ARG C 285 13.09 -21.55 58.33
N LYS C 286 13.77 -21.40 59.48
CA LYS C 286 13.43 -22.14 60.68
C LYS C 286 12.39 -21.32 61.43
N PRO C 287 11.17 -21.83 61.61
CA PRO C 287 10.11 -21.00 62.21
C PRO C 287 10.48 -20.51 63.60
N ALA C 288 9.84 -19.42 64.01
CA ALA C 288 10.16 -18.75 65.28
C ALA C 288 8.86 -18.26 65.93
N VAL C 289 8.31 -19.06 66.85
CA VAL C 289 7.18 -18.62 67.63
C VAL C 289 7.66 -17.84 68.84
N GLN D 10 23.26 -41.46 48.11
CA GLN D 10 24.23 -42.08 49.00
C GLN D 10 25.16 -43.02 48.25
N GLN D 11 25.78 -42.52 47.18
CA GLN D 11 26.82 -43.25 46.48
C GLN D 11 28.21 -42.68 46.74
N VAL D 12 28.35 -41.83 47.76
CA VAL D 12 29.63 -41.33 48.23
C VAL D 12 29.58 -41.17 49.73
N THR D 13 30.75 -41.28 50.36
CA THR D 13 30.94 -40.98 51.77
C THR D 13 31.73 -39.69 51.90
N ALA D 14 31.81 -39.20 53.14
CA ALA D 14 32.50 -37.95 53.41
C ALA D 14 33.99 -38.07 53.10
N ASP D 15 34.61 -39.19 53.48
CA ASP D 15 36.03 -39.40 53.21
C ASP D 15 36.33 -39.34 51.71
N GLU D 16 35.45 -39.93 50.90
CA GLU D 16 35.69 -39.98 49.46
C GLU D 16 35.61 -38.60 48.82
N VAL D 17 34.59 -37.81 49.21
CA VAL D 17 34.49 -36.45 48.68
C VAL D 17 35.67 -35.61 49.14
N GLY D 18 36.06 -35.76 50.40
CA GLY D 18 37.24 -35.03 50.90
C GLY D 18 38.50 -35.37 50.12
N ASP D 19 38.75 -36.67 49.94
CA ASP D 19 39.91 -37.09 49.15
C ASP D 19 39.82 -36.59 47.71
N TRP D 20 38.61 -36.45 47.17
CA TRP D 20 38.46 -35.98 45.80
C TRP D 20 38.86 -34.52 45.67
N TYR D 21 38.37 -33.66 46.57
CA TYR D 21 38.77 -32.27 46.55
C TYR D 21 40.22 -32.09 46.99
N ASP D 22 40.74 -33.01 47.81
CA ASP D 22 42.16 -33.02 48.11
C ASP D 22 43.00 -33.17 46.85
N LYS D 23 42.54 -34.01 45.92
CA LYS D 23 43.32 -34.34 44.74
C LYS D 23 42.99 -33.46 43.54
N PHE D 24 41.79 -32.91 43.45
CA PHE D 24 41.30 -32.38 42.18
C PHE D 24 40.67 -31.00 42.24
N GLY D 25 40.37 -30.46 43.43
CA GLY D 25 39.68 -29.19 43.49
C GLY D 25 40.35 -28.08 42.70
N GLU D 26 41.67 -28.17 42.52
CA GLU D 26 42.40 -27.16 41.79
C GLU D 26 42.08 -27.15 40.29
N VAL D 27 41.38 -28.18 39.77
CA VAL D 27 40.96 -28.11 38.38
C VAL D 27 39.78 -27.17 38.23
N TYR D 28 38.91 -27.10 39.25
CA TYR D 28 37.85 -26.09 39.27
C TYR D 28 38.45 -24.69 39.39
N HIS D 29 39.44 -24.54 40.28
CA HIS D 29 40.09 -23.24 40.45
C HIS D 29 40.87 -22.83 39.21
N LEU D 30 41.41 -23.79 38.45
CA LEU D 30 42.10 -23.47 37.22
C LEU D 30 41.16 -23.16 36.06
N THR D 31 39.92 -23.64 36.10
CA THR D 31 38.96 -23.46 35.01
C THR D 31 37.92 -22.39 35.28
N LEU D 32 37.36 -22.35 36.50
CA LEU D 32 36.21 -21.51 36.79
C LEU D 32 36.54 -20.25 37.59
N GLY D 33 37.65 -20.21 38.31
CA GLY D 33 38.06 -19.00 38.97
C GLY D 33 38.43 -19.24 40.42
N GLU D 34 38.50 -18.15 41.18
CA GLU D 34 38.91 -18.19 42.58
C GLU D 34 37.84 -18.76 43.51
N SER D 35 36.69 -19.17 42.97
CA SER D 35 35.63 -19.76 43.76
C SER D 35 35.23 -21.11 43.14
N VAL D 36 34.53 -21.92 43.91
CA VAL D 36 34.12 -23.24 43.45
C VAL D 36 32.60 -23.29 43.31
N HIS D 37 32.04 -22.36 42.55
CA HIS D 37 30.59 -22.36 42.31
C HIS D 37 30.33 -21.77 40.93
N CYS D 38 29.06 -21.58 40.61
CA CYS D 38 28.67 -21.12 39.29
C CYS D 38 29.00 -19.64 39.09
N GLY D 39 28.97 -19.22 37.83
CA GLY D 39 29.09 -17.83 37.46
C GLY D 39 27.72 -17.24 37.21
N LEU D 40 27.57 -15.97 37.58
CA LEU D 40 26.33 -15.22 37.31
C LEU D 40 26.41 -14.68 35.89
N TRP D 41 26.36 -15.60 34.93
CA TRP D 41 26.45 -15.24 33.52
C TRP D 41 25.18 -14.56 33.03
N PHE D 42 24.04 -14.88 33.64
CA PHE D 42 22.77 -14.26 33.28
C PHE D 42 22.26 -13.44 34.45
N PRO D 43 22.00 -12.15 34.26
CA PRO D 43 21.56 -11.31 35.37
C PRO D 43 20.28 -11.83 35.98
N PRO D 44 20.02 -11.52 37.25
CA PRO D 44 18.85 -12.09 37.93
C PRO D 44 17.52 -11.77 37.27
N ASP D 45 17.35 -10.58 36.71
CA ASP D 45 16.06 -10.21 36.15
C ASP D 45 15.82 -10.75 34.75
N ALA D 46 16.79 -11.46 34.17
CA ALA D 46 16.60 -12.02 32.84
C ALA D 46 15.67 -13.23 32.90
N PRO D 47 14.94 -13.52 31.82
CA PRO D 47 14.04 -14.67 31.82
C PRO D 47 14.79 -15.99 31.64
N VAL D 48 14.15 -17.05 32.13
CA VAL D 48 14.63 -18.42 31.98
C VAL D 48 14.51 -18.81 30.50
N PRO D 49 15.61 -19.25 29.87
CA PRO D 49 15.56 -19.53 28.43
C PRO D 49 14.64 -20.70 28.10
N GLN D 50 14.34 -20.84 26.81
CA GLN D 50 13.44 -21.90 26.36
C GLN D 50 14.09 -23.27 26.49
N ASP D 51 15.40 -23.34 26.24
CA ASP D 51 16.16 -24.56 26.45
C ASP D 51 17.50 -24.17 27.05
N MET D 52 18.45 -25.11 27.07
CA MET D 52 19.75 -24.85 27.64
C MET D 52 20.89 -25.14 26.66
N GLU D 53 20.59 -25.21 25.37
CA GLU D 53 21.65 -25.31 24.38
C GLU D 53 22.50 -24.05 24.40
N LEU D 54 23.80 -24.22 24.20
CA LEU D 54 24.73 -23.09 24.20
C LEU D 54 24.28 -22.01 23.22
N VAL D 55 23.73 -22.42 22.08
CA VAL D 55 23.39 -21.47 21.03
C VAL D 55 22.25 -20.55 21.47
N THR D 56 21.26 -21.10 22.18
CA THR D 56 20.13 -20.28 22.60
C THR D 56 20.49 -19.37 23.76
N MET D 57 21.27 -19.86 24.73
CA MET D 57 21.78 -18.99 25.78
C MET D 57 22.68 -17.90 25.22
N SER D 58 23.45 -18.24 24.18
CA SER D 58 24.25 -17.23 23.49
C SER D 58 23.34 -16.20 22.79
N SER D 59 22.21 -16.67 22.25
CA SER D 59 21.32 -15.77 21.52
C SER D 59 20.58 -14.81 22.45
N GLN D 60 20.20 -15.27 23.65
CA GLN D 60 19.59 -14.36 24.62
C GLN D 60 20.58 -13.26 25.02
N ALA D 61 21.85 -13.63 25.26
CA ALA D 61 22.88 -12.62 25.50
C ALA D 61 23.04 -11.68 24.32
N GLN D 62 22.87 -12.18 23.09
CA GLN D 62 22.89 -11.31 21.92
C GLN D 62 21.76 -10.29 21.96
N ASP D 63 20.56 -10.73 22.36
CA ASP D 63 19.43 -9.81 22.41
C ASP D 63 19.62 -8.74 23.48
N ARG D 64 20.10 -9.13 24.67
CA ARG D 64 20.45 -8.15 25.69
C ARG D 64 21.57 -7.24 25.22
N TYR D 65 22.51 -7.77 24.44
CA TYR D 65 23.49 -6.93 23.76
C TYR D 65 22.80 -5.91 22.86
N THR D 66 21.83 -6.36 22.06
CA THR D 66 21.06 -5.44 21.23
C THR D 66 20.27 -4.46 22.08
N ASP D 67 19.66 -4.94 23.18
CA ASP D 67 18.92 -4.05 24.07
C ASP D 67 19.82 -2.94 24.59
N TYR D 68 21.07 -3.26 24.91
CA TYR D 68 21.97 -2.25 25.46
C TYR D 68 22.42 -1.24 24.40
N LEU D 69 22.55 -1.68 23.14
CA LEU D 69 22.93 -0.76 22.08
C LEU D 69 21.81 0.23 21.78
N ILE D 70 20.57 -0.26 21.77
CA ILE D 70 19.42 0.63 21.59
C ILE D 70 19.36 1.66 22.71
N GLU D 71 19.58 1.21 23.94
CA GLU D 71 19.53 2.11 25.09
C GLU D 71 20.63 3.17 25.00
N THR D 72 21.79 2.80 24.45
CA THR D 72 22.91 3.73 24.38
C THR D 72 22.73 4.74 23.25
N LEU D 73 22.48 4.25 22.03
CA LEU D 73 22.25 5.17 20.92
C LEU D 73 20.98 5.99 21.12
N ASP D 74 19.94 5.39 21.70
CA ASP D 74 18.72 6.08 22.08
C ASP D 74 18.02 6.71 20.87
N PRO D 75 17.57 5.91 19.90
CA PRO D 75 16.82 6.48 18.77
C PRO D 75 15.40 6.84 19.19
N LYS D 76 14.94 7.99 18.72
CA LYS D 76 13.63 8.51 19.10
C LYS D 76 12.60 8.15 18.04
N ALA D 77 11.33 8.16 18.46
CA ALA D 77 10.24 7.70 17.62
C ALA D 77 10.11 8.54 16.37
N GLY D 78 9.91 7.88 15.23
CA GLY D 78 9.77 8.55 13.97
C GLY D 78 11.07 8.85 13.25
N GLN D 79 12.20 8.45 13.79
CA GLN D 79 13.48 8.68 13.16
C GLN D 79 13.82 7.55 12.19
N HIS D 80 14.87 7.76 11.41
CA HIS D 80 15.34 6.80 10.42
C HIS D 80 16.78 6.43 10.74
N LEU D 81 17.05 5.14 10.87
CA LEU D 81 18.36 4.65 11.28
C LEU D 81 18.98 3.80 10.17
N LEU D 82 20.26 4.01 9.91
CA LEU D 82 21.01 3.24 8.94
C LEU D 82 21.80 2.17 9.66
N ASP D 83 21.59 0.91 9.27
CA ASP D 83 22.34 -0.22 9.82
C ASP D 83 23.46 -0.54 8.83
N ILE D 84 24.68 -0.15 9.19
CA ILE D 84 25.84 -0.31 8.34
C ILE D 84 26.41 -1.71 8.62
N GLY D 85 26.14 -2.65 7.71
CA GLY D 85 26.47 -4.03 7.91
C GLY D 85 25.42 -4.70 8.78
N CYS D 86 24.22 -4.82 8.22
CA CYS D 86 23.03 -5.17 9.01
C CYS D 86 22.84 -6.66 9.25
N GLY D 87 23.67 -7.52 8.64
CA GLY D 87 23.54 -8.94 8.86
C GLY D 87 22.21 -9.47 8.36
N THR D 88 21.54 -10.24 9.21
CA THR D 88 20.22 -10.79 8.89
C THR D 88 19.09 -9.95 9.48
N GLY D 89 19.40 -8.80 10.07
CA GLY D 89 18.41 -7.78 10.35
C GLY D 89 17.66 -7.90 11.66
N ARG D 90 18.00 -8.86 12.52
CA ARG D 90 17.32 -8.95 13.81
C ARG D 90 17.58 -7.72 14.66
N THR D 91 18.78 -7.16 14.57
CA THR D 91 19.08 -5.91 15.27
C THR D 91 18.15 -4.79 14.80
N ALA D 92 18.01 -4.65 13.48
CA ALA D 92 17.09 -3.65 12.94
C ALA D 92 15.66 -3.90 13.40
N LEU D 93 15.25 -5.17 13.48
CA LEU D 93 13.89 -5.49 13.87
C LEU D 93 13.62 -5.10 15.31
N LYS D 94 14.53 -5.46 16.22
CA LYS D 94 14.34 -5.14 17.62
C LYS D 94 14.32 -3.63 17.85
N ALA D 95 15.25 -2.92 17.20
CA ALA D 95 15.25 -1.46 17.30
C ALA D 95 13.95 -0.87 16.79
N ALA D 96 13.44 -1.38 15.67
CA ALA D 96 12.20 -0.87 15.10
C ALA D 96 11.02 -1.14 16.03
N ARG D 97 10.94 -2.34 16.61
CA ARG D 97 9.82 -2.67 17.48
C ARG D 97 9.85 -1.85 18.76
N GLN D 98 11.04 -1.60 19.31
CA GLN D 98 11.14 -1.00 20.64
C GLN D 98 11.00 0.52 20.60
N ARG D 99 11.40 1.16 19.50
CA ARG D 99 11.47 2.61 19.47
C ARG D 99 10.55 3.28 18.45
N GLY D 100 9.83 2.52 17.62
CA GLY D 100 8.97 3.13 16.63
C GLY D 100 9.75 3.96 15.62
N ILE D 101 10.76 3.34 15.01
CA ILE D 101 11.63 3.99 14.05
C ILE D 101 11.64 3.19 12.76
N ALA D 102 12.09 3.82 11.68
CA ALA D 102 12.35 3.15 10.42
C ALA D 102 13.84 2.86 10.32
N VAL D 103 14.18 1.68 9.79
CA VAL D 103 15.57 1.25 9.71
C VAL D 103 15.87 0.81 8.29
N THR D 104 16.98 1.30 7.74
CA THR D 104 17.50 0.89 6.45
C THR D 104 18.86 0.24 6.67
N GLY D 105 18.94 -1.07 6.42
CA GLY D 105 20.17 -1.83 6.63
C GLY D 105 20.79 -2.25 5.31
N VAL D 106 22.12 -2.15 5.23
CA VAL D 106 22.86 -2.48 4.02
C VAL D 106 23.88 -3.57 4.36
N ALA D 107 24.14 -4.43 3.37
CA ALA D 107 25.10 -5.51 3.53
C ALA D 107 25.50 -6.01 2.15
N VAL D 108 26.72 -6.55 2.05
CA VAL D 108 27.25 -7.00 0.77
C VAL D 108 26.90 -8.46 0.47
N SER D 109 26.19 -9.14 1.36
CA SER D 109 25.87 -10.55 1.20
C SER D 109 24.41 -10.69 0.75
N LYS D 110 24.22 -11.36 -0.38
CA LYS D 110 22.86 -11.52 -0.92
C LYS D 110 22.01 -12.40 0.00
N GLU D 111 22.58 -13.46 0.56
CA GLU D 111 21.83 -14.36 1.41
C GLU D 111 21.35 -13.66 2.67
N GLN D 112 22.19 -12.79 3.25
CA GLN D 112 21.80 -12.11 4.49
C GLN D 112 20.71 -11.09 4.24
N ILE D 113 20.83 -10.29 3.18
CA ILE D 113 19.81 -9.28 2.87
C ILE D 113 18.47 -9.95 2.55
N ALA D 114 18.48 -11.11 1.87
CA ALA D 114 17.25 -11.83 1.61
C ALA D 114 16.61 -12.34 2.89
N ALA D 115 17.41 -12.95 3.77
CA ALA D 115 16.89 -13.40 5.06
C ALA D 115 16.39 -12.22 5.89
N ALA D 116 17.05 -11.06 5.77
CA ALA D 116 16.62 -9.87 6.49
C ALA D 116 15.29 -9.36 5.97
N ASN D 117 15.10 -9.39 4.64
CA ASN D 117 13.83 -8.95 4.07
C ASN D 117 12.69 -9.87 4.49
N ARG D 118 12.94 -11.18 4.55
CA ARG D 118 11.90 -12.10 4.99
C ARG D 118 11.62 -11.98 6.48
N LEU D 119 12.63 -11.62 7.27
CA LEU D 119 12.40 -11.32 8.68
C LEU D 119 11.49 -10.12 8.84
N ALA D 120 11.64 -9.12 7.96
CA ALA D 120 10.75 -7.96 7.98
C ALA D 120 9.34 -8.33 7.53
N ALA D 121 9.22 -9.28 6.60
CA ALA D 121 7.90 -9.70 6.13
C ALA D 121 7.21 -10.59 7.16
N GLY D 122 7.98 -11.43 7.84
CA GLY D 122 7.38 -12.30 8.85
C GLY D 122 6.84 -11.56 10.04
N HIS D 123 7.43 -10.40 10.36
CA HIS D 123 6.95 -9.56 11.45
C HIS D 123 6.05 -8.42 10.96
N GLY D 124 5.70 -8.41 9.67
CA GLY D 124 4.83 -7.39 9.13
C GLY D 124 5.37 -5.99 9.32
N LEU D 125 6.65 -5.79 9.01
CA LEU D 125 7.31 -4.49 9.17
C LEU D 125 8.11 -4.12 7.92
N THR D 126 7.73 -4.65 6.75
CA THR D 126 8.44 -4.37 5.52
C THR D 126 8.43 -2.89 5.14
N GLU D 127 7.46 -2.12 5.65
CA GLU D 127 7.36 -0.71 5.31
C GLU D 127 8.25 0.16 6.19
N ARG D 128 8.69 -0.34 7.34
CA ARG D 128 9.63 0.38 8.19
C ARG D 128 11.04 -0.21 8.16
N LEU D 129 11.21 -1.42 7.61
CA LEU D 129 12.51 -2.08 7.53
C LEU D 129 12.85 -2.30 6.06
N THR D 130 13.91 -1.63 5.59
CA THR D 130 14.38 -1.79 4.21
C THR D 130 15.80 -2.34 4.26
N PHE D 131 16.01 -3.47 3.58
CA PHE D 131 17.30 -4.14 3.55
C PHE D 131 17.76 -4.25 2.09
N GLU D 132 18.96 -3.72 1.81
CA GLU D 132 19.48 -3.67 0.45
C GLU D 132 20.92 -4.16 0.42
N VAL D 133 21.34 -4.68 -0.72
CA VAL D 133 22.72 -5.09 -0.95
C VAL D 133 23.47 -3.85 -1.44
N ALA D 134 24.21 -3.21 -0.54
CA ALA D 134 24.99 -2.04 -0.88
C ALA D 134 26.32 -2.10 -0.14
N ASP D 135 27.26 -1.28 -0.61
CA ASP D 135 28.57 -1.16 0.03
C ASP D 135 28.59 0.07 0.93
N ALA D 136 29.18 -0.10 2.11
CA ALA D 136 29.28 1.01 3.06
C ALA D 136 30.32 2.05 2.64
N MET D 137 31.29 1.66 1.82
CA MET D 137 32.27 2.59 1.28
C MET D 137 31.77 3.32 0.03
N ARG D 138 30.64 2.89 -0.52
CA ARG D 138 29.98 3.55 -1.65
C ARG D 138 28.46 3.50 -1.44
N LEU D 139 27.99 4.11 -0.36
CA LEU D 139 26.57 4.09 -0.06
C LEU D 139 25.79 4.78 -1.17
N PRO D 140 24.65 4.24 -1.57
CA PRO D 140 23.86 4.88 -2.63
C PRO D 140 22.94 6.00 -2.15
N TYR D 141 22.64 6.05 -0.86
CA TYR D 141 21.72 7.06 -0.35
C TYR D 141 22.36 8.44 -0.38
N GLU D 142 21.51 9.47 -0.36
CA GLU D 142 21.95 10.83 -0.58
C GLU D 142 22.33 11.51 0.74
N ASP D 143 22.83 12.74 0.63
CA ASP D 143 23.38 13.45 1.78
C ASP D 143 22.30 13.79 2.80
N GLU D 144 22.63 13.61 4.08
CA GLU D 144 21.78 13.99 5.20
C GLU D 144 20.44 13.26 5.15
N SER D 145 20.51 11.95 4.91
CA SER D 145 19.31 11.12 4.76
C SER D 145 18.82 10.56 6.09
N PHE D 146 19.72 10.22 7.01
CA PHE D 146 19.38 9.48 8.21
C PHE D 146 19.62 10.31 9.45
N ASP D 147 18.81 10.05 10.49
CA ASP D 147 18.99 10.73 11.76
C ASP D 147 20.14 10.13 12.57
N CYS D 148 20.30 8.81 12.50
CA CYS D 148 21.31 8.09 13.27
C CYS D 148 21.71 6.85 12.50
N ALA D 149 22.81 6.24 12.92
CA ALA D 149 23.29 5.02 12.28
C ALA D 149 24.09 4.22 13.29
N TRP D 150 24.38 2.97 12.94
CA TRP D 150 25.29 2.19 13.76
C TRP D 150 25.94 1.11 12.91
N ALA D 151 27.21 0.83 13.22
CA ALA D 151 28.01 -0.21 12.55
C ALA D 151 28.40 -1.21 13.62
N ILE D 152 27.65 -2.29 13.73
CA ILE D 152 27.81 -3.25 14.81
C ILE D 152 28.76 -4.35 14.34
N GLU D 153 30.04 -4.20 14.69
CA GLU D 153 31.07 -5.22 14.43
C GLU D 153 31.21 -5.53 12.95
N SER D 154 31.12 -4.48 12.12
CA SER D 154 31.26 -4.63 10.68
C SER D 154 32.43 -3.86 10.10
N LEU D 155 32.97 -2.87 10.81
CA LEU D 155 34.05 -2.04 10.27
C LEU D 155 35.31 -2.84 9.97
N CYS D 156 35.45 -4.05 10.55
CA CYS D 156 36.62 -4.87 10.25
C CYS D 156 36.56 -5.51 8.88
N HIS D 157 35.51 -5.29 8.10
CA HIS D 157 35.45 -5.80 6.74
C HIS D 157 35.69 -4.72 5.70
N MET D 158 35.82 -3.46 6.11
CA MET D 158 35.83 -2.33 5.19
C MET D 158 37.05 -1.44 5.44
N ASP D 159 37.27 -0.52 4.49
CA ASP D 159 38.18 0.59 4.72
C ASP D 159 37.51 1.56 5.69
N ARG D 160 38.05 1.64 6.90
CA ARG D 160 37.38 2.41 7.95
C ARG D 160 37.32 3.90 7.62
N ALA D 161 38.34 4.45 6.95
CA ALA D 161 38.29 5.84 6.53
C ALA D 161 37.14 6.08 5.55
N LYS D 162 36.95 5.16 4.59
CA LYS D 162 35.92 5.35 3.58
C LYS D 162 34.53 5.13 4.16
N ALA D 163 34.33 4.03 4.90
CA ALA D 163 33.03 3.75 5.49
C ALA D 163 32.59 4.88 6.41
N LEU D 164 33.48 5.35 7.28
CA LEU D 164 33.13 6.42 8.20
C LEU D 164 32.79 7.72 7.47
N GLY D 165 33.64 8.12 6.52
CA GLY D 165 33.33 9.29 5.72
C GLY D 165 32.01 9.15 4.98
N GLU D 166 31.69 7.93 4.54
CA GLU D 166 30.41 7.68 3.87
C GLU D 166 29.26 7.67 4.86
N ALA D 167 29.50 7.20 6.09
CA ALA D 167 28.48 7.31 7.13
C ALA D 167 28.26 8.77 7.53
N TRP D 168 29.34 9.55 7.61
CA TRP D 168 29.24 10.97 7.92
C TRP D 168 28.39 11.69 6.88
N ARG D 169 28.59 11.37 5.61
CA ARG D 169 27.91 12.08 4.53
C ARG D 169 26.41 11.84 4.57
N VAL D 170 25.99 10.61 4.84
CA VAL D 170 24.57 10.26 4.79
C VAL D 170 23.83 10.60 6.06
N LEU D 171 24.53 11.03 7.10
CA LEU D 171 23.90 11.40 8.36
C LEU D 171 23.45 12.86 8.32
N LYS D 172 22.34 13.13 9.00
CA LYS D 172 21.94 14.52 9.21
C LYS D 172 22.88 15.16 10.23
N PRO D 173 23.22 16.45 10.05
CA PRO D 173 24.09 17.12 11.01
C PRO D 173 23.48 17.12 12.40
N GLY D 174 24.26 16.67 13.38
CA GLY D 174 23.79 16.52 14.73
C GLY D 174 23.35 15.11 15.09
N GLY D 175 23.35 14.18 14.14
CA GLY D 175 23.02 12.81 14.44
C GLY D 175 24.22 12.04 14.96
N ASP D 176 23.95 10.85 15.47
CA ASP D 176 24.96 10.03 16.13
C ASP D 176 25.14 8.71 15.42
N LEU D 177 26.38 8.24 15.36
CA LEU D 177 26.74 6.96 14.80
C LEU D 177 27.35 6.10 15.90
N LEU D 178 26.70 4.97 16.19
CA LEU D 178 27.22 4.02 17.18
C LEU D 178 28.14 3.04 16.47
N VAL D 179 29.33 2.82 17.04
CA VAL D 179 30.38 2.03 16.40
C VAL D 179 30.87 0.99 17.39
N LEU D 180 30.95 -0.26 16.95
CA LEU D 180 31.45 -1.37 17.75
C LEU D 180 32.68 -1.94 17.02
N GLU D 181 33.86 -1.53 17.47
CA GLU D 181 35.09 -1.71 16.72
C GLU D 181 36.19 -2.29 17.62
N SER D 182 37.13 -3.00 17.01
CA SER D 182 38.30 -3.52 17.70
C SER D 182 39.53 -2.68 17.41
N VAL D 183 40.52 -2.79 18.28
CA VAL D 183 41.74 -1.98 18.22
C VAL D 183 42.88 -2.83 18.75
N VAL D 184 44.05 -2.73 18.10
CA VAL D 184 45.23 -3.44 18.58
C VAL D 184 45.90 -2.63 19.68
N THR D 185 46.54 -3.34 20.61
CA THR D 185 47.39 -2.72 21.61
C THR D 185 48.86 -3.10 21.45
N GLU D 186 49.16 -4.21 20.75
CA GLU D 186 50.52 -4.55 20.40
C GLU D 186 50.77 -4.26 18.93
N GLU D 187 51.70 -4.97 18.30
CA GLU D 187 52.07 -4.70 16.90
C GLU D 187 51.48 -5.70 15.91
N LEU D 188 51.20 -6.93 16.37
CA LEU D 188 50.72 -8.04 15.55
C LEU D 188 51.81 -8.58 14.63
N THR D 189 52.08 -9.88 14.74
CA THR D 189 52.95 -10.56 13.80
C THR D 189 52.19 -10.85 12.51
N GLU D 190 52.94 -11.16 11.45
CA GLU D 190 52.35 -11.39 10.14
C GLU D 190 51.49 -12.66 10.12
N PRO D 191 51.85 -13.72 10.85
CA PRO D 191 50.92 -14.86 10.92
C PRO D 191 49.58 -14.49 11.54
N GLU D 192 49.59 -13.61 12.55
CA GLU D 192 48.33 -13.20 13.16
C GLU D 192 47.51 -12.34 12.21
N THR D 193 48.15 -11.37 11.55
CA THR D 193 47.45 -10.55 10.57
C THR D 193 46.81 -11.41 9.49
N ALA D 194 47.48 -12.50 9.11
CA ALA D 194 46.89 -13.42 8.15
C ALA D 194 45.71 -14.18 8.75
N LEU D 195 45.81 -14.54 10.03
CA LEU D 195 44.72 -15.25 10.68
C LEU D 195 43.42 -14.45 10.64
N PHE D 196 43.50 -13.13 10.71
CA PHE D 196 42.33 -12.29 10.50
C PHE D 196 41.69 -12.59 9.15
N GLU D 197 42.52 -12.78 8.12
CA GLU D 197 42.02 -12.96 6.76
C GLU D 197 41.46 -14.36 6.53
N THR D 198 42.15 -15.39 7.03
CA THR D 198 41.76 -16.76 6.73
C THR D 198 40.59 -17.23 7.60
N LEU D 199 40.49 -16.76 8.85
CA LEU D 199 39.43 -17.21 9.73
C LEU D 199 38.15 -16.41 9.48
N TYR D 200 38.22 -15.09 9.65
CA TYR D 200 37.07 -14.22 9.39
C TYR D 200 37.24 -13.59 8.02
N ALA D 201 36.86 -12.33 7.88
CA ALA D 201 37.12 -11.57 6.66
C ALA D 201 38.01 -10.36 6.94
N ALA D 202 39.03 -10.58 7.77
CA ALA D 202 40.27 -9.81 7.71
C ALA D 202 40.21 -8.38 8.21
N ASN D 203 41.01 -7.53 7.56
CA ASN D 203 41.37 -6.18 8.00
C ASN D 203 41.83 -6.19 9.44
N VAL D 204 43.14 -6.18 9.64
CA VAL D 204 43.67 -6.12 11.01
C VAL D 204 43.18 -4.84 11.69
N PRO D 205 42.90 -4.85 13.00
CA PRO D 205 42.35 -3.66 13.62
C PRO D 205 43.40 -2.57 13.74
N PRO D 206 43.00 -1.31 13.64
CA PRO D 206 43.99 -0.23 13.72
C PRO D 206 44.39 0.04 15.16
N ARG D 207 45.15 1.11 15.37
CA ARG D 207 45.52 1.53 16.71
C ARG D 207 44.55 2.61 17.19
N LEU D 208 44.49 2.77 18.52
CA LEU D 208 43.54 3.69 19.14
C LEU D 208 43.65 5.09 18.56
N GLY D 209 44.85 5.68 18.63
CA GLY D 209 45.03 7.02 18.08
C GLY D 209 44.86 7.05 16.58
N GLU D 210 45.25 5.97 15.90
CA GLU D 210 45.02 5.88 14.47
C GLU D 210 43.53 5.87 14.15
N PHE D 211 42.76 5.06 14.89
CA PHE D 211 41.32 4.99 14.67
C PHE D 211 40.66 6.35 14.89
N PHE D 212 41.09 7.09 15.91
CA PHE D 212 40.47 8.37 16.20
C PHE D 212 41.01 9.50 15.34
N ASP D 213 42.21 9.34 14.76
CA ASP D 213 42.60 10.24 13.68
C ASP D 213 41.73 10.02 12.44
N ILE D 214 41.32 8.76 12.19
CA ILE D 214 40.34 8.49 11.13
C ILE D 214 38.99 9.10 11.49
N VAL D 215 38.54 8.87 12.72
CA VAL D 215 37.22 9.35 13.13
C VAL D 215 37.15 10.88 13.05
N SER D 216 38.20 11.56 13.51
CA SER D 216 38.27 13.00 13.35
C SER D 216 38.36 13.39 11.87
N GLY D 217 39.15 12.65 11.09
CA GLY D 217 39.32 12.97 9.69
C GLY D 217 38.06 12.82 8.86
N ALA D 218 37.16 11.91 9.26
CA ALA D 218 35.86 11.85 8.62
C ALA D 218 34.98 13.05 8.97
N GLY D 219 35.26 13.70 10.09
CA GLY D 219 34.45 14.82 10.56
C GLY D 219 33.67 14.56 11.83
N PHE D 220 33.93 13.45 12.52
CA PHE D 220 33.16 13.05 13.69
C PHE D 220 33.77 13.60 14.97
N HIS D 221 32.91 14.01 15.90
CA HIS D 221 33.30 14.21 17.28
C HIS D 221 33.11 12.89 18.03
N THR D 222 33.87 12.73 19.11
CA THR D 222 33.79 11.52 19.93
C THR D 222 33.13 11.88 21.25
N LEU D 223 32.03 11.20 21.57
CA LEU D 223 31.25 11.49 22.76
C LEU D 223 31.32 10.41 23.83
N SER D 224 31.56 9.16 23.46
CA SER D 224 31.65 8.09 24.45
C SER D 224 32.49 6.95 23.90
N LEU D 225 33.11 6.21 24.82
CA LEU D 225 33.80 4.96 24.51
C LEU D 225 33.66 4.08 25.74
N LYS D 226 33.33 2.81 25.55
CA LYS D 226 33.22 1.88 26.66
C LYS D 226 33.77 0.53 26.24
N ASP D 227 34.65 -0.01 27.07
CA ASP D 227 35.29 -1.29 26.77
C ASP D 227 34.29 -2.43 26.93
N LEU D 228 34.25 -3.30 25.93
CA LEU D 228 33.43 -4.51 25.97
C LEU D 228 34.25 -5.73 25.57
N SER D 229 35.55 -5.70 25.89
CA SER D 229 36.46 -6.74 25.43
C SER D 229 36.12 -8.09 26.04
N ALA D 230 35.74 -8.11 27.33
CA ALA D 230 35.38 -9.35 27.99
C ALA D 230 34.18 -10.02 27.30
N ASN D 231 33.28 -9.22 26.73
CA ASN D 231 32.15 -9.78 26.00
C ASN D 231 32.60 -10.46 24.71
N LEU D 232 33.46 -9.79 23.94
CA LEU D 232 33.97 -10.38 22.71
C LEU D 232 34.80 -11.63 22.98
N ALA D 233 35.51 -11.66 24.11
CA ALA D 233 36.28 -12.85 24.46
C ALA D 233 35.37 -14.01 24.84
N MET D 234 34.30 -13.74 25.59
CA MET D 234 33.37 -14.79 25.95
C MET D 234 32.60 -15.29 24.73
N THR D 235 32.15 -14.37 23.88
CA THR D 235 31.52 -14.76 22.63
C THR D 235 32.44 -15.64 21.80
N MET D 236 33.69 -15.19 21.60
CA MET D 236 34.65 -15.98 20.84
C MET D 236 34.88 -17.35 21.48
N ASN D 237 34.90 -17.40 22.81
CA ASN D 237 35.02 -18.68 23.49
C ASN D 237 33.82 -19.58 23.25
N VAL D 238 32.61 -18.99 23.29
CA VAL D 238 31.41 -19.76 22.97
C VAL D 238 31.49 -20.27 21.54
N PHE D 239 31.91 -19.42 20.62
CA PHE D 239 32.07 -19.80 19.22
C PHE D 239 33.02 -21.00 19.09
N ALA D 240 34.18 -20.93 19.75
CA ALA D 240 35.17 -21.99 19.64
C ALA D 240 34.66 -23.30 20.24
N LEU D 241 33.89 -23.22 21.34
CA LEU D 241 33.37 -24.43 21.96
C LEU D 241 32.34 -25.11 21.06
N GLY D 242 31.52 -24.32 20.36
CA GLY D 242 30.55 -24.90 19.44
C GLY D 242 31.22 -25.58 18.26
N VAL D 243 32.31 -24.99 17.76
CA VAL D 243 33.05 -25.61 16.65
C VAL D 243 33.70 -26.90 17.11
N TYR D 244 34.34 -26.88 18.28
CA TYR D 244 34.99 -28.08 18.79
C TYR D 244 33.98 -29.19 19.05
N SER D 245 32.81 -28.83 19.59
CA SER D 245 31.83 -29.83 19.98
C SER D 245 31.06 -30.41 18.79
N ARG D 246 31.02 -29.72 17.66
CA ARG D 246 30.17 -30.10 16.53
C ARG D 246 30.96 -30.07 15.22
N ARG D 247 32.15 -30.66 15.26
CA ARG D 247 32.98 -30.72 14.05
C ARG D 247 32.33 -31.55 12.97
N ALA D 248 31.75 -32.70 13.34
CA ALA D 248 31.11 -33.57 12.35
C ALA D 248 29.92 -32.88 11.70
N GLU D 249 29.13 -32.16 12.50
CA GLU D 249 27.96 -31.47 11.95
C GLU D 249 28.36 -30.37 10.97
N PHE D 250 29.43 -29.63 11.30
CA PHE D 250 29.81 -28.50 10.48
C PHE D 250 30.57 -28.91 9.22
N THR D 251 31.34 -30.00 9.28
CA THR D 251 32.05 -30.46 8.09
C THR D 251 31.09 -30.98 7.02
N GLU D 252 29.91 -31.44 7.44
CA GLU D 252 28.88 -31.89 6.49
C GLU D 252 28.07 -30.74 5.93
N ARG D 253 28.18 -29.54 6.49
CA ARG D 253 27.43 -28.37 6.05
C ARG D 253 28.29 -27.32 5.37
N PHE D 254 29.49 -27.04 5.90
CA PHE D 254 30.36 -26.02 5.33
C PHE D 254 31.59 -26.59 4.63
N GLY D 255 31.84 -27.88 4.75
CA GLY D 255 33.00 -28.48 4.13
C GLY D 255 34.16 -28.65 5.10
N ALA D 256 34.96 -29.69 4.86
CA ALA D 256 36.07 -29.98 5.76
C ALA D 256 37.11 -28.87 5.76
N GLU D 257 37.36 -28.27 4.60
CA GLU D 257 38.40 -27.24 4.48
C GLU D 257 38.13 -26.08 5.42
N PHE D 258 36.88 -25.62 5.47
CA PHE D 258 36.51 -24.49 6.32
C PHE D 258 36.65 -24.84 7.80
N VAL D 259 36.03 -25.94 8.22
CA VAL D 259 36.02 -26.31 9.64
C VAL D 259 37.44 -26.59 10.13
N ASP D 260 38.21 -27.35 9.35
CA ASP D 260 39.59 -27.63 9.73
C ASP D 260 40.39 -26.34 9.90
N GLY D 261 40.18 -25.37 9.01
CA GLY D 261 40.84 -24.09 9.16
C GLY D 261 40.48 -23.39 10.45
N LEU D 262 39.21 -23.50 10.86
CA LEU D 262 38.79 -22.94 12.14
C LEU D 262 39.42 -23.70 13.30
N LEU D 263 39.39 -25.03 13.24
CA LEU D 263 39.99 -25.84 14.29
C LEU D 263 41.47 -25.50 14.46
N ALA D 264 42.17 -25.24 13.36
CA ALA D 264 43.61 -24.99 13.41
C ALA D 264 43.94 -23.56 13.84
N GLY D 265 42.98 -22.63 13.78
CA GLY D 265 43.29 -21.23 14.00
C GLY D 265 42.69 -20.59 15.23
N LEU D 266 41.62 -21.17 15.79
CA LEU D 266 40.85 -20.48 16.82
C LEU D 266 41.65 -20.31 18.10
N GLY D 267 42.48 -21.30 18.44
CA GLY D 267 43.30 -21.19 19.64
C GLY D 267 44.27 -20.03 19.55
N SER D 268 44.95 -19.91 18.41
CA SER D 268 45.88 -18.80 18.21
C SER D 268 45.14 -17.47 18.11
N ALA D 269 43.97 -17.46 17.46
CA ALA D 269 43.18 -16.25 17.39
C ALA D 269 42.65 -15.83 18.76
N GLN D 270 42.33 -16.81 19.62
CA GLN D 270 41.86 -16.50 20.96
C GLN D 270 42.94 -15.81 21.79
N GLU D 271 44.18 -16.31 21.70
CA GLU D 271 45.28 -15.70 22.45
C GLU D 271 45.60 -14.30 21.90
N THR D 272 45.60 -14.15 20.58
CA THR D 272 45.87 -12.85 19.97
C THR D 272 44.80 -11.83 20.38
N LEU D 273 43.54 -12.25 20.42
CA LEU D 273 42.47 -11.35 20.84
C LEU D 273 42.62 -10.96 22.31
N ILE D 274 42.94 -11.92 23.17
CA ILE D 274 43.06 -11.65 24.60
C ILE D 274 44.17 -10.64 24.88
N ARG D 275 45.35 -10.87 24.30
CA ARG D 275 46.55 -10.15 24.72
C ARG D 275 46.89 -8.95 23.85
N LYS D 276 46.39 -8.88 22.62
CA LYS D 276 46.82 -7.82 21.71
C LYS D 276 45.71 -6.90 21.22
N THR D 277 44.44 -7.15 21.55
CA THR D 277 43.34 -6.34 21.06
C THR D 277 42.39 -5.95 22.18
N ARG D 278 41.65 -4.86 21.95
CA ARG D 278 40.53 -4.48 22.78
C ARG D 278 39.33 -4.17 21.89
N PHE D 279 38.14 -4.21 22.48
CA PHE D 279 36.88 -4.08 21.77
C PHE D 279 36.01 -3.09 22.53
N PHE D 280 35.53 -2.05 21.84
CA PHE D 280 34.77 -1.01 22.50
C PHE D 280 33.55 -0.60 21.69
N MET D 281 32.64 0.09 22.37
CA MET D 281 31.48 0.74 21.79
C MET D 281 31.66 2.24 21.91
N ALA D 282 31.72 2.94 20.78
CA ALA D 282 31.93 4.38 20.77
C ALA D 282 30.74 5.09 20.15
N THR D 283 30.50 6.31 20.60
CA THR D 283 29.42 7.15 20.09
C THR D 283 30.06 8.35 19.40
N LEU D 284 29.90 8.43 18.08
CA LEU D 284 30.48 9.49 17.26
C LEU D 284 29.37 10.40 16.77
N ARG D 285 29.53 11.70 16.99
CA ARG D 285 28.54 12.66 16.53
C ARG D 285 29.07 13.41 15.31
N LYS D 286 28.24 13.49 14.27
CA LYS D 286 28.42 14.50 13.24
C LYS D 286 27.99 15.85 13.80
N PRO D 287 28.84 16.88 13.72
CA PRO D 287 28.52 18.17 14.36
C PRO D 287 27.23 18.78 13.82
N ALA D 288 26.81 19.85 14.49
CA ALA D 288 25.51 20.45 14.28
C ALA D 288 25.62 21.76 13.50
N VAL D 289 24.57 22.59 13.59
CA VAL D 289 24.37 23.75 12.73
C VAL D 289 25.20 24.94 13.19
N LEU D 290 24.87 26.12 12.67
CA LEU D 290 25.49 27.39 13.05
C LEU D 290 27.00 27.36 12.81
N GLN E 11 -13.40 -31.50 48.27
CA GLN E 11 -14.48 -31.62 49.23
C GLN E 11 -15.66 -30.72 48.85
N VAL E 12 -15.47 -29.94 47.78
CA VAL E 12 -16.54 -29.14 47.19
C VAL E 12 -16.43 -29.23 45.68
N THR E 13 -17.52 -28.91 45.00
CA THR E 13 -17.62 -29.03 43.55
C THR E 13 -17.80 -27.66 42.91
N ALA E 14 -17.73 -27.66 41.58
CA ALA E 14 -17.83 -26.42 40.81
C ALA E 14 -19.22 -25.82 40.92
N ASP E 15 -20.26 -26.61 40.60
CA ASP E 15 -21.64 -26.16 40.71
C ASP E 15 -22.04 -26.00 42.17
N GLU E 16 -21.26 -25.22 42.91
CA GLU E 16 -21.39 -25.12 44.36
C GLU E 16 -20.54 -23.95 44.82
N VAL E 17 -19.33 -23.85 44.25
CA VAL E 17 -18.52 -22.64 44.39
C VAL E 17 -19.10 -21.50 43.56
N GLY E 18 -19.49 -21.79 42.32
CA GLY E 18 -20.14 -20.76 41.52
C GLY E 18 -21.44 -20.27 42.14
N ASP E 19 -22.21 -21.20 42.72
CA ASP E 19 -23.39 -20.81 43.48
C ASP E 19 -23.01 -19.84 44.60
N TRP E 20 -21.91 -20.13 45.29
CA TRP E 20 -21.47 -19.30 46.42
C TRP E 20 -21.13 -17.88 45.96
N TYR E 21 -20.37 -17.76 44.86
CA TYR E 21 -19.99 -16.44 44.37
C TYR E 21 -21.16 -15.72 43.73
N ASP E 22 -22.13 -16.46 43.17
CA ASP E 22 -23.32 -15.82 42.64
C ASP E 22 -24.09 -15.08 43.73
N LYS E 23 -23.94 -15.52 44.98
CA LYS E 23 -24.65 -14.92 46.10
C LYS E 23 -23.81 -13.93 46.89
N PHE E 24 -22.51 -14.19 47.06
CA PHE E 24 -21.71 -13.45 48.02
C PHE E 24 -20.46 -12.79 47.47
N GLY E 25 -20.10 -13.01 46.20
CA GLY E 25 -18.93 -12.39 45.59
C GLY E 25 -18.89 -10.89 45.81
N GLU E 26 -20.06 -10.30 45.99
CA GLU E 26 -20.16 -8.87 46.23
C GLU E 26 -19.57 -8.47 47.57
N VAL E 27 -19.57 -9.37 48.56
CA VAL E 27 -18.98 -9.02 49.85
C VAL E 27 -17.46 -8.89 49.73
N TYR E 28 -16.84 -9.65 48.82
CA TYR E 28 -15.42 -9.47 48.57
C TYR E 28 -15.15 -8.10 47.95
N HIS E 29 -16.03 -7.65 47.06
CA HIS E 29 -15.87 -6.34 46.45
C HIS E 29 -16.23 -5.24 47.44
N LEU E 30 -17.18 -5.49 48.33
CA LEU E 30 -17.56 -4.46 49.29
C LEU E 30 -16.45 -4.22 50.32
N THR E 31 -15.63 -5.22 50.60
CA THR E 31 -14.61 -5.10 51.63
C THR E 31 -13.21 -4.86 51.08
N LEU E 32 -12.82 -5.57 50.01
CA LEU E 32 -11.44 -5.57 49.57
C LEU E 32 -11.16 -4.69 48.34
N GLY E 33 -12.11 -4.50 47.45
CA GLY E 33 -11.94 -3.52 46.41
C GLY E 33 -12.55 -4.03 45.13
N GLU E 34 -12.02 -3.54 44.01
CA GLU E 34 -12.52 -3.85 42.68
C GLU E 34 -12.00 -5.16 42.13
N SER E 35 -11.26 -5.92 42.94
CA SER E 35 -10.79 -7.24 42.58
C SER E 35 -11.17 -8.22 43.69
N VAL E 36 -10.90 -9.50 43.45
CA VAL E 36 -11.14 -10.52 44.47
C VAL E 36 -9.84 -11.23 44.78
N HIS E 37 -8.80 -10.47 45.15
CA HIS E 37 -7.54 -11.08 45.54
C HIS E 37 -6.87 -10.19 46.59
N CYS E 38 -5.64 -10.55 46.93
CA CYS E 38 -4.94 -9.89 48.01
C CYS E 38 -4.51 -8.49 47.62
N GLY E 39 -4.23 -7.67 48.63
CA GLY E 39 -3.56 -6.41 48.41
C GLY E 39 -2.07 -6.59 48.64
N LEU E 40 -1.28 -5.85 47.87
CA LEU E 40 0.16 -5.80 48.10
C LEU E 40 0.38 -4.79 49.21
N TRP E 41 0.30 -5.28 50.46
CA TRP E 41 0.49 -4.44 51.63
C TRP E 41 1.96 -4.33 52.03
N PHE E 42 2.79 -5.30 51.66
CA PHE E 42 4.21 -5.28 51.96
C PHE E 42 4.98 -5.37 50.66
N PRO E 43 5.86 -4.41 50.37
CA PRO E 43 6.52 -4.39 49.07
C PRO E 43 7.32 -5.65 48.85
N PRO E 44 7.46 -6.08 47.59
CA PRO E 44 8.08 -7.39 47.31
C PRO E 44 9.51 -7.54 47.81
N ASP E 45 10.23 -6.45 48.04
CA ASP E 45 11.60 -6.54 48.53
C ASP E 45 11.70 -6.55 50.04
N ALA E 46 10.58 -6.44 50.75
CA ALA E 46 10.59 -6.48 52.21
C ALA E 46 10.76 -7.92 52.69
N PRO E 47 11.31 -8.11 53.88
CA PRO E 47 11.51 -9.46 54.41
C PRO E 47 10.24 -10.07 54.98
N VAL E 48 10.24 -11.40 55.04
CA VAL E 48 9.14 -12.12 55.67
C VAL E 48 9.15 -11.84 57.16
N PRO E 49 8.02 -11.45 57.76
CA PRO E 49 8.01 -11.17 59.20
C PRO E 49 8.29 -12.43 60.01
N GLN E 50 8.58 -12.21 61.30
CA GLN E 50 8.85 -13.34 62.18
C GLN E 50 7.59 -14.16 62.44
N ASP E 51 6.45 -13.49 62.53
CA ASP E 51 5.15 -14.14 62.64
C ASP E 51 4.15 -13.35 61.83
N MET E 52 2.89 -13.78 61.87
CA MET E 52 1.84 -13.11 61.12
C MET E 52 0.84 -12.40 62.04
N GLU E 53 1.19 -12.21 63.31
CA GLU E 53 0.35 -11.42 64.20
C GLU E 53 0.21 -10.00 63.67
N LEU E 54 -0.97 -9.41 63.89
CA LEU E 54 -1.23 -8.08 63.35
C LEU E 54 -0.24 -7.05 63.88
N VAL E 55 0.13 -7.17 65.15
CA VAL E 55 1.04 -6.19 65.75
C VAL E 55 2.42 -6.25 65.12
N THR E 56 2.84 -7.44 64.68
CA THR E 56 4.17 -7.56 64.08
C THR E 56 4.22 -6.94 62.69
N MET E 57 3.34 -7.42 61.80
CA MET E 57 3.25 -6.84 60.46
C MET E 57 3.13 -5.33 60.52
N SER E 58 2.38 -4.82 61.50
CA SER E 58 2.29 -3.38 61.69
C SER E 58 3.63 -2.80 62.14
N SER E 59 4.38 -3.53 62.96
CA SER E 59 5.68 -3.03 63.42
C SER E 59 6.66 -2.93 62.26
N GLN E 60 6.70 -3.96 61.41
CA GLN E 60 7.57 -3.93 60.25
C GLN E 60 7.23 -2.73 59.36
N ALA E 61 5.94 -2.47 59.16
CA ALA E 61 5.54 -1.26 58.45
C ALA E 61 6.00 -0.01 59.20
N GLN E 62 5.98 -0.05 60.54
CA GLN E 62 6.46 1.08 61.33
C GLN E 62 7.95 1.29 61.14
N ASP E 63 8.72 0.19 61.07
CA ASP E 63 10.16 0.32 60.86
C ASP E 63 10.47 0.82 59.46
N ARG E 64 9.75 0.31 58.45
CA ARG E 64 9.90 0.84 57.10
C ARG E 64 9.47 2.29 57.02
N TYR E 65 8.49 2.68 57.84
CA TYR E 65 8.13 4.09 57.98
C TYR E 65 9.30 4.89 58.55
N THR E 66 9.92 4.38 59.61
CA THR E 66 11.10 5.03 60.18
C THR E 66 12.20 5.19 59.15
N ASP E 67 12.50 4.11 58.42
CA ASP E 67 13.52 4.17 57.37
C ASP E 67 13.25 5.31 56.39
N TYR E 68 11.99 5.46 55.99
CA TYR E 68 11.64 6.50 55.03
C TYR E 68 11.91 7.89 55.59
N LEU E 69 11.60 8.09 56.88
CA LEU E 69 11.88 9.38 57.52
C LEU E 69 13.38 9.63 57.60
N ILE E 70 14.16 8.60 57.92
CA ILE E 70 15.62 8.72 57.93
C ILE E 70 16.11 9.13 56.55
N GLU E 71 15.64 8.45 55.51
CA GLU E 71 16.01 8.78 54.14
C GLU E 71 15.62 10.21 53.77
N THR E 72 14.51 10.71 54.33
CA THR E 72 14.00 12.02 53.95
C THR E 72 14.79 13.15 54.58
N LEU E 73 14.89 13.15 55.92
CA LEU E 73 15.67 14.18 56.59
C LEU E 73 17.15 14.11 56.21
N ASP E 74 17.66 12.89 56.00
CA ASP E 74 19.05 12.64 55.62
C ASP E 74 20.02 13.21 56.65
N PRO E 75 20.03 12.71 57.88
CA PRO E 75 21.05 13.16 58.84
C PRO E 75 22.39 12.53 58.51
N LYS E 76 23.45 13.32 58.65
CA LYS E 76 24.79 12.91 58.24
C LYS E 76 25.64 12.52 59.45
N ALA E 77 26.65 11.70 59.18
CA ALA E 77 27.48 11.13 60.23
C ALA E 77 28.11 12.22 61.08
N GLY E 78 27.98 12.09 62.41
CA GLY E 78 28.54 13.04 63.34
C GLY E 78 27.61 14.15 63.79
N GLN E 79 26.38 14.18 63.28
CA GLN E 79 25.45 15.25 63.60
C GLN E 79 24.66 14.94 64.85
N HIS E 80 23.99 15.96 65.37
CA HIS E 80 23.14 15.84 66.56
C HIS E 80 21.70 16.10 66.16
N LEU E 81 20.83 15.14 66.48
CA LEU E 81 19.43 15.17 66.08
C LEU E 81 18.56 15.27 67.33
N LEU E 82 17.57 16.15 67.29
CA LEU E 82 16.62 16.33 68.37
C LEU E 82 15.30 15.64 67.99
N ASP E 83 14.86 14.71 68.82
CA ASP E 83 13.62 13.99 68.59
C ASP E 83 12.54 14.61 69.48
N ILE E 84 11.83 15.59 68.92
CA ILE E 84 10.78 16.30 69.63
C ILE E 84 9.58 15.38 69.82
N GLY E 85 9.40 14.88 71.04
CA GLY E 85 8.36 13.92 71.32
C GLY E 85 8.75 12.51 70.92
N CYS E 86 9.83 12.00 71.52
CA CYS E 86 10.54 10.81 71.06
C CYS E 86 9.85 9.49 71.43
N GLY E 87 8.77 9.53 72.21
CA GLY E 87 8.10 8.30 72.58
C GLY E 87 9.02 7.39 73.38
N THR E 88 9.11 6.13 72.95
CA THR E 88 9.96 5.14 73.59
C THR E 88 11.27 4.90 72.84
N GLY E 89 11.56 5.71 71.82
CA GLY E 89 12.91 5.89 71.33
C GLY E 89 13.39 4.93 70.25
N ARG E 90 12.53 4.05 69.73
CA ARG E 90 13.00 3.16 68.67
C ARG E 90 13.36 3.93 67.41
N THR E 91 12.63 5.01 67.12
CA THR E 91 13.00 5.85 65.98
C THR E 91 14.39 6.45 66.16
N ALA E 92 14.70 6.90 67.39
CA ALA E 92 16.03 7.41 67.68
C ALA E 92 17.09 6.32 67.52
N LEU E 93 16.78 5.11 67.96
CA LEU E 93 17.75 4.01 67.86
C LEU E 93 18.12 3.73 66.42
N LYS E 94 17.11 3.55 65.55
CA LYS E 94 17.40 3.24 64.14
C LYS E 94 18.19 4.36 63.48
N ALA E 95 17.85 5.61 63.76
CA ALA E 95 18.57 6.73 63.16
C ALA E 95 20.02 6.73 63.58
N ALA E 96 20.30 6.46 64.86
CA ALA E 96 21.67 6.43 65.34
C ALA E 96 22.46 5.29 64.71
N ARG E 97 21.85 4.10 64.62
CA ARG E 97 22.57 2.95 64.10
C ARG E 97 22.84 3.08 62.60
N GLN E 98 21.92 3.72 61.87
CA GLN E 98 22.00 3.74 60.42
C GLN E 98 22.80 4.90 59.86
N ARG E 99 22.91 6.01 60.60
CA ARG E 99 23.59 7.21 60.10
C ARG E 99 24.78 7.63 60.94
N GLY E 100 25.09 6.90 62.01
CA GLY E 100 26.20 7.24 62.88
C GLY E 100 26.08 8.63 63.46
N ILE E 101 24.93 8.92 64.08
CA ILE E 101 24.63 10.24 64.61
C ILE E 101 24.36 10.12 66.11
N ALA E 102 24.27 11.27 66.76
CA ALA E 102 23.80 11.39 68.13
C ALA E 102 22.36 11.88 68.10
N VAL E 103 21.55 11.35 69.01
CA VAL E 103 20.13 11.70 69.07
C VAL E 103 19.76 12.00 70.51
N THR E 104 19.23 13.19 70.73
CA THR E 104 18.67 13.59 72.03
C THR E 104 17.17 13.75 71.88
N GLY E 105 16.41 12.94 72.60
CA GLY E 105 14.96 12.94 72.49
C GLY E 105 14.30 13.39 73.77
N VAL E 106 13.24 14.20 73.64
CA VAL E 106 12.50 14.70 74.78
C VAL E 106 11.05 14.25 74.67
N ALA E 107 10.41 14.07 75.81
CA ALA E 107 9.01 13.69 75.89
C ALA E 107 8.52 14.00 77.30
N VAL E 108 7.22 14.20 77.42
CA VAL E 108 6.64 14.66 78.69
C VAL E 108 6.18 13.46 79.52
N SER E 109 6.49 12.25 79.06
CA SER E 109 6.07 11.02 79.72
C SER E 109 7.29 10.38 80.38
N LYS E 110 7.24 10.23 81.70
CA LYS E 110 8.36 9.63 82.43
C LYS E 110 8.49 8.15 82.11
N GLU E 111 7.36 7.46 81.91
CA GLU E 111 7.41 6.04 81.57
C GLU E 111 8.08 5.82 80.22
N GLN E 112 7.81 6.70 79.25
CA GLN E 112 8.40 6.54 77.92
C GLN E 112 9.91 6.80 77.95
N ILE E 113 10.32 7.87 78.64
CA ILE E 113 11.75 8.20 78.69
C ILE E 113 12.53 7.11 79.41
N ALA E 114 11.96 6.57 80.49
CA ALA E 114 12.57 5.41 81.14
C ALA E 114 12.72 4.25 80.16
N ALA E 115 11.67 3.98 79.37
CA ALA E 115 11.74 2.91 78.38
C ALA E 115 12.76 3.22 77.27
N ALA E 116 12.99 4.50 76.98
CA ALA E 116 13.91 4.87 75.90
C ALA E 116 15.36 4.79 76.35
N ASN E 117 15.67 5.27 77.56
CA ASN E 117 17.01 5.07 78.10
C ASN E 117 17.29 3.60 78.35
N ARG E 118 16.26 2.85 78.80
CA ARG E 118 16.38 1.41 78.92
C ARG E 118 16.72 0.77 77.57
N LEU E 119 16.07 1.23 76.50
CA LEU E 119 16.37 0.72 75.17
C LEU E 119 17.78 1.11 74.72
N ALA E 120 18.21 2.34 75.03
CA ALA E 120 19.55 2.77 74.68
C ALA E 120 20.61 1.95 75.41
N ALA E 121 20.37 1.65 76.69
CA ALA E 121 21.32 0.84 77.46
C ALA E 121 21.40 -0.58 76.91
N GLY E 122 20.25 -1.16 76.54
CA GLY E 122 20.25 -2.52 76.03
C GLY E 122 21.00 -2.69 74.73
N HIS E 123 21.11 -1.61 73.95
CA HIS E 123 21.83 -1.64 72.68
C HIS E 123 23.24 -1.08 72.80
N GLY E 124 23.66 -0.66 73.99
CA GLY E 124 25.00 -0.10 74.15
C GLY E 124 25.22 1.20 73.42
N LEU E 125 24.25 2.11 73.46
CA LEU E 125 24.35 3.40 72.76
C LEU E 125 23.93 4.54 73.67
N THR E 126 24.13 4.38 74.99
CA THR E 126 23.81 5.45 75.93
C THR E 126 24.70 6.68 75.75
N GLU E 127 25.83 6.55 75.05
CA GLU E 127 26.69 7.69 74.76
C GLU E 127 26.24 8.49 73.54
N ARG E 128 25.46 7.88 72.65
CA ARG E 128 24.93 8.56 71.47
C ARG E 128 23.42 8.72 71.51
N LEU E 129 22.76 8.23 72.57
CA LEU E 129 21.31 8.34 72.71
C LEU E 129 21.00 8.93 74.08
N THR E 130 20.51 10.17 74.10
CA THR E 130 20.12 10.85 75.34
C THR E 130 18.61 11.07 75.32
N PHE E 131 17.94 10.63 76.39
CA PHE E 131 16.50 10.77 76.50
C PHE E 131 16.17 11.47 77.80
N GLU E 132 15.38 12.55 77.72
CA GLU E 132 15.07 13.38 78.87
C GLU E 132 13.59 13.71 78.91
N VAL E 133 13.09 13.95 80.13
CA VAL E 133 11.73 14.44 80.33
C VAL E 133 11.77 15.95 80.20
N ALA E 134 11.14 16.48 79.15
CA ALA E 134 11.08 17.92 78.92
C ALA E 134 9.87 18.23 78.07
N ASP E 135 9.51 19.51 78.02
CA ASP E 135 8.38 19.99 77.23
C ASP E 135 8.91 20.76 76.03
N ALA E 136 8.43 20.38 74.84
CA ALA E 136 8.92 20.97 73.60
C ALA E 136 8.51 22.43 73.45
N MET E 137 7.45 22.86 74.13
CA MET E 137 7.12 24.28 74.17
C MET E 137 8.04 25.06 75.09
N ARG E 138 8.84 24.37 75.91
CA ARG E 138 9.80 24.99 76.82
C ARG E 138 11.09 24.17 76.79
N LEU E 139 11.72 24.10 75.63
CA LEU E 139 12.95 23.34 75.51
C LEU E 139 14.04 24.00 76.35
N PRO E 140 14.69 23.28 77.25
CA PRO E 140 15.74 23.87 78.09
C PRO E 140 17.09 23.98 77.39
N TYR E 141 17.18 23.59 76.12
CA TYR E 141 18.44 23.50 75.42
C TYR E 141 18.93 24.87 74.95
N GLU E 142 20.24 24.93 74.70
CA GLU E 142 20.89 26.17 74.29
C GLU E 142 20.50 26.53 72.86
N ASP E 143 20.66 27.80 72.52
CA ASP E 143 20.44 28.26 71.16
C ASP E 143 21.46 27.61 70.22
N GLU E 144 20.97 27.08 69.10
CA GLU E 144 21.80 26.51 68.05
C GLU E 144 22.65 25.36 68.59
N SER E 145 21.96 24.37 69.15
CA SER E 145 22.61 23.20 69.71
C SER E 145 22.53 21.97 68.81
N PHE E 146 21.57 21.90 67.90
CA PHE E 146 21.31 20.71 67.11
C PHE E 146 21.44 21.00 65.62
N ASP E 147 21.91 20.00 64.88
CA ASP E 147 22.04 20.13 63.42
C ASP E 147 20.70 19.91 62.72
N CYS E 148 19.90 18.96 63.19
CA CYS E 148 18.62 18.64 62.58
C CYS E 148 17.67 18.18 63.67
N ALA E 149 16.40 18.03 63.32
CA ALA E 149 15.38 17.67 64.29
C ALA E 149 14.18 17.09 63.56
N TRP E 150 13.33 16.38 64.31
CA TRP E 150 12.07 15.91 63.77
C TRP E 150 11.03 15.76 64.86
N ALA E 151 9.79 16.11 64.53
CA ALA E 151 8.63 15.96 65.42
C ALA E 151 7.69 14.97 64.76
N ILE E 152 7.75 13.72 65.19
CA ILE E 152 7.03 12.63 64.54
C ILE E 152 5.67 12.45 65.23
N GLU E 153 4.63 13.05 64.66
CA GLU E 153 3.25 12.85 65.08
C GLU E 153 3.02 13.30 66.53
N SER E 154 3.83 14.25 67.00
CA SER E 154 3.73 14.74 68.37
C SER E 154 3.12 16.13 68.47
N LEU E 155 3.09 16.88 67.37
CA LEU E 155 2.65 18.28 67.41
C LEU E 155 1.17 18.44 67.73
N CYS E 156 0.38 17.37 67.68
CA CYS E 156 -1.01 17.47 68.08
C CYS E 156 -1.19 17.46 69.59
N HIS E 157 -0.13 17.26 70.36
CA HIS E 157 -0.18 17.37 71.81
C HIS E 157 0.24 18.75 72.30
N MET E 158 0.61 19.66 71.40
CA MET E 158 1.30 20.88 71.79
C MET E 158 0.60 22.11 71.23
N ASP E 159 1.04 23.27 71.70
CA ASP E 159 0.83 24.54 71.01
C ASP E 159 1.86 24.60 69.89
N ARG E 160 1.39 24.51 68.64
CA ARG E 160 2.32 24.40 67.52
C ARG E 160 3.13 25.67 67.32
N ALA E 161 2.60 26.83 67.71
CA ALA E 161 3.37 28.06 67.62
C ALA E 161 4.53 28.07 68.61
N LYS E 162 4.27 27.68 69.86
CA LYS E 162 5.34 27.64 70.86
C LYS E 162 6.33 26.52 70.55
N ALA E 163 5.86 25.39 70.05
CA ALA E 163 6.76 24.26 69.78
C ALA E 163 7.68 24.55 68.61
N LEU E 164 7.15 25.15 67.53
CA LEU E 164 7.95 25.40 66.34
C LEU E 164 8.94 26.55 66.54
N GLY E 165 8.53 27.62 67.23
CA GLY E 165 9.48 28.66 67.58
C GLY E 165 10.59 28.14 68.47
N GLU E 166 10.25 27.24 69.39
CA GLU E 166 11.25 26.67 70.28
C GLU E 166 12.14 25.68 69.56
N ALA E 167 11.59 24.95 68.58
CA ALA E 167 12.43 24.13 67.71
C ALA E 167 13.33 25.00 66.85
N TRP E 168 12.83 26.15 66.41
CA TRP E 168 13.63 27.04 65.57
C TRP E 168 14.83 27.60 66.35
N ARG E 169 14.66 27.87 67.63
CA ARG E 169 15.72 28.45 68.43
C ARG E 169 16.88 27.47 68.61
N VAL E 170 16.55 26.21 68.94
CA VAL E 170 17.57 25.22 69.27
C VAL E 170 18.26 24.63 68.05
N LEU E 171 17.82 24.99 66.85
CA LEU E 171 18.46 24.50 65.64
C LEU E 171 19.59 25.43 65.21
N LYS E 172 20.66 24.85 64.71
CA LYS E 172 21.69 25.64 64.06
C LYS E 172 21.14 26.25 62.78
N PRO E 173 21.59 27.44 62.41
CA PRO E 173 21.15 28.03 61.14
C PRO E 173 21.55 27.16 59.97
N GLY E 174 20.55 26.83 59.14
CA GLY E 174 20.74 25.91 58.04
C GLY E 174 20.27 24.50 58.31
N GLY E 175 19.95 24.17 59.55
CA GLY E 175 19.45 22.84 59.85
C GLY E 175 17.99 22.67 59.49
N ASP E 176 17.58 21.40 59.44
CA ASP E 176 16.24 21.03 59.00
C ASP E 176 15.42 20.43 60.13
N LEU E 177 14.13 20.71 60.11
CA LEU E 177 13.17 20.12 61.03
C LEU E 177 12.13 19.35 60.22
N LEU E 178 12.09 18.04 60.43
CA LEU E 178 11.07 17.19 59.82
C LEU E 178 9.84 17.17 60.71
N VAL E 179 8.67 17.42 60.11
CA VAL E 179 7.42 17.53 60.86
C VAL E 179 6.39 16.59 60.25
N LEU E 180 5.75 15.79 61.09
CA LEU E 180 4.65 14.92 60.70
C LEU E 180 3.40 15.42 61.40
N GLU E 181 2.50 16.07 60.65
CA GLU E 181 1.41 16.84 61.24
C GLU E 181 0.12 16.58 60.47
N SER E 182 -1.00 16.73 61.16
CA SER E 182 -2.33 16.67 60.56
C SER E 182 -2.94 18.06 60.47
N VAL E 183 -3.93 18.19 59.59
CA VAL E 183 -4.56 19.46 59.28
C VAL E 183 -6.00 19.17 58.84
N VAL E 184 -6.93 20.03 59.25
CA VAL E 184 -8.33 19.88 58.86
C VAL E 184 -8.55 20.46 57.47
N THR E 185 -9.47 19.83 56.73
CA THR E 185 -9.96 20.39 55.48
C THR E 185 -11.38 20.91 55.59
N GLU E 186 -12.14 20.47 56.59
CA GLU E 186 -13.46 21.01 56.90
C GLU E 186 -13.39 21.73 58.23
N GLU E 187 -14.56 22.11 58.76
CA GLU E 187 -14.62 23.01 59.92
C GLU E 187 -14.63 22.28 61.26
N LEU E 188 -15.06 21.02 61.30
CA LEU E 188 -15.18 20.23 62.52
C LEU E 188 -16.33 20.70 63.41
N THR E 189 -17.21 19.77 63.78
CA THR E 189 -18.24 20.06 64.77
C THR E 189 -17.66 19.95 66.18
N GLU E 190 -18.44 20.41 67.16
CA GLU E 190 -18.00 20.32 68.55
C GLU E 190 -17.81 18.90 69.04
N PRO E 191 -18.70 17.93 68.76
CA PRO E 191 -18.42 16.55 69.21
C PRO E 191 -17.11 15.99 68.67
N GLU E 192 -16.79 16.31 67.40
CA GLU E 192 -15.53 15.84 66.83
C GLU E 192 -14.34 16.43 67.56
N THR E 193 -14.38 17.74 67.83
CA THR E 193 -13.30 18.38 68.59
C THR E 193 -13.17 17.77 69.98
N ALA E 194 -14.30 17.42 70.60
CA ALA E 194 -14.26 16.75 71.89
C ALA E 194 -13.61 15.38 71.78
N LEU E 195 -13.97 14.62 70.74
CA LEU E 195 -13.38 13.29 70.54
C LEU E 195 -11.87 13.34 70.48
N PHE E 196 -11.32 14.42 69.90
CA PHE E 196 -9.87 14.59 69.88
C PHE E 196 -9.30 14.55 71.30
N GLU E 197 -9.98 15.18 72.26
CA GLU E 197 -9.45 15.24 73.62
C GLU E 197 -9.68 13.95 74.38
N THR E 198 -10.84 13.32 74.21
CA THR E 198 -11.19 12.16 75.03
C THR E 198 -10.46 10.90 74.59
N LEU E 199 -10.32 10.69 73.28
CA LEU E 199 -9.71 9.46 72.78
C LEU E 199 -8.18 9.51 72.86
N TYR E 200 -7.57 10.51 72.21
CA TYR E 200 -6.13 10.70 72.30
C TYR E 200 -5.86 11.86 73.25
N ALA E 201 -4.75 12.56 73.05
CA ALA E 201 -4.43 13.74 73.85
C ALA E 201 -4.61 15.04 73.05
N ALA E 202 -5.62 15.05 72.18
CA ALA E 202 -6.32 16.27 71.78
C ALA E 202 -5.60 17.23 70.85
N ASN E 203 -5.83 18.52 71.09
CA ASN E 203 -5.56 19.65 70.21
C ASN E 203 -6.00 19.35 68.79
N VAL E 204 -7.12 19.94 68.38
CA VAL E 204 -7.60 19.75 67.01
C VAL E 204 -6.54 20.27 66.05
N PRO E 205 -6.35 19.65 64.88
CA PRO E 205 -5.32 20.13 63.97
C PRO E 205 -5.71 21.49 63.40
N PRO E 206 -4.73 22.32 63.04
CA PRO E 206 -5.07 23.61 62.43
C PRO E 206 -5.43 23.44 60.96
N ARG E 207 -5.56 24.54 60.24
CA ARG E 207 -5.76 24.49 58.79
C ARG E 207 -4.43 24.66 58.08
N LEU E 208 -4.46 24.49 56.76
CA LEU E 208 -3.23 24.43 55.98
C LEU E 208 -2.52 25.77 55.95
N GLY E 209 -3.21 26.83 55.51
CA GLY E 209 -2.62 28.15 55.54
C GLY E 209 -2.40 28.68 56.94
N GLU E 210 -3.24 28.27 57.88
CA GLU E 210 -3.03 28.63 59.28
C GLU E 210 -1.75 27.99 59.83
N PHE E 211 -1.54 26.71 59.54
CA PHE E 211 -0.34 26.02 60.01
C PHE E 211 0.93 26.64 59.41
N PHE E 212 0.88 27.03 58.14
CA PHE E 212 2.04 27.62 57.49
C PHE E 212 2.20 29.11 57.80
N ASP E 213 1.16 29.76 58.32
CA ASP E 213 1.36 31.07 58.96
C ASP E 213 2.16 30.91 60.25
N ILE E 214 1.91 29.82 60.98
CA ILE E 214 2.68 29.52 62.18
C ILE E 214 4.12 29.18 61.82
N VAL E 215 4.30 28.35 60.78
CA VAL E 215 5.65 27.94 60.37
C VAL E 215 6.47 29.15 59.97
N SER E 216 5.90 30.02 59.12
CA SER E 216 6.60 31.24 58.71
C SER E 216 6.86 32.15 59.91
N GLY E 217 5.94 32.18 60.88
CA GLY E 217 6.11 33.06 62.02
C GLY E 217 7.22 32.63 62.95
N ALA E 218 7.43 31.32 63.10
CA ALA E 218 8.57 30.83 63.85
C ALA E 218 9.89 31.08 63.13
N GLY E 219 9.85 31.47 61.86
CA GLY E 219 11.04 31.73 61.08
C GLY E 219 11.48 30.62 60.17
N PHE E 220 10.62 29.66 59.86
CA PHE E 220 10.98 28.52 59.04
C PHE E 220 10.59 28.76 57.59
N HIS E 221 11.47 28.37 56.68
CA HIS E 221 11.12 28.21 55.28
C HIS E 221 10.60 26.79 55.08
N THR E 222 9.71 26.64 54.10
CA THR E 222 9.11 25.34 53.81
C THR E 222 9.74 24.78 52.54
N LEU E 223 10.40 23.63 52.67
CA LEU E 223 11.09 23.00 51.55
C LEU E 223 10.30 21.87 50.91
N SER E 224 9.51 21.13 51.68
CA SER E 224 8.76 20.01 51.10
C SER E 224 7.53 19.74 51.95
N LEU E 225 6.56 19.08 51.32
CA LEU E 225 5.37 18.55 51.99
C LEU E 225 4.95 17.33 51.19
N LYS E 226 4.58 16.26 51.88
CA LYS E 226 4.13 15.04 51.22
C LYS E 226 3.00 14.43 52.02
N ASP E 227 1.86 14.21 51.35
CA ASP E 227 0.70 13.62 52.02
C ASP E 227 0.96 12.15 52.33
N LEU E 228 0.64 11.74 53.56
CA LEU E 228 0.72 10.35 53.99
C LEU E 228 -0.60 9.93 54.62
N SER E 229 -1.70 10.56 54.19
CA SER E 229 -2.97 10.40 54.87
C SER E 229 -3.47 8.97 54.85
N ALA E 230 -3.17 8.22 53.78
CA ALA E 230 -3.64 6.84 53.70
C ALA E 230 -2.92 5.95 54.71
N ASN E 231 -1.63 6.23 54.97
CA ASN E 231 -0.91 5.48 55.99
C ASN E 231 -1.51 5.69 57.37
N LEU E 232 -1.90 6.93 57.67
CA LEU E 232 -2.53 7.21 58.96
C LEU E 232 -3.89 6.54 59.07
N ALA E 233 -4.71 6.62 58.02
CA ALA E 233 -6.02 5.99 58.04
C ALA E 233 -5.90 4.48 58.15
N MET E 234 -4.96 3.89 57.40
CA MET E 234 -4.76 2.44 57.49
C MET E 234 -4.21 2.04 58.86
N THR E 235 -3.33 2.87 59.44
CA THR E 235 -2.85 2.58 60.78
C THR E 235 -3.97 2.71 61.81
N MET E 236 -4.82 3.73 61.66
CA MET E 236 -5.94 3.90 62.58
C MET E 236 -6.88 2.70 62.51
N ASN E 237 -7.05 2.11 61.32
CA ASN E 237 -7.85 0.90 61.19
C ASN E 237 -7.21 -0.28 61.88
N VAL E 238 -5.90 -0.48 61.68
CA VAL E 238 -5.19 -1.56 62.35
C VAL E 238 -5.33 -1.42 63.86
N PHE E 239 -5.25 -0.19 64.37
CA PHE E 239 -5.44 0.06 65.79
C PHE E 239 -6.86 -0.30 66.23
N ALA E 240 -7.86 0.16 65.48
CA ALA E 240 -9.26 -0.08 65.85
C ALA E 240 -9.61 -1.56 65.80
N LEU E 241 -9.09 -2.28 64.81
CA LEU E 241 -9.31 -3.73 64.76
C LEU E 241 -8.62 -4.43 65.92
N GLY E 242 -7.46 -3.93 66.37
CA GLY E 242 -6.81 -4.51 67.52
C GLY E 242 -7.62 -4.34 68.80
N VAL E 243 -8.18 -3.14 69.00
CA VAL E 243 -9.03 -2.91 70.17
C VAL E 243 -10.31 -3.73 70.07
N TYR E 244 -10.96 -3.72 68.91
CA TYR E 244 -12.19 -4.49 68.71
C TYR E 244 -11.98 -5.97 69.00
N SER E 245 -10.81 -6.52 68.65
CA SER E 245 -10.59 -7.95 68.75
C SER E 245 -10.22 -8.38 70.17
N ARG E 246 -9.62 -7.49 70.95
CA ARG E 246 -9.07 -7.82 72.27
C ARG E 246 -9.61 -6.87 73.33
N ARG E 247 -10.94 -6.73 73.38
CA ARG E 247 -11.56 -5.89 74.40
C ARG E 247 -11.27 -6.44 75.79
N ALA E 248 -11.41 -7.75 75.97
CA ALA E 248 -11.19 -8.36 77.28
C ALA E 248 -9.77 -8.14 77.75
N GLU E 249 -8.79 -8.38 76.87
CA GLU E 249 -7.39 -8.21 77.24
C GLU E 249 -7.09 -6.77 77.62
N PHE E 250 -7.69 -5.81 76.92
CA PHE E 250 -7.38 -4.40 77.16
C PHE E 250 -8.15 -3.84 78.34
N THR E 251 -9.32 -4.40 78.66
CA THR E 251 -10.01 -3.98 79.88
C THR E 251 -9.32 -4.49 81.12
N GLU E 252 -8.68 -5.65 81.04
CA GLU E 252 -7.93 -6.22 82.15
C GLU E 252 -6.64 -5.48 82.45
N ARG E 253 -6.17 -4.63 81.53
CA ARG E 253 -4.91 -3.91 81.70
C ARG E 253 -5.05 -2.40 81.74
N PHE E 254 -6.02 -1.82 81.02
CA PHE E 254 -6.22 -0.38 81.00
C PHE E 254 -7.54 0.06 81.65
N GLY E 255 -8.33 -0.89 82.15
CA GLY E 255 -9.60 -0.54 82.78
C GLY E 255 -10.73 -0.44 81.79
N ALA E 256 -11.94 -0.74 82.27
CA ALA E 256 -13.11 -0.73 81.41
C ALA E 256 -13.39 0.66 80.87
N GLU E 257 -13.17 1.69 81.69
CA GLU E 257 -13.49 3.06 81.30
C GLU E 257 -12.74 3.48 80.04
N PHE E 258 -11.46 3.14 79.96
CA PHE E 258 -10.65 3.54 78.81
C PHE E 258 -11.05 2.78 77.56
N VAL E 259 -11.21 1.45 77.69
CA VAL E 259 -11.50 0.63 76.52
C VAL E 259 -12.89 0.94 75.95
N ASP E 260 -13.90 1.05 76.83
CA ASP E 260 -15.23 1.40 76.35
C ASP E 260 -15.25 2.76 75.66
N GLY E 261 -14.40 3.69 76.10
CA GLY E 261 -14.30 4.96 75.41
C GLY E 261 -13.78 4.80 74.00
N LEU E 262 -12.72 4.00 73.82
CA LEU E 262 -12.21 3.72 72.49
C LEU E 262 -13.26 3.01 71.63
N LEU E 263 -13.97 2.04 72.20
CA LEU E 263 -15.00 1.32 71.45
C LEU E 263 -16.10 2.25 70.99
N ALA E 264 -16.48 3.23 71.82
CA ALA E 264 -17.60 4.11 71.51
C ALA E 264 -17.23 5.27 70.60
N GLY E 265 -15.94 5.52 70.39
CA GLY E 265 -15.54 6.69 69.63
C GLY E 265 -14.66 6.43 68.43
N LEU E 266 -14.13 5.22 68.29
CA LEU E 266 -13.18 4.94 67.22
C LEU E 266 -13.84 5.05 65.85
N GLY E 267 -15.07 4.54 65.72
CA GLY E 267 -15.73 4.56 64.42
C GLY E 267 -16.02 5.98 63.93
N SER E 268 -16.56 6.82 64.82
CA SER E 268 -16.82 8.21 64.46
C SER E 268 -15.52 8.98 64.20
N ALA E 269 -14.50 8.74 65.04
CA ALA E 269 -13.21 9.40 64.83
C ALA E 269 -12.59 8.97 63.52
N GLN E 270 -12.74 7.70 63.14
CA GLN E 270 -12.25 7.23 61.85
C GLN E 270 -12.88 8.01 60.71
N GLU E 271 -14.21 8.21 60.78
CA GLU E 271 -14.90 8.94 59.73
C GLU E 271 -14.46 10.40 59.68
N THR E 272 -14.27 11.01 60.84
CA THR E 272 -13.74 12.38 60.89
C THR E 272 -12.36 12.45 60.25
N LEU E 273 -11.49 11.50 60.58
CA LEU E 273 -10.17 11.44 59.97
C LEU E 273 -10.25 11.28 58.45
N ILE E 274 -11.14 10.40 57.99
CA ILE E 274 -11.25 10.12 56.56
C ILE E 274 -11.72 11.36 55.80
N ARG E 275 -12.73 12.04 56.32
CA ARG E 275 -13.46 13.04 55.54
C ARG E 275 -13.02 14.47 55.79
N LYS E 276 -12.31 14.76 56.88
CA LYS E 276 -12.04 16.15 57.24
C LYS E 276 -10.59 16.51 57.51
N THR E 277 -9.68 15.54 57.61
CA THR E 277 -8.28 15.86 57.91
C THR E 277 -7.34 15.18 56.93
N ARG E 278 -6.19 15.82 56.72
CA ARG E 278 -5.11 15.25 55.93
C ARG E 278 -3.82 15.29 56.72
N PHE E 279 -2.96 14.31 56.48
CA PHE E 279 -1.76 14.07 57.27
C PHE E 279 -0.56 14.05 56.34
N PHE E 280 0.45 14.85 56.65
CA PHE E 280 1.58 15.01 55.74
C PHE E 280 2.90 15.05 56.49
N MET E 281 3.95 14.71 55.76
CA MET E 281 5.34 14.92 56.18
C MET E 281 5.87 16.16 55.48
N ALA E 282 6.45 17.07 56.25
CA ALA E 282 6.96 18.33 55.72
C ALA E 282 8.36 18.60 56.26
N THR E 283 9.20 19.20 55.43
CA THR E 283 10.56 19.55 55.80
C THR E 283 10.66 21.07 55.89
N LEU E 284 11.00 21.56 57.09
CA LEU E 284 11.15 22.98 57.35
C LEU E 284 12.61 23.28 57.64
N ARG E 285 13.15 24.33 57.03
CA ARG E 285 14.54 24.71 57.25
C ARG E 285 14.61 26.01 58.03
N LYS E 286 15.49 26.05 59.02
CA LYS E 286 15.91 27.29 59.62
C LYS E 286 16.88 27.97 58.67
N PRO E 287 16.65 29.21 58.26
CA PRO E 287 17.53 29.84 57.27
C PRO E 287 18.93 30.07 57.82
N ALA E 288 19.91 29.99 56.93
CA ALA E 288 21.31 30.20 57.27
C ALA E 288 21.80 31.48 56.59
N VAL E 289 22.35 32.40 57.39
CA VAL E 289 23.01 33.57 56.84
C VAL E 289 24.29 33.84 57.64
N GLN F 11 -7.37 24.13 74.83
CA GLN F 11 -6.33 23.20 74.40
C GLN F 11 -5.77 22.44 75.59
N VAL F 12 -5.51 21.14 75.39
CA VAL F 12 -5.00 20.28 76.45
C VAL F 12 -3.55 20.65 76.77
N THR F 13 -3.13 20.34 78.01
CA THR F 13 -1.84 20.71 78.53
C THR F 13 -0.85 19.55 78.49
N ALA F 14 0.38 19.83 78.94
CA ALA F 14 1.45 18.85 78.86
C ALA F 14 1.31 17.75 79.90
N ASP F 15 1.21 18.14 81.19
CA ASP F 15 1.08 17.21 82.30
C ASP F 15 0.03 16.15 82.00
N GLU F 16 -1.11 16.60 81.46
CA GLU F 16 -2.18 15.66 81.09
C GLU F 16 -1.70 14.69 80.02
N VAL F 17 -1.00 15.18 79.00
CA VAL F 17 -0.47 14.30 77.97
C VAL F 17 0.57 13.35 78.56
N GLY F 18 1.37 13.82 79.52
CA GLY F 18 2.35 12.95 80.16
C GLY F 18 1.69 11.80 80.90
N ASP F 19 0.75 12.11 81.80
CA ASP F 19 0.04 11.07 82.52
C ASP F 19 -0.70 10.12 81.58
N TRP F 20 -1.18 10.64 80.45
CA TRP F 20 -1.92 9.81 79.50
C TRP F 20 -1.04 8.70 78.95
N TYR F 21 0.17 9.04 78.52
CA TYR F 21 1.10 8.02 78.03
C TYR F 21 1.67 7.17 79.16
N ASP F 22 1.73 7.72 80.37
CA ASP F 22 2.16 6.93 81.52
C ASP F 22 1.20 5.77 81.77
N LYS F 23 -0.09 5.97 81.52
CA LYS F 23 -1.11 4.94 81.72
C LYS F 23 -1.44 4.14 80.46
N PHE F 24 -1.60 4.80 79.31
CA PHE F 24 -2.15 4.18 78.11
C PHE F 24 -1.13 4.06 76.98
N GLY F 25 0.15 4.24 77.26
CA GLY F 25 1.13 4.22 76.20
C GLY F 25 1.25 2.87 75.52
N GLU F 26 1.33 1.80 76.33
CA GLU F 26 1.65 0.48 75.79
C GLU F 26 0.53 -0.12 74.96
N VAL F 27 -0.64 0.52 74.89
CA VAL F 27 -1.68 0.00 74.01
C VAL F 27 -1.23 0.11 72.56
N TYR F 28 -0.37 1.06 72.24
CA TYR F 28 0.15 1.20 70.88
C TYR F 28 1.15 0.10 70.54
N HIS F 29 2.09 -0.18 71.45
CA HIS F 29 3.03 -1.27 71.23
C HIS F 29 2.35 -2.64 71.21
N LEU F 30 1.14 -2.74 71.76
CA LEU F 30 0.38 -3.99 71.69
C LEU F 30 -0.40 -4.10 70.39
N THR F 31 -0.77 -2.97 69.78
CA THR F 31 -1.55 -2.95 68.55
C THR F 31 -0.75 -2.53 67.33
N LEU F 32 0.18 -1.59 67.47
CA LEU F 32 0.85 -0.99 66.32
C LEU F 32 2.28 -1.45 66.11
N GLY F 33 3.01 -1.82 67.17
CA GLY F 33 4.34 -2.37 67.01
C GLY F 33 5.34 -1.69 67.92
N GLU F 34 6.62 -2.03 67.72
CA GLU F 34 7.71 -1.57 68.57
C GLU F 34 7.94 -0.06 68.51
N SER F 35 7.18 0.66 67.69
CA SER F 35 7.22 2.12 67.63
C SER F 35 5.82 2.69 67.88
N VAL F 36 5.76 4.01 68.03
CA VAL F 36 4.49 4.67 68.31
C VAL F 36 4.16 5.65 67.18
N HIS F 37 4.14 5.17 65.94
CA HIS F 37 3.81 6.03 64.82
C HIS F 37 3.19 5.19 63.71
N CYS F 38 2.84 5.85 62.61
CA CYS F 38 2.17 5.19 61.50
C CYS F 38 3.04 4.11 60.89
N GLY F 39 2.38 3.20 60.18
CA GLY F 39 3.05 2.21 59.36
C GLY F 39 3.07 2.70 57.92
N LEU F 40 4.15 2.36 57.21
CA LEU F 40 4.25 2.69 55.79
C LEU F 40 3.49 1.61 55.02
N TRP F 41 2.16 1.72 55.04
CA TRP F 41 1.31 0.75 54.36
C TRP F 41 1.28 0.97 52.86
N PHE F 42 1.54 2.19 52.40
CA PHE F 42 1.55 2.52 50.98
C PHE F 42 2.92 3.06 50.61
N PRO F 43 3.58 2.48 49.61
CA PRO F 43 4.91 2.96 49.22
C PRO F 43 4.88 4.44 48.88
N PRO F 44 6.01 5.14 49.08
CA PRO F 44 6.03 6.59 48.84
C PRO F 44 5.68 6.99 47.42
N ASP F 45 5.95 6.17 46.41
CA ASP F 45 5.64 6.53 45.04
C ASP F 45 4.22 6.17 44.64
N ALA F 46 3.42 5.67 45.57
CA ALA F 46 2.05 5.33 45.23
C ALA F 46 1.19 6.60 45.20
N PRO F 47 0.18 6.66 44.34
CA PRO F 47 -0.66 7.86 44.30
C PRO F 47 -1.59 7.94 45.50
N VAL F 48 -2.00 9.17 45.81
CA VAL F 48 -2.95 9.42 46.89
C VAL F 48 -4.31 8.90 46.45
N PRO F 49 -4.94 8.01 47.24
CA PRO F 49 -6.23 7.44 46.82
C PRO F 49 -7.29 8.53 46.69
N GLN F 50 -8.38 8.16 46.04
CA GLN F 50 -9.47 9.10 45.83
C GLN F 50 -10.20 9.42 47.13
N ASP F 51 -10.36 8.42 47.99
CA ASP F 51 -10.90 8.61 49.34
C ASP F 51 -10.10 7.74 50.30
N MET F 52 -10.51 7.77 51.57
CA MET F 52 -9.82 7.05 52.62
C MET F 52 -10.65 5.90 53.19
N GLU F 53 -11.75 5.52 52.54
CA GLU F 53 -12.48 4.33 52.95
C GLU F 53 -11.57 3.12 52.89
N LEU F 54 -11.77 2.19 53.82
CA LEU F 54 -10.96 0.98 53.84
C LEU F 54 -11.07 0.21 52.52
N VAL F 55 -12.23 0.28 51.87
CA VAL F 55 -12.40 -0.45 50.61
C VAL F 55 -11.54 0.14 49.51
N THR F 56 -11.40 1.47 49.49
CA THR F 56 -10.68 2.13 48.40
C THR F 56 -9.18 1.94 48.55
N MET F 57 -8.66 2.14 49.77
CA MET F 57 -7.25 1.90 50.02
C MET F 57 -6.88 0.45 49.75
N SER F 58 -7.73 -0.48 50.18
CA SER F 58 -7.49 -1.89 49.88
C SER F 58 -7.56 -2.17 48.39
N SER F 59 -8.42 -1.44 47.65
CA SER F 59 -8.52 -1.66 46.21
C SER F 59 -7.27 -1.17 45.50
N GLN F 60 -6.69 -0.06 45.95
CA GLN F 60 -5.42 0.39 45.40
C GLN F 60 -4.33 -0.65 45.66
N ALA F 61 -4.29 -1.20 46.88
CA ALA F 61 -3.37 -2.28 47.18
C ALA F 61 -3.59 -3.47 46.25
N GLN F 62 -4.86 -3.75 45.90
CA GLN F 62 -5.16 -4.84 44.98
C GLN F 62 -4.60 -4.58 43.59
N ASP F 63 -4.61 -3.32 43.14
CA ASP F 63 -4.13 -3.00 41.80
C ASP F 63 -2.60 -3.03 41.72
N ARG F 64 -1.92 -2.62 42.78
CA ARG F 64 -0.47 -2.77 42.85
C ARG F 64 -0.08 -4.25 42.95
N TYR F 65 -0.91 -5.06 43.60
CA TYR F 65 -0.78 -6.51 43.56
C TYR F 65 -0.86 -7.03 42.13
N THR F 66 -1.88 -6.59 41.39
CA THR F 66 -2.03 -7.00 39.99
C THR F 66 -0.85 -6.54 39.15
N ASP F 67 -0.40 -5.30 39.34
CA ASP F 67 0.75 -4.80 38.61
C ASP F 67 1.98 -5.67 38.88
N TYR F 68 2.10 -6.20 40.09
CA TYR F 68 3.24 -7.07 40.42
C TYR F 68 3.15 -8.41 39.69
N LEU F 69 1.96 -9.02 39.68
CA LEU F 69 1.77 -10.27 38.96
C LEU F 69 2.02 -10.11 37.47
N ILE F 70 1.56 -8.99 36.90
CA ILE F 70 1.84 -8.69 35.49
C ILE F 70 3.34 -8.61 35.26
N GLU F 71 4.02 -7.80 36.07
CA GLU F 71 5.47 -7.67 35.98
C GLU F 71 6.16 -9.02 36.10
N THR F 72 5.65 -9.89 36.98
CA THR F 72 6.30 -11.18 37.22
C THR F 72 6.15 -12.12 36.04
N LEU F 73 4.91 -12.39 35.62
CA LEU F 73 4.69 -13.29 34.49
C LEU F 73 5.22 -12.69 33.19
N ASP F 74 5.23 -11.36 33.09
CA ASP F 74 5.78 -10.65 31.94
C ASP F 74 5.17 -11.13 30.63
N PRO F 75 3.86 -10.97 30.43
CA PRO F 75 3.27 -11.32 29.13
C PRO F 75 3.62 -10.28 28.09
N LYS F 76 3.90 -10.75 26.88
CA LYS F 76 4.38 -9.90 25.80
C LYS F 76 3.26 -9.56 24.83
N ALA F 77 3.40 -8.42 24.18
CA ALA F 77 2.35 -7.90 23.30
C ALA F 77 1.98 -8.90 22.22
N GLY F 78 0.68 -9.06 21.99
CA GLY F 78 0.20 -10.00 20.99
C GLY F 78 0.03 -11.42 21.46
N GLN F 79 0.23 -11.70 22.74
CA GLN F 79 0.03 -13.02 23.30
C GLN F 79 -1.40 -13.20 23.78
N HIS F 80 -1.78 -14.46 24.03
CA HIS F 80 -3.11 -14.79 24.51
C HIS F 80 -2.98 -15.44 25.88
N LEU F 81 -3.56 -14.82 26.89
CA LEU F 81 -3.46 -15.27 28.27
C LEU F 81 -4.77 -15.92 28.70
N LEU F 82 -4.66 -16.99 29.48
CA LEU F 82 -5.82 -17.70 30.01
C LEU F 82 -5.92 -17.46 31.51
N ASP F 83 -6.94 -16.71 31.92
CA ASP F 83 -7.16 -16.41 33.34
C ASP F 83 -8.04 -17.49 33.94
N ILE F 84 -7.46 -18.33 34.79
CA ILE F 84 -8.16 -19.48 35.36
C ILE F 84 -8.80 -19.06 36.68
N GLY F 85 -10.13 -18.96 36.70
CA GLY F 85 -10.81 -18.40 37.84
C GLY F 85 -10.71 -16.88 37.82
N CYS F 86 -11.32 -16.26 36.82
CA CYS F 86 -11.05 -14.88 36.45
C CYS F 86 -11.83 -13.86 37.27
N GLY F 87 -12.69 -14.30 38.17
CA GLY F 87 -13.43 -13.34 38.98
C GLY F 87 -14.34 -12.46 38.12
N THR F 88 -14.35 -11.16 38.45
CA THR F 88 -15.15 -10.19 37.71
C THR F 88 -14.34 -9.39 36.71
N GLY F 89 -13.07 -9.77 36.48
CA GLY F 89 -12.37 -9.39 35.27
C GLY F 89 -11.36 -8.26 35.36
N ARG F 90 -11.23 -7.60 36.51
CA ARG F 90 -10.35 -6.44 36.56
C ARG F 90 -8.88 -6.82 36.36
N THR F 91 -8.48 -7.99 36.85
CA THR F 91 -7.10 -8.44 36.61
C THR F 91 -6.85 -8.63 35.12
N ALA F 92 -7.83 -9.17 34.40
CA ALA F 92 -7.69 -9.36 32.96
C ALA F 92 -7.64 -8.03 32.22
N LEU F 93 -8.47 -7.07 32.63
CA LEU F 93 -8.49 -5.76 31.99
C LEU F 93 -7.15 -5.06 32.15
N LYS F 94 -6.62 -5.02 33.39
CA LYS F 94 -5.34 -4.38 33.62
C LYS F 94 -4.22 -5.04 32.81
N ALA F 95 -4.28 -6.37 32.68
CA ALA F 95 -3.27 -7.07 31.90
C ALA F 95 -3.38 -6.76 30.42
N ALA F 96 -4.62 -6.63 29.91
CA ALA F 96 -4.82 -6.32 28.50
C ALA F 96 -4.41 -4.89 28.19
N ARG F 97 -4.73 -3.95 29.08
CA ARG F 97 -4.38 -2.55 28.85
C ARG F 97 -2.87 -2.33 28.88
N GLN F 98 -2.19 -2.92 29.86
CA GLN F 98 -0.77 -2.62 30.06
C GLN F 98 0.13 -3.32 29.06
N ARG F 99 -0.18 -4.56 28.70
CA ARG F 99 0.72 -5.37 27.89
C ARG F 99 0.25 -5.57 26.45
N GLY F 100 -0.92 -5.03 26.09
CA GLY F 100 -1.44 -5.23 24.76
C GLY F 100 -1.57 -6.69 24.41
N ILE F 101 -2.33 -7.43 25.21
CA ILE F 101 -2.52 -8.86 25.03
C ILE F 101 -4.02 -9.15 24.97
N ALA F 102 -4.35 -10.35 24.51
CA ALA F 102 -5.69 -10.88 24.61
C ALA F 102 -5.78 -11.76 25.84
N VAL F 103 -6.87 -11.63 26.58
CA VAL F 103 -7.09 -12.43 27.78
C VAL F 103 -8.41 -13.17 27.63
N THR F 104 -8.38 -14.46 27.95
CA THR F 104 -9.58 -15.27 28.07
C THR F 104 -9.68 -15.76 29.51
N GLY F 105 -10.78 -15.40 30.16
CA GLY F 105 -10.99 -15.76 31.56
C GLY F 105 -12.19 -16.68 31.71
N VAL F 106 -12.06 -17.66 32.59
CA VAL F 106 -13.14 -18.60 32.88
C VAL F 106 -13.45 -18.55 34.36
N ALA F 107 -14.70 -18.87 34.69
CA ALA F 107 -15.16 -18.96 36.06
C ALA F 107 -16.45 -19.75 36.07
N VAL F 108 -16.76 -20.33 37.24
CA VAL F 108 -17.95 -21.15 37.38
C VAL F 108 -19.16 -20.34 37.80
N SER F 109 -19.04 -19.02 37.95
CA SER F 109 -20.09 -18.16 38.45
C SER F 109 -20.65 -17.30 37.32
N LYS F 110 -21.95 -17.46 37.04
CA LYS F 110 -22.59 -16.71 35.96
C LYS F 110 -22.58 -15.21 36.25
N GLU F 111 -22.86 -14.82 37.49
CA GLU F 111 -22.86 -13.40 37.86
C GLU F 111 -21.50 -12.77 37.61
N GLN F 112 -20.43 -13.42 38.07
CA GLN F 112 -19.09 -12.87 37.91
C GLN F 112 -18.72 -12.71 36.44
N ILE F 113 -18.99 -13.74 35.63
CA ILE F 113 -18.72 -13.64 34.20
C ILE F 113 -19.51 -12.49 33.58
N ALA F 114 -20.76 -12.32 34.00
CA ALA F 114 -21.57 -11.21 33.49
C ALA F 114 -20.95 -9.87 33.89
N ALA F 115 -20.42 -9.77 35.11
CA ALA F 115 -19.77 -8.52 35.53
C ALA F 115 -18.48 -8.27 34.77
N ALA F 116 -17.83 -9.33 34.28
CA ALA F 116 -16.59 -9.16 33.54
C ALA F 116 -16.85 -8.79 32.08
N ASN F 117 -17.84 -9.43 31.45
CA ASN F 117 -18.26 -9.01 30.13
C ASN F 117 -18.78 -7.58 30.14
N ARG F 118 -19.45 -7.19 31.24
CA ARG F 118 -19.82 -5.78 31.44
C ARG F 118 -18.59 -4.89 31.43
N LEU F 119 -17.55 -5.29 32.17
CA LEU F 119 -16.33 -4.49 32.26
C LEU F 119 -15.64 -4.38 30.91
N ALA F 120 -15.55 -5.49 30.17
CA ALA F 120 -14.95 -5.46 28.84
C ALA F 120 -15.70 -4.50 27.92
N ALA F 121 -17.03 -4.53 27.96
CA ALA F 121 -17.82 -3.65 27.10
C ALA F 121 -17.61 -2.19 27.46
N GLY F 122 -17.67 -1.85 28.76
CA GLY F 122 -17.56 -0.46 29.15
C GLY F 122 -16.21 0.14 28.83
N HIS F 123 -15.16 -0.67 28.80
CA HIS F 123 -13.83 -0.21 28.42
C HIS F 123 -13.53 -0.46 26.94
N GLY F 124 -14.52 -0.90 26.17
CA GLY F 124 -14.34 -1.09 24.74
C GLY F 124 -13.33 -2.13 24.35
N LEU F 125 -13.19 -3.20 25.15
CA LEU F 125 -12.19 -4.23 24.91
C LEU F 125 -12.81 -5.62 24.78
N THR F 126 -14.02 -5.68 24.22
CA THR F 126 -14.66 -6.97 24.04
C THR F 126 -13.96 -7.84 23.00
N GLU F 127 -13.19 -7.25 22.08
CA GLU F 127 -12.48 -8.05 21.09
C GLU F 127 -11.19 -8.65 21.65
N ARG F 128 -10.61 -8.03 22.69
CA ARG F 128 -9.42 -8.57 23.32
C ARG F 128 -9.72 -9.25 24.66
N LEU F 129 -10.91 -9.06 25.22
CA LEU F 129 -11.30 -9.70 26.48
C LEU F 129 -12.46 -10.64 26.23
N THR F 130 -12.30 -11.90 26.62
CA THR F 130 -13.32 -12.93 26.48
C THR F 130 -13.54 -13.58 27.83
N PHE F 131 -14.78 -13.56 28.31
CA PHE F 131 -15.11 -14.13 29.61
C PHE F 131 -16.23 -15.14 29.46
N GLU F 132 -15.98 -16.38 29.89
CA GLU F 132 -16.90 -17.47 29.68
C GLU F 132 -17.08 -18.26 30.98
N VAL F 133 -18.22 -18.93 31.09
CA VAL F 133 -18.50 -19.82 32.21
C VAL F 133 -17.97 -21.20 31.85
N ALA F 134 -16.91 -21.63 32.52
CA ALA F 134 -16.32 -22.93 32.28
C ALA F 134 -15.65 -23.42 33.56
N ASP F 135 -15.33 -24.71 33.56
CA ASP F 135 -14.67 -25.36 34.68
C ASP F 135 -13.21 -25.53 34.34
N ALA F 136 -12.33 -25.08 35.25
CA ALA F 136 -10.90 -25.27 35.06
C ALA F 136 -10.49 -26.73 35.05
N MET F 137 -11.27 -27.61 35.70
CA MET F 137 -11.00 -29.04 35.71
C MET F 137 -11.50 -29.76 34.46
N ARG F 138 -12.21 -29.05 33.58
CA ARG F 138 -12.71 -29.53 32.29
C ARG F 138 -12.72 -28.35 31.31
N LEU F 139 -11.53 -27.86 30.96
CA LEU F 139 -11.45 -26.69 30.10
C LEU F 139 -11.92 -27.03 28.69
N PRO F 140 -12.70 -26.15 28.06
CA PRO F 140 -13.22 -26.43 26.71
C PRO F 140 -12.24 -26.14 25.59
N TYR F 141 -11.13 -25.46 25.89
CA TYR F 141 -10.24 -24.99 24.84
C TYR F 141 -9.38 -26.13 24.31
N GLU F 142 -8.83 -25.91 23.11
CA GLU F 142 -8.04 -26.92 22.43
C GLU F 142 -6.66 -27.04 23.07
N ASP F 143 -5.87 -27.97 22.54
CA ASP F 143 -4.51 -28.15 23.00
C ASP F 143 -3.61 -27.04 22.49
N GLU F 144 -2.77 -26.51 23.38
CA GLU F 144 -1.73 -25.54 23.02
C GLU F 144 -2.33 -24.26 22.43
N SER F 145 -3.30 -23.69 23.14
CA SER F 145 -4.01 -22.51 22.67
C SER F 145 -3.47 -21.21 23.21
N PHE F 146 -2.93 -21.19 24.43
CA PHE F 146 -2.55 -19.96 25.11
C PHE F 146 -1.03 -19.91 25.30
N ASP F 147 -0.49 -18.69 25.27
CA ASP F 147 0.94 -18.50 25.48
C ASP F 147 1.30 -18.51 26.96
N CYS F 148 0.42 -18.01 27.81
CA CYS F 148 0.64 -18.01 29.26
C CYS F 148 -0.72 -18.02 29.94
N ALA F 149 -0.70 -18.31 31.23
CA ALA F 149 -1.92 -18.39 32.02
C ALA F 149 -1.59 -18.01 33.46
N TRP F 150 -2.63 -17.77 34.25
CA TRP F 150 -2.42 -17.59 35.68
C TRP F 150 -3.69 -17.96 36.44
N ALA F 151 -3.48 -18.51 37.63
CA ALA F 151 -4.55 -18.95 38.53
C ALA F 151 -4.37 -18.19 39.84
N ILE F 152 -5.04 -17.05 39.95
CA ILE F 152 -4.82 -16.11 41.04
C ILE F 152 -5.81 -16.42 42.14
N GLU F 153 -5.34 -17.15 43.16
CA GLU F 153 -6.11 -17.45 44.37
C GLU F 153 -7.41 -18.17 44.03
N SER F 154 -7.34 -19.11 43.09
CA SER F 154 -8.52 -19.86 42.68
C SER F 154 -8.33 -21.37 42.70
N LEU F 155 -7.11 -21.87 42.79
CA LEU F 155 -6.90 -23.32 42.87
C LEU F 155 -7.55 -23.90 44.12
N CYS F 156 -7.71 -23.10 45.17
CA CYS F 156 -8.31 -23.58 46.41
C CYS F 156 -9.73 -24.07 46.20
N HIS F 157 -10.38 -23.70 45.11
CA HIS F 157 -11.74 -24.16 44.87
C HIS F 157 -11.81 -25.43 44.04
N MET F 158 -10.68 -25.90 43.50
CA MET F 158 -10.67 -26.98 42.52
C MET F 158 -9.78 -28.13 42.98
N ASP F 159 -9.86 -29.23 42.22
CA ASP F 159 -8.94 -30.35 42.35
C ASP F 159 -7.65 -29.97 41.64
N ARG F 160 -6.62 -29.64 42.43
CA ARG F 160 -5.43 -29.03 41.85
C ARG F 160 -4.74 -29.93 40.84
N ALA F 161 -4.86 -31.24 40.98
CA ALA F 161 -4.30 -32.14 39.98
C ALA F 161 -5.00 -31.94 38.63
N LYS F 162 -6.32 -32.01 38.63
CA LYS F 162 -7.08 -31.86 37.39
C LYS F 162 -6.90 -30.47 36.80
N ALA F 163 -6.98 -29.44 37.64
CA ALA F 163 -6.85 -28.07 37.15
C ALA F 163 -5.48 -27.85 36.50
N LEU F 164 -4.42 -28.30 37.17
CA LEU F 164 -3.07 -28.04 36.68
C LEU F 164 -2.78 -28.79 35.39
N GLY F 165 -3.08 -30.10 35.37
CA GLY F 165 -2.93 -30.86 34.15
C GLY F 165 -3.73 -30.28 33.01
N GLU F 166 -4.90 -29.72 33.30
CA GLU F 166 -5.71 -29.08 32.28
C GLU F 166 -5.04 -27.80 31.79
N ALA F 167 -4.58 -26.95 32.72
CA ALA F 167 -3.82 -25.76 32.33
C ALA F 167 -2.59 -26.14 31.51
N TRP F 168 -1.91 -27.23 31.88
CA TRP F 168 -0.77 -27.70 31.12
C TRP F 168 -1.17 -28.05 29.69
N ARG F 169 -2.34 -28.65 29.52
CA ARG F 169 -2.76 -29.10 28.19
C ARG F 169 -3.05 -27.92 27.26
N VAL F 170 -3.72 -26.89 27.78
CA VAL F 170 -4.08 -25.74 26.96
C VAL F 170 -2.92 -24.77 26.75
N LEU F 171 -1.81 -24.96 27.46
CA LEU F 171 -0.64 -24.11 27.33
C LEU F 171 0.25 -24.60 26.19
N LYS F 172 0.81 -23.64 25.45
CA LYS F 172 1.79 -23.97 24.43
C LYS F 172 3.10 -24.37 25.09
N PRO F 173 3.90 -25.21 24.42
CA PRO F 173 5.22 -25.53 24.97
C PRO F 173 6.09 -24.30 25.09
N GLY F 174 6.80 -24.20 26.22
CA GLY F 174 7.59 -23.03 26.53
C GLY F 174 6.84 -21.93 27.26
N GLY F 175 5.51 -22.02 27.37
CA GLY F 175 4.75 -21.01 28.06
C GLY F 175 4.77 -21.20 29.57
N ASP F 176 4.33 -20.15 30.27
CA ASP F 176 4.39 -20.10 31.72
C ASP F 176 3.00 -19.97 32.33
N LEU F 177 2.86 -20.53 33.53
CA LEU F 177 1.63 -20.43 34.32
C LEU F 177 1.98 -19.85 35.68
N LEU F 178 1.42 -18.68 35.98
CA LEU F 178 1.58 -18.07 37.30
C LEU F 178 0.51 -18.61 38.22
N VAL F 179 0.91 -19.03 39.42
CA VAL F 179 -0.01 -19.65 40.37
C VAL F 179 0.15 -18.97 41.72
N LEU F 180 -0.97 -18.60 42.33
CA LEU F 180 -1.01 -17.98 43.64
C LEU F 180 -1.79 -18.93 44.56
N GLU F 181 -1.05 -19.75 45.31
CA GLU F 181 -1.60 -20.87 46.06
C GLU F 181 -1.18 -20.78 47.52
N SER F 182 -1.97 -21.42 48.39
CA SER F 182 -1.64 -21.59 49.80
C SER F 182 -1.32 -23.06 50.07
N VAL F 183 -0.65 -23.29 51.20
CA VAL F 183 -0.18 -24.62 51.58
C VAL F 183 -0.10 -24.68 53.11
N VAL F 184 -0.45 -25.85 53.67
CA VAL F 184 -0.41 -26.04 55.11
C VAL F 184 1.01 -26.34 55.57
N THR F 185 1.36 -25.82 56.75
CA THR F 185 2.60 -26.17 57.42
C THR F 185 2.39 -27.08 58.64
N GLU F 186 1.20 -27.07 59.23
CA GLU F 186 0.79 -27.99 60.27
C GLU F 186 -0.18 -29.02 59.68
N GLU F 187 -0.90 -29.75 60.55
CA GLU F 187 -1.74 -30.86 60.12
C GLU F 187 -3.20 -30.50 59.92
N LEU F 188 -3.67 -29.42 60.57
CA LEU F 188 -5.07 -28.99 60.53
C LEU F 188 -6.00 -29.93 61.29
N THR F 189 -6.65 -29.44 62.34
CA THR F 189 -7.73 -30.17 62.95
C THR F 189 -8.94 -30.20 62.03
N GLU F 190 -9.88 -31.10 62.33
CA GLU F 190 -11.07 -31.25 61.50
C GLU F 190 -11.96 -30.02 61.57
N PRO F 191 -12.14 -29.39 62.75
CA PRO F 191 -12.92 -28.14 62.77
C PRO F 191 -12.36 -27.06 61.85
N GLU F 192 -11.03 -26.93 61.79
CA GLU F 192 -10.44 -25.93 60.89
C GLU F 192 -10.72 -26.28 59.44
N THR F 193 -10.58 -27.56 59.07
CA THR F 193 -10.90 -27.98 57.71
C THR F 193 -12.34 -27.64 57.35
N ALA F 194 -13.26 -27.82 58.31
CA ALA F 194 -14.66 -27.49 58.06
C ALA F 194 -14.85 -25.99 57.88
N LEU F 195 -14.06 -25.18 58.59
CA LEU F 195 -14.17 -23.74 58.44
C LEU F 195 -13.78 -23.30 57.04
N PHE F 196 -12.85 -24.02 56.40
CA PHE F 196 -12.57 -23.77 54.99
C PHE F 196 -13.84 -23.89 54.15
N GLU F 197 -14.65 -24.91 54.41
CA GLU F 197 -15.83 -25.15 53.59
C GLU F 197 -16.93 -24.16 53.88
N THR F 198 -17.09 -23.78 55.15
CA THR F 198 -18.25 -22.97 55.53
C THR F 198 -17.99 -21.49 55.34
N LEU F 199 -16.75 -21.03 55.57
CA LEU F 199 -16.47 -19.60 55.46
C LEU F 199 -16.26 -19.19 54.01
N TYR F 200 -15.38 -19.89 53.30
CA TYR F 200 -15.15 -19.71 51.88
C TYR F 200 -15.79 -20.88 51.14
N ALA F 201 -15.24 -21.25 49.99
CA ALA F 201 -15.69 -22.43 49.27
C ALA F 201 -14.62 -23.52 49.26
N ALA F 202 -13.91 -23.65 50.38
CA ALA F 202 -13.32 -24.91 50.82
C ALA F 202 -12.09 -25.42 50.09
N ASN F 203 -11.95 -26.74 50.13
CA ASN F 203 -10.73 -27.50 49.82
C ASN F 203 -9.57 -27.03 50.67
N VAL F 204 -9.19 -27.86 51.64
CA VAL F 204 -8.05 -27.53 52.49
C VAL F 204 -6.79 -27.46 51.63
N PRO F 205 -5.82 -26.59 51.94
CA PRO F 205 -4.63 -26.51 51.11
C PRO F 205 -3.80 -27.78 51.23
N PRO F 206 -3.01 -28.12 50.22
CA PRO F 206 -2.13 -29.28 50.30
C PRO F 206 -0.85 -28.93 51.04
N ARG F 207 0.07 -29.89 51.07
CA ARG F 207 1.39 -29.66 51.64
C ARG F 207 2.38 -29.29 50.55
N LEU F 208 3.53 -28.76 50.97
CA LEU F 208 4.47 -28.17 50.02
C LEU F 208 5.00 -29.23 49.04
N GLY F 209 5.54 -30.33 49.57
CA GLY F 209 5.97 -31.41 48.69
C GLY F 209 4.82 -32.05 47.95
N GLU F 210 3.67 -32.19 48.62
CA GLU F 210 2.48 -32.70 47.97
C GLU F 210 2.09 -31.84 46.77
N PHE F 211 2.00 -30.52 46.98
CA PHE F 211 1.64 -29.60 45.91
C PHE F 211 2.59 -29.74 44.73
N PHE F 212 3.89 -29.82 44.98
CA PHE F 212 4.87 -29.88 43.90
C PHE F 212 4.98 -31.25 43.27
N ASP F 213 4.61 -32.32 44.00
CA ASP F 213 4.43 -33.61 43.33
C ASP F 213 3.29 -33.53 42.31
N ILE F 214 2.24 -32.77 42.63
CA ILE F 214 1.18 -32.53 41.65
C ILE F 214 1.68 -31.68 40.49
N VAL F 215 2.35 -30.57 40.80
CA VAL F 215 2.88 -29.68 39.77
C VAL F 215 3.74 -30.44 38.79
N SER F 216 4.64 -31.28 39.33
CA SER F 216 5.46 -32.11 38.45
C SER F 216 4.64 -33.22 37.79
N GLY F 217 3.63 -33.74 38.49
CA GLY F 217 2.76 -34.74 37.87
C GLY F 217 2.00 -34.19 36.67
N ALA F 218 1.60 -32.91 36.75
CA ALA F 218 0.98 -32.25 35.61
C ALA F 218 1.97 -31.98 34.48
N GLY F 219 3.26 -32.14 34.72
CA GLY F 219 4.28 -31.91 33.71
C GLY F 219 4.95 -30.55 33.77
N PHE F 220 4.78 -29.81 34.86
CA PHE F 220 5.33 -28.46 34.98
C PHE F 220 6.69 -28.47 35.65
N HIS F 221 7.59 -27.62 35.14
CA HIS F 221 8.81 -27.27 35.86
C HIS F 221 8.54 -26.07 36.75
N THR F 222 9.25 -26.01 37.86
CA THR F 222 9.12 -24.91 38.81
C THR F 222 10.27 -23.93 38.59
N LEU F 223 9.93 -22.70 38.20
CA LEU F 223 10.93 -21.67 37.95
C LEU F 223 11.09 -20.68 39.10
N SER F 224 10.10 -20.55 39.97
CA SER F 224 10.20 -19.59 41.07
C SER F 224 9.14 -19.88 42.11
N LEU F 225 9.35 -19.30 43.29
CA LEU F 225 8.38 -19.30 44.38
C LEU F 225 8.70 -18.10 45.25
N LYS F 226 7.67 -17.41 45.73
CA LYS F 226 7.88 -16.26 46.59
C LYS F 226 6.76 -16.21 47.61
N ASP F 227 7.14 -16.25 48.89
CA ASP F 227 6.16 -16.13 49.96
C ASP F 227 5.46 -14.78 49.89
N LEU F 228 4.15 -14.79 50.07
CA LEU F 228 3.34 -13.58 50.17
C LEU F 228 2.38 -13.65 51.36
N SER F 229 2.73 -14.44 52.38
CA SER F 229 1.80 -14.78 53.44
C SER F 229 1.35 -13.54 54.20
N ALA F 230 2.26 -12.60 54.43
CA ALA F 230 1.90 -11.37 55.13
C ALA F 230 0.81 -10.61 54.40
N ASN F 231 0.86 -10.63 53.06
CA ASN F 231 -0.15 -9.93 52.26
C ASN F 231 -1.53 -10.56 52.44
N LEU F 232 -1.61 -11.89 52.34
CA LEU F 232 -2.88 -12.57 52.55
C LEU F 232 -3.39 -12.34 53.97
N ALA F 233 -2.49 -12.35 54.95
CA ALA F 233 -2.91 -12.18 56.34
C ALA F 233 -3.49 -10.79 56.57
N MET F 234 -2.88 -9.76 55.98
CA MET F 234 -3.39 -8.40 56.14
C MET F 234 -4.71 -8.22 55.38
N THR F 235 -4.81 -8.79 54.19
CA THR F 235 -6.07 -8.78 53.45
C THR F 235 -7.18 -9.44 54.27
N MET F 236 -6.87 -10.56 54.92
CA MET F 236 -7.86 -11.23 55.76
C MET F 236 -8.24 -10.36 56.95
N ASN F 237 -7.30 -9.53 57.43
CA ASN F 237 -7.63 -8.58 58.50
C ASN F 237 -8.50 -7.46 57.97
N VAL F 238 -8.12 -6.88 56.83
CA VAL F 238 -8.97 -5.88 56.16
C VAL F 238 -10.37 -6.43 55.96
N PHE F 239 -10.47 -7.68 55.53
CA PHE F 239 -11.77 -8.30 55.30
C PHE F 239 -12.53 -8.46 56.62
N ALA F 240 -11.85 -8.96 57.65
CA ALA F 240 -12.51 -9.19 58.93
C ALA F 240 -13.00 -7.89 59.56
N LEU F 241 -12.18 -6.84 59.53
CA LEU F 241 -12.61 -5.56 60.07
C LEU F 241 -13.85 -5.04 59.37
N GLY F 242 -13.89 -5.16 58.05
CA GLY F 242 -15.05 -4.69 57.30
C GLY F 242 -16.32 -5.44 57.64
N VAL F 243 -16.22 -6.76 57.81
CA VAL F 243 -17.37 -7.55 58.22
C VAL F 243 -17.83 -7.14 59.63
N TYR F 244 -16.87 -6.96 60.55
CA TYR F 244 -17.21 -6.56 61.90
C TYR F 244 -17.91 -5.20 61.93
N SER F 245 -17.40 -4.24 61.15
CA SER F 245 -17.87 -2.87 61.25
C SER F 245 -19.19 -2.62 60.52
N ARG F 246 -19.57 -3.49 59.59
CA ARG F 246 -20.76 -3.30 58.77
C ARG F 246 -21.69 -4.51 58.85
N ARG F 247 -21.90 -5.00 60.08
CA ARG F 247 -22.75 -6.16 60.27
C ARG F 247 -24.19 -5.88 59.85
N ALA F 248 -24.66 -4.65 60.09
CA ALA F 248 -26.03 -4.31 59.74
C ALA F 248 -26.21 -4.27 58.23
N GLU F 249 -25.29 -3.58 57.53
CA GLU F 249 -25.40 -3.46 56.07
C GLU F 249 -25.31 -4.81 55.39
N PHE F 250 -24.39 -5.67 55.86
CA PHE F 250 -24.17 -6.95 55.19
C PHE F 250 -25.27 -7.97 55.51
N THR F 251 -25.90 -7.87 56.68
CA THR F 251 -27.06 -8.71 56.95
C THR F 251 -28.24 -8.32 56.06
N GLU F 252 -28.42 -7.02 55.86
CA GLU F 252 -29.48 -6.54 54.98
C GLU F 252 -29.21 -6.89 53.52
N ARG F 253 -27.96 -7.23 53.19
CA ARG F 253 -27.55 -7.54 51.81
C ARG F 253 -27.46 -9.03 51.52
N PHE F 254 -26.90 -9.80 52.45
CA PHE F 254 -26.64 -11.22 52.22
C PHE F 254 -27.38 -12.14 53.19
N GLY F 255 -28.08 -11.61 54.18
CA GLY F 255 -28.77 -12.43 55.14
C GLY F 255 -28.02 -12.55 56.44
N ALA F 256 -28.76 -12.81 57.52
CA ALA F 256 -28.15 -12.94 58.84
C ALA F 256 -27.33 -14.22 58.94
N GLU F 257 -27.80 -15.29 58.28
CA GLU F 257 -27.13 -16.59 58.38
C GLU F 257 -25.69 -16.50 57.88
N PHE F 258 -25.49 -15.88 56.72
CA PHE F 258 -24.14 -15.76 56.15
C PHE F 258 -23.24 -14.90 57.03
N VAL F 259 -23.75 -13.74 57.44
CA VAL F 259 -22.93 -12.81 58.22
C VAL F 259 -22.58 -13.39 59.58
N ASP F 260 -23.56 -14.00 60.25
CA ASP F 260 -23.28 -14.61 61.56
C ASP F 260 -22.22 -15.71 61.44
N GLY F 261 -22.22 -16.42 60.31
CA GLY F 261 -21.17 -17.40 60.09
C GLY F 261 -19.79 -16.78 59.99
N LEU F 262 -19.69 -15.64 59.31
CA LEU F 262 -18.41 -14.93 59.21
C LEU F 262 -17.97 -14.40 60.57
N LEU F 263 -18.88 -13.75 61.29
CA LEU F 263 -18.54 -13.23 62.62
C LEU F 263 -18.12 -14.34 63.56
N ALA F 264 -18.68 -15.54 63.39
CA ALA F 264 -18.33 -16.66 64.27
C ALA F 264 -17.00 -17.31 63.89
N GLY F 265 -16.62 -17.30 62.61
CA GLY F 265 -15.48 -18.07 62.17
C GLY F 265 -14.22 -17.29 61.84
N LEU F 266 -14.36 -15.99 61.57
CA LEU F 266 -13.24 -15.22 61.01
C LEU F 266 -12.05 -15.17 61.97
N GLY F 267 -12.31 -15.05 63.27
CA GLY F 267 -11.21 -15.03 64.23
C GLY F 267 -10.47 -16.36 64.27
N SER F 268 -11.21 -17.46 64.35
CA SER F 268 -10.59 -18.78 64.34
C SER F 268 -9.84 -19.04 63.04
N ALA F 269 -10.46 -18.70 61.90
CA ALA F 269 -9.79 -18.86 60.61
C ALA F 269 -8.53 -17.99 60.53
N GLN F 270 -8.59 -16.78 61.10
CA GLN F 270 -7.41 -15.92 61.12
C GLN F 270 -6.25 -16.60 61.83
N GLU F 271 -6.52 -17.18 63.01
CA GLU F 271 -5.45 -17.85 63.77
C GLU F 271 -4.91 -19.05 63.01
N THR F 272 -5.80 -19.83 62.38
CA THR F 272 -5.35 -20.98 61.58
C THR F 272 -4.46 -20.52 60.42
N LEU F 273 -4.91 -19.50 59.69
CA LEU F 273 -4.13 -18.95 58.59
C LEU F 273 -2.76 -18.46 59.05
N ILE F 274 -2.72 -17.81 60.21
CA ILE F 274 -1.46 -17.26 60.72
C ILE F 274 -0.52 -18.38 61.14
N ARG F 275 -1.04 -19.41 61.78
CA ARG F 275 -0.21 -20.42 62.43
C ARG F 275 0.05 -21.64 61.58
N LYS F 276 -0.82 -21.97 60.63
CA LYS F 276 -0.76 -23.27 59.96
C LYS F 276 -0.63 -23.23 58.44
N THR F 277 -0.69 -22.07 57.80
CA THR F 277 -0.61 -22.01 56.34
C THR F 277 0.34 -20.91 55.89
N ARG F 278 0.92 -21.11 54.70
CA ARG F 278 1.68 -20.09 54.00
C ARG F 278 1.11 -19.94 52.59
N PHE F 279 1.32 -18.76 52.00
CA PHE F 279 0.76 -18.38 50.71
C PHE F 279 1.87 -17.82 49.84
N PHE F 280 1.93 -18.27 48.57
CA PHE F 280 3.07 -17.93 47.74
C PHE F 280 2.65 -17.77 46.29
N MET F 281 3.54 -17.14 45.52
CA MET F 281 3.40 -16.97 44.07
C MET F 281 4.46 -17.82 43.38
N ALA F 282 4.03 -18.73 42.51
CA ALA F 282 4.91 -19.68 41.86
C ALA F 282 4.76 -19.57 40.35
N THR F 283 5.88 -19.55 39.64
CA THR F 283 5.91 -19.58 38.18
C THR F 283 6.20 -21.01 37.73
N LEU F 284 5.24 -21.62 37.04
CA LEU F 284 5.39 -22.96 36.50
C LEU F 284 5.52 -22.85 34.98
N ARG F 285 6.42 -23.65 34.41
CA ARG F 285 6.67 -23.62 32.97
C ARG F 285 6.34 -24.97 32.34
N LYS F 286 5.57 -24.93 31.27
CA LYS F 286 5.44 -26.08 30.40
C LYS F 286 6.70 -26.21 29.57
N PRO F 287 7.47 -27.29 29.70
CA PRO F 287 8.75 -27.37 28.99
C PRO F 287 8.58 -27.24 27.49
N ALA F 288 9.52 -26.54 26.86
CA ALA F 288 9.55 -26.43 25.41
C ALA F 288 10.17 -27.68 24.80
N VAL F 289 10.10 -27.77 23.47
CA VAL F 289 10.71 -28.89 22.76
C VAL F 289 11.97 -28.43 22.05
N PHE G 24 0.66 -46.30 -50.32
CA PHE G 24 0.60 -45.03 -49.62
C PHE G 24 -0.13 -45.17 -48.29
N GLY G 25 -1.44 -45.39 -48.37
CA GLY G 25 -2.34 -45.46 -47.23
C GLY G 25 -1.75 -45.90 -45.89
N GLU G 26 -0.97 -46.98 -45.90
CA GLU G 26 -0.33 -47.44 -44.66
C GLU G 26 0.60 -46.39 -44.06
N VAL G 27 1.05 -45.41 -44.85
CA VAL G 27 1.84 -44.30 -44.30
C VAL G 27 1.04 -43.55 -43.24
N TYR G 28 -0.28 -43.41 -43.44
CA TYR G 28 -1.13 -42.85 -42.38
C TYR G 28 -1.12 -43.74 -41.15
N HIS G 29 -1.21 -45.05 -41.34
CA HIS G 29 -1.17 -45.98 -40.21
C HIS G 29 0.17 -45.96 -39.49
N LEU G 30 1.23 -45.49 -40.14
CA LEU G 30 2.56 -45.53 -39.56
C LEU G 30 2.95 -44.26 -38.83
N THR G 31 2.25 -43.15 -39.07
CA THR G 31 2.56 -41.89 -38.42
C THR G 31 1.52 -41.41 -37.42
N LEU G 32 0.27 -41.87 -37.53
CA LEU G 32 -0.79 -41.43 -36.66
C LEU G 32 -1.44 -42.53 -35.84
N GLY G 33 -1.24 -43.80 -36.20
CA GLY G 33 -1.72 -44.90 -35.41
C GLY G 33 -2.53 -45.89 -36.23
N GLU G 34 -3.21 -46.80 -35.52
CA GLU G 34 -3.97 -47.87 -36.14
C GLU G 34 -5.25 -47.39 -36.82
N SER G 35 -5.51 -46.09 -36.86
CA SER G 35 -6.64 -45.52 -37.55
C SER G 35 -6.15 -44.51 -38.58
N VAL G 36 -7.07 -44.02 -39.41
CA VAL G 36 -6.74 -43.04 -40.43
C VAL G 36 -7.55 -41.78 -40.21
N HIS G 37 -7.50 -41.22 -39.00
CA HIS G 37 -8.23 -40.00 -38.72
C HIS G 37 -7.54 -39.24 -37.59
N CYS G 38 -8.15 -38.14 -37.16
CA CYS G 38 -7.59 -37.28 -36.13
C CYS G 38 -7.56 -38.01 -34.79
N GLY G 39 -6.80 -37.43 -33.86
CA GLY G 39 -6.74 -37.90 -32.48
C GLY G 39 -7.37 -36.87 -31.57
N LEU G 40 -8.02 -37.34 -30.51
CA LEU G 40 -8.72 -36.45 -29.58
C LEU G 40 -7.72 -35.88 -28.57
N TRP G 41 -6.91 -34.95 -29.06
CA TRP G 41 -5.91 -34.30 -28.23
C TRP G 41 -6.51 -33.31 -27.25
N PHE G 42 -7.69 -32.75 -27.55
CA PHE G 42 -8.38 -31.84 -26.66
C PHE G 42 -9.72 -32.43 -26.28
N PRO G 43 -10.02 -32.59 -24.99
CA PRO G 43 -11.28 -33.22 -24.61
C PRO G 43 -12.44 -32.43 -25.15
N PRO G 44 -13.60 -33.08 -25.35
CA PRO G 44 -14.75 -32.36 -25.91
C PRO G 44 -15.19 -31.17 -25.10
N ASP G 45 -15.08 -31.20 -23.77
CA ASP G 45 -15.54 -30.08 -22.95
C ASP G 45 -14.55 -28.92 -22.90
N ALA G 46 -13.39 -29.04 -23.54
CA ALA G 46 -12.41 -27.97 -23.52
C ALA G 46 -12.78 -26.87 -24.51
N PRO G 47 -12.44 -25.62 -24.21
CA PRO G 47 -12.82 -24.52 -25.09
C PRO G 47 -11.96 -24.46 -26.34
N VAL G 48 -12.54 -23.89 -27.39
CA VAL G 48 -11.78 -23.70 -28.64
C VAL G 48 -10.70 -22.64 -28.41
N PRO G 49 -9.45 -22.91 -28.75
CA PRO G 49 -8.37 -21.97 -28.46
C PRO G 49 -8.52 -20.67 -29.22
N GLN G 50 -7.74 -19.67 -28.79
CA GLN G 50 -7.75 -18.37 -29.46
C GLN G 50 -7.16 -18.48 -30.86
N ASP G 51 -6.09 -19.26 -31.02
CA ASP G 51 -5.55 -19.52 -32.35
C ASP G 51 -5.28 -21.01 -32.51
N MET G 52 -4.60 -21.38 -33.60
CA MET G 52 -4.24 -22.77 -33.85
C MET G 52 -2.73 -23.00 -33.85
N GLU G 53 -1.94 -21.97 -33.49
CA GLU G 53 -0.50 -22.14 -33.40
C GLU G 53 -0.15 -23.15 -32.31
N LEU G 54 0.94 -23.89 -32.55
CA LEU G 54 1.31 -24.98 -31.65
C LEU G 54 1.52 -24.50 -30.22
N VAL G 55 2.04 -23.28 -30.05
CA VAL G 55 2.36 -22.79 -28.73
C VAL G 55 1.11 -22.53 -27.91
N THR G 56 0.05 -22.02 -28.55
CA THR G 56 -1.18 -21.71 -27.82
C THR G 56 -1.97 -22.96 -27.48
N MET G 57 -2.03 -23.92 -28.41
CA MET G 57 -2.68 -25.20 -28.11
C MET G 57 -1.97 -25.92 -26.99
N SER G 58 -0.63 -25.91 -26.99
CA SER G 58 0.12 -26.48 -25.88
C SER G 58 -0.09 -25.71 -24.58
N SER G 59 -0.26 -24.38 -24.66
CA SER G 59 -0.52 -23.58 -23.47
C SER G 59 -1.86 -23.95 -22.83
N GLN G 60 -2.88 -24.17 -23.65
CA GLN G 60 -4.16 -24.63 -23.12
C GLN G 60 -4.01 -26.00 -22.47
N ALA G 61 -3.18 -26.87 -23.06
CA ALA G 61 -2.84 -28.13 -22.40
C ALA G 61 -2.13 -27.89 -21.07
N GLN G 62 -1.27 -26.86 -21.01
CA GLN G 62 -0.59 -26.54 -19.76
C GLN G 62 -1.57 -26.13 -18.67
N ASP G 63 -2.53 -25.26 -19.00
CA ASP G 63 -3.48 -24.80 -18.00
C ASP G 63 -4.41 -25.91 -17.53
N ARG G 64 -4.72 -26.87 -18.40
CA ARG G 64 -5.49 -28.04 -17.99
C ARG G 64 -4.65 -28.95 -17.09
N TYR G 65 -3.36 -29.05 -17.38
CA TYR G 65 -2.42 -29.75 -16.52
C TYR G 65 -2.39 -29.14 -15.12
N THR G 66 -2.28 -27.81 -15.05
CA THR G 66 -2.32 -27.12 -13.76
C THR G 66 -3.62 -27.39 -13.03
N ASP G 67 -4.75 -27.30 -13.74
CA ASP G 67 -6.04 -27.58 -13.11
C ASP G 67 -6.08 -28.98 -12.51
N TYR G 68 -5.44 -29.95 -13.17
CA TYR G 68 -5.42 -31.31 -12.65
C TYR G 68 -4.55 -31.42 -11.41
N LEU G 69 -3.42 -30.70 -11.39
CA LEU G 69 -2.57 -30.68 -10.20
C LEU G 69 -3.31 -30.03 -9.03
N ILE G 70 -3.97 -28.90 -9.28
CA ILE G 70 -4.77 -28.26 -8.26
C ILE G 70 -5.83 -29.22 -7.71
N GLU G 71 -6.52 -29.91 -8.62
CA GLU G 71 -7.56 -30.87 -8.21
C GLU G 71 -6.97 -31.99 -7.36
N THR G 72 -5.74 -32.42 -7.64
CA THR G 72 -5.16 -33.56 -6.96
C THR G 72 -4.68 -33.20 -5.55
N LEU G 73 -3.83 -32.17 -5.44
CA LEU G 73 -3.35 -31.75 -4.13
C LEU G 73 -4.48 -31.24 -3.25
N ASP G 74 -5.47 -30.60 -3.86
CA ASP G 74 -6.68 -30.11 -3.22
C ASP G 74 -6.39 -29.14 -2.08
N PRO G 75 -5.77 -27.99 -2.36
CA PRO G 75 -5.61 -26.98 -1.30
C PRO G 75 -6.95 -26.39 -0.93
N LYS G 76 -7.12 -26.09 0.36
CA LYS G 76 -8.36 -25.55 0.88
C LYS G 76 -8.24 -24.05 1.11
N ALA G 77 -9.36 -23.35 1.01
CA ALA G 77 -9.37 -21.90 1.12
C ALA G 77 -8.78 -21.47 2.46
N GLY G 78 -7.99 -20.41 2.43
CA GLY G 78 -7.30 -19.92 3.60
C GLY G 78 -5.94 -20.52 3.85
N GLN G 79 -5.54 -21.54 3.10
CA GLN G 79 -4.25 -22.19 3.30
C GLN G 79 -3.14 -21.39 2.61
N HIS G 80 -1.90 -21.80 2.90
CA HIS G 80 -0.71 -21.18 2.32
C HIS G 80 0.10 -22.28 1.65
N LEU G 81 0.34 -22.12 0.35
CA LEU G 81 1.00 -23.13 -0.46
C LEU G 81 2.39 -22.66 -0.88
N LEU G 82 3.34 -23.59 -0.90
CA LEU G 82 4.72 -23.32 -1.28
C LEU G 82 4.99 -23.93 -2.65
N ASP G 83 5.38 -23.08 -3.61
CA ASP G 83 5.71 -23.52 -4.96
C ASP G 83 7.23 -23.65 -5.04
N ILE G 84 7.71 -24.89 -5.01
CA ILE G 84 9.14 -25.17 -4.98
C ILE G 84 9.62 -25.29 -6.43
N GLY G 85 10.28 -24.24 -6.90
CA GLY G 85 10.63 -24.15 -8.31
C GLY G 85 9.47 -23.64 -9.12
N CYS G 86 9.12 -22.36 -8.91
CA CYS G 86 7.85 -21.80 -9.34
C CYS G 86 7.87 -21.27 -10.77
N GLY G 87 9.03 -21.11 -11.39
CA GLY G 87 9.07 -20.62 -12.75
C GLY G 87 8.63 -19.16 -12.82
N THR G 88 7.67 -18.88 -13.70
CA THR G 88 7.12 -17.53 -13.85
C THR G 88 5.77 -17.36 -13.16
N GLY G 89 5.35 -18.35 -12.38
CA GLY G 89 4.27 -18.19 -11.41
C GLY G 89 2.85 -18.37 -11.91
N ARG G 90 2.66 -18.77 -13.17
CA ARG G 90 1.28 -18.96 -13.65
C ARG G 90 0.59 -20.06 -12.87
N THR G 91 1.31 -21.13 -12.53
CA THR G 91 0.71 -22.20 -11.73
C THR G 91 0.25 -21.67 -10.38
N ALA G 92 1.06 -20.84 -9.73
CA ALA G 92 0.66 -20.21 -8.48
C ALA G 92 -0.56 -19.34 -8.68
N LEU G 93 -0.62 -18.60 -9.80
CA LEU G 93 -1.72 -17.69 -10.05
C LEU G 93 -3.05 -18.44 -10.16
N LYS G 94 -3.09 -19.48 -11.00
CA LYS G 94 -4.30 -20.28 -11.14
C LYS G 94 -4.69 -20.90 -9.81
N ALA G 95 -3.70 -21.33 -9.02
CA ALA G 95 -4.00 -21.91 -7.71
C ALA G 95 -4.67 -20.91 -6.79
N ALA G 96 -4.13 -19.69 -6.73
CA ALA G 96 -4.68 -18.68 -5.82
C ALA G 96 -6.07 -18.23 -6.27
N ARG G 97 -6.27 -18.03 -7.57
CA ARG G 97 -7.58 -17.61 -8.06
C ARG G 97 -8.63 -18.69 -7.82
N GLN G 98 -8.29 -19.95 -8.12
CA GLN G 98 -9.30 -21.00 -8.13
C GLN G 98 -9.66 -21.46 -6.72
N ARG G 99 -8.74 -21.34 -5.77
CA ARG G 99 -8.96 -21.90 -4.44
C ARG G 99 -8.91 -20.88 -3.31
N GLY G 100 -8.66 -19.61 -3.59
CA GLY G 100 -8.62 -18.60 -2.55
C GLY G 100 -7.56 -18.89 -1.51
N ILE G 101 -6.32 -19.08 -1.96
CA ILE G 101 -5.20 -19.40 -1.09
C ILE G 101 -4.09 -18.38 -1.33
N ALA G 102 -3.17 -18.32 -0.36
CA ALA G 102 -1.91 -17.62 -0.56
C ALA G 102 -0.88 -18.62 -1.05
N VAL G 103 0.00 -18.17 -1.94
CA VAL G 103 1.03 -19.02 -2.51
C VAL G 103 2.36 -18.29 -2.42
N THR G 104 3.37 -18.98 -1.90
CA THR G 104 4.74 -18.50 -1.89
C THR G 104 5.57 -19.37 -2.81
N GLY G 105 6.19 -18.76 -3.82
CA GLY G 105 7.01 -19.52 -4.73
C GLY G 105 8.47 -19.11 -4.73
N VAL G 106 9.37 -20.10 -4.76
CA VAL G 106 10.80 -19.83 -4.75
C VAL G 106 11.40 -20.35 -6.05
N ALA G 107 12.47 -19.69 -6.49
CA ALA G 107 13.19 -20.08 -7.68
C ALA G 107 14.56 -19.42 -7.63
N VAL G 108 15.52 -20.01 -8.36
CA VAL G 108 16.88 -19.51 -8.37
C VAL G 108 17.15 -18.55 -9.52
N SER G 109 16.17 -18.29 -10.38
CA SER G 109 16.33 -17.41 -11.52
C SER G 109 15.75 -16.04 -11.18
N LYS G 110 16.59 -15.00 -11.32
CA LYS G 110 16.14 -13.64 -11.05
C LYS G 110 15.07 -13.21 -12.03
N GLU G 111 15.22 -13.57 -13.30
CA GLU G 111 14.25 -13.15 -14.31
C GLU G 111 12.89 -13.80 -14.08
N GLN G 112 12.86 -15.10 -13.80
CA GLN G 112 11.60 -15.79 -13.56
C GLN G 112 10.87 -15.21 -12.36
N ILE G 113 11.61 -14.90 -11.29
CA ILE G 113 11.01 -14.28 -10.12
C ILE G 113 10.45 -12.90 -10.45
N ALA G 114 11.21 -12.09 -11.19
CA ALA G 114 10.73 -10.78 -11.60
C ALA G 114 9.48 -10.90 -12.47
N ALA G 115 9.45 -11.89 -13.36
CA ALA G 115 8.28 -12.10 -14.20
C ALA G 115 7.07 -12.54 -13.37
N ALA G 116 7.31 -13.38 -12.35
CA ALA G 116 6.21 -13.82 -11.49
C ALA G 116 5.68 -12.66 -10.67
N ASN G 117 6.55 -11.77 -10.19
CA ASN G 117 6.09 -10.60 -9.46
C ASN G 117 5.30 -9.67 -10.36
N ARG G 118 5.75 -9.48 -11.61
CA ARG G 118 4.97 -8.71 -12.57
C ARG G 118 3.61 -9.37 -12.82
N LEU G 119 3.60 -10.71 -12.92
CA LEU G 119 2.35 -11.42 -13.14
C LEU G 119 1.39 -11.23 -11.96
N ALA G 120 1.92 -11.29 -10.74
CA ALA G 120 1.09 -11.08 -9.56
C ALA G 120 0.59 -9.64 -9.47
N ALA G 121 1.40 -8.68 -9.92
CA ALA G 121 0.96 -7.28 -9.90
C ALA G 121 -0.11 -7.02 -10.95
N GLY G 122 0.06 -7.57 -12.15
CA GLY G 122 -0.90 -7.30 -13.20
C GLY G 122 -2.26 -7.90 -12.92
N HIS G 123 -2.31 -8.95 -12.10
CA HIS G 123 -3.58 -9.51 -11.66
C HIS G 123 -4.00 -9.02 -10.28
N GLY G 124 -3.25 -8.09 -9.69
CA GLY G 124 -3.61 -7.48 -8.42
C GLY G 124 -3.66 -8.44 -7.26
N LEU G 125 -2.64 -9.30 -7.14
CA LEU G 125 -2.60 -10.32 -6.09
C LEU G 125 -1.27 -10.36 -5.35
N THR G 126 -0.55 -9.23 -5.33
CA THR G 126 0.75 -9.21 -4.66
C THR G 126 0.64 -9.47 -3.16
N GLU G 127 -0.56 -9.37 -2.60
CA GLU G 127 -0.73 -9.70 -1.19
C GLU G 127 -0.95 -11.19 -0.97
N ARG G 128 -1.46 -11.90 -1.98
CA ARG G 128 -1.69 -13.34 -1.86
C ARG G 128 -0.64 -14.16 -2.61
N LEU G 129 0.17 -13.53 -3.46
CA LEU G 129 1.24 -14.21 -4.18
C LEU G 129 2.56 -13.55 -3.81
N THR G 130 3.48 -14.34 -3.28
CA THR G 130 4.81 -13.87 -2.91
C THR G 130 5.85 -14.73 -3.62
N PHE G 131 6.72 -14.09 -4.41
CA PHE G 131 7.74 -14.77 -5.19
C PHE G 131 9.10 -14.25 -4.78
N GLU G 132 10.01 -15.17 -4.46
CA GLU G 132 11.32 -14.79 -3.93
C GLU G 132 12.41 -15.69 -4.50
N VAL G 133 13.60 -15.12 -4.62
CA VAL G 133 14.78 -15.86 -5.06
C VAL G 133 15.34 -16.61 -3.85
N ALA G 134 15.30 -17.93 -3.91
CA ALA G 134 15.77 -18.75 -2.80
C ALA G 134 16.06 -20.16 -3.31
N ASP G 135 16.94 -20.84 -2.58
CA ASP G 135 17.33 -22.21 -2.91
C ASP G 135 16.45 -23.19 -2.15
N ALA G 136 15.91 -24.18 -2.87
CA ALA G 136 15.03 -25.17 -2.25
C ALA G 136 15.80 -26.17 -1.40
N MET G 137 17.11 -26.27 -1.58
CA MET G 137 17.93 -27.16 -0.77
C MET G 137 18.38 -26.52 0.55
N ARG G 138 18.17 -25.20 0.71
CA ARG G 138 18.34 -24.47 1.98
C ARG G 138 17.30 -23.34 1.98
N LEU G 139 16.07 -23.68 2.39
CA LEU G 139 14.95 -22.75 2.33
C LEU G 139 15.00 -21.75 3.49
N PRO G 140 14.65 -20.49 3.24
CA PRO G 140 14.76 -19.47 4.29
C PRO G 140 13.50 -19.29 5.13
N TYR G 141 12.70 -20.34 5.28
CA TYR G 141 11.42 -20.22 5.96
C TYR G 141 11.43 -20.98 7.28
N GLU G 142 10.51 -20.60 8.16
CA GLU G 142 10.43 -21.18 9.48
C GLU G 142 9.86 -22.59 9.42
N ASP G 143 10.09 -23.35 10.49
CA ASP G 143 9.54 -24.69 10.59
C ASP G 143 8.02 -24.63 10.69
N GLU G 144 7.34 -25.47 9.90
CA GLU G 144 5.89 -25.58 9.91
C GLU G 144 5.22 -24.26 9.53
N SER G 145 5.61 -23.74 8.36
CA SER G 145 5.06 -22.49 7.85
C SER G 145 3.93 -22.68 6.85
N PHE G 146 3.92 -23.79 6.11
CA PHE G 146 3.01 -23.97 4.99
C PHE G 146 2.12 -25.19 5.21
N ASP G 147 0.88 -25.09 4.71
CA ASP G 147 -0.06 -26.19 4.84
C ASP G 147 0.13 -27.24 3.75
N CYS G 148 0.68 -26.84 2.61
CA CYS G 148 0.92 -27.76 1.51
C CYS G 148 1.97 -27.15 0.60
N ALA G 149 2.53 -27.98 -0.27
CA ALA G 149 3.56 -27.52 -1.20
C ALA G 149 3.53 -28.41 -2.43
N TRP G 150 4.21 -27.96 -3.48
CA TRP G 150 4.40 -28.82 -4.64
C TRP G 150 5.70 -28.46 -5.35
N ALA G 151 6.36 -29.49 -5.85
CA ALA G 151 7.54 -29.35 -6.71
C ALA G 151 7.13 -29.84 -8.09
N ILE G 152 6.76 -28.91 -8.96
CA ILE G 152 6.25 -29.24 -10.28
C ILE G 152 7.42 -29.23 -11.26
N GLU G 153 7.95 -30.42 -11.53
CA GLU G 153 8.99 -30.61 -12.55
C GLU G 153 10.23 -29.76 -12.26
N SER G 154 10.61 -29.69 -10.98
CA SER G 154 11.78 -28.92 -10.57
C SER G 154 12.81 -29.71 -9.79
N LEU G 155 12.45 -30.88 -9.24
CA LEU G 155 13.38 -31.64 -8.42
C LEU G 155 14.61 -32.10 -9.21
N CYS G 156 14.52 -32.18 -10.54
CA CYS G 156 15.66 -32.61 -11.33
C CYS G 156 16.76 -31.57 -11.43
N HIS G 157 16.58 -30.39 -10.85
CA HIS G 157 17.64 -29.40 -10.79
C HIS G 157 18.33 -29.37 -9.44
N MET G 158 17.98 -30.26 -8.52
CA MET G 158 18.39 -30.15 -7.14
C MET G 158 18.89 -31.48 -6.60
N ASP G 159 19.37 -31.43 -5.36
CA ASP G 159 19.56 -32.63 -4.55
C ASP G 159 18.20 -33.03 -3.98
N ARG G 160 17.70 -34.19 -4.39
CA ARG G 160 16.35 -34.58 -4.01
C ARG G 160 16.24 -34.85 -2.51
N ALA G 161 17.33 -35.27 -1.87
CA ALA G 161 17.29 -35.53 -0.44
C ALA G 161 17.22 -34.23 0.36
N LYS G 162 18.08 -33.27 0.04
CA LYS G 162 18.03 -31.98 0.71
C LYS G 162 16.72 -31.25 0.43
N ALA G 163 16.28 -31.27 -0.83
CA ALA G 163 15.04 -30.60 -1.20
C ALA G 163 13.85 -31.18 -0.46
N LEU G 164 13.76 -32.51 -0.41
CA LEU G 164 12.63 -33.15 0.27
C LEU G 164 12.71 -32.96 1.78
N GLY G 165 13.90 -33.15 2.37
CA GLY G 165 14.05 -32.92 3.79
C GLY G 165 13.77 -31.47 4.17
N GLU G 166 14.08 -30.53 3.28
CA GLU G 166 13.80 -29.13 3.58
C GLU G 166 12.31 -28.83 3.42
N ALA G 167 11.68 -29.39 2.39
CA ALA G 167 10.23 -29.25 2.24
C ALA G 167 9.50 -29.87 3.41
N TRP G 168 10.02 -30.98 3.94
CA TRP G 168 9.44 -31.60 5.13
C TRP G 168 9.47 -30.65 6.33
N ARG G 169 10.57 -29.90 6.48
CA ARG G 169 10.72 -29.02 7.64
C ARG G 169 9.75 -27.84 7.58
N VAL G 170 9.60 -27.23 6.41
CA VAL G 170 8.74 -26.05 6.28
C VAL G 170 7.26 -26.40 6.27
N LEU G 171 6.90 -27.68 6.24
CA LEU G 171 5.51 -28.09 6.21
C LEU G 171 4.97 -28.28 7.62
N LYS G 172 3.72 -27.92 7.82
CA LYS G 172 3.04 -28.26 9.05
C LYS G 172 2.77 -29.76 9.08
N PRO G 173 2.74 -30.37 10.27
CA PRO G 173 2.40 -31.80 10.35
C PRO G 173 1.00 -32.07 9.84
N GLY G 174 0.90 -33.03 8.91
CA GLY G 174 -0.34 -33.35 8.25
C GLY G 174 -0.43 -32.88 6.82
N GLY G 175 0.37 -31.88 6.44
CA GLY G 175 0.25 -31.34 5.11
C GLY G 175 0.87 -32.23 4.06
N ASP G 176 0.56 -31.91 2.80
CA ASP G 176 0.94 -32.75 1.68
C ASP G 176 1.86 -31.99 0.73
N LEU G 177 2.77 -32.73 0.11
CA LEU G 177 3.68 -32.21 -0.92
C LEU G 177 3.41 -32.95 -2.22
N LEU G 178 3.06 -32.22 -3.27
CA LEU G 178 2.81 -32.81 -4.57
C LEU G 178 4.12 -32.80 -5.36
N VAL G 179 4.53 -33.97 -5.83
CA VAL G 179 5.84 -34.14 -6.45
C VAL G 179 5.65 -34.72 -7.86
N LEU G 180 6.15 -33.99 -8.85
CA LEU G 180 6.17 -34.44 -10.24
C LEU G 180 7.62 -34.74 -10.59
N GLU G 181 7.98 -36.02 -10.61
CA GLU G 181 9.36 -36.45 -10.70
C GLU G 181 9.52 -37.56 -11.74
N SER G 182 10.70 -37.61 -12.35
CA SER G 182 11.07 -38.66 -13.30
C SER G 182 11.97 -39.70 -12.62
N VAL G 183 11.93 -40.92 -13.16
CA VAL G 183 12.68 -42.04 -12.62
C VAL G 183 13.14 -42.92 -13.77
N VAL G 184 14.40 -43.37 -13.74
CA VAL G 184 14.94 -44.25 -14.76
C VAL G 184 14.45 -45.67 -14.53
N THR G 185 14.24 -46.39 -15.64
CA THR G 185 13.95 -47.81 -15.60
C THR G 185 15.10 -48.67 -16.11
N GLU G 186 16.08 -48.08 -16.80
CA GLU G 186 17.29 -48.74 -17.21
C GLU G 186 18.46 -48.12 -16.44
N GLU G 187 19.68 -48.34 -16.95
CA GLU G 187 20.88 -47.92 -16.23
C GLU G 187 21.47 -46.61 -16.73
N LEU G 188 21.12 -46.17 -17.94
CA LEU G 188 21.63 -44.94 -18.55
C LEU G 188 23.11 -45.03 -18.88
N THR G 189 23.45 -44.82 -20.15
CA THR G 189 24.85 -44.70 -20.53
C THR G 189 25.38 -43.33 -20.13
N GLU G 190 26.70 -43.20 -20.09
CA GLU G 190 27.34 -41.96 -19.65
C GLU G 190 27.06 -40.78 -20.58
N PRO G 191 27.03 -40.96 -21.91
CA PRO G 191 26.58 -39.85 -22.76
C PRO G 191 25.15 -39.43 -22.48
N GLU G 192 24.27 -40.38 -22.18
CA GLU G 192 22.90 -40.05 -21.83
C GLU G 192 22.85 -39.20 -20.56
N THR G 193 23.64 -39.57 -19.54
CA THR G 193 23.71 -38.76 -18.33
C THR G 193 24.23 -37.35 -18.61
N ALA G 194 25.08 -37.20 -19.63
CA ALA G 194 25.59 -35.88 -19.98
C ALA G 194 24.54 -35.04 -20.71
N LEU G 195 23.73 -35.68 -21.56
CA LEU G 195 22.69 -34.95 -22.28
C LEU G 195 21.73 -34.23 -21.32
N PHE G 196 21.49 -34.80 -20.14
CA PHE G 196 20.71 -34.11 -19.13
C PHE G 196 21.35 -32.77 -18.76
N GLU G 197 22.67 -32.75 -18.64
CA GLU G 197 23.36 -31.53 -18.21
C GLU G 197 23.40 -30.50 -19.33
N THR G 198 23.66 -30.94 -20.56
CA THR G 198 23.87 -30.01 -21.65
C THR G 198 22.56 -29.43 -22.18
N LEU G 199 21.59 -30.30 -22.47
CA LEU G 199 20.31 -29.83 -22.99
C LEU G 199 19.56 -29.00 -21.94
N TYR G 200 19.21 -29.63 -20.82
CA TYR G 200 18.51 -28.94 -19.75
C TYR G 200 19.49 -28.54 -18.66
N ALA G 201 19.11 -28.69 -17.39
CA ALA G 201 20.04 -28.38 -16.31
C ALA G 201 20.26 -29.57 -15.40
N ALA G 202 20.47 -30.76 -15.99
CA ALA G 202 21.21 -31.84 -15.38
C ALA G 202 20.49 -32.64 -14.29
N ASN G 203 21.28 -33.30 -13.44
CA ASN G 203 20.85 -34.26 -12.43
C ASN G 203 19.99 -35.36 -13.03
N VAL G 204 20.61 -36.50 -13.33
CA VAL G 204 19.91 -37.66 -13.87
C VAL G 204 18.83 -38.09 -12.89
N PRO G 205 17.70 -38.61 -13.36
CA PRO G 205 16.66 -39.02 -12.44
C PRO G 205 17.07 -40.26 -11.68
N PRO G 206 16.65 -40.39 -10.42
CA PRO G 206 17.03 -41.58 -9.64
C PRO G 206 16.27 -42.82 -10.06
N ARG G 207 16.35 -43.87 -9.26
CA ARG G 207 15.56 -45.08 -9.50
C ARG G 207 14.36 -45.10 -8.55
N LEU G 208 13.39 -45.95 -8.88
CA LEU G 208 12.14 -45.99 -8.15
C LEU G 208 12.38 -46.26 -6.66
N GLY G 209 12.97 -47.43 -6.35
CA GLY G 209 13.30 -47.71 -4.97
C GLY G 209 14.22 -46.68 -4.35
N GLU G 210 15.14 -46.14 -5.15
CA GLU G 210 16.06 -45.12 -4.65
C GLU G 210 15.30 -43.84 -4.30
N PHE G 211 14.41 -43.39 -5.18
CA PHE G 211 13.67 -42.16 -4.94
C PHE G 211 12.81 -42.25 -3.69
N PHE G 212 12.17 -43.40 -3.47
CA PHE G 212 11.29 -43.55 -2.31
C PHE G 212 12.05 -43.90 -1.03
N ASP G 213 13.29 -44.39 -1.13
CA ASP G 213 14.15 -44.44 0.05
C ASP G 213 14.51 -43.04 0.52
N ILE G 214 14.71 -42.12 -0.42
CA ILE G 214 14.92 -40.72 -0.07
C ILE G 214 13.65 -40.12 0.54
N VAL G 215 12.50 -40.40 -0.08
CA VAL G 215 11.23 -39.89 0.42
C VAL G 215 11.00 -40.33 1.86
N SER G 216 11.19 -41.64 2.11
CA SER G 216 11.12 -42.14 3.49
C SER G 216 12.18 -41.50 4.36
N GLY G 217 13.35 -41.20 3.81
CA GLY G 217 14.43 -40.63 4.61
C GLY G 217 14.11 -39.25 5.12
N ALA G 218 13.47 -38.41 4.30
CA ALA G 218 13.05 -37.10 4.75
C ALA G 218 11.94 -37.18 5.78
N GLY G 219 11.25 -38.32 5.87
CA GLY G 219 10.17 -38.53 6.80
C GLY G 219 8.77 -38.51 6.21
N PHE G 220 8.64 -38.63 4.89
CA PHE G 220 7.35 -38.55 4.21
C PHE G 220 6.70 -39.92 4.05
N HIS G 221 5.38 -39.93 4.12
CA HIS G 221 4.59 -41.07 3.69
C HIS G 221 4.14 -40.86 2.26
N THR G 222 3.91 -41.96 1.56
CA THR G 222 3.53 -41.93 0.14
C THR G 222 2.06 -42.32 0.02
N LEU G 223 1.23 -41.37 -0.39
CA LEU G 223 -0.21 -41.61 -0.49
C LEU G 223 -0.64 -42.06 -1.88
N SER G 224 -0.01 -41.58 -2.95
CA SER G 224 -0.45 -41.93 -4.29
C SER G 224 0.71 -41.75 -5.27
N LEU G 225 0.60 -42.42 -6.41
CA LEU G 225 1.52 -42.28 -7.53
C LEU G 225 0.77 -42.61 -8.80
N LYS G 226 0.88 -41.76 -9.81
CA LYS G 226 0.19 -41.99 -11.08
C LYS G 226 1.11 -41.61 -12.24
N ASP G 227 1.25 -42.52 -13.19
CA ASP G 227 2.15 -42.30 -14.32
C ASP G 227 1.59 -41.26 -15.27
N LEU G 228 2.43 -40.29 -15.64
CA LEU G 228 2.08 -39.26 -16.62
C LEU G 228 3.12 -39.21 -17.72
N SER G 229 3.79 -40.34 -17.98
CA SER G 229 4.93 -40.34 -18.89
C SER G 229 4.54 -40.00 -20.32
N ALA G 230 3.32 -40.37 -20.74
CA ALA G 230 2.87 -40.03 -22.08
C ALA G 230 2.73 -38.53 -22.24
N ASN G 231 2.35 -37.82 -21.17
CA ASN G 231 2.25 -36.38 -21.24
C ASN G 231 3.62 -35.73 -21.41
N LEU G 232 4.63 -36.22 -20.67
CA LEU G 232 5.98 -35.71 -20.83
C LEU G 232 6.52 -36.02 -22.21
N ALA G 233 6.19 -37.19 -22.75
CA ALA G 233 6.65 -37.57 -24.08
C ALA G 233 6.07 -36.65 -25.15
N MET G 234 4.75 -36.43 -25.12
CA MET G 234 4.12 -35.52 -26.07
C MET G 234 4.68 -34.11 -25.94
N THR G 235 4.84 -33.62 -24.71
CA THR G 235 5.39 -32.29 -24.50
C THR G 235 6.79 -32.17 -25.07
N MET G 236 7.65 -33.16 -24.79
CA MET G 236 9.00 -33.13 -25.32
C MET G 236 8.98 -33.16 -26.85
N ASN G 237 7.99 -33.83 -27.45
CA ASN G 237 7.87 -33.81 -28.90
C ASN G 237 7.45 -32.45 -29.41
N VAL G 238 6.43 -31.86 -28.79
CA VAL G 238 5.99 -30.51 -29.16
C VAL G 238 7.14 -29.53 -29.02
N PHE G 239 7.94 -29.67 -27.97
CA PHE G 239 9.12 -28.84 -27.79
C PHE G 239 10.10 -29.04 -28.95
N ALA G 240 10.34 -30.30 -29.31
CA ALA G 240 11.28 -30.59 -30.39
C ALA G 240 10.79 -30.04 -31.72
N LEU G 241 9.49 -30.20 -32.01
CA LEU G 241 8.96 -29.72 -33.28
C LEU G 241 9.04 -28.20 -33.38
N GLY G 242 8.85 -27.50 -32.26
CA GLY G 242 8.98 -26.05 -32.29
C GLY G 242 10.41 -25.60 -32.50
N VAL G 243 11.38 -26.36 -31.97
CA VAL G 243 12.79 -26.05 -32.19
C VAL G 243 13.16 -26.28 -33.66
N TYR G 244 12.73 -27.41 -34.22
CA TYR G 244 13.06 -27.73 -35.62
C TYR G 244 12.46 -26.72 -36.57
N SER G 245 11.19 -26.35 -36.34
CA SER G 245 10.47 -25.49 -37.27
C SER G 245 10.92 -24.04 -37.21
N ARG G 246 11.47 -23.59 -36.09
CA ARG G 246 11.83 -22.20 -35.89
C ARG G 246 13.29 -22.06 -35.47
N ARG G 247 14.17 -22.81 -36.13
CA ARG G 247 15.59 -22.72 -35.85
C ARG G 247 16.11 -21.30 -36.08
N ALA G 248 15.65 -20.65 -37.15
CA ALA G 248 16.10 -19.30 -37.46
C ALA G 248 15.70 -18.32 -36.37
N GLU G 249 14.44 -18.39 -35.93
CA GLU G 249 13.94 -17.45 -34.93
C GLU G 249 14.64 -17.61 -33.59
N PHE G 250 15.09 -18.83 -33.27
CA PHE G 250 15.72 -19.09 -31.98
C PHE G 250 17.23 -18.86 -32.00
N THR G 251 17.86 -18.97 -33.17
CA THR G 251 19.29 -18.67 -33.27
C THR G 251 19.55 -17.17 -33.14
N GLU G 252 18.64 -16.34 -33.63
CA GLU G 252 18.75 -14.88 -33.49
C GLU G 252 18.37 -14.41 -32.09
N ARG G 253 17.78 -15.28 -31.27
CA ARG G 253 17.26 -14.93 -29.95
C ARG G 253 18.10 -15.49 -28.81
N PHE G 254 18.51 -16.75 -28.89
CA PHE G 254 19.28 -17.40 -27.84
C PHE G 254 20.71 -17.70 -28.26
N GLY G 255 21.11 -17.30 -29.45
CA GLY G 255 22.40 -17.80 -29.94
C GLY G 255 22.29 -19.15 -30.60
N ALA G 256 23.13 -19.37 -31.61
CA ALA G 256 23.03 -20.59 -32.39
C ALA G 256 23.66 -21.78 -31.69
N GLU G 257 24.61 -21.56 -30.77
CA GLU G 257 25.22 -22.68 -30.05
C GLU G 257 24.17 -23.47 -29.30
N PHE G 258 23.27 -22.78 -28.59
CA PHE G 258 22.20 -23.45 -27.87
C PHE G 258 21.27 -24.18 -28.81
N VAL G 259 20.83 -23.50 -29.88
CA VAL G 259 19.89 -24.10 -30.82
C VAL G 259 20.47 -25.35 -31.44
N ASP G 260 21.72 -25.30 -31.89
CA ASP G 260 22.34 -26.46 -32.50
C ASP G 260 22.50 -27.61 -31.51
N GLY G 261 22.81 -27.28 -30.26
CA GLY G 261 22.89 -28.33 -29.24
C GLY G 261 21.56 -29.03 -29.03
N LEU G 262 20.46 -28.27 -29.11
CA LEU G 262 19.13 -28.88 -29.06
C LEU G 262 18.88 -29.75 -30.28
N LEU G 263 19.14 -29.20 -31.47
CA LEU G 263 18.93 -29.96 -32.70
C LEU G 263 19.71 -31.26 -32.71
N ALA G 264 20.90 -31.27 -32.07
CA ALA G 264 21.73 -32.46 -32.07
C ALA G 264 21.34 -33.45 -30.97
N GLY G 265 20.72 -32.97 -29.90
CA GLY G 265 20.45 -33.82 -28.76
C GLY G 265 19.01 -34.22 -28.56
N LEU G 266 18.07 -33.48 -29.14
CA LEU G 266 16.65 -33.69 -28.85
C LEU G 266 16.19 -35.06 -29.29
N GLY G 267 16.69 -35.55 -30.42
CA GLY G 267 16.29 -36.87 -30.90
C GLY G 267 16.79 -37.98 -29.99
N SER G 268 18.07 -37.93 -29.63
CA SER G 268 18.65 -38.93 -28.74
C SER G 268 18.04 -38.84 -27.34
N ALA G 269 17.77 -37.63 -26.87
CA ALA G 269 17.10 -37.46 -25.58
C ALA G 269 15.68 -38.02 -25.62
N GLN G 270 14.97 -37.77 -26.72
CA GLN G 270 13.59 -38.26 -26.85
C GLN G 270 13.53 -39.78 -26.74
N GLU G 271 14.40 -40.47 -27.49
CA GLU G 271 14.42 -41.93 -27.45
C GLU G 271 14.87 -42.44 -26.08
N THR G 272 15.80 -41.72 -25.43
CA THR G 272 16.21 -42.08 -24.08
C THR G 272 15.05 -41.98 -23.10
N LEU G 273 14.31 -40.87 -23.18
CA LEU G 273 13.14 -40.68 -22.32
C LEU G 273 12.12 -41.78 -22.54
N ILE G 274 11.88 -42.14 -23.81
CA ILE G 274 10.84 -43.12 -24.14
C ILE G 274 11.17 -44.47 -23.52
N ARG G 275 12.40 -44.94 -23.72
CA ARG G 275 12.73 -46.32 -23.43
C ARG G 275 13.34 -46.53 -22.05
N LYS G 276 13.80 -45.48 -21.38
CA LYS G 276 14.56 -45.66 -20.14
C LYS G 276 14.00 -44.95 -18.92
N THR G 277 13.12 -43.97 -19.07
CA THR G 277 12.63 -43.21 -17.92
C THR G 277 11.11 -43.22 -17.88
N ARG G 278 10.57 -42.90 -16.70
CA ARG G 278 9.14 -42.72 -16.51
C ARG G 278 8.91 -41.46 -15.68
N PHE G 279 7.71 -40.91 -15.81
CA PHE G 279 7.34 -39.64 -15.22
C PHE G 279 6.00 -39.79 -14.50
N PHE G 280 5.95 -39.41 -13.24
CA PHE G 280 4.76 -39.63 -12.43
C PHE G 280 4.48 -38.44 -11.53
N MET G 281 3.25 -38.40 -11.03
CA MET G 281 2.82 -37.45 -10.01
C MET G 281 2.53 -38.22 -8.73
N ALA G 282 3.15 -37.80 -7.63
CA ALA G 282 3.02 -38.48 -6.36
C ALA G 282 2.58 -37.51 -5.28
N THR G 283 1.71 -37.97 -4.40
CA THR G 283 1.31 -37.22 -3.22
C THR G 283 2.07 -37.75 -2.02
N LEU G 284 2.86 -36.89 -1.39
CA LEU G 284 3.59 -37.21 -0.18
C LEU G 284 2.97 -36.47 1.00
N ARG G 285 2.90 -37.13 2.15
CA ARG G 285 2.32 -36.51 3.35
C ARG G 285 3.37 -36.43 4.44
N LYS G 286 3.47 -35.27 5.07
CA LYS G 286 4.11 -35.17 6.36
C LYS G 286 3.15 -35.70 7.42
N PRO G 287 3.49 -36.79 8.10
CA PRO G 287 2.55 -37.36 9.07
C PRO G 287 2.13 -36.36 10.13
N ALA G 288 0.90 -36.51 10.61
CA ALA G 288 0.37 -35.64 11.65
C ALA G 288 0.62 -36.23 13.03
N VAL G 289 0.62 -35.35 14.03
CA VAL G 289 0.77 -35.79 15.42
C VAL G 289 -0.60 -35.85 16.10
N GLN H 10 23.18 -34.39 -8.39
CA GLN H 10 23.75 -33.07 -8.14
C GLN H 10 24.82 -32.73 -9.15
N GLN H 11 24.40 -32.19 -10.29
CA GLN H 11 25.29 -31.83 -11.37
C GLN H 11 25.36 -30.33 -11.61
N VAL H 12 24.39 -29.55 -11.12
CA VAL H 12 24.37 -28.11 -11.26
C VAL H 12 24.07 -27.48 -9.91
N THR H 13 24.35 -26.19 -9.82
CA THR H 13 24.11 -25.39 -8.62
C THR H 13 23.00 -24.38 -8.88
N ALA H 14 22.72 -23.56 -7.87
CA ALA H 14 21.59 -22.64 -7.94
C ALA H 14 21.82 -21.53 -8.97
N ASP H 15 22.96 -20.84 -8.89
CA ASP H 15 23.21 -19.73 -9.80
C ASP H 15 23.37 -20.18 -11.24
N GLU H 16 23.88 -21.40 -11.45
CA GLU H 16 23.95 -21.95 -12.81
C GLU H 16 22.56 -22.07 -13.42
N VAL H 17 21.64 -22.72 -12.70
CA VAL H 17 20.28 -22.88 -13.19
C VAL H 17 19.62 -21.52 -13.37
N GLY H 18 19.89 -20.58 -12.46
CA GLY H 18 19.30 -19.25 -12.58
C GLY H 18 19.78 -18.51 -13.81
N ASP H 19 21.09 -18.59 -14.09
CA ASP H 19 21.61 -17.98 -15.32
C ASP H 19 20.99 -18.62 -16.56
N TRP H 20 20.75 -19.93 -16.49
CA TRP H 20 20.18 -20.64 -17.64
C TRP H 20 18.78 -20.16 -17.96
N TYR H 21 17.90 -20.14 -16.95
CA TYR H 21 16.53 -19.67 -17.16
C TYR H 21 16.47 -18.17 -17.42
N ASP H 22 17.49 -17.40 -17.01
CA ASP H 22 17.59 -16.01 -17.44
C ASP H 22 17.87 -15.92 -18.93
N LYS H 23 18.76 -16.76 -19.44
CA LYS H 23 19.15 -16.69 -20.84
C LYS H 23 18.20 -17.44 -21.76
N PHE H 24 17.63 -18.55 -21.30
CA PHE H 24 16.92 -19.46 -22.19
C PHE H 24 15.52 -19.85 -21.73
N GLY H 25 15.07 -19.45 -20.55
CA GLY H 25 13.79 -19.93 -20.05
C GLY H 25 12.63 -19.63 -20.98
N GLU H 26 12.69 -18.47 -21.64
CA GLU H 26 11.58 -18.05 -22.50
C GLU H 26 11.44 -18.89 -23.76
N VAL H 27 12.41 -19.77 -24.05
CA VAL H 27 12.23 -20.68 -25.19
C VAL H 27 11.08 -21.64 -24.93
N TYR H 28 10.86 -22.00 -23.67
CA TYR H 28 9.70 -22.82 -23.33
C TYR H 28 8.40 -22.05 -23.58
N HIS H 29 8.39 -20.74 -23.30
CA HIS H 29 7.21 -19.93 -23.56
C HIS H 29 6.96 -19.75 -25.05
N LEU H 30 8.01 -19.84 -25.87
CA LEU H 30 7.83 -19.76 -27.31
C LEU H 30 7.31 -21.06 -27.88
N THR H 31 7.60 -22.19 -27.24
CA THR H 31 7.20 -23.50 -27.74
C THR H 31 6.04 -24.13 -26.98
N LEU H 32 6.06 -24.08 -25.64
CA LEU H 32 5.14 -24.88 -24.83
C LEU H 32 3.97 -24.08 -24.25
N GLY H 33 4.11 -22.76 -24.07
CA GLY H 33 2.98 -21.96 -23.69
C GLY H 33 3.29 -21.01 -22.54
N GLU H 34 2.22 -20.43 -21.98
CA GLU H 34 2.34 -19.42 -20.93
C GLU H 34 2.92 -19.96 -19.63
N SER H 35 3.06 -21.27 -19.49
CA SER H 35 3.68 -21.90 -18.33
C SER H 35 4.94 -22.65 -18.78
N VAL H 36 5.61 -23.29 -17.82
CA VAL H 36 6.84 -24.02 -18.10
C VAL H 36 6.72 -25.44 -17.55
N HIS H 37 5.69 -26.16 -18.00
CA HIS H 37 5.51 -27.54 -17.58
C HIS H 37 4.74 -28.30 -18.66
N CYS H 38 4.51 -29.59 -18.39
CA CYS H 38 3.89 -30.48 -19.36
C CYS H 38 2.45 -30.05 -19.66
N GLY H 39 1.97 -30.50 -20.80
CA GLY H 39 0.56 -30.36 -21.15
C GLY H 39 -0.17 -31.66 -20.84
N LEU H 40 -1.44 -31.53 -20.46
CA LEU H 40 -2.27 -32.69 -20.15
C LEU H 40 -2.86 -33.22 -21.45
N TRP H 41 -1.98 -33.83 -22.25
CA TRP H 41 -2.38 -34.30 -23.57
C TRP H 41 -3.30 -35.52 -23.49
N PHE H 42 -3.17 -36.34 -22.46
CA PHE H 42 -4.03 -37.49 -22.26
C PHE H 42 -4.84 -37.30 -20.98
N PRO H 43 -6.16 -37.39 -21.05
CA PRO H 43 -6.96 -37.17 -19.85
C PRO H 43 -6.55 -38.12 -18.74
N PRO H 44 -6.75 -37.72 -17.48
CA PRO H 44 -6.28 -38.56 -16.37
C PRO H 44 -6.84 -39.97 -16.37
N ASP H 45 -8.12 -40.16 -16.73
CA ASP H 45 -8.70 -41.49 -16.66
C ASP H 45 -8.21 -42.42 -17.77
N ALA H 46 -7.35 -41.94 -18.69
CA ALA H 46 -6.90 -42.73 -19.82
C ALA H 46 -5.81 -43.72 -19.40
N PRO H 47 -5.78 -44.90 -20.00
CA PRO H 47 -4.77 -45.90 -19.61
C PRO H 47 -3.38 -45.54 -20.11
N VAL H 48 -2.38 -46.02 -19.38
CA VAL H 48 -0.98 -45.79 -19.75
C VAL H 48 -0.67 -46.55 -21.03
N PRO H 49 -0.06 -45.91 -22.05
CA PRO H 49 0.21 -46.61 -23.30
C PRO H 49 1.23 -47.71 -23.13
N GLN H 50 1.25 -48.62 -24.11
CA GLN H 50 2.25 -49.68 -24.11
C GLN H 50 3.64 -49.14 -24.46
N ASP H 51 3.70 -48.15 -25.34
CA ASP H 51 4.95 -47.51 -25.72
C ASP H 51 4.79 -46.00 -25.54
N MET H 52 5.93 -45.32 -25.54
CA MET H 52 5.97 -43.86 -25.61
C MET H 52 6.29 -43.38 -27.02
N GLU H 53 6.27 -44.28 -28.00
CA GLU H 53 6.46 -43.90 -29.39
C GLU H 53 5.34 -42.96 -29.83
N LEU H 54 5.71 -41.97 -30.65
CA LEU H 54 4.72 -40.98 -31.09
C LEU H 54 3.54 -41.63 -31.79
N VAL H 55 3.75 -42.76 -32.47
CA VAL H 55 2.66 -43.42 -33.16
C VAL H 55 1.72 -44.12 -32.18
N THR H 56 2.28 -44.73 -31.13
CA THR H 56 1.44 -45.41 -30.14
C THR H 56 0.57 -44.42 -29.37
N MET H 57 1.17 -43.32 -28.92
CA MET H 57 0.41 -42.27 -28.25
C MET H 57 -0.69 -41.73 -29.14
N SER H 58 -0.37 -41.43 -30.40
CA SER H 58 -1.36 -40.90 -31.34
C SER H 58 -2.44 -41.93 -31.65
N SER H 59 -2.09 -43.23 -31.60
CA SER H 59 -3.09 -44.27 -31.88
C SER H 59 -4.13 -44.36 -30.78
N GLN H 60 -3.71 -44.22 -29.52
CA GLN H 60 -4.66 -44.16 -28.43
C GLN H 60 -5.54 -42.92 -28.54
N ALA H 61 -4.97 -41.80 -29.00
CA ALA H 61 -5.76 -40.61 -29.27
C ALA H 61 -6.80 -40.87 -30.36
N GLN H 62 -6.43 -41.65 -31.38
CA GLN H 62 -7.39 -42.01 -32.42
C GLN H 62 -8.53 -42.85 -31.86
N ASP H 63 -8.22 -43.78 -30.94
CA ASP H 63 -9.27 -44.65 -30.40
C ASP H 63 -10.22 -43.88 -29.50
N ARG H 64 -9.71 -42.90 -28.75
CA ARG H 64 -10.58 -42.05 -27.93
C ARG H 64 -11.41 -41.11 -28.82
N TYR H 65 -10.82 -40.64 -29.92
CA TYR H 65 -11.57 -39.97 -30.97
C TYR H 65 -12.73 -40.84 -31.45
N THR H 66 -12.44 -42.11 -31.76
CA THR H 66 -13.47 -43.03 -32.21
C THR H 66 -14.55 -43.22 -31.15
N ASP H 67 -14.14 -43.42 -29.89
CA ASP H 67 -15.10 -43.53 -28.79
C ASP H 67 -16.02 -42.32 -28.75
N TYR H 68 -15.48 -41.13 -29.01
CA TYR H 68 -16.29 -39.92 -28.95
C TYR H 68 -17.30 -39.87 -30.09
N LEU H 69 -16.88 -40.26 -31.30
CA LEU H 69 -17.80 -40.32 -32.43
C LEU H 69 -18.93 -41.30 -32.16
N ILE H 70 -18.60 -42.49 -31.63
CA ILE H 70 -19.61 -43.47 -31.25
C ILE H 70 -20.60 -42.86 -30.28
N GLU H 71 -20.09 -42.22 -29.22
CA GLU H 71 -20.94 -41.61 -28.22
C GLU H 71 -21.82 -40.52 -28.81
N THR H 72 -21.33 -39.79 -29.80
CA THR H 72 -22.09 -38.70 -30.38
C THR H 72 -23.23 -39.21 -31.26
N LEU H 73 -22.91 -40.08 -32.23
CA LEU H 73 -23.95 -40.60 -33.13
C LEU H 73 -24.93 -41.49 -32.38
N ASP H 74 -24.42 -42.29 -31.43
CA ASP H 74 -25.22 -43.19 -30.59
C ASP H 74 -25.96 -44.22 -31.43
N PRO H 75 -25.26 -45.19 -32.03
CA PRO H 75 -25.97 -46.29 -32.71
C PRO H 75 -26.49 -47.29 -31.69
N LYS H 76 -27.70 -47.78 -31.93
CA LYS H 76 -28.41 -48.62 -30.98
C LYS H 76 -28.22 -50.11 -31.30
N ALA H 77 -28.61 -50.94 -30.34
CA ALA H 77 -28.41 -52.38 -30.45
C ALA H 77 -29.17 -52.96 -31.64
N GLY H 78 -28.44 -53.63 -32.53
CA GLY H 78 -29.05 -54.31 -33.66
C GLY H 78 -29.19 -53.49 -34.93
N GLN H 79 -28.65 -52.28 -34.97
CA GLN H 79 -28.76 -51.43 -36.14
C GLN H 79 -27.65 -51.73 -37.15
N HIS H 80 -27.83 -51.21 -38.36
CA HIS H 80 -26.84 -51.34 -39.43
C HIS H 80 -26.30 -49.96 -39.76
N LEU H 81 -24.97 -49.83 -39.75
CA LEU H 81 -24.30 -48.55 -39.92
C LEU H 81 -23.39 -48.60 -41.15
N LEU H 82 -23.57 -47.62 -42.04
CA LEU H 82 -22.75 -47.49 -43.23
C LEU H 82 -21.56 -46.57 -42.96
N ASP H 83 -20.36 -47.06 -43.25
CA ASP H 83 -19.12 -46.32 -42.97
C ASP H 83 -18.59 -45.81 -44.31
N ILE H 84 -18.92 -44.56 -44.63
CA ILE H 84 -18.58 -43.94 -45.92
C ILE H 84 -17.10 -43.54 -45.87
N GLY H 85 -16.25 -44.30 -46.55
CA GLY H 85 -14.82 -44.05 -46.49
C GLY H 85 -14.20 -44.68 -45.27
N CYS H 86 -14.31 -46.01 -45.17
CA CYS H 86 -14.05 -46.72 -43.93
C CYS H 86 -12.56 -46.93 -43.62
N GLY H 87 -11.66 -46.56 -44.53
CA GLY H 87 -10.24 -46.78 -44.26
C GLY H 87 -9.94 -48.26 -44.16
N THR H 88 -9.24 -48.63 -43.08
CA THR H 88 -8.98 -50.03 -42.79
C THR H 88 -9.77 -50.54 -41.58
N GLY H 89 -10.85 -49.85 -41.22
CA GLY H 89 -11.94 -50.47 -40.48
C GLY H 89 -11.83 -50.51 -38.97
N ARG H 90 -10.76 -49.98 -38.37
CA ARG H 90 -10.69 -49.99 -36.91
C ARG H 90 -11.86 -49.23 -36.31
N THR H 91 -12.29 -48.16 -36.95
CA THR H 91 -13.48 -47.43 -36.50
C THR H 91 -14.69 -48.34 -36.48
N ALA H 92 -14.92 -49.07 -37.57
CA ALA H 92 -16.08 -49.95 -37.66
C ALA H 92 -15.99 -51.08 -36.64
N LEU H 93 -14.79 -51.62 -36.42
CA LEU H 93 -14.63 -52.69 -35.45
C LEU H 93 -15.02 -52.24 -34.05
N LYS H 94 -14.44 -51.13 -33.59
CA LYS H 94 -14.75 -50.61 -32.26
C LYS H 94 -16.24 -50.33 -32.11
N ALA H 95 -16.86 -49.76 -33.14
CA ALA H 95 -18.30 -49.49 -33.08
C ALA H 95 -19.10 -50.78 -32.99
N ALA H 96 -18.67 -51.81 -33.72
CA ALA H 96 -19.37 -53.09 -33.67
C ALA H 96 -19.27 -53.73 -32.29
N ARG H 97 -18.05 -53.76 -31.73
CA ARG H 97 -17.87 -54.39 -30.42
C ARG H 97 -18.62 -53.63 -29.33
N GLN H 98 -18.59 -52.30 -29.37
CA GLN H 98 -19.08 -51.51 -28.25
C GLN H 98 -20.60 -51.39 -28.22
N ARG H 99 -21.26 -51.46 -29.38
CA ARG H 99 -22.69 -51.26 -29.45
C ARG H 99 -23.46 -52.48 -29.95
N GLY H 100 -22.81 -53.45 -30.57
CA GLY H 100 -23.51 -54.60 -31.12
C GLY H 100 -24.24 -54.33 -32.42
N ILE H 101 -23.65 -53.51 -33.29
CA ILE H 101 -24.23 -53.21 -34.59
C ILE H 101 -23.53 -54.04 -35.66
N ALA H 102 -24.21 -54.18 -36.79
CA ALA H 102 -23.56 -54.53 -38.03
C ALA H 102 -23.06 -53.24 -38.69
N VAL H 103 -21.88 -53.30 -39.31
CA VAL H 103 -21.30 -52.14 -39.96
C VAL H 103 -20.87 -52.52 -41.37
N THR H 104 -21.32 -51.74 -42.34
CA THR H 104 -20.88 -51.86 -43.73
C THR H 104 -20.04 -50.63 -44.08
N GLY H 105 -18.77 -50.85 -44.40
CA GLY H 105 -17.87 -49.78 -44.76
C GLY H 105 -17.54 -49.84 -46.23
N VAL H 106 -17.24 -48.68 -46.82
CA VAL H 106 -16.93 -48.58 -48.25
C VAL H 106 -15.69 -47.71 -48.43
N ALA H 107 -14.88 -48.05 -49.44
CA ALA H 107 -13.67 -47.31 -49.76
C ALA H 107 -13.25 -47.66 -51.18
N VAL H 108 -12.46 -46.76 -51.79
CA VAL H 108 -12.06 -46.92 -53.19
C VAL H 108 -10.68 -47.54 -53.29
N SER H 109 -10.14 -48.03 -52.17
CA SER H 109 -8.81 -48.61 -52.14
C SER H 109 -8.91 -50.11 -51.92
N LYS H 110 -8.20 -50.88 -52.75
CA LYS H 110 -8.24 -52.33 -52.65
C LYS H 110 -7.48 -52.82 -51.42
N GLU H 111 -6.30 -52.23 -51.16
CA GLU H 111 -5.50 -52.64 -50.01
C GLU H 111 -6.20 -52.32 -48.70
N GLN H 112 -6.69 -51.09 -48.55
CA GLN H 112 -7.41 -50.70 -47.35
C GLN H 112 -8.57 -51.65 -47.06
N ILE H 113 -9.40 -51.89 -48.06
CA ILE H 113 -10.51 -52.83 -47.90
C ILE H 113 -9.99 -54.21 -47.50
N ALA H 114 -8.92 -54.68 -48.16
CA ALA H 114 -8.33 -55.96 -47.78
C ALA H 114 -7.87 -55.96 -46.32
N ALA H 115 -7.29 -54.85 -45.87
CA ALA H 115 -6.87 -54.73 -44.48
C ALA H 115 -8.07 -54.55 -43.54
N ALA H 116 -9.00 -53.66 -43.90
CA ALA H 116 -10.26 -53.58 -43.16
C ALA H 116 -10.92 -54.95 -43.07
N ASN H 117 -10.92 -55.70 -44.18
CA ASN H 117 -11.31 -57.10 -44.10
C ASN H 117 -10.38 -57.84 -43.14
N ARG H 118 -9.06 -57.69 -43.30
CA ARG H 118 -8.08 -58.37 -42.44
C ARG H 118 -8.30 -58.11 -40.95
N LEU H 119 -9.14 -57.14 -40.59
CA LEU H 119 -9.39 -56.80 -39.20
C LEU H 119 -10.64 -57.50 -38.66
N ALA H 120 -11.77 -57.32 -39.34
CA ALA H 120 -13.06 -57.92 -38.99
C ALA H 120 -12.95 -59.39 -38.63
N ALA H 121 -11.82 -59.98 -38.98
CA ALA H 121 -11.55 -61.41 -38.79
C ALA H 121 -10.87 -61.76 -37.48
N GLY H 122 -9.61 -61.35 -37.34
CA GLY H 122 -8.82 -61.64 -36.16
C GLY H 122 -9.63 -61.45 -34.90
N HIS H 123 -10.66 -60.60 -35.01
CA HIS H 123 -11.64 -60.36 -33.96
C HIS H 123 -12.93 -61.16 -34.15
N GLY H 124 -13.04 -61.95 -35.22
CA GLY H 124 -14.20 -62.79 -35.44
C GLY H 124 -15.51 -62.05 -35.64
N LEU H 125 -15.60 -61.24 -36.71
CA LEU H 125 -16.78 -60.40 -36.89
C LEU H 125 -17.10 -60.09 -38.35
N THR H 126 -16.69 -60.94 -39.30
CA THR H 126 -17.12 -60.72 -40.68
C THR H 126 -18.64 -60.83 -40.81
N GLU H 127 -19.30 -61.47 -39.85
CA GLU H 127 -20.72 -61.30 -39.55
C GLU H 127 -21.18 -59.86 -39.70
N ARG H 128 -20.80 -59.08 -38.71
CA ARG H 128 -21.31 -57.74 -38.51
C ARG H 128 -20.42 -56.68 -39.13
N LEU H 129 -19.36 -57.08 -39.83
CA LEU H 129 -18.43 -56.16 -40.48
C LEU H 129 -18.33 -56.55 -41.95
N THR H 130 -18.80 -55.67 -42.83
CA THR H 130 -18.83 -55.87 -44.27
C THR H 130 -18.21 -54.64 -44.91
N PHE H 131 -17.04 -54.78 -45.55
CA PHE H 131 -16.18 -53.65 -45.90
C PHE H 131 -15.99 -53.51 -47.42
N GLU H 132 -16.91 -52.84 -48.10
CA GLU H 132 -17.03 -52.97 -49.56
C GLU H 132 -16.19 -51.95 -50.35
N VAL H 133 -15.63 -52.42 -51.47
CA VAL H 133 -14.95 -51.55 -52.43
C VAL H 133 -16.04 -50.92 -53.28
N ALA H 134 -16.35 -49.65 -53.04
CA ALA H 134 -17.36 -48.97 -53.83
C ALA H 134 -17.16 -47.47 -53.73
N ASP H 135 -17.79 -46.76 -54.66
CA ASP H 135 -17.75 -45.30 -54.65
C ASP H 135 -18.94 -44.76 -53.86
N ALA H 136 -18.65 -43.87 -52.92
CA ALA H 136 -19.72 -43.21 -52.17
C ALA H 136 -20.52 -42.25 -53.02
N MET H 137 -19.97 -41.84 -54.18
CA MET H 137 -20.70 -41.00 -55.12
C MET H 137 -21.62 -41.80 -56.04
N ARG H 138 -21.53 -43.14 -56.01
CA ARG H 138 -22.44 -44.07 -56.70
C ARG H 138 -22.49 -45.35 -55.87
N LEU H 139 -23.13 -45.28 -54.70
CA LEU H 139 -23.20 -46.43 -53.82
C LEU H 139 -24.04 -47.54 -54.46
N PRO H 140 -23.59 -48.80 -54.39
CA PRO H 140 -24.36 -49.89 -54.99
C PRO H 140 -25.53 -50.36 -54.14
N TYR H 141 -25.66 -49.89 -52.91
CA TYR H 141 -26.69 -50.38 -52.02
C TYR H 141 -28.05 -49.82 -52.39
N GLU H 142 -29.09 -50.46 -51.83
CA GLU H 142 -30.47 -50.09 -52.16
C GLU H 142 -30.87 -48.78 -51.51
N ASP H 143 -32.18 -48.58 -51.38
CA ASP H 143 -32.75 -47.40 -50.76
C ASP H 143 -33.26 -47.74 -49.36
N GLU H 144 -32.96 -46.84 -48.41
CA GLU H 144 -33.39 -47.01 -47.02
C GLU H 144 -32.91 -48.33 -46.46
N SER H 145 -31.61 -48.57 -46.57
CA SER H 145 -30.99 -49.81 -46.12
C SER H 145 -30.33 -49.69 -44.75
N PHE H 146 -29.78 -48.52 -44.42
CA PHE H 146 -29.00 -48.33 -43.22
C PHE H 146 -29.75 -47.44 -42.23
N ASP H 147 -29.56 -47.73 -40.94
CA ASP H 147 -30.18 -46.93 -39.89
C ASP H 147 -29.38 -45.67 -39.59
N CYS H 148 -28.06 -45.72 -39.73
CA CYS H 148 -27.21 -44.56 -39.53
C CYS H 148 -25.94 -44.77 -40.35
N ALA H 149 -25.15 -43.71 -40.47
CA ALA H 149 -23.95 -43.75 -41.30
C ALA H 149 -23.02 -42.63 -40.86
N TRP H 150 -21.76 -42.74 -41.29
CA TRP H 150 -20.83 -41.65 -41.02
C TRP H 150 -19.73 -41.61 -42.08
N ALA H 151 -19.34 -40.39 -42.44
CA ALA H 151 -18.21 -40.11 -43.34
C ALA H 151 -17.14 -39.42 -42.51
N ILE H 152 -16.18 -40.21 -42.05
CA ILE H 152 -15.16 -39.73 -41.11
C ILE H 152 -13.95 -39.30 -41.92
N GLU H 153 -13.84 -37.98 -42.14
CA GLU H 153 -12.68 -37.37 -42.80
C GLU H 153 -12.45 -37.96 -44.19
N SER H 154 -13.53 -38.05 -44.97
CA SER H 154 -13.46 -38.69 -46.27
C SER H 154 -14.09 -37.82 -47.36
N LEU H 155 -15.05 -36.99 -46.98
CA LEU H 155 -15.74 -36.14 -47.95
C LEU H 155 -14.80 -35.24 -48.74
N CYS H 156 -13.63 -34.93 -48.19
CA CYS H 156 -12.65 -34.13 -48.93
C CYS H 156 -12.05 -34.86 -50.11
N HIS H 157 -12.33 -36.15 -50.28
CA HIS H 157 -11.92 -36.88 -51.48
C HIS H 157 -13.02 -36.96 -52.53
N MET H 158 -14.24 -36.54 -52.19
CA MET H 158 -15.41 -36.77 -53.03
C MET H 158 -16.04 -35.45 -53.44
N ASP H 159 -16.98 -35.56 -54.38
CA ASP H 159 -17.92 -34.49 -54.68
C ASP H 159 -19.01 -34.54 -53.61
N ARG H 160 -19.03 -33.53 -52.74
CA ARG H 160 -19.84 -33.60 -51.52
C ARG H 160 -21.33 -33.67 -51.82
N ALA H 161 -21.80 -33.01 -52.89
CA ALA H 161 -23.22 -33.04 -53.21
C ALA H 161 -23.67 -34.43 -53.65
N LYS H 162 -22.85 -35.12 -54.44
CA LYS H 162 -23.18 -36.48 -54.84
C LYS H 162 -23.11 -37.43 -53.66
N ALA H 163 -22.01 -37.38 -52.90
CA ALA H 163 -21.84 -38.27 -51.77
C ALA H 163 -22.95 -38.10 -50.74
N LEU H 164 -23.32 -36.86 -50.43
CA LEU H 164 -24.34 -36.62 -49.42
C LEU H 164 -25.72 -37.07 -49.90
N GLY H 165 -26.06 -36.76 -51.15
CA GLY H 165 -27.31 -37.26 -51.71
C GLY H 165 -27.35 -38.77 -51.74
N GLU H 166 -26.21 -39.40 -52.05
CA GLU H 166 -26.13 -40.85 -52.03
C GLU H 166 -26.31 -41.40 -50.62
N ALA H 167 -25.67 -40.77 -49.63
CA ALA H 167 -25.90 -41.14 -48.24
C ALA H 167 -27.36 -40.93 -47.85
N TRP H 168 -27.97 -39.85 -48.34
CA TRP H 168 -29.37 -39.58 -48.00
C TRP H 168 -30.29 -40.65 -48.54
N ARG H 169 -30.00 -41.17 -49.73
CA ARG H 169 -30.86 -42.19 -50.34
C ARG H 169 -30.75 -43.52 -49.59
N VAL H 170 -29.54 -43.88 -49.15
CA VAL H 170 -29.32 -45.18 -48.51
C VAL H 170 -29.65 -45.18 -47.03
N LEU H 171 -30.01 -44.02 -46.47
CA LEU H 171 -30.42 -43.93 -45.08
C LEU H 171 -31.93 -44.10 -44.98
N LYS H 172 -32.37 -44.85 -43.97
CA LYS H 172 -33.78 -44.90 -43.66
C LYS H 172 -34.26 -43.53 -43.17
N PRO H 173 -35.51 -43.16 -43.46
CA PRO H 173 -36.02 -41.87 -42.99
C PRO H 173 -36.04 -41.82 -41.46
N GLY H 174 -35.40 -40.79 -40.91
CA GLY H 174 -35.27 -40.64 -39.48
C GLY H 174 -33.90 -40.99 -38.94
N GLY H 175 -33.09 -41.73 -39.70
CA GLY H 175 -31.73 -42.02 -39.28
C GLY H 175 -30.80 -40.85 -39.48
N ASP H 176 -29.61 -40.96 -38.88
CA ASP H 176 -28.67 -39.85 -38.84
C ASP H 176 -27.38 -40.22 -39.55
N LEU H 177 -26.72 -39.20 -40.12
CA LEU H 177 -25.41 -39.32 -40.74
C LEU H 177 -24.45 -38.39 -40.04
N LEU H 178 -23.38 -38.95 -39.47
CA LEU H 178 -22.33 -38.16 -38.83
C LEU H 178 -21.28 -37.78 -39.87
N VAL H 179 -20.89 -36.52 -39.87
CA VAL H 179 -19.99 -35.98 -40.89
C VAL H 179 -18.86 -35.23 -40.21
N LEU H 180 -17.63 -35.54 -40.59
CA LEU H 180 -16.42 -34.89 -40.08
C LEU H 180 -15.75 -34.18 -41.26
N GLU H 181 -16.06 -32.89 -41.43
CA GLU H 181 -15.74 -32.16 -42.63
C GLU H 181 -14.96 -30.88 -42.29
N SER H 182 -14.13 -30.44 -43.24
CA SER H 182 -13.43 -29.17 -43.13
C SER H 182 -14.06 -28.12 -44.05
N VAL H 183 -13.72 -26.86 -43.79
CA VAL H 183 -14.34 -25.71 -44.44
C VAL H 183 -13.34 -24.57 -44.43
N VAL H 184 -13.35 -23.75 -45.50
CA VAL H 184 -12.48 -22.59 -45.61
C VAL H 184 -13.13 -21.40 -44.92
N THR H 185 -12.29 -20.60 -44.25
CA THR H 185 -12.71 -19.31 -43.74
C THR H 185 -12.15 -18.14 -44.55
N GLU H 186 -11.07 -18.34 -45.30
CA GLU H 186 -10.55 -17.39 -46.26
C GLU H 186 -10.85 -17.90 -47.68
N GLU H 187 -10.11 -17.38 -48.66
CA GLU H 187 -10.42 -17.63 -50.07
C GLU H 187 -9.53 -18.68 -50.70
N LEU H 188 -8.35 -18.95 -50.13
CA LEU H 188 -7.37 -19.91 -50.67
C LEU H 188 -6.73 -19.42 -51.97
N THR H 189 -5.41 -19.24 -51.95
CA THR H 189 -4.68 -18.97 -53.18
C THR H 189 -4.59 -20.25 -54.02
N GLU H 190 -4.19 -20.09 -55.28
CA GLU H 190 -4.12 -21.22 -56.19
C GLU H 190 -3.00 -22.20 -55.81
N PRO H 191 -1.82 -21.75 -55.37
CA PRO H 191 -0.85 -22.71 -54.80
C PRO H 191 -1.41 -23.48 -53.61
N GLU H 192 -2.24 -22.85 -52.79
CA GLU H 192 -2.84 -23.55 -51.65
C GLU H 192 -3.87 -24.58 -52.11
N THR H 193 -4.66 -24.26 -53.14
CA THR H 193 -5.61 -25.23 -53.66
C THR H 193 -4.91 -26.43 -54.28
N ALA H 194 -3.71 -26.22 -54.86
CA ALA H 194 -2.98 -27.34 -55.45
C ALA H 194 -2.36 -28.24 -54.39
N LEU H 195 -1.93 -27.67 -53.25
CA LEU H 195 -1.33 -28.47 -52.19
C LEU H 195 -2.29 -29.52 -51.65
N PHE H 196 -3.60 -29.24 -51.68
CA PHE H 196 -4.57 -30.25 -51.31
C PHE H 196 -4.45 -31.48 -52.19
N GLU H 197 -4.20 -31.27 -53.49
CA GLU H 197 -4.16 -32.38 -54.44
C GLU H 197 -2.81 -33.09 -54.42
N THR H 198 -1.71 -32.34 -54.35
CA THR H 198 -0.38 -32.95 -54.42
C THR H 198 0.00 -33.64 -53.12
N LEU H 199 -0.38 -33.09 -51.97
CA LEU H 199 -0.02 -33.69 -50.69
C LEU H 199 -0.97 -34.83 -50.34
N TYR H 200 -2.25 -34.53 -50.18
CA TYR H 200 -3.26 -35.56 -49.91
C TYR H 200 -3.97 -35.91 -51.20
N ALA H 201 -5.28 -36.14 -51.15
CA ALA H 201 -6.03 -36.37 -52.37
C ALA H 201 -7.13 -35.33 -52.56
N ALA H 202 -6.75 -34.05 -52.47
CA ALA H 202 -7.42 -32.96 -53.17
C ALA H 202 -8.79 -32.54 -52.64
N ASN H 203 -9.59 -32.00 -53.56
CA ASN H 203 -10.85 -31.31 -53.31
C ASN H 203 -10.75 -30.30 -52.17
N VAL H 204 -10.57 -29.04 -52.54
CA VAL H 204 -10.49 -27.97 -51.53
C VAL H 204 -11.78 -27.94 -50.72
N PRO H 205 -11.74 -27.58 -49.43
CA PRO H 205 -12.97 -27.62 -48.64
C PRO H 205 -13.92 -26.51 -49.05
N PRO H 206 -15.22 -26.73 -48.94
CA PRO H 206 -16.18 -25.70 -49.34
C PRO H 206 -16.27 -24.57 -48.33
N ARG H 207 -17.18 -23.64 -48.55
CA ARG H 207 -17.45 -22.62 -47.55
C ARG H 207 -18.62 -23.06 -46.66
N LEU H 208 -18.70 -22.43 -45.49
CA LEU H 208 -19.68 -22.83 -44.48
C LEU H 208 -21.10 -22.80 -45.05
N GLY H 209 -21.53 -21.64 -45.54
CA GLY H 209 -22.84 -21.54 -46.16
C GLY H 209 -22.98 -22.41 -47.40
N GLU H 210 -21.89 -22.57 -48.16
CA GLU H 210 -21.92 -23.44 -49.33
C GLU H 210 -22.12 -24.90 -48.93
N PHE H 211 -21.37 -25.36 -47.94
CA PHE H 211 -21.48 -26.74 -47.50
C PHE H 211 -22.89 -27.07 -47.01
N PHE H 212 -23.49 -26.17 -46.22
CA PHE H 212 -24.82 -26.42 -45.67
C PHE H 212 -25.93 -26.14 -46.67
N ASP H 213 -25.67 -25.35 -47.72
CA ASP H 213 -26.58 -25.35 -48.85
C ASP H 213 -26.57 -26.70 -49.56
N ILE H 214 -25.43 -27.37 -49.57
CA ILE H 214 -25.35 -28.73 -50.12
C ILE H 214 -26.08 -29.71 -49.21
N VAL H 215 -25.80 -29.64 -47.89
CA VAL H 215 -26.48 -30.50 -46.93
C VAL H 215 -28.00 -30.37 -47.06
N SER H 216 -28.48 -29.14 -47.23
CA SER H 216 -29.92 -28.94 -47.39
C SER H 216 -30.40 -29.43 -48.76
N GLY H 217 -29.58 -29.22 -49.79
CA GLY H 217 -29.97 -29.68 -51.12
C GLY H 217 -30.12 -31.19 -51.21
N ALA H 218 -29.30 -31.92 -50.48
CA ALA H 218 -29.45 -33.38 -50.40
C ALA H 218 -30.62 -33.81 -49.54
N GLY H 219 -31.26 -32.87 -48.84
CA GLY H 219 -32.43 -33.17 -48.04
C GLY H 219 -32.18 -33.41 -46.56
N PHE H 220 -31.00 -33.06 -46.06
CA PHE H 220 -30.68 -33.27 -44.65
C PHE H 220 -31.06 -32.06 -43.82
N HIS H 221 -31.56 -32.32 -42.62
CA HIS H 221 -31.61 -31.32 -41.57
C HIS H 221 -30.28 -31.35 -40.82
N THR H 222 -29.98 -30.28 -40.12
CA THR H 222 -28.77 -30.18 -39.32
C THR H 222 -29.16 -30.17 -37.84
N LEU H 223 -28.65 -31.15 -37.10
CA LEU H 223 -28.90 -31.26 -35.67
C LEU H 223 -27.78 -30.67 -34.81
N SER H 224 -26.52 -30.90 -35.17
CA SER H 224 -25.43 -30.43 -34.34
C SER H 224 -24.21 -30.12 -35.19
N LEU H 225 -23.29 -29.34 -34.62
CA LEU H 225 -21.99 -29.04 -35.19
C LEU H 225 -21.07 -28.72 -34.03
N LYS H 226 -19.83 -29.22 -34.09
CA LYS H 226 -18.85 -28.97 -33.03
C LYS H 226 -17.47 -28.84 -33.64
N ASP H 227 -16.81 -27.71 -33.36
CA ASP H 227 -15.48 -27.49 -33.88
C ASP H 227 -14.49 -28.47 -33.25
N LEU H 228 -13.62 -29.02 -34.08
CA LEU H 228 -12.52 -29.88 -33.65
C LEU H 228 -11.23 -29.47 -34.35
N SER H 229 -11.13 -28.19 -34.73
CA SER H 229 -10.01 -27.71 -35.52
C SER H 229 -8.68 -27.87 -34.79
N ALA H 230 -8.69 -27.77 -33.46
CA ALA H 230 -7.46 -27.98 -32.69
C ALA H 230 -6.98 -29.42 -32.84
N ASN H 231 -7.90 -30.39 -32.80
CA ASN H 231 -7.53 -31.79 -32.97
C ASN H 231 -6.87 -32.02 -34.34
N LEU H 232 -7.38 -31.36 -35.38
CA LEU H 232 -6.82 -31.56 -36.71
C LEU H 232 -5.46 -30.88 -36.86
N ALA H 233 -5.28 -29.71 -36.21
CA ALA H 233 -3.98 -29.05 -36.27
C ALA H 233 -2.92 -29.82 -35.50
N MET H 234 -3.31 -30.44 -34.38
CA MET H 234 -2.37 -31.25 -33.60
C MET H 234 -2.02 -32.54 -34.35
N THR H 235 -3.04 -33.23 -34.88
CA THR H 235 -2.79 -34.43 -35.66
C THR H 235 -1.85 -34.15 -36.83
N MET H 236 -2.10 -33.04 -37.55
CA MET H 236 -1.21 -32.66 -38.65
C MET H 236 0.19 -32.31 -38.14
N ASN H 237 0.29 -31.83 -36.90
CA ASN H 237 1.60 -31.61 -36.30
C ASN H 237 2.30 -32.93 -36.01
N VAL H 238 1.57 -33.91 -35.48
CA VAL H 238 2.14 -35.23 -35.23
C VAL H 238 2.60 -35.86 -36.54
N PHE H 239 1.78 -35.75 -37.58
CA PHE H 239 2.12 -36.30 -38.89
C PHE H 239 3.38 -35.63 -39.44
N ALA H 240 3.44 -34.30 -39.36
CA ALA H 240 4.61 -33.58 -39.88
C ALA H 240 5.87 -33.91 -39.11
N LEU H 241 5.76 -34.06 -37.78
CA LEU H 241 6.92 -34.41 -36.97
C LEU H 241 7.41 -35.81 -37.30
N GLY H 242 6.49 -36.75 -37.57
CA GLY H 242 6.89 -38.09 -37.93
C GLY H 242 7.58 -38.16 -39.29
N VAL H 243 7.08 -37.38 -40.25
CA VAL H 243 7.74 -37.32 -41.55
C VAL H 243 9.12 -36.68 -41.42
N TYR H 244 9.23 -35.61 -40.63
CA TYR H 244 10.49 -34.89 -40.50
C TYR H 244 11.58 -35.78 -39.88
N SER H 245 11.25 -36.51 -38.81
CA SER H 245 12.23 -37.28 -38.06
C SER H 245 12.52 -38.65 -38.66
N ARG H 246 11.71 -39.13 -39.60
CA ARG H 246 11.90 -40.45 -40.21
C ARG H 246 11.88 -40.35 -41.73
N ARG H 247 12.71 -39.45 -42.27
CA ARG H 247 12.75 -39.26 -43.72
C ARG H 247 13.38 -40.46 -44.43
N ALA H 248 14.51 -40.95 -43.91
CA ALA H 248 15.20 -42.06 -44.56
C ALA H 248 14.34 -43.31 -44.59
N GLU H 249 13.62 -43.58 -43.50
CA GLU H 249 12.76 -44.77 -43.45
C GLU H 249 11.61 -44.66 -44.44
N PHE H 250 10.98 -43.49 -44.53
CA PHE H 250 9.85 -43.31 -45.43
C PHE H 250 10.25 -43.19 -46.90
N THR H 251 11.47 -42.76 -47.20
CA THR H 251 11.94 -42.77 -48.59
C THR H 251 12.21 -44.19 -49.06
N GLU H 252 12.79 -45.02 -48.20
CA GLU H 252 13.03 -46.42 -48.52
C GLU H 252 11.73 -47.21 -48.62
N ARG H 253 10.61 -46.64 -48.19
CA ARG H 253 9.31 -47.32 -48.18
C ARG H 253 8.34 -46.80 -49.22
N PHE H 254 8.34 -45.49 -49.48
CA PHE H 254 7.39 -44.88 -50.41
C PHE H 254 8.07 -44.15 -51.55
N GLY H 255 9.38 -44.06 -51.56
CA GLY H 255 10.10 -43.37 -52.62
C GLY H 255 10.51 -41.97 -52.21
N ALA H 256 11.60 -41.50 -52.80
CA ALA H 256 12.09 -40.16 -52.49
C ALA H 256 11.11 -39.09 -52.97
N GLU H 257 10.47 -39.32 -54.12
CA GLU H 257 9.57 -38.32 -54.69
C GLU H 257 8.41 -38.02 -53.76
N PHE H 258 7.84 -39.04 -53.12
CA PHE H 258 6.69 -38.86 -52.25
C PHE H 258 7.07 -38.14 -50.96
N VAL H 259 8.17 -38.56 -50.34
CA VAL H 259 8.60 -37.94 -49.09
C VAL H 259 9.10 -36.52 -49.32
N ASP H 260 9.89 -36.31 -50.38
CA ASP H 260 10.35 -34.96 -50.71
C ASP H 260 9.18 -34.01 -50.98
N GLY H 261 8.09 -34.51 -51.57
CA GLY H 261 6.89 -33.70 -51.71
C GLY H 261 6.23 -33.34 -50.39
N LEU H 262 6.33 -34.23 -49.40
CA LEU H 262 5.76 -33.96 -48.08
C LEU H 262 6.62 -32.97 -47.30
N LEU H 263 7.94 -33.17 -47.29
CA LEU H 263 8.83 -32.21 -46.62
C LEU H 263 8.69 -30.80 -47.19
N ALA H 264 8.43 -30.69 -48.50
CA ALA H 264 8.36 -29.39 -49.16
C ALA H 264 7.03 -28.67 -48.95
N GLY H 265 5.98 -29.39 -48.56
CA GLY H 265 4.65 -28.80 -48.52
C GLY H 265 3.97 -28.79 -47.16
N LEU H 266 4.45 -29.60 -46.21
CA LEU H 266 3.76 -29.73 -44.94
C LEU H 266 3.77 -28.42 -44.16
N GLY H 267 4.87 -27.67 -44.24
CA GLY H 267 4.94 -26.40 -43.53
C GLY H 267 3.91 -25.40 -44.04
N SER H 268 3.84 -25.24 -45.37
CA SER H 268 2.87 -24.31 -45.95
C SER H 268 1.45 -24.82 -45.75
N ALA H 269 1.24 -26.13 -45.81
CA ALA H 269 -0.10 -26.69 -45.64
C ALA H 269 -0.57 -26.54 -44.20
N GLN H 270 0.32 -26.73 -43.24
CA GLN H 270 -0.01 -26.46 -41.84
C GLN H 270 -0.46 -25.01 -41.65
N GLU H 271 0.27 -24.08 -42.26
CA GLU H 271 -0.07 -22.67 -42.15
C GLU H 271 -1.45 -22.38 -42.71
N THR H 272 -1.74 -22.91 -43.89
CA THR H 272 -3.05 -22.70 -44.52
C THR H 272 -4.17 -23.30 -43.67
N LEU H 273 -3.94 -24.50 -43.13
CA LEU H 273 -4.92 -25.12 -42.26
C LEU H 273 -5.21 -24.26 -41.04
N ILE H 274 -4.15 -23.72 -40.42
CA ILE H 274 -4.31 -22.92 -39.20
C ILE H 274 -5.12 -21.66 -39.49
N ARG H 275 -4.70 -20.89 -40.48
CA ARG H 275 -5.23 -19.55 -40.68
C ARG H 275 -6.47 -19.49 -41.56
N LYS H 276 -6.74 -20.51 -42.37
CA LYS H 276 -7.79 -20.41 -43.37
C LYS H 276 -8.88 -21.48 -43.29
N THR H 277 -8.74 -22.50 -42.46
CA THR H 277 -9.73 -23.58 -42.43
C THR H 277 -10.17 -23.88 -41.01
N ARG H 278 -11.36 -24.47 -40.89
CA ARG H 278 -11.88 -25.03 -39.65
C ARG H 278 -12.44 -26.42 -39.92
N PHE H 279 -12.38 -27.27 -38.89
CA PHE H 279 -12.75 -28.68 -39.00
C PHE H 279 -13.75 -29.01 -37.91
N PHE H 280 -14.88 -29.63 -38.29
CA PHE H 280 -15.98 -29.81 -37.36
C PHE H 280 -16.65 -31.17 -37.55
N MET H 281 -17.40 -31.55 -36.52
CA MET H 281 -18.21 -32.77 -36.49
C MET H 281 -19.67 -32.36 -36.48
N ALA H 282 -20.40 -32.68 -37.54
CA ALA H 282 -21.79 -32.30 -37.69
C ALA H 282 -22.68 -33.54 -37.75
N THR H 283 -23.88 -33.41 -37.20
CA THR H 283 -24.87 -34.48 -37.22
C THR H 283 -26.02 -34.06 -38.14
N LEU H 284 -26.19 -34.77 -39.23
CA LEU H 284 -27.25 -34.52 -40.19
C LEU H 284 -28.32 -35.60 -40.05
N ARG H 285 -29.58 -35.20 -40.13
CA ARG H 285 -30.70 -36.13 -40.00
C ARG H 285 -31.51 -36.15 -41.29
N LYS H 286 -31.73 -37.35 -41.82
CA LYS H 286 -32.73 -37.53 -42.86
C LYS H 286 -34.12 -37.51 -42.22
N PRO H 287 -34.98 -36.55 -42.59
CA PRO H 287 -36.25 -36.40 -41.87
C PRO H 287 -37.09 -37.67 -41.89
N ALA H 288 -37.85 -37.85 -40.82
CA ALA H 288 -38.77 -38.98 -40.71
C ALA H 288 -40.15 -38.58 -41.19
N VAL H 289 -40.89 -39.57 -41.69
CA VAL H 289 -42.27 -39.36 -42.12
C VAL H 289 -43.19 -39.71 -40.96
N LEU H 290 -43.99 -38.74 -40.52
CA LEU H 290 -44.92 -38.93 -39.42
C LEU H 290 -45.98 -39.95 -39.79
N PHE I 24 -8.66 -71.27 13.33
CA PHE I 24 -10.01 -70.92 12.95
C PHE I 24 -10.04 -70.23 11.58
N GLY I 25 -10.23 -71.04 10.53
CA GLY I 25 -10.17 -70.56 9.16
C GLY I 25 -11.23 -69.56 8.77
N GLU I 26 -12.17 -69.98 7.91
CA GLU I 26 -13.10 -69.08 7.24
C GLU I 26 -13.98 -68.28 8.21
N VAL I 27 -13.40 -67.82 9.32
CA VAL I 27 -14.12 -66.94 10.23
C VAL I 27 -14.30 -65.55 9.63
N TYR I 28 -13.50 -65.20 8.62
CA TYR I 28 -13.68 -63.92 7.96
C TYR I 28 -15.01 -63.84 7.23
N HIS I 29 -15.52 -64.97 6.72
CA HIS I 29 -16.88 -64.99 6.20
C HIS I 29 -17.92 -64.86 7.29
N LEU I 30 -17.56 -65.16 8.54
CA LEU I 30 -18.44 -64.92 9.68
C LEU I 30 -18.38 -63.49 10.18
N THR I 31 -17.26 -62.79 9.96
CA THR I 31 -17.06 -61.41 10.44
C THR I 31 -17.05 -60.37 9.33
N LEU I 32 -16.37 -60.63 8.21
CA LEU I 32 -16.21 -59.63 7.16
C LEU I 32 -17.13 -59.81 5.98
N GLY I 33 -17.58 -61.04 5.68
CA GLY I 33 -18.57 -61.26 4.66
C GLY I 33 -18.10 -62.27 3.63
N GLU I 34 -18.82 -62.30 2.50
CA GLU I 34 -18.72 -63.38 1.53
C GLU I 34 -17.39 -63.36 0.78
N SER I 35 -16.49 -62.47 1.16
CA SER I 35 -15.14 -62.44 0.63
C SER I 35 -14.14 -62.40 1.79
N VAL I 36 -12.85 -62.46 1.45
CA VAL I 36 -11.81 -62.46 2.48
C VAL I 36 -10.85 -61.28 2.27
N HIS I 37 -11.39 -60.08 2.15
CA HIS I 37 -10.55 -58.90 1.95
C HIS I 37 -11.20 -57.70 2.62
N CYS I 38 -10.53 -56.55 2.48
CA CYS I 38 -11.00 -55.32 3.10
C CYS I 38 -12.32 -54.88 2.48
N GLY I 39 -12.98 -53.96 3.18
CA GLY I 39 -14.18 -53.31 2.67
C GLY I 39 -13.84 -51.91 2.18
N LEU I 40 -14.61 -51.44 1.20
CA LEU I 40 -14.42 -50.08 0.67
C LEU I 40 -15.21 -49.11 1.54
N TRP I 41 -14.73 -48.96 2.78
CA TRP I 41 -15.39 -48.10 3.75
C TRP I 41 -15.19 -46.62 3.42
N PHE I 42 -14.17 -46.27 2.64
CA PHE I 42 -13.94 -44.91 2.22
C PHE I 42 -13.90 -44.85 0.71
N PRO I 43 -14.73 -44.03 0.07
CA PRO I 43 -14.75 -44.00 -1.39
C PRO I 43 -13.39 -43.60 -1.93
N PRO I 44 -13.05 -44.03 -3.15
CA PRO I 44 -11.72 -43.73 -3.70
C PRO I 44 -11.41 -42.25 -3.79
N ASP I 45 -12.42 -41.41 -4.02
CA ASP I 45 -12.18 -39.98 -4.15
C ASP I 45 -12.02 -39.27 -2.81
N ALA I 46 -12.03 -40.03 -1.66
CA ALA I 46 -11.95 -39.45 -0.33
C ALA I 46 -10.50 -39.25 0.08
N PRO I 47 -10.20 -38.19 0.81
CA PRO I 47 -8.82 -37.92 1.21
C PRO I 47 -8.33 -38.93 2.25
N VAL I 48 -7.02 -38.99 2.38
CA VAL I 48 -6.40 -39.84 3.41
C VAL I 48 -6.49 -39.12 4.75
N PRO I 49 -7.02 -39.76 5.79
CA PRO I 49 -7.19 -39.06 7.08
C PRO I 49 -5.86 -38.68 7.71
N GLN I 50 -5.92 -37.76 8.67
CA GLN I 50 -4.73 -37.36 9.40
C GLN I 50 -4.26 -38.46 10.35
N ASP I 51 -5.20 -39.23 10.88
CA ASP I 51 -4.90 -40.35 11.77
C ASP I 51 -5.63 -41.59 11.29
N MET I 52 -5.20 -42.74 11.79
CA MET I 52 -5.91 -44.00 11.59
C MET I 52 -6.76 -44.38 12.79
N GLU I 53 -6.91 -43.48 13.77
N GLU I 53 -6.90 -43.50 13.78
CA GLU I 53 -7.78 -43.73 14.92
CA GLU I 53 -7.75 -43.84 14.91
C GLU I 53 -9.24 -43.81 14.49
C GLU I 53 -9.22 -43.82 14.50
N LEU I 54 -10.01 -44.65 15.19
CA LEU I 54 -11.41 -44.85 14.83
C LEU I 54 -12.20 -43.56 14.90
N VAL I 55 -11.84 -42.65 15.81
CA VAL I 55 -12.57 -41.39 15.90
C VAL I 55 -12.29 -40.52 14.68
N THR I 56 -11.04 -40.45 14.23
CA THR I 56 -10.68 -39.62 13.10
C THR I 56 -11.35 -40.11 11.82
N MET I 57 -11.26 -41.41 11.55
CA MET I 57 -11.91 -41.98 10.38
C MET I 57 -13.41 -41.76 10.40
N SER I 58 -14.06 -42.07 11.54
CA SER I 58 -15.49 -41.84 11.68
C SER I 58 -15.83 -40.36 11.51
N SER I 59 -14.94 -39.47 11.94
CA SER I 59 -15.19 -38.03 11.79
C SER I 59 -15.20 -37.61 10.33
N GLN I 60 -14.27 -38.14 9.52
CA GLN I 60 -14.30 -37.85 8.10
C GLN I 60 -15.57 -38.38 7.46
N ALA I 61 -16.02 -39.57 7.88
CA ALA I 61 -17.33 -40.06 7.47
C ALA I 61 -18.45 -39.12 7.94
N GLN I 62 -18.29 -38.52 9.12
CA GLN I 62 -19.26 -37.52 9.59
C GLN I 62 -19.30 -36.31 8.66
N ASP I 63 -18.14 -35.89 8.17
CA ASP I 63 -18.10 -34.69 7.32
C ASP I 63 -18.60 -34.96 5.91
N ARG I 64 -18.42 -36.17 5.40
CA ARG I 64 -18.99 -36.53 4.10
C ARG I 64 -20.50 -36.70 4.17
N TYR I 65 -21.00 -37.12 5.35
CA TYR I 65 -22.43 -37.15 5.62
C TYR I 65 -23.03 -35.75 5.57
N THR I 66 -22.41 -34.80 6.28
CA THR I 66 -22.82 -33.41 6.23
C THR I 66 -22.78 -32.86 4.81
N ASP I 67 -21.73 -33.21 4.06
CA ASP I 67 -21.66 -32.81 2.65
C ASP I 67 -22.86 -33.31 1.86
N TYR I 68 -23.30 -34.54 2.13
CA TYR I 68 -24.44 -35.10 1.41
C TYR I 68 -25.74 -34.43 1.83
N LEU I 69 -25.88 -34.11 3.12
CA LEU I 69 -27.06 -33.37 3.59
C LEU I 69 -27.13 -32.01 2.91
N ILE I 70 -26.02 -31.27 2.91
CA ILE I 70 -25.97 -29.97 2.22
C ILE I 70 -26.34 -30.14 0.76
N GLU I 71 -25.79 -31.16 0.10
CA GLU I 71 -26.13 -31.44 -1.29
C GLU I 71 -27.63 -31.66 -1.47
N THR I 72 -28.26 -32.35 -0.52
CA THR I 72 -29.66 -32.73 -0.67
C THR I 72 -30.60 -31.54 -0.42
N LEU I 73 -30.46 -30.89 0.73
CA LEU I 73 -31.30 -29.73 1.01
C LEU I 73 -31.06 -28.61 0.00
N ASP I 74 -29.81 -28.47 -0.45
CA ASP I 74 -29.39 -27.48 -1.43
C ASP I 74 -29.77 -26.07 -1.00
N PRO I 75 -29.25 -25.57 0.13
CA PRO I 75 -29.53 -24.17 0.48
C PRO I 75 -28.80 -23.21 -0.43
N LYS I 76 -29.46 -22.09 -0.73
CA LYS I 76 -28.96 -21.13 -1.72
C LYS I 76 -28.34 -19.93 -1.02
N ALA I 77 -27.29 -19.39 -1.63
CA ALA I 77 -26.55 -18.27 -1.06
C ALA I 77 -27.50 -17.13 -0.70
N GLY I 78 -27.24 -16.51 0.45
CA GLY I 78 -28.09 -15.46 0.97
C GLY I 78 -29.23 -15.94 1.85
N GLN I 79 -29.64 -17.20 1.70
CA GLN I 79 -30.71 -17.74 2.54
C GLN I 79 -30.26 -17.83 3.99
N HIS I 80 -31.21 -18.13 4.86
CA HIS I 80 -31.00 -18.26 6.30
C HIS I 80 -31.55 -19.61 6.72
N LEU I 81 -30.69 -20.46 7.28
CA LEU I 81 -31.04 -21.83 7.60
C LEU I 81 -31.17 -22.00 9.11
N LEU I 82 -32.16 -22.78 9.54
CA LEU I 82 -32.38 -23.06 10.95
C LEU I 82 -31.93 -24.48 11.27
N ASP I 83 -30.90 -24.59 12.12
CA ASP I 83 -30.42 -25.89 12.58
C ASP I 83 -31.16 -26.24 13.87
N ILE I 84 -32.08 -27.19 13.78
CA ILE I 84 -32.90 -27.59 14.92
C ILE I 84 -32.15 -28.69 15.67
N GLY I 85 -31.64 -28.37 16.85
CA GLY I 85 -30.81 -29.30 17.58
C GLY I 85 -29.41 -29.33 17.00
N CYS I 86 -28.69 -28.22 17.15
CA CYS I 86 -27.49 -27.96 16.35
C CYS I 86 -26.23 -28.64 16.87
N GLY I 87 -26.28 -29.31 18.03
CA GLY I 87 -25.07 -29.89 18.57
C GLY I 87 -24.04 -28.82 18.87
N THR I 88 -22.79 -29.09 18.49
CA THR I 88 -21.70 -28.15 18.72
C THR I 88 -21.35 -27.33 17.48
N GLY I 89 -22.18 -27.39 16.44
CA GLY I 89 -22.19 -26.41 15.37
C GLY I 89 -21.35 -26.70 14.15
N ARG I 90 -20.70 -27.85 14.07
CA ARG I 90 -19.87 -28.13 12.90
C ARG I 90 -20.71 -28.23 11.64
N THR I 91 -21.89 -28.84 11.73
CA THR I 91 -22.76 -28.95 10.56
C THR I 91 -23.19 -27.58 10.07
N ALA I 92 -23.49 -26.66 11.00
CA ALA I 92 -23.79 -25.29 10.62
C ALA I 92 -22.61 -24.62 9.94
N LEU I 93 -21.41 -24.81 10.49
CA LEU I 93 -20.21 -24.17 9.94
C LEU I 93 -19.96 -24.61 8.50
N LYS I 94 -19.95 -25.92 8.25
CA LYS I 94 -19.72 -26.42 6.90
C LYS I 94 -20.75 -25.86 5.93
N ALA I 95 -22.02 -25.80 6.36
CA ALA I 95 -23.07 -25.24 5.50
C ALA I 95 -22.82 -23.77 5.20
N ALA I 96 -22.42 -23.00 6.22
CA ALA I 96 -22.14 -21.58 6.01
C ALA I 96 -20.93 -21.38 5.09
N ARG I 97 -19.87 -22.16 5.31
CA ARG I 97 -18.69 -22.03 4.46
C ARG I 97 -18.99 -22.45 3.02
N GLN I 98 -19.78 -23.51 2.85
CA GLN I 98 -19.90 -24.10 1.51
C GLN I 98 -20.94 -23.40 0.66
N ARG I 99 -21.96 -22.80 1.27
CA ARG I 99 -23.07 -22.26 0.50
C ARG I 99 -23.29 -20.77 0.68
N GLY I 100 -22.48 -20.08 1.48
CA GLY I 100 -22.65 -18.64 1.68
C GLY I 100 -23.98 -18.27 2.29
N ILE I 101 -24.44 -19.06 3.25
CA ILE I 101 -25.72 -18.82 3.92
C ILE I 101 -25.43 -18.44 5.37
N ALA I 102 -26.43 -17.82 5.99
CA ALA I 102 -26.41 -17.66 7.43
C ALA I 102 -27.12 -18.85 8.07
N VAL I 103 -26.64 -19.24 9.25
CA VAL I 103 -27.24 -20.35 9.99
C VAL I 103 -27.53 -19.90 11.40
N THR I 104 -28.75 -20.18 11.87
CA THR I 104 -29.12 -20.07 13.27
C THR I 104 -29.40 -21.47 13.80
N GLY I 105 -28.70 -21.87 14.84
CA GLY I 105 -28.88 -23.18 15.45
C GLY I 105 -29.38 -23.05 16.87
N VAL I 106 -30.26 -23.96 17.27
CA VAL I 106 -30.81 -23.99 18.62
C VAL I 106 -30.52 -25.34 19.25
N ALA I 107 -30.36 -25.33 20.58
CA ALA I 107 -30.10 -26.55 21.32
C ALA I 107 -30.48 -26.32 22.78
N VAL I 108 -30.77 -27.40 23.49
CA VAL I 108 -31.18 -27.31 24.88
C VAL I 108 -30.00 -27.51 25.81
N SER I 109 -28.80 -27.61 25.25
CA SER I 109 -27.58 -27.81 26.02
C SER I 109 -26.78 -26.53 26.05
N LYS I 110 -26.58 -25.97 27.24
CA LYS I 110 -25.73 -24.78 27.39
C LYS I 110 -24.32 -25.06 26.90
N GLU I 111 -23.76 -26.22 27.28
CA GLU I 111 -22.39 -26.56 26.92
C GLU I 111 -22.22 -26.62 25.41
N GLN I 112 -23.14 -27.31 24.73
CA GLN I 112 -23.05 -27.42 23.27
C GLN I 112 -23.16 -26.06 22.60
N ILE I 113 -24.02 -25.18 23.12
CA ILE I 113 -24.16 -23.86 22.54
C ILE I 113 -22.92 -23.03 22.79
N ALA I 114 -22.37 -23.10 24.00
CA ALA I 114 -21.11 -22.43 24.30
C ALA I 114 -20.01 -22.89 23.34
N ALA I 115 -19.93 -24.20 23.09
CA ALA I 115 -18.92 -24.72 22.16
C ALA I 115 -19.20 -24.23 20.74
N ALA I 116 -20.46 -24.27 20.33
CA ALA I 116 -20.83 -23.83 18.98
C ALA I 116 -20.42 -22.38 18.75
N ASN I 117 -20.66 -21.50 19.73
CA ASN I 117 -20.30 -20.10 19.57
C ASN I 117 -18.79 -19.91 19.56
N ARG I 118 -18.05 -20.74 20.30
CA ARG I 118 -16.60 -20.74 20.17
C ARG I 118 -16.17 -21.12 18.77
N LEU I 119 -16.79 -22.16 18.21
CA LEU I 119 -16.50 -22.57 16.84
C LEU I 119 -16.69 -21.42 15.87
N ALA I 120 -17.84 -20.73 15.97
CA ALA I 120 -18.12 -19.61 15.08
C ALA I 120 -17.07 -18.51 15.22
N ALA I 121 -16.67 -18.19 16.45
CA ALA I 121 -15.69 -17.13 16.67
C ALA I 121 -14.33 -17.49 16.10
N GLY I 122 -13.92 -18.76 16.22
CA GLY I 122 -12.60 -19.15 15.76
C GLY I 122 -12.48 -19.16 14.25
N HIS I 123 -13.59 -19.39 13.54
CA HIS I 123 -13.59 -19.36 12.09
C HIS I 123 -14.00 -18.00 11.54
N GLY I 124 -14.11 -16.99 12.40
CA GLY I 124 -14.44 -15.63 11.98
C GLY I 124 -15.82 -15.48 11.36
N LEU I 125 -16.81 -16.19 11.89
CA LEU I 125 -18.14 -16.25 11.29
C LEU I 125 -19.25 -16.01 12.31
N THR I 126 -19.00 -15.16 13.31
CA THR I 126 -20.04 -14.91 14.30
C THR I 126 -21.21 -14.13 13.71
N GLU I 127 -20.97 -13.35 12.65
CA GLU I 127 -22.05 -12.57 12.04
C GLU I 127 -22.93 -13.41 11.12
N ARG I 128 -22.46 -14.57 10.66
CA ARG I 128 -23.29 -15.46 9.85
C ARG I 128 -23.73 -16.73 10.58
N LEU I 129 -23.15 -17.03 11.75
CA LEU I 129 -23.55 -18.16 12.56
C LEU I 129 -24.03 -17.65 13.91
N THR I 130 -25.26 -18.00 14.28
CA THR I 130 -25.88 -17.61 15.53
C THR I 130 -26.32 -18.86 16.26
N PHE I 131 -25.86 -19.05 17.49
CA PHE I 131 -26.15 -20.26 18.26
C PHE I 131 -26.81 -19.87 19.57
N GLU I 132 -28.03 -20.37 19.79
CA GLU I 132 -28.84 -20.00 20.94
C GLU I 132 -29.38 -21.24 21.65
N VAL I 133 -29.40 -21.18 22.97
CA VAL I 133 -30.07 -22.18 23.79
C VAL I 133 -31.58 -21.97 23.64
N ALA I 134 -32.26 -22.92 23.01
CA ALA I 134 -33.69 -22.77 22.78
C ALA I 134 -34.32 -24.14 22.60
N ASP I 135 -35.62 -24.21 22.87
CA ASP I 135 -36.40 -25.43 22.73
C ASP I 135 -37.08 -25.45 21.37
N ALA I 136 -36.85 -26.52 20.61
CA ALA I 136 -37.46 -26.68 19.28
C ALA I 136 -38.97 -26.83 19.34
N MET I 137 -39.53 -27.12 20.50
CA MET I 137 -40.97 -27.22 20.68
C MET I 137 -41.61 -25.90 21.12
N ARG I 138 -40.79 -24.87 21.34
CA ARG I 138 -41.21 -23.52 21.67
C ARG I 138 -40.21 -22.53 21.06
N LEU I 139 -40.11 -22.50 19.73
CA LEU I 139 -39.11 -21.66 19.08
C LEU I 139 -39.40 -20.19 19.33
N PRO I 140 -38.38 -19.40 19.67
CA PRO I 140 -38.59 -17.98 19.98
C PRO I 140 -38.61 -17.05 18.78
N TYR I 141 -38.61 -17.58 17.56
CA TYR I 141 -38.47 -16.74 16.38
C TYR I 141 -39.84 -16.41 15.80
N GLU I 142 -39.90 -15.30 15.08
CA GLU I 142 -41.13 -14.90 14.44
C GLU I 142 -41.51 -15.88 13.33
N ASP I 143 -42.76 -15.78 12.88
CA ASP I 143 -43.23 -16.63 11.79
C ASP I 143 -42.50 -16.26 10.50
N GLU I 144 -42.29 -17.26 9.65
CA GLU I 144 -41.70 -17.10 8.33
C GLU I 144 -40.37 -16.35 8.41
N SER I 145 -39.45 -16.94 9.19
CA SER I 145 -38.15 -16.33 9.44
C SER I 145 -37.00 -17.00 8.69
N PHE I 146 -37.15 -18.25 8.27
CA PHE I 146 -36.06 -19.02 7.69
C PHE I 146 -36.47 -19.55 6.32
N ASP I 147 -35.52 -19.51 5.38
CA ASP I 147 -35.75 -20.06 4.05
C ASP I 147 -35.74 -21.59 4.03
N CYS I 148 -35.05 -22.23 4.96
CA CYS I 148 -35.00 -23.69 5.03
C CYS I 148 -34.51 -24.07 6.43
N ALA I 149 -34.49 -25.38 6.70
CA ALA I 149 -34.09 -25.87 8.01
C ALA I 149 -33.77 -27.35 7.89
N TRP I 150 -33.07 -27.85 8.91
CA TRP I 150 -32.89 -29.29 9.04
C TRP I 150 -32.87 -29.67 10.51
N ALA I 151 -33.33 -30.88 10.78
CA ALA I 151 -33.33 -31.49 12.12
C ALA I 151 -32.57 -32.80 11.99
N ILE I 152 -31.26 -32.74 12.25
CA ILE I 152 -30.36 -33.85 11.99
C ILE I 152 -30.28 -34.71 13.25
N GLU I 153 -31.09 -35.78 13.30
CA GLU I 153 -31.03 -36.80 14.34
C GLU I 153 -31.36 -36.25 15.73
N SER I 154 -32.15 -35.18 15.78
CA SER I 154 -32.53 -34.55 17.03
C SER I 154 -33.99 -34.72 17.40
N LEU I 155 -34.86 -35.05 16.43
CA LEU I 155 -36.29 -35.16 16.71
C LEU I 155 -36.61 -36.23 17.75
N CYS I 156 -35.72 -37.22 17.93
CA CYS I 156 -35.95 -38.26 18.92
C CYS I 156 -35.89 -37.75 20.34
N HIS I 157 -35.49 -36.50 20.56
CA HIS I 157 -35.50 -35.94 21.90
C HIS I 157 -36.74 -35.12 22.19
N MET I 158 -37.66 -35.01 21.23
CA MET I 158 -38.75 -34.06 21.32
C MET I 158 -40.09 -34.74 21.06
N ASP I 159 -41.15 -33.97 21.28
CA ASP I 159 -42.49 -34.28 20.78
C ASP I 159 -42.51 -33.88 19.32
N ARG I 160 -42.43 -34.88 18.42
CA ARG I 160 -42.25 -34.60 17.01
C ARG I 160 -43.38 -33.75 16.44
N ALA I 161 -44.59 -33.90 16.97
CA ALA I 161 -45.69 -33.05 16.53
C ALA I 161 -45.38 -31.58 16.77
N LYS I 162 -44.98 -31.25 18.01
CA LYS I 162 -44.71 -29.86 18.36
C LYS I 162 -43.52 -29.31 17.60
N ALA I 163 -42.43 -30.08 17.53
CA ALA I 163 -41.24 -29.61 16.85
C ALA I 163 -41.49 -29.39 15.36
N LEU I 164 -42.15 -30.36 14.71
CA LEU I 164 -42.45 -30.20 13.29
C LEU I 164 -43.48 -29.10 13.05
N GLY I 165 -44.45 -28.94 13.95
CA GLY I 165 -45.38 -27.83 13.83
C GLY I 165 -44.70 -26.49 13.99
N GLU I 166 -43.71 -26.42 14.89
CA GLU I 166 -42.97 -25.18 15.11
C GLU I 166 -41.99 -24.88 13.98
N ALA I 167 -41.42 -25.92 13.36
CA ALA I 167 -40.58 -25.71 12.18
C ALA I 167 -41.42 -25.22 11.00
N TRP I 168 -42.64 -25.74 10.86
CA TRP I 168 -43.56 -25.24 9.84
C TRP I 168 -43.84 -23.76 10.06
N ARG I 169 -44.05 -23.35 11.31
CA ARG I 169 -44.40 -21.96 11.61
C ARG I 169 -43.27 -21.00 11.24
N VAL I 170 -42.03 -21.39 11.53
CA VAL I 170 -40.90 -20.48 11.29
C VAL I 170 -40.39 -20.54 9.85
N LEU I 171 -40.76 -21.56 9.09
CA LEU I 171 -40.34 -21.64 7.69
C LEU I 171 -41.16 -20.67 6.84
N LYS I 172 -40.48 -20.01 5.91
CA LYS I 172 -41.20 -19.27 4.88
C LYS I 172 -41.96 -20.24 3.98
N PRO I 173 -43.14 -19.86 3.50
CA PRO I 173 -43.86 -20.74 2.57
C PRO I 173 -43.03 -21.03 1.33
N GLY I 174 -43.03 -22.29 0.92
CA GLY I 174 -42.15 -22.77 -0.12
C GLY I 174 -40.83 -23.34 0.38
N GLY I 175 -40.44 -23.04 1.61
CA GLY I 175 -39.19 -23.53 2.12
C GLY I 175 -39.25 -25.01 2.44
N ASP I 176 -38.06 -25.59 2.66
CA ASP I 176 -37.92 -27.03 2.84
C ASP I 176 -37.25 -27.32 4.16
N LEU I 177 -37.70 -28.40 4.80
CA LEU I 177 -37.11 -28.88 6.06
C LEU I 177 -36.57 -30.28 5.82
N LEU I 178 -35.26 -30.44 5.98
CA LEU I 178 -34.62 -31.74 5.88
C LEU I 178 -34.67 -32.41 7.25
N VAL I 179 -35.08 -33.67 7.28
CA VAL I 179 -35.29 -34.39 8.52
C VAL I 179 -34.60 -35.74 8.46
N LEU I 180 -33.81 -36.03 9.48
CA LEU I 180 -33.17 -37.34 9.65
C LEU I 180 -33.81 -37.98 10.89
N GLU I 181 -34.62 -39.00 10.66
CA GLU I 181 -35.51 -39.55 11.68
C GLU I 181 -35.49 -41.07 11.60
N SER I 182 -35.84 -41.71 12.72
CA SER I 182 -35.99 -43.15 12.78
C SER I 182 -37.46 -43.52 12.95
N VAL I 183 -37.75 -44.80 12.69
CA VAL I 183 -39.11 -45.31 12.63
C VAL I 183 -39.08 -46.79 12.99
N VAL I 184 -40.04 -47.22 13.80
CA VAL I 184 -40.14 -48.63 14.19
C VAL I 184 -40.81 -49.43 13.08
N THR I 185 -40.32 -50.65 12.89
CA THR I 185 -40.98 -51.61 12.01
C THR I 185 -41.66 -52.75 12.76
N GLU I 186 -41.39 -52.90 14.06
CA GLU I 186 -42.10 -53.81 14.94
C GLU I 186 -42.73 -53.00 16.07
N GLU I 187 -43.25 -53.71 17.08
CA GLU I 187 -44.03 -53.09 18.14
C GLU I 187 -43.18 -52.59 19.30
N LEU I 188 -41.92 -53.02 19.40
CA LEU I 188 -41.00 -52.64 20.48
C LEU I 188 -41.45 -53.18 21.83
N THR I 189 -40.66 -54.08 22.42
CA THR I 189 -40.92 -54.51 23.79
C THR I 189 -40.62 -53.37 24.76
N GLU I 190 -41.12 -53.52 25.97
CA GLU I 190 -41.02 -52.50 27.01
C GLU I 190 -39.60 -52.31 27.55
N PRO I 191 -38.78 -53.37 27.68
CA PRO I 191 -37.37 -53.12 28.02
C PRO I 191 -36.61 -52.41 26.92
N GLU I 192 -36.91 -52.72 25.65
CA GLU I 192 -36.28 -52.00 24.54
C GLU I 192 -36.61 -50.52 24.59
N THR I 193 -37.89 -50.18 24.81
CA THR I 193 -38.30 -48.78 24.87
C THR I 193 -37.61 -48.04 26.02
N ALA I 194 -37.36 -48.74 27.13
CA ALA I 194 -36.61 -48.13 28.23
C ALA I 194 -35.18 -47.84 27.81
N LEU I 195 -34.52 -48.81 27.16
CA LEU I 195 -33.16 -48.62 26.69
C LEU I 195 -33.01 -47.33 25.88
N PHE I 196 -34.06 -46.95 25.15
CA PHE I 196 -34.08 -45.64 24.52
C PHE I 196 -33.89 -44.53 25.55
N GLU I 197 -34.55 -44.64 26.70
CA GLU I 197 -34.51 -43.56 27.69
C GLU I 197 -33.19 -43.52 28.44
N THR I 198 -32.61 -44.68 28.75
CA THR I 198 -31.44 -44.71 29.62
C THR I 198 -30.14 -44.51 28.86
N LEU I 199 -29.98 -45.14 27.69
CA LEU I 199 -28.74 -45.00 26.93
C LEU I 199 -28.59 -43.59 26.37
N TYR I 200 -29.57 -43.15 25.59
CA TYR I 200 -29.61 -41.82 25.00
C TYR I 200 -30.64 -41.00 25.77
N ALA I 201 -31.24 -40.00 25.12
CA ALA I 201 -32.35 -39.28 25.74
C ALA I 201 -33.66 -39.60 25.02
N ALA I 202 -33.92 -40.90 24.85
CA ALA I 202 -35.27 -41.44 24.77
C ALA I 202 -36.12 -41.08 23.56
N ASN I 203 -37.43 -40.99 23.82
CA ASN I 203 -38.53 -41.08 22.85
C ASN I 203 -38.31 -42.23 21.89
N VAL I 204 -39.13 -43.26 22.01
CA VAL I 204 -39.16 -44.33 21.03
C VAL I 204 -39.53 -43.72 19.68
N PRO I 205 -39.02 -44.24 18.57
CA PRO I 205 -39.37 -43.67 17.28
C PRO I 205 -40.81 -44.01 16.93
N PRO I 206 -41.47 -43.18 16.14
CA PRO I 206 -42.86 -43.44 15.76
C PRO I 206 -42.92 -44.52 14.68
N ARG I 207 -44.13 -44.87 14.30
CA ARG I 207 -44.35 -45.73 13.14
C ARG I 207 -44.25 -44.91 11.86
N LEU I 208 -44.07 -45.62 10.73
CA LEU I 208 -43.94 -44.93 9.45
C LEU I 208 -45.18 -44.10 9.15
N GLY I 209 -46.36 -44.74 9.17
CA GLY I 209 -47.59 -44.01 8.94
C GLY I 209 -47.90 -43.01 10.03
N GLU I 210 -47.54 -43.33 11.27
CA GLU I 210 -47.74 -42.38 12.37
C GLU I 210 -46.91 -41.11 12.15
N PHE I 211 -45.64 -41.27 11.77
CA PHE I 211 -44.77 -40.12 11.56
C PHE I 211 -45.28 -39.25 10.43
N PHE I 212 -45.73 -39.85 9.34
CA PHE I 212 -46.24 -39.06 8.22
C PHE I 212 -47.63 -38.50 8.47
N ASP I 213 -48.40 -39.11 9.38
CA ASP I 213 -49.60 -38.43 9.87
C ASP I 213 -49.24 -37.19 10.65
N ILE I 214 -48.16 -37.24 11.44
CA ILE I 214 -47.69 -36.07 12.16
C ILE I 214 -47.17 -35.02 11.18
N VAL I 215 -46.39 -35.45 10.19
CA VAL I 215 -45.87 -34.53 9.18
C VAL I 215 -47.01 -33.82 8.46
N SER I 216 -48.04 -34.58 8.06
CA SER I 216 -49.20 -33.99 7.40
C SER I 216 -49.95 -33.04 8.35
N GLY I 217 -50.09 -33.43 9.62
CA GLY I 217 -50.85 -32.62 10.55
C GLY I 217 -50.19 -31.29 10.86
N ALA I 218 -48.85 -31.25 10.84
CA ALA I 218 -48.16 -29.98 10.99
C ALA I 218 -48.25 -29.13 9.72
N GLY I 219 -48.60 -29.74 8.60
CA GLY I 219 -48.81 -29.03 7.37
C GLY I 219 -47.76 -29.19 6.28
N PHE I 220 -46.92 -30.22 6.36
CA PHE I 220 -45.82 -30.42 5.42
C PHE I 220 -46.24 -31.38 4.31
N HIS I 221 -45.77 -31.09 3.10
CA HIS I 221 -45.76 -32.06 2.00
C HIS I 221 -44.46 -32.84 2.05
N THR I 222 -44.52 -34.09 1.63
CA THR I 222 -43.35 -34.97 1.60
C THR I 222 -42.81 -35.02 0.17
N LEU I 223 -41.58 -34.56 -0.02
CA LEU I 223 -40.94 -34.59 -1.32
C LEU I 223 -40.08 -35.81 -1.55
N SER I 224 -39.44 -36.35 -0.50
CA SER I 224 -38.50 -37.44 -0.68
C SER I 224 -38.31 -38.19 0.62
N LEU I 225 -37.85 -39.43 0.51
CA LEU I 225 -37.44 -40.24 1.65
C LEU I 225 -36.36 -41.20 1.17
N LYS I 226 -35.24 -41.26 1.88
CA LYS I 226 -34.15 -42.15 1.52
C LYS I 226 -33.66 -42.88 2.75
N ASP I 227 -33.68 -44.21 2.70
CA ASP I 227 -33.23 -45.02 3.83
C ASP I 227 -31.72 -44.89 4.00
N LEU I 228 -31.30 -44.72 5.26
CA LEU I 228 -29.89 -44.65 5.63
C LEU I 228 -29.59 -45.54 6.83
N SER I 229 -30.32 -46.65 6.96
CA SER I 229 -30.25 -47.46 8.17
C SER I 229 -28.87 -48.09 8.33
N ALA I 230 -28.24 -48.47 7.21
CA ALA I 230 -26.91 -49.08 7.29
C ALA I 230 -25.89 -48.11 7.85
N ASN I 231 -26.00 -46.82 7.50
CA ASN I 231 -25.10 -45.81 8.04
C ASN I 231 -25.28 -45.67 9.54
N LEU I 232 -26.52 -45.70 10.02
CA LEU I 232 -26.78 -45.61 11.46
C LEU I 232 -26.30 -46.86 12.18
N ALA I 233 -26.52 -48.04 11.59
CA ALA I 233 -26.05 -49.28 12.19
C ALA I 233 -24.53 -49.29 12.31
N MET I 234 -23.83 -48.89 11.24
CA MET I 234 -22.37 -48.81 11.28
C MET I 234 -21.92 -47.80 12.34
N THR I 235 -22.54 -46.62 12.37
CA THR I 235 -22.15 -45.61 13.36
C THR I 235 -22.34 -46.12 14.78
N MET I 236 -23.43 -46.86 15.03
CA MET I 236 -23.65 -47.41 16.36
C MET I 236 -22.61 -48.47 16.71
N ASN I 237 -22.17 -49.25 15.72
CA ASN I 237 -21.09 -50.21 15.95
C ASN I 237 -19.78 -49.52 16.25
N VAL I 238 -19.48 -48.42 15.55
CA VAL I 238 -18.29 -47.64 15.84
C VAL I 238 -18.36 -47.08 17.25
N PHE I 239 -19.52 -46.54 17.64
CA PHE I 239 -19.71 -46.06 19.00
C PHE I 239 -19.52 -47.19 20.01
N ALA I 240 -20.15 -48.34 19.77
CA ALA I 240 -20.03 -49.47 20.67
C ALA I 240 -18.58 -49.94 20.78
N LEU I 241 -17.88 -50.03 19.65
CA LEU I 241 -16.48 -50.44 19.69
C LEU I 241 -15.62 -49.45 20.47
N GLY I 242 -15.92 -48.16 20.36
CA GLY I 242 -15.19 -47.18 21.14
C GLY I 242 -15.42 -47.32 22.64
N VAL I 243 -16.67 -47.57 23.05
CA VAL I 243 -16.97 -47.73 24.46
C VAL I 243 -16.31 -48.98 25.01
N TYR I 244 -16.45 -50.10 24.29
CA TYR I 244 -15.83 -51.35 24.72
C TYR I 244 -14.32 -51.19 24.87
N SER I 245 -13.68 -50.54 23.90
CA SER I 245 -12.22 -50.51 23.89
C SER I 245 -11.68 -49.53 24.93
N ARG I 246 -12.49 -48.55 25.33
CA ARG I 246 -12.02 -47.46 26.17
C ARG I 246 -12.85 -47.35 27.44
N ARG I 247 -13.21 -48.50 28.01
CA ARG I 247 -13.98 -48.50 29.26
C ARG I 247 -13.28 -47.68 30.34
N ALA I 248 -11.98 -47.90 30.52
CA ALA I 248 -11.25 -47.23 31.58
C ALA I 248 -11.23 -45.72 31.39
N GLU I 249 -10.84 -45.27 30.19
CA GLU I 249 -10.77 -43.83 29.92
C GLU I 249 -12.10 -43.14 30.18
N PHE I 250 -13.20 -43.79 29.79
CA PHE I 250 -14.51 -43.15 29.91
C PHE I 250 -15.04 -43.17 31.34
N THR I 251 -14.79 -44.25 32.09
CA THR I 251 -15.24 -44.30 33.47
C THR I 251 -14.61 -43.19 34.31
N GLU I 252 -13.36 -42.84 34.01
CA GLU I 252 -12.70 -41.73 34.70
C GLU I 252 -13.19 -40.37 34.18
N ARG I 253 -13.87 -40.36 33.04
CA ARG I 253 -14.36 -39.12 32.42
C ARG I 253 -15.84 -38.88 32.66
N PHE I 254 -16.65 -39.94 32.62
CA PHE I 254 -18.10 -39.80 32.81
C PHE I 254 -18.63 -40.60 33.99
N GLY I 255 -17.79 -41.33 34.70
CA GLY I 255 -18.27 -42.10 35.84
C GLY I 255 -18.61 -43.53 35.50
N ALA I 256 -18.49 -44.40 36.49
CA ALA I 256 -18.74 -45.82 36.28
C ALA I 256 -20.19 -46.08 35.90
N GLU I 257 -21.12 -45.39 36.55
CA GLU I 257 -22.55 -45.65 36.33
C GLU I 257 -22.94 -45.48 34.86
N PHE I 258 -22.45 -44.41 34.23
CA PHE I 258 -22.81 -44.15 32.84
C PHE I 258 -22.20 -45.19 31.90
N VAL I 259 -20.88 -45.40 32.00
CA VAL I 259 -20.20 -46.32 31.10
C VAL I 259 -20.72 -47.74 31.30
N ASP I 260 -20.87 -48.16 32.56
CA ASP I 260 -21.47 -49.47 32.82
C ASP I 260 -22.84 -49.59 32.18
N GLY I 261 -23.62 -48.50 32.19
CA GLY I 261 -24.91 -48.52 31.52
C GLY I 261 -24.80 -48.77 30.03
N LEU I 262 -23.82 -48.11 29.39
CA LEU I 262 -23.63 -48.34 27.97
C LEU I 262 -23.16 -49.76 27.68
N LEU I 263 -22.17 -50.24 28.44
CA LEU I 263 -21.65 -51.59 28.24
C LEU I 263 -22.75 -52.63 28.37
N ALA I 264 -23.67 -52.43 29.31
CA ALA I 264 -24.73 -53.39 29.54
C ALA I 264 -25.87 -53.31 28.54
N GLY I 265 -26.07 -52.16 27.88
CA GLY I 265 -27.21 -51.99 27.01
C GLY I 265 -26.91 -51.95 25.52
N LEU I 266 -25.67 -51.62 25.15
CA LEU I 266 -25.33 -51.40 23.75
C LEU I 266 -25.59 -52.63 22.89
N GLY I 267 -25.36 -53.83 23.42
CA GLY I 267 -25.62 -55.04 22.65
C GLY I 267 -27.09 -55.21 22.32
N SER I 268 -27.95 -55.11 23.34
CA SER I 268 -29.39 -55.25 23.12
C SER I 268 -29.96 -54.10 22.31
N ALA I 269 -29.44 -52.88 22.49
CA ALA I 269 -29.90 -51.74 21.70
C ALA I 269 -29.56 -51.94 20.22
N GLN I 270 -28.37 -52.46 19.93
CA GLN I 270 -27.98 -52.71 18.55
C GLN I 270 -28.90 -53.73 17.89
N GLU I 271 -29.23 -54.81 18.59
CA GLU I 271 -30.16 -55.80 18.06
C GLU I 271 -31.52 -55.19 17.78
N THR I 272 -32.01 -54.35 18.69
CA THR I 272 -33.29 -53.67 18.48
C THR I 272 -33.22 -52.74 17.27
N LEU I 273 -32.10 -52.03 17.11
CA LEU I 273 -31.94 -51.14 15.96
C LEU I 273 -31.91 -51.91 14.64
N ILE I 274 -31.25 -53.07 14.63
CA ILE I 274 -31.14 -53.87 13.42
C ILE I 274 -32.52 -54.40 13.00
N ARG I 275 -33.23 -55.01 13.95
CA ARG I 275 -34.39 -55.82 13.63
C ARG I 275 -35.71 -55.06 13.65
N LYS I 276 -35.80 -53.93 14.37
CA LYS I 276 -37.08 -53.30 14.61
C LYS I 276 -37.16 -51.83 14.22
N THR I 277 -36.10 -51.23 13.67
CA THR I 277 -36.11 -49.81 13.34
C THR I 277 -35.47 -49.57 11.98
N ARG I 278 -35.88 -48.45 11.36
CA ARG I 278 -35.26 -47.96 10.14
C ARG I 278 -35.03 -46.45 10.26
N PHE I 279 -34.03 -45.96 9.53
CA PHE I 279 -33.54 -44.60 9.64
C PHE I 279 -33.45 -43.99 8.25
N PHE I 280 -34.06 -42.81 8.06
CA PHE I 280 -34.16 -42.25 6.73
C PHE I 280 -33.93 -40.74 6.77
N MET I 281 -33.60 -40.20 5.59
CA MET I 281 -33.53 -38.77 5.34
C MET I 281 -34.71 -38.38 4.47
N ALA I 282 -35.58 -37.53 4.99
CA ALA I 282 -36.77 -37.08 4.28
C ALA I 282 -36.73 -35.57 4.08
N THR I 283 -37.26 -35.12 2.95
CA THR I 283 -37.41 -33.71 2.65
C THR I 283 -38.90 -33.35 2.73
N LEU I 284 -39.20 -32.30 3.48
CA LEU I 284 -40.57 -31.87 3.73
C LEU I 284 -40.72 -30.41 3.32
N ARG I 285 -41.64 -30.15 2.40
CA ARG I 285 -41.89 -28.78 1.95
C ARG I 285 -43.08 -28.18 2.69
N LYS I 286 -42.94 -26.93 3.08
CA LYS I 286 -44.06 -26.09 3.46
C LYS I 286 -44.68 -25.52 2.19
N PRO I 287 -45.92 -25.89 1.88
CA PRO I 287 -46.56 -25.39 0.66
C PRO I 287 -46.54 -23.87 0.57
N ALA I 288 -46.27 -23.36 -0.63
CA ALA I 288 -46.27 -21.94 -0.90
C ALA I 288 -47.65 -21.48 -1.37
N VAL I 289 -47.81 -20.17 -1.46
CA VAL I 289 -49.09 -19.60 -1.87
C VAL I 289 -49.03 -19.17 -3.34
N GLN J 11 -39.10 -7.41 -42.63
CA GLN J 11 -40.56 -7.46 -42.64
C GLN J 11 -41.17 -6.51 -41.61
N VAL J 12 -40.43 -6.21 -40.55
CA VAL J 12 -40.90 -5.31 -39.50
C VAL J 12 -39.81 -4.31 -39.14
N THR J 13 -40.26 -3.23 -38.52
CA THR J 13 -39.43 -2.14 -38.04
C THR J 13 -39.11 -2.33 -36.56
N ALA J 14 -38.08 -1.64 -36.11
CA ALA J 14 -37.74 -1.67 -34.69
C ALA J 14 -38.83 -0.99 -33.86
N ASP J 15 -39.42 0.09 -34.37
CA ASP J 15 -40.50 0.77 -33.67
C ASP J 15 -41.67 -0.16 -33.40
N GLU J 16 -42.08 -0.93 -34.43
CA GLU J 16 -43.25 -1.77 -34.30
C GLU J 16 -43.01 -2.92 -33.32
N VAL J 17 -41.80 -3.47 -33.31
CA VAL J 17 -41.47 -4.50 -32.33
C VAL J 17 -41.43 -3.91 -30.92
N GLY J 18 -40.90 -2.70 -30.78
CA GLY J 18 -40.94 -2.03 -29.49
C GLY J 18 -42.35 -1.74 -29.02
N ASP J 19 -43.21 -1.25 -29.92
CA ASP J 19 -44.61 -1.06 -29.59
C ASP J 19 -45.26 -2.39 -29.21
N TRP J 20 -44.91 -3.47 -29.90
CA TRP J 20 -45.55 -4.76 -29.69
C TRP J 20 -45.25 -5.30 -28.29
N TYR J 21 -43.98 -5.31 -27.89
CA TYR J 21 -43.64 -5.77 -26.55
C TYR J 21 -44.11 -4.80 -25.48
N ASP J 22 -44.20 -3.50 -25.81
CA ASP J 22 -44.76 -2.55 -24.86
C ASP J 22 -46.24 -2.82 -24.59
N LYS J 23 -46.94 -3.44 -25.52
CA LYS J 23 -48.38 -3.67 -25.39
C LYS J 23 -48.74 -5.08 -24.94
N PHE J 24 -48.02 -6.10 -25.42
CA PHE J 24 -48.39 -7.49 -25.14
C PHE J 24 -47.25 -8.33 -24.58
N GLY J 25 -46.16 -7.70 -24.13
CA GLY J 25 -45.03 -8.48 -23.64
C GLY J 25 -45.34 -9.30 -22.41
N GLU J 26 -46.31 -8.86 -21.61
CA GLU J 26 -46.64 -9.57 -20.38
C GLU J 26 -47.36 -10.90 -20.62
N VAL J 27 -47.86 -11.16 -21.84
CA VAL J 27 -48.54 -12.43 -22.09
C VAL J 27 -47.57 -13.60 -22.02
N TYR J 28 -46.29 -13.35 -22.32
CA TYR J 28 -45.29 -14.41 -22.20
C TYR J 28 -45.00 -14.71 -20.74
N HIS J 29 -44.89 -13.67 -19.92
CA HIS J 29 -44.70 -13.89 -18.49
C HIS J 29 -45.93 -14.50 -17.82
N LEU J 30 -47.12 -14.31 -18.40
CA LEU J 30 -48.34 -14.95 -17.91
C LEU J 30 -48.45 -16.41 -18.31
N THR J 31 -47.77 -16.82 -19.38
CA THR J 31 -47.92 -18.16 -19.93
C THR J 31 -46.65 -18.99 -19.86
N LEU J 32 -45.48 -18.37 -20.01
CA LEU J 32 -44.21 -19.10 -20.05
C LEU J 32 -43.36 -18.93 -18.80
N GLY J 33 -43.44 -17.80 -18.11
CA GLY J 33 -42.74 -17.65 -16.86
C GLY J 33 -42.00 -16.34 -16.79
N GLU J 34 -41.09 -16.24 -15.80
CA GLU J 34 -40.41 -14.99 -15.50
C GLU J 34 -39.44 -14.56 -16.60
N SER J 35 -39.16 -15.41 -17.57
CA SER J 35 -38.31 -15.05 -18.70
C SER J 35 -39.15 -15.02 -19.98
N VAL J 36 -38.51 -14.63 -21.08
CA VAL J 36 -39.17 -14.58 -22.37
C VAL J 36 -38.38 -15.43 -23.36
N HIS J 37 -38.21 -16.72 -23.04
CA HIS J 37 -37.56 -17.65 -23.95
C HIS J 37 -38.11 -19.05 -23.70
N CYS J 38 -37.54 -20.02 -24.41
CA CYS J 38 -38.01 -21.39 -24.34
C CYS J 38 -37.77 -21.97 -22.96
N GLY J 39 -38.39 -23.11 -22.69
CA GLY J 39 -38.09 -23.91 -21.53
C GLY J 39 -37.29 -25.13 -21.95
N LEU J 40 -36.38 -25.54 -21.07
CA LEU J 40 -35.51 -26.69 -21.36
C LEU J 40 -36.29 -27.94 -20.99
N TRP J 41 -37.27 -28.28 -21.84
CA TRP J 41 -38.13 -29.44 -21.60
C TRP J 41 -37.45 -30.77 -21.86
N PHE J 42 -36.41 -30.80 -22.71
CA PHE J 42 -35.65 -31.99 -23.01
C PHE J 42 -34.20 -31.78 -22.60
N PRO J 43 -33.61 -32.69 -21.83
CA PRO J 43 -32.22 -32.53 -21.43
C PRO J 43 -31.33 -32.46 -22.65
N PRO J 44 -30.25 -31.67 -22.59
CA PRO J 44 -29.38 -31.52 -23.77
C PRO J 44 -28.79 -32.82 -24.28
N ASP J 45 -28.67 -33.85 -23.44
CA ASP J 45 -28.14 -35.12 -23.91
C ASP J 45 -29.18 -35.99 -24.61
N ALA J 46 -30.44 -35.55 -24.66
CA ALA J 46 -31.51 -36.35 -25.26
C ALA J 46 -31.46 -36.25 -26.79
N PRO J 47 -31.89 -37.31 -27.49
CA PRO J 47 -31.87 -37.27 -28.95
C PRO J 47 -32.99 -36.40 -29.50
N VAL J 48 -32.83 -36.02 -30.76
CA VAL J 48 -33.86 -35.23 -31.44
C VAL J 48 -34.98 -36.16 -31.89
N PRO J 49 -36.24 -35.85 -31.58
CA PRO J 49 -37.34 -36.76 -31.93
C PRO J 49 -37.53 -36.86 -33.44
N GLN J 50 -38.34 -37.85 -33.83
CA GLN J 50 -38.59 -38.10 -35.25
C GLN J 50 -39.45 -37.01 -35.86
N ASP J 51 -40.40 -36.48 -35.11
CA ASP J 51 -41.20 -35.35 -35.52
C ASP J 51 -41.34 -34.43 -34.31
N MET J 52 -42.16 -33.39 -34.44
CA MET J 52 -42.45 -32.48 -33.33
C MET J 52 -43.90 -32.57 -32.88
N GLU J 53 -44.63 -33.58 -33.31
CA GLU J 53 -46.01 -33.75 -32.86
C GLU J 53 -46.04 -33.98 -31.35
N LEU J 54 -47.04 -33.37 -30.70
CA LEU J 54 -47.17 -33.47 -29.25
C LEU J 54 -47.18 -34.92 -28.78
N VAL J 55 -47.73 -35.83 -29.58
CA VAL J 55 -47.87 -37.22 -29.16
C VAL J 55 -46.51 -37.91 -29.09
N THR J 56 -45.62 -37.61 -30.05
CA THR J 56 -44.35 -38.32 -30.12
C THR J 56 -43.35 -37.79 -29.10
N MET J 57 -43.25 -36.45 -28.98
CA MET J 57 -42.42 -35.89 -27.90
C MET J 57 -42.88 -36.39 -26.54
N SER J 58 -44.20 -36.47 -26.34
CA SER J 58 -44.73 -37.09 -25.12
C SER J 58 -44.34 -38.56 -25.01
N SER J 59 -44.26 -39.26 -26.14
CA SER J 59 -43.85 -40.67 -26.12
C SER J 59 -42.38 -40.82 -25.75
N GLN J 60 -41.52 -39.92 -26.26
CA GLN J 60 -40.12 -39.96 -25.88
C GLN J 60 -39.93 -39.64 -24.41
N ALA J 61 -40.73 -38.71 -23.88
CA ALA J 61 -40.73 -38.47 -22.44
C ALA J 61 -41.23 -39.68 -21.67
N GLN J 62 -42.15 -40.46 -22.25
CA GLN J 62 -42.59 -41.70 -21.61
C GLN J 62 -41.48 -42.74 -21.57
N ASP J 63 -40.66 -42.81 -22.63
CA ASP J 63 -39.59 -43.80 -22.66
C ASP J 63 -38.47 -43.42 -21.69
N ARG J 64 -38.12 -42.12 -21.63
CA ARG J 64 -37.18 -41.66 -20.62
C ARG J 64 -37.73 -41.87 -19.21
N TYR J 65 -39.05 -41.74 -19.06
CA TYR J 65 -39.73 -42.07 -17.80
C TYR J 65 -39.53 -43.54 -17.44
N THR J 66 -39.73 -44.43 -18.42
CA THR J 66 -39.55 -45.86 -18.18
C THR J 66 -38.09 -46.18 -17.87
N ASP J 67 -37.15 -45.55 -18.59
CA ASP J 67 -35.74 -45.74 -18.30
C ASP J 67 -35.43 -45.42 -16.84
N TYR J 68 -35.98 -44.30 -16.34
CA TYR J 68 -35.71 -43.90 -14.96
C TYR J 68 -36.27 -44.91 -13.98
N LEU J 69 -37.46 -45.45 -14.25
CA LEU J 69 -38.03 -46.47 -13.37
C LEU J 69 -37.15 -47.72 -13.35
N ILE J 70 -36.69 -48.15 -14.53
CA ILE J 70 -35.80 -49.30 -14.60
C ILE J 70 -34.52 -49.03 -13.80
N GLU J 71 -33.94 -47.85 -13.99
CA GLU J 71 -32.73 -47.48 -13.24
C GLU J 71 -32.99 -47.48 -11.74
N THR J 72 -34.19 -47.04 -11.33
CA THR J 72 -34.51 -46.98 -9.92
C THR J 72 -34.62 -48.37 -9.30
N LEU J 73 -35.54 -49.19 -9.82
CA LEU J 73 -35.74 -50.53 -9.27
C LEU J 73 -34.50 -51.40 -9.44
N ASP J 74 -33.76 -51.20 -10.54
CA ASP J 74 -32.53 -51.91 -10.85
C ASP J 74 -32.74 -53.42 -10.83
N PRO J 75 -33.51 -53.99 -11.77
CA PRO J 75 -33.62 -55.46 -11.84
C PRO J 75 -32.36 -56.05 -12.45
N LYS J 76 -31.82 -57.07 -11.80
CA LYS J 76 -30.60 -57.72 -12.27
C LYS J 76 -30.93 -58.82 -13.27
N ALA J 77 -29.93 -59.16 -14.09
CA ALA J 77 -30.14 -60.11 -15.18
C ALA J 77 -30.53 -61.48 -14.66
N GLY J 78 -31.52 -62.09 -15.30
CA GLY J 78 -32.00 -63.40 -14.91
C GLY J 78 -33.13 -63.40 -13.90
N GLN J 79 -33.60 -62.24 -13.46
CA GLN J 79 -34.69 -62.15 -12.50
C GLN J 79 -36.03 -62.13 -13.20
N HIS J 80 -37.10 -62.29 -12.41
CA HIS J 80 -38.46 -62.25 -12.92
C HIS J 80 -39.18 -61.06 -12.29
N LEU J 81 -39.93 -60.33 -13.12
CA LEU J 81 -40.56 -59.08 -12.71
C LEU J 81 -42.06 -59.15 -13.00
N LEU J 82 -42.86 -58.71 -12.03
CA LEU J 82 -44.32 -58.69 -12.14
C LEU J 82 -44.77 -57.26 -12.39
N ASP J 83 -45.34 -57.01 -13.57
CA ASP J 83 -45.85 -55.69 -13.93
C ASP J 83 -47.33 -55.64 -13.55
N ILE J 84 -47.62 -55.10 -12.37
CA ILE J 84 -48.99 -55.03 -11.86
C ILE J 84 -49.68 -53.87 -12.58
N GLY J 85 -50.53 -54.20 -13.55
CA GLY J 85 -51.13 -53.19 -14.39
C GLY J 85 -50.22 -52.82 -15.54
N CYS J 86 -49.92 -53.78 -16.41
CA CYS J 86 -48.87 -53.62 -17.40
C CYS J 86 -49.27 -52.75 -18.58
N GLY J 87 -50.57 -52.49 -18.77
CA GLY J 87 -50.99 -51.70 -19.91
C GLY J 87 -50.87 -52.51 -21.19
N THR J 88 -50.23 -51.93 -22.21
CA THR J 88 -49.99 -52.61 -23.47
C THR J 88 -48.56 -53.13 -23.59
N GLY J 89 -47.78 -53.06 -22.51
CA GLY J 89 -46.56 -53.83 -22.40
C GLY J 89 -45.30 -53.21 -22.94
N ARG J 90 -45.30 -51.92 -23.30
CA ARG J 90 -44.05 -51.29 -23.72
C ARG J 90 -43.07 -51.18 -22.55
N THR J 91 -43.58 -50.97 -21.34
CA THR J 91 -42.71 -50.89 -20.16
C THR J 91 -42.01 -52.23 -19.91
N ALA J 92 -42.77 -53.33 -19.94
CA ALA J 92 -42.17 -54.64 -19.76
C ALA J 92 -41.17 -54.96 -20.87
N LEU J 93 -41.46 -54.50 -22.09
CA LEU J 93 -40.57 -54.77 -23.22
C LEU J 93 -39.21 -54.09 -23.03
N LYS J 94 -39.22 -52.80 -22.72
CA LYS J 94 -37.96 -52.08 -22.52
C LYS J 94 -37.16 -52.68 -21.36
N ALA J 95 -37.84 -53.09 -20.29
CA ALA J 95 -37.15 -53.70 -19.16
C ALA J 95 -36.52 -55.03 -19.53
N ALA J 96 -37.21 -55.84 -20.34
CA ALA J 96 -36.66 -57.11 -20.76
C ALA J 96 -35.44 -56.91 -21.66
N ARG J 97 -35.50 -55.95 -22.59
CA ARG J 97 -34.41 -55.73 -23.51
C ARG J 97 -33.18 -55.17 -22.81
N GLN J 98 -33.37 -54.25 -21.86
CA GLN J 98 -32.23 -53.54 -21.27
C GLN J 98 -31.55 -54.34 -20.18
N ARG J 99 -32.28 -55.14 -19.42
CA ARG J 99 -31.72 -55.85 -18.27
C ARG J 99 -31.65 -57.35 -18.44
N GLY J 100 -32.17 -57.91 -19.53
CA GLY J 100 -32.14 -59.34 -19.76
C GLY J 100 -32.92 -60.12 -18.72
N ILE J 101 -34.18 -59.75 -18.51
CA ILE J 101 -35.03 -60.37 -17.50
C ILE J 101 -36.32 -60.85 -18.15
N ALA J 102 -37.01 -61.74 -17.44
CA ALA J 102 -38.35 -62.17 -17.83
C ALA J 102 -39.37 -61.37 -17.04
N VAL J 103 -40.45 -60.97 -17.72
CA VAL J 103 -41.46 -60.12 -17.13
C VAL J 103 -42.84 -60.74 -17.36
N THR J 104 -43.62 -60.84 -16.29
CA THR J 104 -45.02 -61.26 -16.35
C THR J 104 -45.89 -60.07 -16.00
N GLY J 105 -46.75 -59.67 -16.92
CA GLY J 105 -47.64 -58.52 -16.74
C GLY J 105 -49.09 -58.95 -16.71
N VAL J 106 -49.87 -58.34 -15.82
CA VAL J 106 -51.27 -58.68 -15.63
C VAL J 106 -52.11 -57.42 -15.76
N ALA J 107 -53.32 -57.58 -16.31
CA ALA J 107 -54.24 -56.47 -16.51
C ALA J 107 -55.64 -57.02 -16.68
N VAL J 108 -56.63 -56.17 -16.38
CA VAL J 108 -58.03 -56.57 -16.49
C VAL J 108 -58.63 -56.26 -17.86
N SER J 109 -57.84 -55.70 -18.77
CA SER J 109 -58.32 -55.34 -20.10
C SER J 109 -57.90 -56.41 -21.10
N LYS J 110 -58.88 -56.97 -21.82
CA LYS J 110 -58.57 -57.97 -22.84
C LYS J 110 -57.78 -57.36 -23.98
N GLU J 111 -58.17 -56.16 -24.43
CA GLU J 111 -57.51 -55.54 -25.57
C GLU J 111 -56.06 -55.19 -25.28
N GLN J 112 -55.79 -54.68 -24.07
CA GLN J 112 -54.42 -54.33 -23.72
C GLN J 112 -53.52 -55.56 -23.68
N ILE J 113 -54.02 -56.66 -23.12
CA ILE J 113 -53.23 -57.89 -23.06
C ILE J 113 -52.95 -58.41 -24.46
N ALA J 114 -53.95 -58.33 -25.35
CA ALA J 114 -53.74 -58.76 -26.73
C ALA J 114 -52.68 -57.92 -27.42
N ALA J 115 -52.74 -56.60 -27.24
CA ALA J 115 -51.73 -55.72 -27.84
C ALA J 115 -50.35 -55.98 -27.26
N ALA J 116 -50.28 -56.35 -25.98
CA ALA J 116 -48.98 -56.64 -25.36
C ALA J 116 -48.40 -57.95 -25.87
N ASN J 117 -49.24 -58.98 -25.99
CA ASN J 117 -48.76 -60.26 -26.52
C ASN J 117 -48.29 -60.13 -27.96
N ARG J 118 -48.99 -59.31 -28.76
CA ARG J 118 -48.54 -59.03 -30.11
C ARG J 118 -47.23 -58.25 -30.10
N LEU J 119 -47.08 -57.33 -29.16
CA LEU J 119 -45.81 -56.60 -29.02
C LEU J 119 -44.67 -57.56 -28.65
N ALA J 120 -44.97 -58.56 -27.82
CA ALA J 120 -43.96 -59.56 -27.50
C ALA J 120 -43.63 -60.43 -28.71
N ALA J 121 -44.62 -60.70 -29.56
CA ALA J 121 -44.37 -61.49 -30.77
C ALA J 121 -43.55 -60.70 -31.79
N GLY J 122 -43.91 -59.43 -32.00
CA GLY J 122 -43.21 -58.62 -33.00
C GLY J 122 -41.76 -58.35 -32.64
N HIS J 123 -41.46 -58.27 -31.35
CA HIS J 123 -40.08 -58.19 -30.89
C HIS J 123 -39.47 -59.57 -30.64
N GLY J 124 -40.22 -60.63 -30.89
CA GLY J 124 -39.71 -61.99 -30.73
C GLY J 124 -39.36 -62.35 -29.31
N LEU J 125 -40.08 -61.81 -28.33
CA LEU J 125 -39.78 -62.03 -26.93
C LEU J 125 -40.93 -62.70 -26.19
N THR J 126 -41.66 -63.60 -26.87
CA THR J 126 -42.78 -64.27 -26.23
C THR J 126 -42.34 -65.25 -25.16
N GLU J 127 -41.06 -65.62 -25.13
CA GLU J 127 -40.57 -66.58 -24.16
C GLU J 127 -40.25 -65.93 -22.81
N ARG J 128 -39.88 -64.65 -22.81
CA ARG J 128 -39.59 -63.94 -21.59
C ARG J 128 -40.70 -62.96 -21.18
N LEU J 129 -41.56 -62.57 -22.12
CA LEU J 129 -42.66 -61.64 -21.84
C LEU J 129 -43.96 -62.43 -21.86
N THR J 130 -44.57 -62.56 -20.69
CA THR J 130 -45.87 -63.21 -20.53
C THR J 130 -46.90 -62.17 -20.10
N PHE J 131 -47.99 -62.07 -20.85
CA PHE J 131 -49.05 -61.10 -20.58
C PHE J 131 -50.38 -61.84 -20.46
N GLU J 132 -51.03 -61.71 -19.31
CA GLU J 132 -52.27 -62.42 -19.05
C GLU J 132 -53.38 -61.49 -18.55
N ALA J 136 -55.22 -57.97 -9.96
CA ALA J 136 -54.14 -57.51 -9.09
C ALA J 136 -54.51 -57.72 -7.63
N MET J 137 -55.77 -57.44 -7.31
CA MET J 137 -56.31 -57.74 -5.99
C MET J 137 -56.57 -59.23 -5.81
N ARG J 138 -56.47 -60.01 -6.88
CA ARG J 138 -56.77 -61.44 -6.82
C ARG J 138 -55.88 -62.12 -7.85
N LEU J 139 -54.75 -62.67 -7.40
CA LEU J 139 -53.74 -63.23 -8.28
C LEU J 139 -53.47 -64.69 -7.94
N PRO J 140 -53.01 -65.51 -8.91
CA PRO J 140 -52.82 -66.93 -8.63
C PRO J 140 -51.37 -67.37 -8.48
N TYR J 141 -50.45 -66.64 -9.13
CA TYR J 141 -49.09 -67.13 -9.38
C TYR J 141 -48.42 -67.63 -8.10
N GLU J 142 -47.56 -68.64 -8.26
CA GLU J 142 -46.94 -69.32 -7.13
C GLU J 142 -46.38 -68.33 -6.12
N ASP J 143 -46.57 -68.65 -4.84
CA ASP J 143 -46.09 -67.76 -3.79
C ASP J 143 -44.57 -67.67 -3.83
N GLU J 144 -44.06 -66.44 -3.72
CA GLU J 144 -42.63 -66.15 -3.81
C GLU J 144 -42.08 -66.51 -5.19
N SER J 145 -42.74 -66.00 -6.23
CA SER J 145 -42.34 -66.26 -7.60
C SER J 145 -41.37 -65.20 -8.13
N PHE J 146 -41.72 -63.93 -7.95
CA PHE J 146 -41.05 -62.83 -8.63
C PHE J 146 -39.95 -62.24 -7.75
N ASP J 147 -38.84 -61.86 -8.40
CA ASP J 147 -37.78 -61.17 -7.68
C ASP J 147 -38.13 -59.71 -7.39
N CYS J 148 -38.87 -59.06 -8.29
CA CYS J 148 -39.25 -57.67 -8.12
C CYS J 148 -40.56 -57.45 -8.86
N ALA J 149 -41.18 -56.30 -8.62
CA ALA J 149 -42.48 -55.97 -9.22
C ALA J 149 -42.64 -54.46 -9.23
N TRP J 150 -43.61 -53.99 -10.03
CA TRP J 150 -43.94 -52.57 -10.02
C TRP J 150 -45.39 -52.35 -10.44
N ALA J 151 -46.03 -51.40 -9.78
CA ALA J 151 -47.40 -50.97 -10.08
C ALA J 151 -47.31 -49.53 -10.58
N ILE J 152 -47.17 -49.38 -11.88
CA ILE J 152 -46.88 -48.09 -12.50
C ILE J 152 -48.20 -47.40 -12.80
N GLU J 153 -48.64 -46.52 -11.90
CA GLU J 153 -49.85 -45.71 -12.07
C GLU J 153 -51.07 -46.58 -12.31
N SER J 154 -51.21 -47.62 -11.49
CA SER J 154 -52.32 -48.57 -11.60
C SER J 154 -53.09 -48.78 -10.32
N LEU J 155 -52.52 -48.48 -9.15
CA LEU J 155 -53.20 -48.77 -7.89
C LEU J 155 -54.47 -47.97 -7.72
N CYS J 156 -54.58 -46.81 -8.38
CA CYS J 156 -55.81 -46.02 -8.29
C CYS J 156 -56.99 -46.65 -9.00
N HIS J 157 -56.81 -47.80 -9.62
CA HIS J 157 -57.92 -48.59 -10.15
C HIS J 157 -58.27 -49.76 -9.24
N MET J 158 -57.55 -49.94 -8.13
CA MET J 158 -57.69 -51.11 -7.28
C MET J 158 -57.92 -50.68 -5.83
N ASP J 159 -58.27 -51.66 -5.01
CA ASP J 159 -58.23 -51.51 -3.56
C ASP J 159 -56.79 -51.74 -3.12
N ARG J 160 -56.16 -50.70 -2.58
CA ARG J 160 -54.71 -50.73 -2.38
C ARG J 160 -54.30 -51.75 -1.33
N ALA J 161 -55.13 -51.95 -0.30
CA ALA J 161 -54.79 -52.93 0.73
C ALA J 161 -54.71 -54.33 0.15
N LYS J 162 -55.74 -54.73 -0.61
CA LYS J 162 -55.74 -56.07 -1.21
C LYS J 162 -54.59 -56.24 -2.18
N ALA J 163 -54.38 -55.26 -3.06
CA ALA J 163 -53.36 -55.38 -4.10
C ALA J 163 -51.96 -55.44 -3.49
N LEU J 164 -51.68 -54.60 -2.50
CA LEU J 164 -50.36 -54.58 -1.89
C LEU J 164 -50.08 -55.87 -1.11
N GLY J 165 -51.09 -56.39 -0.41
CA GLY J 165 -50.91 -57.68 0.24
C GLY J 165 -50.71 -58.80 -0.75
N GLU J 166 -51.40 -58.73 -1.89
CA GLU J 166 -51.23 -59.74 -2.93
C GLU J 166 -49.83 -59.68 -3.52
N ALA J 167 -49.35 -58.48 -3.83
CA ALA J 167 -47.99 -58.32 -4.35
C ALA J 167 -46.95 -58.76 -3.33
N TRP J 168 -47.20 -58.47 -2.05
CA TRP J 168 -46.30 -58.94 -1.00
C TRP J 168 -46.22 -60.46 -1.00
N ARG J 169 -47.36 -61.13 -1.16
CA ARG J 169 -47.39 -62.59 -1.13
C ARG J 169 -46.62 -63.19 -2.29
N VAL J 170 -46.82 -62.65 -3.50
CA VAL J 170 -46.18 -63.21 -4.70
C VAL J 170 -44.72 -62.79 -4.83
N LEU J 171 -44.21 -61.98 -3.91
CA LEU J 171 -42.82 -61.55 -3.96
C LEU J 171 -41.94 -62.45 -3.10
N LYS J 172 -40.70 -62.63 -3.54
CA LYS J 172 -39.70 -63.36 -2.78
C LYS J 172 -39.19 -62.52 -1.60
N PRO J 173 -38.71 -63.16 -0.54
CA PRO J 173 -38.22 -62.41 0.62
C PRO J 173 -36.94 -61.65 0.28
N GLY J 174 -36.99 -60.33 0.45
CA GLY J 174 -35.87 -59.46 0.12
C GLY J 174 -36.02 -58.70 -1.18
N GLY J 175 -37.02 -59.03 -1.99
CA GLY J 175 -37.26 -58.33 -3.24
C GLY J 175 -37.90 -56.97 -3.03
N ASP J 176 -38.13 -56.27 -4.14
CA ASP J 176 -38.59 -54.90 -4.10
C ASP J 176 -39.78 -54.70 -5.02
N LEU J 177 -40.66 -53.79 -4.61
CA LEU J 177 -41.85 -53.41 -5.37
C LEU J 177 -41.84 -51.91 -5.58
N LEU J 178 -41.72 -51.50 -6.84
CA LEU J 178 -41.76 -50.07 -7.19
C LEU J 178 -43.21 -49.63 -7.33
N VAL J 179 -43.57 -48.53 -6.69
CA VAL J 179 -44.95 -48.06 -6.65
C VAL J 179 -44.98 -46.60 -7.11
N LEU J 180 -45.83 -46.32 -8.09
CA LEU J 180 -46.06 -44.97 -8.60
C LEU J 180 -47.50 -44.60 -8.26
N GLU J 181 -47.68 -43.90 -7.15
CA GLU J 181 -48.99 -43.70 -6.54
C GLU J 181 -49.22 -42.21 -6.29
N SER J 182 -50.49 -41.83 -6.16
CA SER J 182 -50.88 -40.49 -5.76
C SER J 182 -51.52 -40.51 -4.38
N VAL J 183 -51.63 -39.31 -3.79
CA VAL J 183 -52.13 -39.12 -2.43
C VAL J 183 -52.74 -37.73 -2.37
N VAL J 184 -53.80 -37.59 -1.56
CA VAL J 184 -54.45 -36.29 -1.36
C VAL J 184 -53.76 -35.53 -0.25
N THR J 185 -53.65 -34.21 -0.41
CA THR J 185 -53.18 -33.33 0.65
C THR J 185 -54.28 -32.47 1.24
N GLU J 186 -55.45 -32.40 0.59
CA GLU J 186 -56.65 -31.80 1.15
C GLU J 186 -57.71 -32.90 1.29
N GLU J 187 -58.95 -32.49 1.58
CA GLU J 187 -59.99 -33.44 1.93
C GLU J 187 -60.79 -33.96 0.74
N LEU J 188 -60.76 -33.25 -0.39
CA LEU J 188 -61.54 -33.57 -1.58
C LEU J 188 -63.04 -33.40 -1.36
N THR J 189 -63.66 -32.53 -2.14
CA THR J 189 -65.12 -32.43 -2.14
C THR J 189 -65.71 -33.62 -2.87
N GLU J 190 -67.00 -33.87 -2.60
CA GLU J 190 -67.69 -34.97 -3.27
C GLU J 190 -67.75 -34.82 -4.79
N PRO J 191 -67.93 -33.62 -5.37
CA PRO J 191 -67.83 -33.51 -6.83
C PRO J 191 -66.47 -33.89 -7.38
N GLU J 192 -65.38 -33.58 -6.66
CA GLU J 192 -64.05 -34.00 -7.10
C GLU J 192 -63.89 -35.51 -7.02
N THR J 193 -64.33 -36.12 -5.91
CA THR J 193 -64.29 -37.57 -5.78
C THR J 193 -65.07 -38.27 -6.89
N ALA J 194 -66.17 -37.65 -7.34
CA ALA J 194 -66.93 -38.19 -8.48
C ALA J 194 -66.23 -37.94 -9.81
N LEU J 195 -65.46 -36.84 -9.91
CA LEU J 195 -64.68 -36.61 -11.13
C LEU J 195 -63.64 -37.70 -11.34
N PHE J 196 -63.08 -38.25 -10.26
CA PHE J 196 -62.25 -39.44 -10.39
C PHE J 196 -63.04 -40.59 -11.01
N GLU J 197 -64.33 -40.70 -10.67
CA GLU J 197 -65.15 -41.83 -11.09
C GLU J 197 -65.61 -41.72 -12.54
N THR J 198 -65.85 -40.50 -13.03
CA THR J 198 -66.38 -40.32 -14.37
C THR J 198 -65.31 -40.13 -15.42
N LEU J 199 -64.22 -39.43 -15.10
CA LEU J 199 -63.18 -39.16 -16.07
C LEU J 199 -62.30 -40.39 -16.29
N TYR J 200 -61.63 -40.84 -15.23
CA TYR J 200 -60.80 -42.04 -15.29
C TYR J 200 -61.58 -43.21 -14.71
N ALA J 201 -60.91 -44.13 -14.01
CA ALA J 201 -61.63 -45.25 -13.42
C ALA J 201 -61.58 -45.20 -11.89
N ALA J 202 -61.95 -44.05 -11.32
CA ALA J 202 -62.38 -43.94 -9.93
C ALA J 202 -61.29 -44.20 -8.90
N ASN J 203 -61.73 -44.54 -7.68
CA ASN J 203 -60.88 -44.70 -6.49
C ASN J 203 -60.10 -43.43 -6.19
N VAL J 204 -60.60 -42.63 -5.26
CA VAL J 204 -59.90 -41.41 -4.84
C VAL J 204 -58.59 -41.82 -4.18
N PRO J 205 -57.52 -41.03 -4.33
CA PRO J 205 -56.25 -41.42 -3.74
C PRO J 205 -56.32 -41.37 -2.22
N PRO J 206 -55.58 -42.22 -1.53
CA PRO J 206 -55.59 -42.18 -0.06
C PRO J 206 -54.75 -41.04 0.48
N ARG J 207 -54.56 -40.99 1.79
CA ARG J 207 -53.68 -40.02 2.41
C ARG J 207 -52.32 -40.63 2.68
N LEU J 208 -51.33 -39.76 2.91
CA LEU J 208 -49.95 -40.20 3.05
C LEU J 208 -49.81 -41.19 4.19
N GLY J 209 -50.13 -40.77 5.42
CA GLY J 209 -50.07 -41.69 6.54
C GLY J 209 -51.02 -42.85 6.42
N GLU J 210 -52.17 -42.64 5.76
CA GLU J 210 -53.08 -43.73 5.49
C GLU J 210 -52.46 -44.72 4.50
N PHE J 211 -51.86 -44.20 3.43
CA PHE J 211 -51.25 -45.07 2.42
C PHE J 211 -50.13 -45.92 3.02
N PHE J 212 -49.27 -45.30 3.83
CA PHE J 212 -48.16 -46.05 4.42
C PHE J 212 -48.58 -46.93 5.60
N ASP J 213 -49.69 -46.62 6.27
CA ASP J 213 -50.28 -47.58 7.20
C ASP J 213 -50.70 -48.86 6.47
N ILE J 214 -51.19 -48.71 5.23
CA ILE J 214 -51.50 -49.87 4.41
C ILE J 214 -50.21 -50.58 3.99
N VAL J 215 -49.20 -49.82 3.60
CA VAL J 215 -47.93 -50.41 3.14
C VAL J 215 -47.29 -51.21 4.26
N SER J 216 -47.28 -50.67 5.48
CA SER J 216 -46.80 -51.43 6.62
C SER J 216 -47.75 -52.59 6.95
N GLY J 217 -49.05 -52.38 6.78
CA GLY J 217 -50.01 -53.45 7.03
C GLY J 217 -49.84 -54.63 6.10
N ALA J 218 -49.40 -54.38 4.86
CA ALA J 218 -49.04 -55.48 3.97
C ALA J 218 -47.74 -56.15 4.41
N GLY J 219 -46.99 -55.53 5.30
CA GLY J 219 -45.72 -56.05 5.74
C GLY J 219 -44.51 -55.50 5.02
N PHE J 220 -44.63 -54.35 4.38
CA PHE J 220 -43.54 -53.76 3.60
C PHE J 220 -42.73 -52.78 4.43
N HIS J 221 -41.41 -52.82 4.23
CA HIS J 221 -40.55 -51.72 4.63
C HIS J 221 -40.48 -50.71 3.49
N THR J 222 -40.31 -49.44 3.85
CA THR J 222 -40.20 -48.37 2.87
C THR J 222 -38.75 -47.92 2.77
N LEU J 223 -38.17 -48.04 1.58
CA LEU J 223 -36.79 -47.67 1.33
C LEU J 223 -36.64 -46.31 0.68
N SER J 224 -37.54 -45.92 -0.21
CA SER J 224 -37.41 -44.65 -0.90
C SER J 224 -38.78 -44.12 -1.27
N LEU J 225 -38.83 -42.81 -1.50
CA LEU J 225 -40.01 -42.10 -2.01
C LEU J 225 -39.50 -40.83 -2.67
N LYS J 226 -40.06 -40.50 -3.83
CA LYS J 226 -39.65 -39.31 -4.55
C LYS J 226 -40.84 -38.68 -5.25
N ASP J 227 -41.01 -37.37 -5.06
CA ASP J 227 -42.13 -36.66 -5.66
C ASP J 227 -41.95 -36.57 -7.16
N LEU J 228 -43.01 -36.86 -7.91
CA LEU J 228 -43.04 -36.69 -9.36
C LEU J 228 -44.28 -35.93 -9.81
N SER J 229 -44.83 -35.09 -8.92
CA SER J 229 -46.13 -34.46 -9.19
C SER J 229 -46.07 -33.51 -10.37
N ALA J 230 -44.94 -32.83 -10.58
CA ALA J 230 -44.80 -31.95 -11.72
C ALA J 230 -44.87 -32.72 -13.04
N ASN J 231 -44.42 -33.98 -13.03
CA ASN J 231 -44.53 -34.81 -14.22
C ASN J 231 -45.98 -35.17 -14.51
N LEU J 232 -46.74 -35.51 -13.47
CA LEU J 232 -48.15 -35.85 -13.65
C LEU J 232 -48.96 -34.62 -14.07
N ALA J 233 -48.60 -33.44 -13.54
CA ALA J 233 -49.29 -32.22 -13.92
C ALA J 233 -49.04 -31.88 -15.39
N MET J 234 -47.81 -32.08 -15.86
CA MET J 234 -47.49 -31.78 -17.26
C MET J 234 -48.13 -32.78 -18.21
N THR J 235 -48.16 -34.06 -17.83
CA THR J 235 -48.87 -35.05 -18.63
C THR J 235 -50.34 -34.68 -18.76
N MET J 236 -51.00 -34.44 -17.63
CA MET J 236 -52.40 -34.03 -17.62
C MET J 236 -52.63 -32.70 -18.32
N ASN J 237 -51.56 -31.97 -18.64
CA ASN J 237 -51.66 -30.78 -19.48
C ASN J 237 -51.47 -31.10 -20.96
N VAL J 238 -50.55 -32.02 -21.26
CA VAL J 238 -50.40 -32.51 -22.62
C VAL J 238 -51.68 -33.24 -23.05
N PHE J 239 -52.22 -34.07 -22.16
CA PHE J 239 -53.43 -34.81 -22.47
C PHE J 239 -54.60 -33.85 -22.71
N ALA J 240 -54.79 -32.89 -21.81
CA ALA J 240 -55.87 -31.91 -21.96
C ALA J 240 -55.70 -31.11 -23.25
N LEU J 241 -54.45 -30.78 -23.59
CA LEU J 241 -54.19 -30.05 -24.83
C LEU J 241 -54.53 -30.91 -26.05
N GLY J 242 -54.22 -32.21 -25.98
CA GLY J 242 -54.59 -33.09 -27.07
C GLY J 242 -56.10 -33.20 -27.24
N VAL J 243 -56.83 -33.29 -26.13
CA VAL J 243 -58.29 -33.37 -26.19
C VAL J 243 -58.86 -32.07 -26.74
N TYR J 244 -58.33 -30.93 -26.31
CA TYR J 244 -58.84 -29.65 -26.76
C TYR J 244 -58.57 -29.42 -28.25
N SER J 245 -57.46 -29.93 -28.76
CA SER J 245 -57.06 -29.63 -30.13
C SER J 245 -57.76 -30.53 -31.15
N ARG J 246 -58.14 -31.75 -30.77
CA ARG J 246 -58.65 -32.76 -31.69
C ARG J 246 -60.00 -33.30 -31.22
N ARG J 247 -60.94 -32.38 -30.97
CA ARG J 247 -62.26 -32.80 -30.53
C ARG J 247 -63.00 -33.53 -31.63
N ALA J 248 -62.87 -33.06 -32.88
CA ALA J 248 -63.60 -33.68 -33.98
C ALA J 248 -63.12 -35.10 -34.25
N GLU J 249 -61.82 -35.33 -34.13
CA GLU J 249 -61.27 -36.66 -34.39
C GLU J 249 -61.72 -37.66 -33.34
N PHE J 250 -61.72 -37.26 -32.06
CA PHE J 250 -62.01 -38.21 -30.99
C PHE J 250 -63.48 -38.54 -30.87
N THR J 251 -64.37 -37.62 -31.26
CA THR J 251 -65.81 -37.90 -31.24
C THR J 251 -66.16 -38.87 -32.36
N ALA J 256 -69.14 -38.91 -28.80
CA ALA J 256 -69.29 -37.56 -28.26
C ALA J 256 -69.49 -37.59 -26.75
N GLU J 257 -70.21 -38.60 -26.26
CA GLU J 257 -70.49 -38.69 -24.83
C GLU J 257 -69.20 -38.77 -24.03
N PHE J 258 -68.19 -39.45 -24.56
CA PHE J 258 -66.91 -39.57 -23.87
C PHE J 258 -66.12 -38.26 -23.97
N VAL J 259 -66.07 -37.68 -25.17
CA VAL J 259 -65.26 -36.47 -25.37
C VAL J 259 -65.87 -35.29 -24.64
N ASP J 260 -67.19 -35.10 -24.75
CA ASP J 260 -67.85 -33.99 -24.08
C ASP J 260 -67.61 -34.04 -22.57
N GLY J 261 -67.58 -35.24 -21.99
CA GLY J 261 -67.25 -35.37 -20.59
C GLY J 261 -65.81 -35.00 -20.27
N LEU J 262 -64.87 -35.31 -21.17
CA LEU J 262 -63.48 -34.88 -20.99
C LEU J 262 -63.37 -33.36 -21.06
N LEU J 263 -63.99 -32.75 -22.07
CA LEU J 263 -63.97 -31.30 -22.21
C LEU J 263 -64.53 -30.62 -20.96
N ALA J 264 -65.60 -31.18 -20.39
CA ALA J 264 -66.27 -30.56 -19.25
C ALA J 264 -65.55 -30.81 -17.93
N GLY J 265 -64.62 -31.77 -17.88
CA GLY J 265 -64.04 -32.16 -16.61
C GLY J 265 -62.56 -31.93 -16.45
N LEU J 266 -61.83 -31.80 -17.57
CA LEU J 266 -60.37 -31.78 -17.49
C LEU J 266 -59.85 -30.56 -16.75
N GLY J 267 -60.48 -29.40 -16.94
CA GLY J 267 -60.01 -28.19 -16.26
C GLY J 267 -60.15 -28.30 -14.75
N SER J 268 -61.35 -28.68 -14.28
CA SER J 268 -61.57 -28.81 -12.84
C SER J 268 -60.72 -29.93 -12.25
N ALA J 269 -60.56 -31.03 -12.99
CA ALA J 269 -59.71 -32.12 -12.51
C ALA J 269 -58.25 -31.67 -12.40
N GLN J 270 -57.79 -30.86 -13.37
CA GLN J 270 -56.44 -30.31 -13.30
C GLN J 270 -56.26 -29.43 -12.06
N GLU J 271 -57.29 -28.65 -11.72
CA GLU J 271 -57.21 -27.80 -10.54
C GLU J 271 -57.17 -28.63 -9.27
N THR J 272 -57.99 -29.68 -9.19
CA THR J 272 -57.95 -30.60 -8.05
C THR J 272 -56.58 -31.27 -7.93
N LEU J 273 -56.01 -31.68 -9.06
CA LEU J 273 -54.70 -32.32 -9.08
C LEU J 273 -53.61 -31.37 -8.58
N ILE J 274 -53.62 -30.13 -9.08
CA ILE J 274 -52.59 -29.17 -8.72
C ILE J 274 -52.62 -28.88 -7.22
N ARG J 275 -53.81 -28.60 -6.69
CA ARG J 275 -53.93 -28.03 -5.35
C ARG J 275 -54.12 -29.08 -4.25
N LYS J 276 -54.63 -30.27 -4.57
CA LYS J 276 -55.03 -31.22 -3.54
C LYS J 276 -54.35 -32.58 -3.58
N THR J 277 -53.54 -32.88 -4.59
CA THR J 277 -52.91 -34.19 -4.69
C THR J 277 -51.43 -34.06 -4.98
N ARG J 278 -50.69 -35.13 -4.64
CA ARG J 278 -49.29 -35.28 -5.01
C ARG J 278 -49.05 -36.71 -5.49
N PHE J 279 -47.98 -36.89 -6.26
CA PHE J 279 -47.69 -38.13 -6.96
C PHE J 279 -46.22 -38.48 -6.78
N PHE J 280 -45.93 -39.71 -6.35
CA PHE J 280 -44.57 -40.08 -5.96
C PHE J 280 -44.23 -41.49 -6.42
N MET J 281 -42.93 -41.77 -6.46
CA MET J 281 -42.38 -43.08 -6.74
C MET J 281 -41.71 -43.62 -5.48
N ALA J 282 -42.27 -44.68 -4.91
CA ALA J 282 -41.77 -45.25 -3.66
C ALA J 282 -41.24 -46.66 -3.90
N THR J 283 -40.07 -46.96 -3.34
CA THR J 283 -39.50 -48.30 -3.36
C THR J 283 -39.87 -48.99 -2.06
N LEU J 284 -40.67 -50.04 -2.15
CA LEU J 284 -41.04 -50.86 -1.01
C LEU J 284 -40.25 -52.16 -1.05
N ARG J 285 -39.83 -52.64 0.11
CA ARG J 285 -39.09 -53.89 0.22
C ARG J 285 -39.84 -54.86 1.11
N LYS J 286 -40.05 -56.07 0.62
CA LYS J 286 -40.46 -57.18 1.47
C LYS J 286 -39.25 -57.59 2.30
N PRO J 287 -39.33 -57.58 3.63
CA PRO J 287 -38.17 -57.93 4.46
C PRO J 287 -37.66 -59.34 4.15
N ALA J 288 -36.35 -59.49 4.26
CA ALA J 288 -35.69 -60.77 4.04
C ALA J 288 -35.45 -61.47 5.37
N VAL J 289 -35.31 -62.80 5.30
CA VAL J 289 -35.07 -63.61 6.49
C VAL J 289 -33.59 -63.91 6.65
N GLN K 3 -45.90 -27.11 36.16
CA GLN K 3 -44.58 -27.21 35.59
C GLN K 3 -44.64 -27.76 34.16
N GLU K 4 -44.53 -26.86 33.19
CA GLU K 4 -44.61 -27.16 31.75
C GLU K 4 -45.61 -28.25 31.42
N ALA K 5 -45.25 -29.16 30.51
CA ALA K 5 -46.16 -30.22 30.09
C ALA K 5 -45.37 -31.36 29.45
N ARG K 6 -45.44 -32.54 30.04
CA ARG K 6 -45.02 -33.77 29.36
C ARG K 6 -46.03 -34.11 28.27
N THR K 7 -45.98 -35.34 27.76
CA THR K 7 -46.91 -35.78 26.73
C THR K 7 -46.92 -37.31 26.73
N PRO K 8 -48.04 -37.94 26.32
CA PRO K 8 -48.06 -39.39 26.09
C PRO K 8 -46.94 -39.95 25.22
N GLN K 9 -46.07 -39.10 24.68
CA GLN K 9 -44.88 -39.59 23.98
C GLN K 9 -43.57 -38.98 24.46
N GLN K 10 -43.60 -37.92 25.27
CA GLN K 10 -42.38 -37.25 25.68
C GLN K 10 -41.41 -38.20 26.38
N GLN K 11 -41.77 -38.73 27.54
CA GLN K 11 -40.94 -39.70 28.24
C GLN K 11 -39.63 -39.08 28.71
N VAL K 12 -39.09 -38.11 27.97
CA VAL K 12 -38.06 -37.21 28.48
C VAL K 12 -38.44 -35.77 28.16
N THR K 13 -38.01 -34.88 29.03
CA THR K 13 -38.25 -33.45 28.90
C THR K 13 -37.03 -32.77 28.26
N ALA K 14 -37.22 -31.51 27.89
CA ALA K 14 -36.12 -30.74 27.30
C ALA K 14 -35.00 -30.54 28.31
N ASP K 15 -35.34 -30.16 29.53
CA ASP K 15 -34.34 -29.95 30.57
C ASP K 15 -33.49 -31.20 30.80
N GLU K 16 -34.13 -32.36 30.84
CA GLU K 16 -33.40 -33.62 31.04
C GLU K 16 -32.40 -33.84 29.91
N VAL K 17 -32.85 -33.67 28.67
CA VAL K 17 -31.95 -33.82 27.52
C VAL K 17 -30.82 -32.81 27.59
N GLY K 18 -31.13 -31.57 27.98
CA GLY K 18 -30.10 -30.55 28.05
C GLY K 18 -29.04 -30.87 29.08
N ASP K 19 -29.45 -31.30 30.28
CA ASP K 19 -28.48 -31.73 31.27
C ASP K 19 -27.69 -32.95 30.80
N TRP K 20 -28.32 -33.83 30.02
CA TRP K 20 -27.64 -35.05 29.57
C TRP K 20 -26.49 -34.73 28.63
N TYR K 21 -26.67 -33.78 27.71
CA TYR K 21 -25.57 -33.42 26.81
C TYR K 21 -24.53 -32.56 27.52
N ASP K 22 -24.95 -31.79 28.52
CA ASP K 22 -23.98 -31.09 29.36
C ASP K 22 -22.96 -32.05 29.94
N LYS K 23 -23.45 -33.19 30.45
CA LYS K 23 -22.58 -34.12 31.16
C LYS K 23 -21.86 -35.07 30.21
N PHE K 24 -22.59 -35.65 29.26
CA PHE K 24 -22.08 -36.77 28.48
C PHE K 24 -21.96 -36.49 26.98
N GLY K 25 -22.29 -35.29 26.52
CA GLY K 25 -22.28 -35.04 25.09
C GLY K 25 -20.93 -35.26 24.44
N GLU K 26 -19.85 -35.17 25.24
CA GLU K 26 -18.51 -35.29 24.70
C GLU K 26 -18.16 -36.73 24.35
N VAL K 27 -18.89 -37.73 24.87
CA VAL K 27 -18.59 -39.11 24.54
C VAL K 27 -18.85 -39.38 23.06
N TYR K 28 -19.75 -38.61 22.44
CA TYR K 28 -19.97 -38.73 21.01
C TYR K 28 -18.79 -38.14 20.23
N HIS K 29 -18.23 -37.03 20.73
CA HIS K 29 -17.07 -36.44 20.08
C HIS K 29 -15.83 -37.29 20.27
N LEU K 30 -15.74 -38.02 21.38
CA LEU K 30 -14.59 -38.89 21.61
C LEU K 30 -14.65 -40.14 20.72
N THR K 31 -15.85 -40.65 20.44
CA THR K 31 -16.01 -41.91 19.71
C THR K 31 -16.32 -41.73 18.23
N LEU K 32 -17.15 -40.75 17.87
CA LEU K 32 -17.65 -40.65 16.50
C LEU K 32 -17.01 -39.54 15.68
N GLY K 33 -16.53 -38.46 16.32
CA GLY K 33 -15.82 -37.44 15.59
C GLY K 33 -16.28 -36.05 15.97
N GLU K 34 -15.95 -35.09 15.10
CA GLU K 34 -16.16 -33.67 15.39
C GLU K 34 -17.62 -33.23 15.28
N SER K 35 -18.53 -34.13 14.91
CA SER K 35 -19.95 -33.84 14.88
C SER K 35 -20.68 -34.86 15.78
N VAL K 36 -21.99 -34.69 15.89
CA VAL K 36 -22.80 -35.60 16.71
C VAL K 36 -23.87 -36.24 15.83
N HIS K 37 -23.46 -36.86 14.74
CA HIS K 37 -24.40 -37.54 13.85
C HIS K 37 -23.70 -38.72 13.17
N CYS K 38 -24.45 -39.44 12.36
CA CYS K 38 -23.94 -40.62 11.69
C CYS K 38 -22.79 -40.26 10.74
N GLY K 39 -22.10 -41.31 10.28
CA GLY K 39 -21.12 -41.18 9.22
C GLY K 39 -21.65 -41.86 7.97
N LEU K 40 -21.27 -41.30 6.81
CA LEU K 40 -21.74 -41.83 5.53
C LEU K 40 -20.83 -42.99 5.14
N TRP K 41 -21.06 -44.13 5.80
CA TRP K 41 -20.26 -45.32 5.55
C TRP K 41 -20.66 -46.05 4.28
N PHE K 42 -21.87 -45.81 3.77
CA PHE K 42 -22.31 -46.41 2.53
C PHE K 42 -22.69 -45.29 1.55
N PRO K 43 -22.06 -45.25 0.38
CA PRO K 43 -22.36 -44.17 -0.58
C PRO K 43 -23.83 -44.14 -0.94
N PRO K 44 -24.39 -42.95 -1.17
CA PRO K 44 -25.85 -42.83 -1.38
C PRO K 44 -26.39 -43.68 -2.53
N ASP K 45 -25.59 -43.96 -3.56
CA ASP K 45 -26.11 -44.75 -4.68
C ASP K 45 -26.10 -46.24 -4.41
N ALA K 46 -25.61 -46.68 -3.24
CA ALA K 46 -25.50 -48.10 -2.93
C ALA K 46 -26.86 -48.67 -2.53
N PRO K 47 -27.10 -49.95 -2.82
CA PRO K 47 -28.39 -50.54 -2.46
C PRO K 47 -28.48 -50.82 -0.96
N VAL K 48 -29.71 -50.88 -0.48
CA VAL K 48 -29.95 -51.20 0.93
C VAL K 48 -29.65 -52.67 1.18
N PRO K 49 -28.84 -53.01 2.18
CA PRO K 49 -28.49 -54.42 2.40
C PRO K 49 -29.70 -55.26 2.78
N GLN K 50 -29.54 -56.58 2.65
CA GLN K 50 -30.60 -57.49 3.06
C GLN K 50 -30.81 -57.43 4.57
N ASP K 51 -29.73 -57.44 5.34
CA ASP K 51 -29.77 -57.34 6.79
C ASP K 51 -28.99 -56.11 7.25
N MET K 52 -29.00 -55.89 8.56
CA MET K 52 -28.15 -54.91 9.21
C MET K 52 -27.02 -55.55 10.00
N GLU K 53 -26.90 -56.88 9.96
CA GLU K 53 -25.82 -57.58 10.62
C GLU K 53 -24.48 -57.01 10.18
N LEU K 54 -23.52 -56.97 11.11
CA LEU K 54 -22.21 -56.43 10.79
C LEU K 54 -21.57 -57.20 9.65
N VAL K 55 -21.76 -58.52 9.60
CA VAL K 55 -21.17 -59.32 8.53
C VAL K 55 -21.78 -58.95 7.19
N THR K 56 -23.11 -58.77 7.15
CA THR K 56 -23.79 -58.45 5.91
C THR K 56 -23.31 -57.11 5.36
N MET K 57 -23.35 -56.06 6.19
CA MET K 57 -22.88 -54.75 5.78
C MET K 57 -21.42 -54.81 5.32
N SER K 58 -20.58 -55.48 6.10
CA SER K 58 -19.17 -55.61 5.72
C SER K 58 -19.02 -56.43 4.43
N SER K 59 -19.92 -57.38 4.20
CA SER K 59 -19.88 -58.12 2.94
C SER K 59 -20.15 -57.21 1.76
N GLN K 60 -21.13 -56.31 1.88
CA GLN K 60 -21.43 -55.39 0.79
C GLN K 60 -20.26 -54.45 0.54
N ALA K 61 -19.57 -54.01 1.60
CA ALA K 61 -18.36 -53.23 1.42
C ALA K 61 -17.28 -54.02 0.68
N GLN K 62 -17.23 -55.35 0.90
CA GLN K 62 -16.29 -56.19 0.15
C GLN K 62 -16.63 -56.23 -1.34
N ASP K 63 -17.92 -56.33 -1.67
CA ASP K 63 -18.30 -56.39 -3.07
C ASP K 63 -18.04 -55.07 -3.79
N ARG K 64 -18.19 -53.95 -3.09
CA ARG K 64 -17.85 -52.66 -3.68
C ARG K 64 -16.34 -52.45 -3.75
N TYR K 65 -15.61 -53.04 -2.80
CA TYR K 65 -14.15 -53.15 -2.91
C TYR K 65 -13.77 -53.93 -4.16
N THR K 66 -14.39 -55.09 -4.37
CA THR K 66 -14.13 -55.88 -5.56
C THR K 66 -14.46 -55.11 -6.84
N ASP K 67 -15.60 -54.42 -6.87
CA ASP K 67 -15.96 -53.63 -8.05
C ASP K 67 -14.91 -52.57 -8.35
N TYR K 68 -14.34 -51.95 -7.31
CA TYR K 68 -13.29 -50.95 -7.52
C TYR K 68 -12.03 -51.57 -8.09
N LEU K 69 -11.64 -52.75 -7.56
CA LEU K 69 -10.47 -53.44 -8.10
C LEU K 69 -10.66 -53.80 -9.56
N ILE K 70 -11.85 -54.32 -9.92
CA ILE K 70 -12.14 -54.64 -11.31
C ILE K 70 -12.05 -53.39 -12.17
N GLU K 71 -12.63 -52.28 -11.69
CA GLU K 71 -12.60 -51.03 -12.42
C GLU K 71 -11.17 -50.54 -12.63
N THR K 72 -10.29 -50.77 -11.67
CA THR K 72 -8.93 -50.24 -11.72
C THR K 72 -8.04 -51.05 -12.67
N LEU K 73 -7.98 -52.36 -12.47
CA LEU K 73 -7.19 -53.20 -13.36
C LEU K 73 -7.74 -53.17 -14.78
N ASP K 74 -9.07 -53.10 -14.91
CA ASP K 74 -9.77 -53.01 -16.19
C ASP K 74 -9.43 -54.17 -17.10
N PRO K 75 -9.81 -55.41 -16.75
CA PRO K 75 -9.60 -56.52 -17.67
C PRO K 75 -10.58 -56.42 -18.82
N LYS K 76 -10.10 -56.74 -20.02
CA LYS K 76 -10.91 -56.65 -21.22
C LYS K 76 -11.53 -58.01 -21.54
N ALA K 77 -12.65 -57.97 -22.25
CA ALA K 77 -13.39 -59.19 -22.56
C ALA K 77 -12.55 -60.16 -23.37
N GLY K 78 -12.58 -61.43 -22.98
CA GLY K 78 -11.83 -62.46 -23.64
C GLY K 78 -10.45 -62.73 -23.06
N GLN K 79 -10.02 -61.95 -22.08
CA GLN K 79 -8.70 -62.14 -21.48
C GLN K 79 -8.75 -63.22 -20.40
N HIS K 80 -7.56 -63.66 -19.98
CA HIS K 80 -7.41 -64.65 -18.93
C HIS K 80 -6.69 -64.00 -17.76
N LEU K 81 -7.29 -64.10 -16.57
CA LEU K 81 -6.78 -63.46 -15.37
C LEU K 81 -6.31 -64.52 -14.37
N LEU K 82 -5.17 -64.26 -13.75
CA LEU K 82 -4.62 -65.14 -12.73
C LEU K 82 -4.83 -64.52 -11.36
N ASP K 83 -5.56 -65.20 -10.49
CA ASP K 83 -5.82 -64.72 -9.13
C ASP K 83 -4.81 -65.37 -8.20
N ILE K 84 -3.78 -64.61 -7.83
CA ILE K 84 -2.70 -65.07 -6.97
C ILE K 84 -3.22 -65.04 -5.53
N GLY K 85 -3.55 -66.21 -5.00
CA GLY K 85 -4.21 -66.29 -3.70
C GLY K 85 -5.67 -65.95 -3.83
N CYS K 86 -6.45 -66.88 -4.41
CA CYS K 86 -7.81 -66.60 -4.81
C CYS K 86 -8.83 -66.71 -3.70
N GLY K 87 -8.44 -67.20 -2.52
CA GLY K 87 -9.41 -67.35 -1.44
C GLY K 87 -10.46 -68.37 -1.79
N THR K 88 -11.72 -68.03 -1.56
CA THR K 88 -12.85 -68.86 -1.97
C THR K 88 -13.43 -68.43 -3.31
N GLY K 89 -12.84 -67.43 -3.97
CA GLY K 89 -13.08 -67.20 -5.38
C GLY K 89 -14.23 -66.29 -5.75
N ARG K 90 -14.92 -65.68 -4.78
CA ARG K 90 -15.96 -64.72 -5.14
C ARG K 90 -15.40 -63.58 -5.98
N THR K 91 -14.16 -63.17 -5.70
CA THR K 91 -13.50 -62.16 -6.52
C THR K 91 -13.46 -62.57 -7.99
N ALA K 92 -12.81 -63.71 -8.27
CA ALA K 92 -12.70 -64.20 -9.64
C ALA K 92 -14.08 -64.44 -10.27
N LEU K 93 -15.05 -64.87 -9.48
CA LEU K 93 -16.42 -65.05 -9.97
C LEU K 93 -16.96 -63.75 -10.53
N LYS K 94 -17.20 -62.77 -9.64
CA LYS K 94 -17.69 -61.46 -10.03
C LYS K 94 -16.90 -60.90 -11.22
N ALA K 95 -15.58 -61.06 -11.20
CA ALA K 95 -14.73 -60.56 -12.28
C ALA K 95 -15.13 -61.17 -13.61
N ALA K 96 -15.04 -62.50 -13.73
CA ALA K 96 -15.48 -63.19 -14.94
C ALA K 96 -16.94 -62.87 -15.24
N ARG K 97 -17.80 -63.06 -14.24
CA ARG K 97 -19.24 -62.82 -14.32
C ARG K 97 -19.61 -61.49 -14.97
N GLN K 98 -18.73 -60.49 -14.88
CA GLN K 98 -19.01 -59.16 -15.39
C GLN K 98 -18.21 -58.81 -16.64
N ARG K 99 -16.88 -58.83 -16.56
CA ARG K 99 -16.05 -58.46 -17.71
C ARG K 99 -16.02 -59.51 -18.80
N GLY K 100 -16.64 -60.67 -18.60
CA GLY K 100 -16.63 -61.74 -19.59
C GLY K 100 -15.26 -62.31 -19.85
N ILE K 101 -14.55 -62.65 -18.77
CA ILE K 101 -13.18 -63.14 -18.86
C ILE K 101 -13.11 -64.52 -18.24
N ALA K 102 -11.97 -65.17 -18.42
CA ALA K 102 -11.65 -66.42 -17.75
C ALA K 102 -10.64 -66.14 -16.64
N VAL K 103 -10.83 -66.79 -15.50
CA VAL K 103 -9.92 -66.60 -14.39
C VAL K 103 -9.38 -67.93 -13.89
N SER K 109 -4.44 -73.61 0.04
CA SER K 109 -5.38 -74.26 0.95
C SER K 109 -6.38 -75.14 0.19
N LYS K 110 -6.48 -76.40 0.61
CA LYS K 110 -7.42 -77.32 -0.04
C LYS K 110 -8.86 -76.91 0.25
N GLU K 111 -9.13 -76.40 1.45
CA GLU K 111 -10.48 -76.03 1.83
C GLU K 111 -11.01 -74.89 0.97
N GLN K 112 -10.19 -73.86 0.75
CA GLN K 112 -10.62 -72.71 -0.03
C GLN K 112 -10.81 -73.07 -1.51
N ILE K 113 -9.90 -73.85 -2.07
CA ILE K 113 -10.01 -74.24 -3.48
C ILE K 113 -11.24 -75.09 -3.70
N ALA K 114 -11.55 -76.00 -2.76
CA ALA K 114 -12.77 -76.79 -2.85
C ALA K 114 -14.01 -75.90 -2.82
N ALA K 115 -14.03 -74.91 -1.92
CA ALA K 115 -15.15 -73.98 -1.86
C ALA K 115 -15.26 -73.13 -3.12
N ALA K 116 -14.14 -72.79 -3.75
CA ALA K 116 -14.18 -71.99 -4.97
C ALA K 116 -14.69 -72.81 -6.15
N ASN K 117 -14.31 -74.09 -6.24
CA ASN K 117 -14.85 -74.96 -7.28
C ASN K 117 -16.34 -75.20 -7.08
N ARG K 118 -16.81 -75.30 -5.82
CA ARG K 118 -18.24 -75.36 -5.57
C ARG K 118 -18.95 -74.09 -6.04
N LEU K 119 -18.35 -72.93 -5.75
CA LEU K 119 -18.95 -71.66 -6.16
C LEU K 119 -19.06 -71.58 -7.68
N ALA K 120 -18.01 -71.97 -8.40
CA ALA K 120 -18.05 -71.96 -9.86
C ALA K 120 -19.07 -72.96 -10.39
N ALA K 121 -19.23 -74.10 -9.73
CA ALA K 121 -20.25 -75.06 -10.14
C ALA K 121 -21.65 -74.49 -9.94
N GLY K 122 -21.89 -73.81 -8.82
CA GLY K 122 -23.23 -73.32 -8.53
C GLY K 122 -23.69 -72.24 -9.50
N HIS K 123 -22.76 -71.43 -9.99
CA HIS K 123 -23.10 -70.38 -10.95
C HIS K 123 -22.95 -70.84 -12.39
N GLY K 124 -22.62 -72.12 -12.62
CA GLY K 124 -22.48 -72.63 -13.98
C GLY K 124 -21.36 -71.98 -14.77
N LEU K 125 -20.23 -71.73 -14.12
CA LEU K 125 -19.10 -71.05 -14.75
C LEU K 125 -17.81 -71.86 -14.55
N THR K 126 -17.91 -73.18 -14.60
CA THR K 126 -16.74 -74.02 -14.37
C THR K 126 -15.79 -74.03 -15.56
N GLU K 127 -16.25 -73.64 -16.75
CA GLU K 127 -15.36 -73.57 -17.90
C GLU K 127 -14.59 -72.24 -17.97
N ARG K 128 -15.11 -71.19 -17.34
CA ARG K 128 -14.42 -69.91 -17.31
C ARG K 128 -13.73 -69.63 -15.98
N LEU K 129 -14.03 -70.40 -14.93
CA LEU K 129 -13.40 -70.25 -13.62
C LEU K 129 -12.63 -71.52 -13.29
N THR K 130 -11.32 -71.38 -13.10
CA THR K 130 -10.47 -72.51 -12.74
C THR K 130 -9.78 -72.28 -11.40
N VAL K 133 -5.16 -75.60 -6.19
CA VAL K 133 -4.15 -75.66 -5.15
C VAL K 133 -2.75 -75.59 -5.75
N ALA K 134 -2.09 -74.45 -5.61
CA ALA K 134 -0.74 -74.28 -6.12
C ALA K 134 -0.05 -73.16 -5.37
N ASP K 135 1.28 -73.18 -5.41
CA ASP K 135 2.10 -72.16 -4.78
C ASP K 135 2.36 -71.03 -5.76
N ALA K 136 2.25 -69.79 -5.26
CA ALA K 136 2.44 -68.62 -6.10
C ALA K 136 3.90 -68.24 -6.27
N MET K 137 4.80 -68.84 -5.49
CA MET K 137 6.22 -68.56 -5.59
C MET K 137 6.95 -69.42 -6.60
N ARG K 138 6.32 -70.50 -7.08
CA ARG K 138 6.82 -71.35 -8.17
C ARG K 138 5.59 -71.95 -8.86
N LEU K 139 4.89 -71.11 -9.63
CA LEU K 139 3.64 -71.50 -10.25
C LEU K 139 3.85 -72.57 -11.31
N PRO K 140 2.87 -73.45 -11.52
CA PRO K 140 3.02 -74.52 -12.51
C PRO K 140 2.66 -74.12 -13.93
N TYR K 141 2.26 -72.87 -14.15
CA TYR K 141 1.77 -72.47 -15.46
C TYR K 141 2.91 -72.06 -16.37
N GLU K 142 2.60 -71.96 -17.67
CA GLU K 142 3.60 -71.68 -18.68
C GLU K 142 4.02 -70.21 -18.64
N ASP K 143 5.08 -69.91 -19.38
CA ASP K 143 5.52 -68.53 -19.53
C ASP K 143 4.55 -67.76 -20.42
N GLU K 144 4.22 -66.54 -20.00
CA GLU K 144 3.35 -65.64 -20.77
C GLU K 144 2.01 -66.29 -21.06
N SER K 145 1.35 -66.76 -20.00
CA SER K 145 0.08 -67.45 -20.12
C SER K 145 -1.13 -66.56 -19.86
N PHE K 146 -0.97 -65.49 -19.09
CA PHE K 146 -2.09 -64.68 -18.63
C PHE K 146 -1.97 -63.25 -19.14
N ASP K 147 -3.12 -62.62 -19.38
CA ASP K 147 -3.15 -61.23 -19.83
C ASP K 147 -2.92 -60.27 -18.67
N CYS K 148 -3.49 -60.59 -17.51
CA CYS K 148 -3.36 -59.74 -16.32
C CYS K 148 -3.55 -60.62 -15.09
N ALA K 149 -3.27 -60.04 -13.92
CA ALA K 149 -3.34 -60.80 -12.68
C ALA K 149 -3.44 -59.82 -11.52
N TRP K 150 -3.82 -60.35 -10.36
CA TRP K 150 -3.83 -59.52 -9.15
C TRP K 150 -3.54 -60.37 -7.92
N ALA K 151 -2.82 -59.76 -6.96
CA ALA K 151 -2.51 -60.35 -5.67
C ALA K 151 -3.25 -59.54 -4.62
N ILE K 152 -4.46 -59.97 -4.29
CA ILE K 152 -5.36 -59.24 -3.41
C ILE K 152 -5.08 -59.67 -1.98
N GLU K 153 -4.27 -58.88 -1.26
CA GLU K 153 -4.00 -59.09 0.16
C GLU K 153 -3.48 -60.50 0.41
N SER K 154 -2.56 -60.94 -0.45
CA SER K 154 -1.99 -62.28 -0.36
C SER K 154 -0.47 -62.30 -0.28
N LEU K 155 0.23 -61.25 -0.71
CA LEU K 155 1.68 -61.28 -0.75
C LEU K 155 2.30 -61.35 0.63
N CYS K 156 1.57 -60.97 1.69
CA CYS K 156 2.13 -61.08 3.04
C CYS K 156 2.17 -62.51 3.54
N HIS K 157 1.81 -63.50 2.71
CA HIS K 157 2.01 -64.89 3.05
C HIS K 157 3.21 -65.51 2.34
N MET K 158 3.79 -64.81 1.38
CA MET K 158 4.82 -65.37 0.52
C MET K 158 6.06 -64.48 0.53
N ASP K 159 7.14 -65.03 -0.04
CA ASP K 159 8.29 -64.22 -0.40
C ASP K 159 7.92 -63.35 -1.59
N ARG K 160 7.83 -62.04 -1.38
CA ARG K 160 7.36 -61.14 -2.42
C ARG K 160 8.30 -61.12 -3.62
N ALA K 161 9.58 -61.40 -3.41
CA ALA K 161 10.52 -61.48 -4.53
C ALA K 161 10.19 -62.65 -5.44
N LYS K 162 10.09 -63.86 -4.86
CA LYS K 162 9.77 -65.03 -5.68
C LYS K 162 8.37 -64.94 -6.27
N ALA K 163 7.41 -64.39 -5.52
CA ALA K 163 6.04 -64.30 -6.00
C ALA K 163 5.93 -63.32 -7.17
N LEU K 164 6.58 -62.16 -7.06
CA LEU K 164 6.50 -61.16 -8.13
C LEU K 164 7.25 -61.61 -9.37
N GLY K 165 8.41 -62.25 -9.21
CA GLY K 165 9.10 -62.80 -10.37
C GLY K 165 8.34 -63.93 -11.02
N GLU K 166 7.65 -64.76 -10.22
CA GLU K 166 6.83 -65.82 -10.77
C GLU K 166 5.59 -65.26 -11.46
N ALA K 167 5.00 -64.20 -10.90
CA ALA K 167 3.92 -63.51 -11.59
C ALA K 167 4.42 -62.85 -12.87
N TRP K 168 5.65 -62.31 -12.84
CA TRP K 168 6.22 -61.66 -14.01
C TRP K 168 6.36 -62.66 -15.17
N ARG K 169 6.84 -63.87 -14.87
CA ARG K 169 7.07 -64.85 -15.92
C ARG K 169 5.77 -65.28 -16.59
N VAL K 170 4.73 -65.55 -15.79
CA VAL K 170 3.47 -66.03 -16.35
C VAL K 170 2.64 -64.95 -17.01
N LEU K 171 3.06 -63.69 -16.92
CA LEU K 171 2.33 -62.58 -17.53
C LEU K 171 2.82 -62.34 -18.95
N LYS K 172 1.87 -62.05 -19.84
CA LYS K 172 2.25 -61.67 -21.20
C LYS K 172 2.90 -60.29 -21.18
N PRO K 173 3.90 -60.04 -22.04
CA PRO K 173 4.53 -58.71 -22.06
C PRO K 173 3.53 -57.64 -22.48
N GLY K 174 3.38 -56.64 -21.62
CA GLY K 174 2.40 -55.58 -21.78
C GLY K 174 1.22 -55.68 -20.84
N GLY K 175 0.94 -56.86 -20.30
CA GLY K 175 -0.13 -57.00 -19.34
C GLY K 175 0.24 -56.38 -17.99
N ASP K 176 -0.74 -56.36 -17.10
CA ASP K 176 -0.61 -55.67 -15.82
C ASP K 176 -0.88 -56.60 -14.65
N LEU K 177 -0.29 -56.27 -13.51
CA LEU K 177 -0.49 -57.00 -12.26
C LEU K 177 -0.93 -56.01 -11.20
N LEU K 178 -2.09 -56.25 -10.60
CA LEU K 178 -2.64 -55.40 -9.56
C LEU K 178 -2.26 -55.96 -8.20
N VAL K 179 -1.58 -55.17 -7.38
CA VAL K 179 -1.03 -55.63 -6.12
C VAL K 179 -1.64 -54.81 -4.99
N LEU K 180 -2.14 -55.52 -3.97
CA LEU K 180 -2.69 -54.92 -2.76
C LEU K 180 -1.81 -55.35 -1.60
N GLU K 181 -0.88 -54.49 -1.21
CA GLU K 181 0.20 -54.85 -0.29
C GLU K 181 0.34 -53.79 0.80
N SER K 182 0.89 -54.21 1.95
CA SER K 182 1.18 -53.33 3.07
C SER K 182 2.69 -53.12 3.19
N VAL K 183 3.05 -52.04 3.87
CA VAL K 183 4.44 -51.62 4.02
C VAL K 183 4.58 -50.90 5.35
N VAL K 184 5.67 -51.19 6.07
CA VAL K 184 5.95 -50.54 7.34
C VAL K 184 6.48 -49.12 7.10
N THR K 185 6.16 -48.23 8.04
CA THR K 185 6.75 -46.90 8.06
C THR K 185 7.67 -46.66 9.26
N GLU K 186 7.57 -47.46 10.31
CA GLU K 186 8.53 -47.53 11.39
C GLU K 186 9.32 -48.84 11.26
N GLU K 187 10.12 -49.14 12.29
CA GLU K 187 11.06 -50.26 12.26
C GLU K 187 10.49 -51.54 12.82
N LEU K 188 9.42 -51.47 13.62
CA LEU K 188 8.75 -52.62 14.23
C LEU K 188 9.60 -53.30 15.30
N THR K 189 9.06 -53.43 16.51
CA THR K 189 9.69 -54.23 17.54
C THR K 189 9.48 -55.71 17.26
N GLU K 190 10.20 -56.55 17.99
CA GLU K 190 10.14 -57.99 17.78
C GLU K 190 8.83 -58.62 18.26
N PRO K 191 8.21 -58.16 19.36
CA PRO K 191 6.89 -58.69 19.71
C PRO K 191 5.83 -58.44 18.64
N GLU K 192 5.89 -57.29 17.97
CA GLU K 192 4.93 -57.02 16.90
C GLU K 192 5.18 -57.92 15.69
N THR K 193 6.45 -58.12 15.31
CA THR K 193 6.77 -59.05 14.22
C THR K 193 6.28 -60.46 14.53
N ALA K 194 6.29 -60.85 15.81
CA ALA K 194 5.73 -62.15 16.17
C ALA K 194 4.20 -62.13 16.11
N LEU K 195 3.56 -61.00 16.42
CA LEU K 195 2.11 -60.91 16.31
C LEU K 195 1.62 -61.14 14.89
N PHE K 196 2.45 -60.82 13.89
CA PHE K 196 2.06 -61.06 12.51
C PHE K 196 1.84 -62.55 12.24
N GLU K 197 2.74 -63.39 12.76
CA GLU K 197 2.62 -64.83 12.51
C GLU K 197 1.64 -65.49 13.46
N THR K 198 1.61 -65.06 14.72
CA THR K 198 0.72 -65.70 15.69
C THR K 198 -0.74 -65.36 15.43
N LEU K 199 -1.03 -64.17 14.91
CA LEU K 199 -2.40 -63.76 14.64
C LEU K 199 -2.86 -64.20 13.25
N TYR K 200 -2.19 -63.72 12.21
CA TYR K 200 -2.54 -64.06 10.83
C TYR K 200 -1.55 -65.12 10.33
N ALA K 201 -0.98 -64.99 9.12
CA ALA K 201 -0.02 -65.95 8.62
C ALA K 201 1.29 -65.27 8.23
N ALA K 202 1.86 -64.51 9.17
CA ALA K 202 3.28 -64.17 9.19
C ALA K 202 3.73 -63.16 8.14
N ASN K 203 5.06 -63.12 7.94
CA ASN K 203 5.75 -62.23 7.02
C ASN K 203 5.40 -60.77 7.25
N VAL K 204 6.26 -60.07 7.98
CA VAL K 204 6.11 -58.65 8.27
C VAL K 204 6.18 -57.90 6.95
N PRO K 205 5.42 -56.81 6.79
CA PRO K 205 5.47 -56.08 5.55
C PRO K 205 6.84 -55.47 5.33
N PRO K 206 7.27 -55.34 4.08
CA PRO K 206 8.58 -54.74 3.81
C PRO K 206 8.53 -53.23 3.87
N ARG K 207 9.61 -52.57 3.47
CA ARG K 207 9.66 -51.11 3.42
C ARG K 207 9.39 -50.62 2.00
N LEU K 208 9.02 -49.34 1.90
CA LEU K 208 8.56 -48.79 0.64
C LEU K 208 9.63 -48.92 -0.45
N GLY K 209 10.79 -48.29 -0.24
CA GLY K 209 11.88 -48.44 -1.18
C GLY K 209 12.32 -49.87 -1.35
N GLU K 210 12.21 -50.67 -0.28
CA GLU K 210 12.55 -52.09 -0.37
C GLU K 210 11.56 -52.84 -1.26
N PHE K 211 10.25 -52.59 -1.06
CA PHE K 211 9.24 -53.27 -1.85
C PHE K 211 9.38 -52.93 -3.34
N PHE K 212 9.65 -51.67 -3.66
CA PHE K 212 9.76 -51.27 -5.06
C PHE K 212 11.10 -51.62 -5.68
N ASP K 213 12.16 -51.79 -4.87
CA ASP K 213 13.36 -52.43 -5.39
C ASP K 213 13.07 -53.87 -5.80
N ILE K 214 12.17 -54.55 -5.09
CA ILE K 214 11.77 -55.89 -5.47
C ILE K 214 10.91 -55.86 -6.73
N VAL K 215 9.98 -54.91 -6.81
CA VAL K 215 9.16 -54.76 -8.00
C VAL K 215 10.05 -54.50 -9.22
N SER K 216 11.05 -53.64 -9.06
CA SER K 216 12.01 -53.40 -10.14
C SER K 216 12.84 -54.64 -10.41
N GLY K 217 13.25 -55.35 -9.36
CA GLY K 217 14.04 -56.55 -9.55
C GLY K 217 13.27 -57.67 -10.20
N ALA K 218 11.95 -57.72 -10.00
CA ALA K 218 11.11 -58.67 -10.71
C ALA K 218 10.92 -58.28 -12.17
N GLY K 219 11.31 -57.08 -12.56
CA GLY K 219 11.17 -56.62 -13.93
C GLY K 219 9.94 -55.78 -14.22
N PHE K 220 9.22 -55.35 -13.18
CA PHE K 220 7.98 -54.60 -13.37
C PHE K 220 8.24 -53.10 -13.37
N HIS K 221 7.49 -52.38 -14.20
CA HIS K 221 7.36 -50.94 -14.09
C HIS K 221 6.22 -50.62 -13.13
N THR K 222 6.25 -49.42 -12.58
CA THR K 222 5.22 -48.96 -11.65
C THR K 222 4.37 -47.90 -12.34
N LEU K 223 3.10 -48.22 -12.56
CA LEU K 223 2.15 -47.30 -13.17
C LEU K 223 1.36 -46.47 -12.17
N SER K 224 0.91 -47.08 -11.06
CA SER K 224 0.04 -46.36 -10.14
C SER K 224 0.23 -46.89 -8.72
N LEU K 225 -0.20 -46.08 -7.76
CA LEU K 225 -0.26 -46.45 -6.35
C LEU K 225 -1.31 -45.58 -5.69
N LYS K 226 -2.11 -46.17 -4.82
CA LYS K 226 -3.15 -45.44 -4.11
C LYS K 226 -3.28 -45.98 -2.70
N ASP K 227 -3.18 -45.09 -1.72
CA ASP K 227 -3.27 -45.49 -0.33
C ASP K 227 -4.71 -45.87 0.02
N LEU K 228 -4.87 -47.02 0.65
CA LEU K 228 -6.17 -47.52 1.12
C LEU K 228 -6.10 -47.91 2.58
N SER K 229 -5.20 -47.26 3.35
CA SER K 229 -4.90 -47.71 4.69
C SER K 229 -6.10 -47.59 5.62
N ALA K 230 -6.91 -46.55 5.46
CA ALA K 230 -8.10 -46.40 6.29
C ALA K 230 -9.07 -47.55 6.10
N ASN K 231 -9.11 -48.13 4.89
CA ASN K 231 -9.97 -49.29 4.65
C ASN K 231 -9.50 -50.51 5.42
N LEU K 232 -8.18 -50.74 5.45
CA LEU K 232 -7.65 -51.86 6.21
C LEU K 232 -7.83 -51.65 7.71
N ALA K 233 -7.69 -50.40 8.17
CA ALA K 233 -7.90 -50.10 9.58
C ALA K 233 -9.36 -50.30 9.98
N MET K 234 -10.28 -49.84 9.14
CA MET K 234 -11.71 -50.05 9.41
C MET K 234 -12.06 -51.53 9.37
N THR K 235 -11.56 -52.24 8.34
CA THR K 235 -11.82 -53.67 8.25
C THR K 235 -11.31 -54.41 9.47
N MET K 236 -10.15 -54.02 9.99
CA MET K 236 -9.62 -54.66 11.19
C MET K 236 -10.40 -54.28 12.43
N ASN K 237 -11.03 -53.10 12.43
CA ASN K 237 -11.91 -52.75 13.55
C ASN K 237 -13.20 -53.56 13.53
N VAL K 238 -13.80 -53.73 12.36
CA VAL K 238 -15.00 -54.55 12.24
C VAL K 238 -14.70 -55.98 12.67
N PHE K 239 -13.55 -56.51 12.25
CA PHE K 239 -13.15 -57.85 12.66
C PHE K 239 -12.93 -57.92 14.16
N ALA K 240 -12.29 -56.90 14.75
CA ALA K 240 -12.09 -56.87 16.19
C ALA K 240 -13.42 -56.81 16.93
N LEU K 241 -14.36 -56.00 16.44
CA LEU K 241 -15.66 -55.88 17.09
C LEU K 241 -16.45 -57.18 16.97
N GLY K 242 -16.42 -57.82 15.81
CA GLY K 242 -17.08 -59.11 15.67
C GLY K 242 -16.53 -60.15 16.63
N VAL K 243 -15.20 -60.19 16.78
CA VAL K 243 -14.58 -61.15 17.68
C VAL K 243 -14.94 -60.84 19.13
N TYR K 244 -14.97 -59.55 19.50
CA TYR K 244 -15.31 -59.19 20.87
C TYR K 244 -16.75 -59.54 21.22
N SER K 245 -17.67 -59.43 20.26
CA SER K 245 -19.09 -59.61 20.55
C SER K 245 -19.52 -61.07 20.54
N ARG K 246 -18.76 -61.96 19.90
CA ARG K 246 -19.17 -63.35 19.69
C ARG K 246 -18.06 -64.31 20.09
N ARG K 247 -17.48 -64.08 21.27
CA ARG K 247 -16.45 -65.00 21.76
C ARG K 247 -17.01 -66.40 21.96
N ALA K 248 -18.21 -66.50 22.55
CA ALA K 248 -18.80 -67.80 22.81
C ALA K 248 -18.98 -68.60 21.52
N GLU K 249 -19.43 -67.94 20.46
CA GLU K 249 -19.65 -68.61 19.19
C GLU K 249 -18.35 -69.14 18.60
N LEU K 263 -8.41 -61.99 20.69
CA LEU K 263 -8.72 -61.23 21.90
C LEU K 263 -7.47 -60.56 22.46
N ALA K 264 -6.49 -61.36 22.85
CA ALA K 264 -5.32 -60.84 23.55
C ALA K 264 -4.46 -59.98 22.64
N GLY K 265 -4.53 -60.19 21.32
CA GLY K 265 -3.63 -59.51 20.42
C GLY K 265 -4.24 -58.41 19.58
N LEU K 266 -5.55 -58.49 19.34
CA LEU K 266 -6.19 -57.60 18.36
C LEU K 266 -5.99 -56.12 18.68
N GLY K 267 -5.95 -55.77 19.97
CA GLY K 267 -5.76 -54.38 20.33
C GLY K 267 -4.37 -53.87 19.98
N SER K 268 -3.34 -54.62 20.37
CA SER K 268 -1.96 -54.21 20.09
C SER K 268 -1.68 -54.22 18.59
N ALA K 269 -2.15 -55.25 17.88
CA ALA K 269 -1.93 -55.30 16.43
C ALA K 269 -2.65 -54.15 15.73
N GLN K 270 -3.85 -53.81 16.19
CA GLN K 270 -4.55 -52.65 15.64
C GLN K 270 -3.72 -51.38 15.79
N GLU K 271 -3.13 -51.19 16.97
CA GLU K 271 -2.33 -49.99 17.20
C GLU K 271 -1.04 -50.01 16.40
N THR K 272 -0.45 -51.19 16.21
CA THR K 272 0.70 -51.31 15.32
C THR K 272 0.32 -50.98 13.88
N LEU K 273 -0.83 -51.47 13.42
CA LEU K 273 -1.29 -51.21 12.08
C LEU K 273 -1.57 -49.72 11.87
N ILE K 274 -2.04 -49.04 12.91
CA ILE K 274 -2.38 -47.62 12.79
C ILE K 274 -1.13 -46.77 12.66
N ARG K 275 -0.11 -47.05 13.48
CA ARG K 275 1.02 -46.14 13.65
C ARG K 275 2.25 -46.52 12.85
N LYS K 276 2.35 -47.76 12.36
CA LYS K 276 3.60 -48.22 11.76
C LYS K 276 3.47 -48.78 10.35
N THR K 277 2.26 -49.02 9.84
CA THR K 277 2.10 -49.59 8.50
C THR K 277 1.19 -48.73 7.65
N ARG K 278 1.29 -48.96 6.34
CA ARG K 278 0.35 -48.41 5.36
C ARG K 278 0.05 -49.49 4.35
N PHE K 279 -1.12 -49.35 3.70
CA PHE K 279 -1.65 -50.36 2.80
C PHE K 279 -2.11 -49.67 1.51
N PHE K 280 -1.67 -50.18 0.36
CA PHE K 280 -1.92 -49.50 -0.89
C PHE K 280 -2.29 -50.49 -1.99
N MET K 281 -2.88 -49.95 -3.05
CA MET K 281 -3.20 -50.67 -4.27
C MET K 281 -2.31 -50.10 -5.39
N ALA K 282 -1.46 -50.96 -5.95
CA ALA K 282 -0.48 -50.54 -6.94
C ALA K 282 -0.67 -51.34 -8.23
N THR K 283 -0.61 -50.64 -9.36
CA THR K 283 -0.66 -51.27 -10.68
C THR K 283 0.76 -51.39 -11.22
N LEU K 284 1.20 -52.62 -11.41
CA LEU K 284 2.51 -52.92 -11.97
C LEU K 284 2.34 -53.43 -13.39
N ARG K 285 3.28 -53.07 -14.27
CA ARG K 285 3.23 -53.48 -15.67
C ARG K 285 4.49 -54.25 -16.04
N LYS K 286 4.30 -55.40 -16.67
CA LYS K 286 5.38 -56.10 -17.33
C LYS K 286 5.62 -55.45 -18.69
N PRO K 287 6.76 -54.81 -18.89
CA PRO K 287 6.97 -54.04 -20.13
C PRO K 287 6.75 -54.86 -21.38
N ALA K 288 6.38 -54.18 -22.47
CA ALA K 288 6.08 -54.80 -23.74
C ALA K 288 7.23 -54.64 -24.71
N VAL K 289 7.25 -55.48 -25.74
CA VAL K 289 8.27 -55.42 -26.77
C VAL K 289 7.71 -54.76 -28.03
N PHE L 24 -60.93 -47.45 -24.51
CA PHE L 24 -60.54 -46.04 -24.55
C PHE L 24 -59.04 -45.87 -24.37
N GLY L 25 -58.34 -46.99 -24.12
CA GLY L 25 -56.91 -46.91 -23.82
C GLY L 25 -56.09 -46.25 -24.92
N GLU L 26 -56.54 -46.34 -26.18
CA GLU L 26 -55.81 -45.73 -27.28
C GLU L 26 -55.95 -44.21 -27.32
N VAL L 27 -56.95 -43.65 -26.63
CA VAL L 27 -57.02 -42.19 -26.52
C VAL L 27 -55.83 -41.66 -25.71
N TYR L 28 -55.35 -42.43 -24.74
CA TYR L 28 -54.12 -42.07 -24.04
C TYR L 28 -52.89 -42.30 -24.93
N HIS L 29 -52.96 -43.29 -25.82
CA HIS L 29 -51.86 -43.51 -26.76
C HIS L 29 -51.84 -42.46 -27.85
N LEU L 30 -53.02 -41.97 -28.25
CA LEU L 30 -53.06 -40.91 -29.27
C LEU L 30 -52.56 -39.59 -28.72
N THR L 31 -52.66 -39.37 -27.41
CA THR L 31 -52.26 -38.12 -26.80
C THR L 31 -50.90 -38.23 -26.12
N SER L 35 -46.73 -45.55 -24.70
CA SER L 35 -47.06 -46.17 -23.43
C SER L 35 -48.18 -45.40 -22.74
N VAL L 36 -48.56 -45.85 -21.53
CA VAL L 36 -49.69 -45.26 -20.82
C VAL L 36 -49.25 -44.81 -19.43
N HIS L 37 -48.31 -43.87 -19.36
CA HIS L 37 -47.93 -43.29 -18.08
C HIS L 37 -47.34 -41.90 -18.31
N CYS L 38 -46.88 -41.29 -17.21
CA CYS L 38 -46.36 -39.93 -17.27
C CYS L 38 -45.10 -39.86 -18.14
N GLY L 39 -44.80 -38.65 -18.58
CA GLY L 39 -43.55 -38.37 -19.26
C GLY L 39 -42.58 -37.68 -18.31
N LEU L 40 -41.29 -37.96 -18.49
CA LEU L 40 -40.26 -37.35 -17.65
C LEU L 40 -39.94 -35.97 -18.22
N TRP L 41 -40.90 -35.06 -18.03
CA TRP L 41 -40.70 -33.69 -18.49
C TRP L 41 -39.66 -32.96 -17.65
N PHE L 42 -39.54 -33.34 -16.38
CA PHE L 42 -38.60 -32.69 -15.46
C PHE L 42 -37.53 -33.68 -15.05
N PRO L 43 -36.25 -33.35 -15.25
CA PRO L 43 -35.17 -34.26 -14.87
C PRO L 43 -35.22 -34.59 -13.39
N PRO L 44 -34.66 -35.73 -12.97
CA PRO L 44 -34.79 -36.12 -11.56
C PRO L 44 -34.13 -35.18 -10.57
N ASP L 45 -32.99 -34.58 -10.92
CA ASP L 45 -32.30 -33.70 -9.97
C ASP L 45 -32.92 -32.31 -9.87
N ALA L 46 -33.92 -32.00 -10.69
CA ALA L 46 -34.54 -30.68 -10.66
C ALA L 46 -35.42 -30.56 -9.41
N PRO L 47 -35.47 -29.38 -8.80
CA PRO L 47 -36.24 -29.23 -7.55
C PRO L 47 -37.74 -29.28 -7.81
N VAL L 48 -38.47 -29.71 -6.78
CA VAL L 48 -39.93 -29.64 -6.83
C VAL L 48 -40.34 -28.17 -6.95
N PRO L 49 -41.24 -27.82 -7.86
CA PRO L 49 -41.61 -26.42 -8.04
C PRO L 49 -42.39 -25.88 -6.85
N GLN L 50 -42.50 -24.56 -6.80
CA GLN L 50 -43.27 -23.91 -5.74
C GLN L 50 -44.73 -24.31 -5.80
N ASP L 51 -45.34 -24.24 -6.98
CA ASP L 51 -46.70 -24.73 -7.15
C ASP L 51 -46.79 -25.63 -8.37
N MET L 52 -48.00 -26.01 -8.78
CA MET L 52 -48.20 -26.86 -9.94
C MET L 52 -48.88 -26.14 -11.11
N GLU L 53 -48.99 -24.81 -11.04
CA GLU L 53 -49.52 -24.06 -12.15
C GLU L 53 -48.60 -24.19 -13.36
N LEU L 54 -49.22 -24.18 -14.55
CA LEU L 54 -48.44 -24.36 -15.77
C LEU L 54 -47.40 -23.26 -15.95
N VAL L 55 -47.73 -22.04 -15.52
CA VAL L 55 -46.83 -20.91 -15.73
C VAL L 55 -45.54 -21.08 -14.93
N THR L 56 -45.65 -21.53 -13.68
CA THR L 56 -44.45 -21.65 -12.83
C THR L 56 -43.60 -22.85 -13.23
N MET L 57 -44.23 -23.98 -13.52
CA MET L 57 -43.50 -25.13 -14.05
C MET L 57 -42.71 -24.74 -15.30
N SER L 58 -43.35 -24.01 -16.20
CA SER L 58 -42.66 -23.48 -17.38
C SER L 58 -41.56 -22.49 -17.00
N SER L 59 -41.78 -21.71 -15.94
CA SER L 59 -40.77 -20.73 -15.52
C SER L 59 -39.51 -21.43 -15.00
N GLN L 60 -39.67 -22.50 -14.22
CA GLN L 60 -38.51 -23.29 -13.82
C GLN L 60 -37.79 -23.86 -15.03
N ALA L 61 -38.55 -24.30 -16.03
CA ALA L 61 -37.94 -24.74 -17.29
C ALA L 61 -37.17 -23.60 -17.96
N GLN L 62 -37.71 -22.37 -17.87
CA GLN L 62 -37.00 -21.21 -18.41
C GLN L 62 -35.68 -20.99 -17.69
N ASP L 63 -35.67 -21.13 -16.36
CA ASP L 63 -34.46 -20.89 -15.59
C ASP L 63 -33.39 -21.93 -15.90
N ARG L 64 -33.78 -23.20 -16.03
CA ARG L 64 -32.83 -24.25 -16.40
C ARG L 64 -32.31 -24.04 -17.81
N TYR L 65 -33.17 -23.58 -18.71
CA TYR L 65 -32.76 -23.14 -20.04
C TYR L 65 -31.65 -22.10 -19.95
N THR L 66 -31.85 -21.07 -19.14
CA THR L 66 -30.82 -20.06 -18.94
C THR L 66 -29.54 -20.64 -18.37
N ASP L 67 -29.67 -21.55 -17.38
CA ASP L 67 -28.50 -22.23 -16.84
C ASP L 67 -27.69 -22.90 -17.93
N TYR L 68 -28.37 -23.61 -18.84
CA TYR L 68 -27.67 -24.28 -19.94
C TYR L 68 -27.03 -23.28 -20.89
N LEU L 69 -27.69 -22.15 -21.14
CA LEU L 69 -27.10 -21.10 -21.96
C LEU L 69 -25.85 -20.54 -21.30
N ILE L 70 -25.90 -20.30 -19.99
CA ILE L 70 -24.73 -19.81 -19.27
C ILE L 70 -23.60 -20.84 -19.31
N GLU L 71 -23.94 -22.11 -19.10
CA GLU L 71 -22.93 -23.16 -19.14
C GLU L 71 -22.30 -23.29 -20.51
N THR L 72 -23.07 -23.06 -21.58
CA THR L 72 -22.55 -23.23 -22.93
C THR L 72 -21.61 -22.08 -23.31
N LEU L 73 -22.02 -20.84 -23.06
CA LEU L 73 -21.15 -19.71 -23.36
C LEU L 73 -19.96 -19.64 -22.41
N ASP L 74 -20.17 -20.01 -21.16
CA ASP L 74 -19.11 -20.03 -20.16
C ASP L 74 -18.38 -18.69 -20.03
N PRO L 75 -19.09 -17.63 -19.65
CA PRO L 75 -18.43 -16.34 -19.40
C PRO L 75 -17.61 -16.40 -18.11
N LYS L 76 -16.46 -15.74 -18.14
CA LYS L 76 -15.50 -15.83 -17.05
C LYS L 76 -15.61 -14.61 -16.15
N ALA L 77 -15.21 -14.79 -14.89
CA ALA L 77 -15.36 -13.74 -13.90
C ALA L 77 -14.57 -12.49 -14.29
N GLY L 78 -15.23 -11.34 -14.22
CA GLY L 78 -14.63 -10.06 -14.56
C GLY L 78 -14.88 -9.59 -15.98
N GLN L 79 -15.55 -10.39 -16.80
CA GLN L 79 -15.85 -10.02 -18.17
C GLN L 79 -17.13 -9.20 -18.25
N HIS L 80 -17.38 -8.64 -19.43
CA HIS L 80 -18.55 -7.81 -19.69
C HIS L 80 -19.33 -8.43 -20.85
N LEU L 81 -20.61 -8.71 -20.62
CA LEU L 81 -21.44 -9.43 -21.58
C LEU L 81 -22.55 -8.54 -22.12
N LEU L 82 -22.76 -8.62 -23.44
CA LEU L 82 -23.79 -7.84 -24.12
C LEU L 82 -25.00 -8.74 -24.39
N ASP L 83 -26.16 -8.31 -23.92
CA ASP L 83 -27.40 -9.04 -24.12
C ASP L 83 -28.18 -8.36 -25.23
N ILE L 84 -28.13 -8.95 -26.43
CA ILE L 84 -28.80 -8.40 -27.60
C ILE L 84 -30.25 -8.84 -27.57
N GLY L 85 -31.16 -7.91 -27.29
CA GLY L 85 -32.55 -8.26 -27.07
C GLY L 85 -32.73 -8.89 -25.70
N CYS L 86 -32.62 -8.09 -24.66
CA CYS L 86 -32.49 -8.58 -23.29
C CYS L 86 -33.81 -8.77 -22.57
N GLY L 87 -34.93 -8.41 -23.19
CA GLY L 87 -36.23 -8.65 -22.57
C GLY L 87 -36.37 -7.91 -21.26
N THR L 88 -36.72 -8.65 -20.21
CA THR L 88 -36.90 -8.08 -18.88
C THR L 88 -35.74 -8.39 -17.94
N GLY L 89 -34.65 -8.95 -18.46
CA GLY L 89 -33.39 -8.96 -17.74
C GLY L 89 -33.10 -10.13 -16.83
N ARG L 90 -34.03 -11.09 -16.69
CA ARG L 90 -33.77 -12.22 -15.80
C ARG L 90 -32.56 -13.01 -16.26
N THR L 91 -32.37 -13.17 -17.57
CA THR L 91 -31.21 -13.89 -18.08
C THR L 91 -29.92 -13.18 -17.71
N ALA L 92 -29.88 -11.86 -17.89
CA ALA L 92 -28.70 -11.10 -17.49
C ALA L 92 -28.46 -11.19 -15.99
N LEU L 93 -29.52 -11.23 -15.19
CA LEU L 93 -29.38 -11.32 -13.75
C LEU L 93 -28.76 -12.64 -13.33
N LYS L 94 -29.31 -13.76 -13.82
CA LYS L 94 -28.75 -15.07 -13.50
C LYS L 94 -27.30 -15.17 -13.91
N ALA L 95 -26.96 -14.64 -15.10
CA ALA L 95 -25.57 -14.66 -15.55
C ALA L 95 -24.67 -13.89 -14.59
N ALA L 96 -25.11 -12.72 -14.15
CA ALA L 96 -24.28 -11.88 -13.28
C ALA L 96 -24.10 -12.51 -11.90
N ARG L 97 -25.14 -13.16 -11.37
CA ARG L 97 -25.02 -13.81 -10.07
C ARG L 97 -24.11 -15.02 -10.13
N GLN L 98 -24.20 -15.81 -11.20
CA GLN L 98 -23.52 -17.09 -11.26
C GLN L 98 -22.04 -16.94 -11.59
N ARG L 99 -21.71 -16.03 -12.51
CA ARG L 99 -20.34 -15.94 -13.03
C ARG L 99 -19.60 -14.68 -12.61
N GLY L 100 -20.25 -13.74 -11.93
CA GLY L 100 -19.58 -12.55 -11.47
C GLY L 100 -19.09 -11.66 -12.59
N ILE L 101 -19.95 -11.38 -13.57
CA ILE L 101 -19.61 -10.58 -14.73
C ILE L 101 -20.50 -9.35 -14.77
N ALA L 102 -20.07 -8.36 -15.52
CA ALA L 102 -20.91 -7.22 -15.85
C ALA L 102 -21.69 -7.52 -17.12
N VAL L 103 -22.94 -7.06 -17.16
CA VAL L 103 -23.81 -7.31 -18.31
C VAL L 103 -24.45 -5.99 -18.75
N THR L 104 -24.48 -5.76 -20.05
CA THR L 104 -25.20 -4.66 -20.67
C THR L 104 -26.23 -5.24 -21.61
N GLY L 105 -27.50 -4.94 -21.35
CA GLY L 105 -28.61 -5.43 -22.16
C GLY L 105 -29.28 -4.29 -22.91
N VAL L 106 -29.72 -4.58 -24.14
CA VAL L 106 -30.36 -3.60 -24.99
C VAL L 106 -31.68 -4.17 -25.51
N ALA L 107 -32.66 -3.29 -25.66
CA ALA L 107 -33.98 -3.68 -26.16
C ALA L 107 -34.66 -2.46 -26.75
N VAL L 108 -35.61 -2.71 -27.66
CA VAL L 108 -36.37 -1.65 -28.30
C VAL L 108 -37.66 -1.33 -27.57
N SER L 109 -37.90 -1.96 -26.42
CA SER L 109 -39.11 -1.73 -25.63
C SER L 109 -38.74 -0.91 -24.40
N LYS L 110 -39.39 0.25 -24.24
CA LYS L 110 -39.09 1.10 -23.09
C LYS L 110 -39.49 0.44 -21.79
N GLU L 111 -40.63 -0.28 -21.78
CA GLU L 111 -41.09 -0.91 -20.55
C GLU L 111 -40.26 -2.12 -20.16
N GLN L 112 -39.78 -2.89 -21.15
CA GLN L 112 -38.89 -4.01 -20.85
C GLN L 112 -37.57 -3.53 -20.25
N ILE L 113 -37.05 -2.41 -20.76
CA ILE L 113 -35.83 -1.85 -20.18
C ILE L 113 -36.09 -1.32 -18.77
N ALA L 114 -37.23 -0.67 -18.57
CA ALA L 114 -37.61 -0.24 -17.23
C ALA L 114 -37.72 -1.42 -16.27
N ALA L 115 -38.33 -2.52 -16.74
CA ALA L 115 -38.50 -3.70 -15.90
C ALA L 115 -37.15 -4.31 -15.51
N ALA L 116 -36.26 -4.46 -16.49
CA ALA L 116 -34.95 -5.05 -16.20
C ALA L 116 -34.12 -4.15 -15.28
N ASN L 117 -34.24 -2.83 -15.45
CA ASN L 117 -33.52 -1.92 -14.56
C ASN L 117 -34.00 -2.05 -13.12
N ARG L 118 -35.32 -2.20 -12.92
CA ARG L 118 -35.82 -2.41 -11.57
C ARG L 118 -35.36 -3.76 -11.02
N LEU L 119 -35.34 -4.79 -11.87
CA LEU L 119 -34.78 -6.07 -11.46
C LEU L 119 -33.33 -5.92 -11.01
N ALA L 120 -32.54 -5.12 -11.76
CA ALA L 120 -31.18 -4.83 -11.34
C ALA L 120 -31.14 -4.06 -10.03
N ALA L 121 -32.16 -3.24 -9.76
CA ALA L 121 -32.19 -2.49 -8.51
C ALA L 121 -32.53 -3.40 -7.33
N GLY L 122 -33.63 -4.14 -7.44
CA GLY L 122 -34.09 -4.97 -6.33
C GLY L 122 -33.11 -6.03 -5.88
N HIS L 123 -32.20 -6.45 -6.76
CA HIS L 123 -31.16 -7.41 -6.42
C HIS L 123 -29.81 -6.76 -6.15
N GLY L 124 -29.79 -5.44 -5.96
CA GLY L 124 -28.58 -4.72 -5.63
C GLY L 124 -27.43 -5.00 -6.59
N LEU L 125 -27.63 -4.68 -7.87
CA LEU L 125 -26.60 -4.97 -8.87
C LEU L 125 -26.52 -3.91 -9.95
N THR L 126 -27.10 -2.73 -9.77
CA THR L 126 -27.12 -1.71 -10.82
C THR L 126 -25.71 -1.26 -11.21
N GLU L 127 -24.72 -1.49 -10.35
CA GLU L 127 -23.34 -1.14 -10.68
C GLU L 127 -22.69 -2.15 -11.62
N ARG L 128 -23.26 -3.35 -11.74
CA ARG L 128 -22.77 -4.33 -12.71
C ARG L 128 -23.83 -4.72 -13.75
N LEU L 129 -25.03 -4.16 -13.67
CA LEU L 129 -26.09 -4.39 -14.64
C LEU L 129 -26.50 -3.08 -15.27
N THR L 130 -26.59 -3.05 -16.59
CA THR L 130 -26.99 -1.85 -17.32
C THR L 130 -27.96 -2.24 -18.42
N PHE L 131 -29.14 -1.63 -18.42
CA PHE L 131 -30.17 -1.91 -19.42
C PHE L 131 -30.53 -0.61 -20.12
N GLU L 132 -30.37 -0.59 -21.44
CA GLU L 132 -30.58 0.62 -22.24
C GLU L 132 -31.51 0.33 -23.41
N VAL L 133 -32.28 1.35 -23.78
CA VAL L 133 -33.11 1.30 -24.98
C VAL L 133 -32.22 1.59 -26.18
N ALA L 134 -31.90 0.57 -26.96
CA ALA L 134 -31.00 0.73 -28.08
C ALA L 134 -31.31 -0.32 -29.14
N ASP L 135 -31.06 0.04 -30.40
CA ASP L 135 -31.30 -0.84 -31.53
C ASP L 135 -30.10 -1.75 -31.73
N ALA L 136 -30.35 -3.05 -31.90
CA ALA L 136 -29.27 -4.00 -32.16
C ALA L 136 -28.70 -3.82 -33.55
N MET L 137 -29.52 -3.36 -34.50
CA MET L 137 -29.04 -3.04 -35.84
C MET L 137 -28.31 -1.71 -35.91
N ARG L 138 -28.28 -0.95 -34.81
CA ARG L 138 -27.59 0.34 -34.72
C ARG L 138 -27.09 0.53 -33.28
N LEU L 139 -26.17 -0.32 -32.85
CA LEU L 139 -25.70 -0.30 -31.47
C LEU L 139 -24.90 0.98 -31.21
N PRO L 140 -25.13 1.64 -30.07
CA PRO L 140 -24.41 2.88 -29.77
C PRO L 140 -23.06 2.67 -29.11
N TYR L 141 -22.66 1.43 -28.86
CA TYR L 141 -21.43 1.18 -28.12
C TYR L 141 -20.22 1.19 -29.05
N GLU L 142 -19.04 1.34 -28.46
CA GLU L 142 -17.82 1.46 -29.22
C GLU L 142 -17.36 0.10 -29.75
N ASP L 143 -16.30 0.13 -30.54
CA ASP L 143 -15.74 -1.08 -31.11
C ASP L 143 -14.96 -1.85 -30.04
N GLU L 144 -15.09 -3.18 -30.07
CA GLU L 144 -14.38 -4.08 -29.18
C GLU L 144 -14.58 -3.68 -27.71
N SER L 145 -15.86 -3.62 -27.33
CA SER L 145 -16.22 -3.23 -25.97
C SER L 145 -16.54 -4.41 -25.06
N PHE L 146 -17.05 -5.50 -25.62
CA PHE L 146 -17.55 -6.62 -24.83
C PHE L 146 -16.70 -7.86 -25.06
N ASP L 147 -16.51 -8.65 -24.00
CA ASP L 147 -15.82 -9.92 -24.12
C ASP L 147 -16.69 -11.00 -24.76
N CYS L 148 -18.00 -10.95 -24.54
CA CYS L 148 -18.92 -11.95 -25.08
C CYS L 148 -20.31 -11.33 -25.18
N ALA L 149 -21.22 -12.06 -25.83
CA ALA L 149 -22.57 -11.57 -26.05
C ALA L 149 -23.47 -12.75 -26.38
N TRP L 150 -24.78 -12.51 -26.30
CA TRP L 150 -25.76 -13.49 -26.76
C TRP L 150 -27.03 -12.78 -27.22
N ALA L 151 -27.66 -13.36 -28.24
CA ALA L 151 -28.94 -12.90 -28.79
C ALA L 151 -29.93 -14.05 -28.61
N ILE L 152 -30.67 -14.01 -27.51
CA ILE L 152 -31.50 -15.13 -27.09
C ILE L 152 -32.90 -14.92 -27.68
N GLU L 153 -33.18 -15.58 -28.80
CA GLU L 153 -34.49 -15.59 -29.44
C GLU L 153 -34.95 -14.17 -29.76
N SER L 154 -34.03 -13.35 -30.23
CA SER L 154 -34.30 -11.97 -30.59
C SER L 154 -34.03 -11.64 -32.05
N LEU L 155 -33.19 -12.42 -32.73
CA LEU L 155 -32.80 -12.07 -34.10
C LEU L 155 -33.99 -12.04 -35.05
N CYS L 156 -35.05 -12.79 -34.75
CA CYS L 156 -36.23 -12.82 -35.61
C CYS L 156 -36.98 -11.50 -35.62
N HIS L 157 -36.52 -10.48 -34.91
CA HIS L 157 -37.12 -9.15 -34.98
C HIS L 157 -36.24 -8.16 -35.73
N MET L 158 -35.09 -8.58 -36.24
CA MET L 158 -34.09 -7.68 -36.77
C MET L 158 -33.70 -8.09 -38.18
N ASP L 159 -32.93 -7.22 -38.82
CA ASP L 159 -32.15 -7.59 -40.00
C ASP L 159 -30.92 -8.34 -39.52
N ARG L 160 -30.91 -9.66 -39.75
CA ARG L 160 -29.85 -10.49 -39.17
C ARG L 160 -28.46 -10.08 -39.66
N ALA L 161 -28.37 -9.60 -40.90
CA ALA L 161 -27.08 -9.16 -41.42
C ALA L 161 -26.56 -7.96 -40.64
N LYS L 162 -27.38 -6.92 -40.52
CA LYS L 162 -26.99 -5.75 -39.75
C LYS L 162 -26.74 -6.10 -38.30
N ALA L 163 -27.63 -6.92 -37.70
CA ALA L 163 -27.52 -7.22 -36.28
C ALA L 163 -26.24 -7.98 -35.96
N LEU L 164 -25.90 -8.98 -36.78
CA LEU L 164 -24.73 -9.79 -36.51
C LEU L 164 -23.44 -9.04 -36.81
N GLY L 165 -23.42 -8.27 -37.91
CA GLY L 165 -22.28 -7.41 -38.17
C GLY L 165 -22.08 -6.37 -37.09
N GLU L 166 -23.18 -5.84 -36.54
CA GLU L 166 -23.09 -4.90 -35.44
C GLU L 166 -22.53 -5.57 -34.19
N ALA L 167 -23.02 -6.77 -33.89
CA ALA L 167 -22.48 -7.52 -32.75
C ALA L 167 -21.01 -7.86 -32.97
N TRP L 168 -20.62 -8.13 -34.22
CA TRP L 168 -19.23 -8.43 -34.52
C TRP L 168 -18.34 -7.25 -34.19
N ARG L 169 -18.77 -6.04 -34.58
CA ARG L 169 -17.96 -4.85 -34.37
C ARG L 169 -17.73 -4.59 -32.88
N VAL L 170 -18.76 -4.78 -32.07
CA VAL L 170 -18.66 -4.46 -30.65
C VAL L 170 -17.96 -5.54 -29.84
N LEU L 171 -17.69 -6.71 -30.43
CA LEU L 171 -17.00 -7.77 -29.73
C LEU L 171 -15.49 -7.58 -29.82
N LYS L 172 -14.81 -7.84 -28.70
CA LYS L 172 -13.36 -7.91 -28.73
C LYS L 172 -12.94 -9.09 -29.58
N PRO L 173 -11.79 -9.02 -30.24
CA PRO L 173 -11.30 -10.16 -31.02
C PRO L 173 -11.02 -11.36 -30.12
N GLY L 174 -11.62 -12.50 -30.47
CA GLY L 174 -11.53 -13.71 -29.68
C GLY L 174 -12.74 -14.00 -28.84
N GLY L 175 -13.67 -13.05 -28.70
CA GLY L 175 -14.86 -13.28 -27.92
C GLY L 175 -15.89 -14.10 -28.66
N ASP L 176 -16.94 -14.49 -27.94
CA ASP L 176 -17.95 -15.40 -28.46
C ASP L 176 -19.33 -14.78 -28.35
N LEU L 177 -20.19 -15.15 -29.30
CA LEU L 177 -21.57 -14.69 -29.36
C LEU L 177 -22.48 -15.91 -29.43
N LEU L 178 -23.34 -16.08 -28.41
CA LEU L 178 -24.28 -17.17 -28.36
C LEU L 178 -25.59 -16.74 -29.03
N VAL L 179 -26.07 -17.57 -29.95
CA VAL L 179 -27.22 -17.21 -30.79
C VAL L 179 -28.25 -18.33 -30.72
N LEU L 180 -29.51 -17.95 -30.51
CA LEU L 180 -30.65 -18.87 -30.46
C LEU L 180 -31.62 -18.43 -31.57
N GLU L 181 -31.61 -19.16 -32.68
CA GLU L 181 -32.24 -18.71 -33.91
C GLU L 181 -33.03 -19.86 -34.55
N SER L 182 -34.06 -19.50 -35.30
CA SER L 182 -34.83 -20.45 -36.09
C SER L 182 -34.43 -20.38 -37.57
N VAL L 183 -34.83 -21.42 -38.31
CA VAL L 183 -34.48 -21.57 -39.72
C VAL L 183 -35.57 -22.37 -40.41
N VAL L 184 -35.95 -21.94 -41.63
CA VAL L 184 -36.93 -22.68 -42.42
C VAL L 184 -36.29 -23.90 -43.07
N THR L 185 -37.08 -24.96 -43.20
CA THR L 185 -36.70 -26.12 -44.00
C THR L 185 -37.50 -26.26 -45.27
N GLU L 186 -38.72 -25.72 -45.32
CA GLU L 186 -39.50 -25.55 -46.53
C GLU L 186 -39.42 -24.10 -46.98
N GLU L 187 -40.21 -23.73 -48.00
CA GLU L 187 -40.16 -22.37 -48.52
C GLU L 187 -41.07 -21.40 -47.78
N LEU L 188 -42.15 -21.90 -47.17
CA LEU L 188 -43.20 -21.11 -46.51
C LEU L 188 -44.15 -20.49 -47.52
N THR L 189 -45.45 -20.70 -47.32
CA THR L 189 -46.45 -20.03 -48.14
C THR L 189 -46.64 -18.59 -47.65
N GLU L 190 -47.33 -17.80 -48.48
CA GLU L 190 -47.56 -16.40 -48.13
C GLU L 190 -48.39 -16.23 -46.86
N PRO L 191 -49.49 -16.97 -46.62
CA PRO L 191 -50.19 -16.82 -45.34
C PRO L 191 -49.33 -17.14 -44.12
N GLU L 192 -48.43 -18.12 -44.24
CA GLU L 192 -47.54 -18.45 -43.13
C GLU L 192 -46.57 -17.31 -42.83
N THR L 193 -45.95 -16.75 -43.88
CA THR L 193 -45.08 -15.59 -43.69
C THR L 193 -45.84 -14.43 -43.04
N ALA L 194 -47.13 -14.30 -43.32
CA ALA L 194 -47.93 -13.25 -42.70
C ALA L 194 -48.24 -13.59 -41.24
N LEU L 195 -48.39 -14.86 -40.90
CA LEU L 195 -48.65 -15.24 -39.51
C LEU L 195 -47.50 -14.84 -38.60
N PHE L 196 -46.26 -14.93 -39.10
CA PHE L 196 -45.13 -14.36 -38.38
C PHE L 196 -45.38 -12.90 -38.06
N GLU L 197 -45.91 -12.15 -39.02
CA GLU L 197 -46.11 -10.72 -38.85
C GLU L 197 -47.22 -10.43 -37.87
N THR L 198 -48.33 -11.15 -37.96
CA THR L 198 -49.52 -10.82 -37.17
C THR L 198 -49.43 -11.37 -35.74
N LEU L 199 -48.95 -12.61 -35.58
CA LEU L 199 -48.90 -13.21 -34.25
C LEU L 199 -47.74 -12.66 -33.44
N TYR L 200 -46.52 -12.80 -33.95
CA TYR L 200 -45.34 -12.28 -33.26
C TYR L 200 -44.90 -10.99 -33.92
N ALA L 201 -43.59 -10.71 -33.90
CA ALA L 201 -43.08 -9.56 -34.63
C ALA L 201 -42.20 -9.98 -35.81
N ALA L 202 -42.73 -10.91 -36.61
CA ALA L 202 -42.47 -11.06 -38.04
C ALA L 202 -41.02 -11.49 -38.28
N ASN L 203 -40.46 -11.06 -39.43
CA ASN L 203 -39.22 -11.52 -40.04
C ASN L 203 -39.20 -13.04 -40.15
N VAL L 204 -39.56 -13.55 -41.33
CA VAL L 204 -39.53 -15.00 -41.53
C VAL L 204 -38.11 -15.48 -41.33
N PRO L 205 -37.89 -16.67 -40.76
CA PRO L 205 -36.53 -17.13 -40.54
C PRO L 205 -35.83 -17.41 -41.86
N PRO L 206 -34.52 -17.23 -41.92
CA PRO L 206 -33.77 -17.51 -43.14
C PRO L 206 -33.59 -19.01 -43.31
N ARG L 207 -32.88 -19.36 -44.37
CA ARG L 207 -32.50 -20.74 -44.57
C ARG L 207 -31.16 -21.01 -43.90
N LEU L 208 -30.85 -22.30 -43.73
CA LEU L 208 -29.67 -22.70 -42.98
C LEU L 208 -28.40 -22.14 -43.63
N GLY L 209 -28.17 -22.47 -44.90
CA GLY L 209 -27.01 -21.92 -45.60
C GLY L 209 -27.07 -20.41 -45.72
N GLU L 210 -28.28 -19.87 -45.92
CA GLU L 210 -28.44 -18.42 -45.96
C GLU L 210 -28.00 -17.79 -44.64
N PHE L 211 -28.39 -18.38 -43.52
CA PHE L 211 -28.02 -17.86 -42.21
C PHE L 211 -26.51 -17.86 -42.02
N PHE L 212 -25.86 -18.95 -42.39
CA PHE L 212 -24.42 -19.05 -42.20
C PHE L 212 -23.64 -18.28 -43.26
N ASP L 213 -24.24 -18.02 -44.43
CA ASP L 213 -23.65 -17.04 -45.33
C ASP L 213 -23.67 -15.65 -44.70
N ILE L 214 -24.72 -15.36 -43.92
CA ILE L 214 -24.78 -14.10 -43.20
C ILE L 214 -23.78 -14.09 -42.04
N VAL L 215 -23.71 -15.20 -41.30
CA VAL L 215 -22.76 -15.31 -40.20
C VAL L 215 -21.34 -15.11 -40.70
N SER L 216 -21.00 -15.78 -41.80
CA SER L 216 -19.66 -15.63 -42.37
C SER L 216 -19.44 -14.22 -42.90
N GLY L 217 -20.48 -13.62 -43.52
CA GLY L 217 -20.33 -12.30 -44.09
C GLY L 217 -20.09 -11.21 -43.06
N ALA L 218 -20.66 -11.38 -41.86
CA ALA L 218 -20.32 -10.48 -40.77
C ALA L 218 -18.89 -10.66 -40.30
N GLY L 219 -18.28 -11.80 -40.59
CA GLY L 219 -16.93 -12.09 -40.15
C GLY L 219 -16.82 -13.08 -39.01
N PHE L 220 -17.87 -13.86 -38.76
CA PHE L 220 -17.91 -14.81 -37.65
C PHE L 220 -17.49 -16.20 -38.10
N HIS L 221 -16.68 -16.86 -37.27
CA HIS L 221 -16.46 -18.30 -37.39
C HIS L 221 -17.54 -19.03 -36.59
N THR L 222 -17.90 -20.22 -37.06
CA THR L 222 -18.91 -21.04 -36.40
C THR L 222 -18.24 -22.16 -35.63
N LEU L 223 -18.48 -22.20 -34.32
CA LEU L 223 -17.88 -23.19 -33.44
C LEU L 223 -18.82 -24.32 -33.06
N SER L 224 -20.10 -24.03 -32.83
CA SER L 224 -21.02 -25.08 -32.40
C SER L 224 -22.44 -24.76 -32.86
N LEU L 225 -23.24 -25.82 -32.96
CA LEU L 225 -24.67 -25.72 -33.22
C LEU L 225 -25.35 -26.90 -32.54
N LYS L 226 -26.54 -26.67 -31.99
CA LYS L 226 -27.27 -27.75 -31.33
C LYS L 226 -28.76 -27.51 -31.48
N ASP L 227 -29.45 -28.47 -32.08
CA ASP L 227 -30.88 -28.36 -32.31
C ASP L 227 -31.63 -28.41 -30.97
N LEU L 228 -32.55 -27.47 -30.79
CA LEU L 228 -33.44 -27.41 -29.64
C LEU L 228 -34.88 -27.21 -30.10
N SER L 229 -35.23 -27.81 -31.24
CA SER L 229 -36.53 -27.57 -31.84
C SER L 229 -37.66 -28.13 -30.99
N ALA L 230 -37.44 -29.28 -30.36
CA ALA L 230 -38.47 -29.85 -29.49
C ALA L 230 -38.75 -28.94 -28.30
N ASN L 231 -37.74 -28.23 -27.80
CA ASN L 231 -37.96 -27.28 -26.72
C ASN L 231 -38.89 -26.16 -27.16
N LEU L 232 -38.64 -25.58 -28.34
CA LEU L 232 -39.49 -24.51 -28.83
C LEU L 232 -40.90 -25.02 -29.14
N ALA L 233 -41.00 -26.23 -29.69
CA ALA L 233 -42.32 -26.82 -29.95
C ALA L 233 -43.09 -27.03 -28.65
N MET L 234 -42.41 -27.51 -27.61
CA MET L 234 -43.05 -27.69 -26.31
C MET L 234 -43.46 -26.35 -25.71
N THR L 235 -42.55 -25.37 -25.73
CA THR L 235 -42.86 -24.05 -25.21
C THR L 235 -44.05 -23.42 -25.95
N MET L 236 -44.06 -23.55 -27.28
CA MET L 236 -45.20 -23.05 -28.05
C MET L 236 -46.49 -23.77 -27.68
N ASN L 237 -46.41 -25.07 -27.37
CA ASN L 237 -47.58 -25.79 -26.88
C ASN L 237 -48.04 -25.27 -25.53
N VAL L 238 -47.10 -24.97 -24.64
CA VAL L 238 -47.45 -24.38 -23.34
C VAL L 238 -48.12 -23.03 -23.54
N PHE L 239 -47.56 -22.20 -24.42
CA PHE L 239 -48.15 -20.90 -24.72
C PHE L 239 -49.57 -21.05 -25.25
N ALA L 240 -49.76 -21.95 -26.23
CA ALA L 240 -51.08 -22.17 -26.79
C ALA L 240 -52.07 -22.63 -25.73
N LEU L 241 -51.64 -23.53 -24.83
CA LEU L 241 -52.52 -24.02 -23.78
C LEU L 241 -52.91 -22.93 -22.79
N GLY L 242 -51.99 -22.02 -22.47
CA GLY L 242 -52.35 -20.90 -21.61
C GLY L 242 -53.33 -19.94 -22.28
N VAL L 243 -53.14 -19.70 -23.58
CA VAL L 243 -54.07 -18.86 -24.32
C VAL L 243 -55.44 -19.52 -24.41
N TYR L 244 -55.47 -20.83 -24.66
CA TYR L 244 -56.74 -21.52 -24.81
C TYR L 244 -57.53 -21.52 -23.51
N SER L 245 -56.85 -21.69 -22.37
CA SER L 245 -57.55 -21.86 -21.11
C SER L 245 -58.03 -20.55 -20.51
N ARG L 246 -57.31 -19.45 -20.76
CA ARG L 246 -57.60 -18.19 -20.08
C ARG L 246 -57.95 -17.10 -21.10
N ARG L 247 -58.92 -17.38 -21.96
CA ARG L 247 -59.30 -16.42 -23.00
C ARG L 247 -59.91 -15.16 -22.40
N ALA L 248 -60.86 -15.31 -21.48
CA ALA L 248 -61.54 -14.15 -20.92
C ALA L 248 -60.63 -13.33 -20.03
N GLU L 249 -59.60 -13.95 -19.44
CA GLU L 249 -58.64 -13.19 -18.65
C GLU L 249 -57.72 -12.34 -19.53
N PHE L 250 -57.36 -12.84 -20.71
CA PHE L 250 -56.48 -12.10 -21.61
C PHE L 250 -57.23 -11.05 -22.42
N THR L 251 -58.52 -11.27 -22.71
CA THR L 251 -59.30 -10.26 -23.41
C THR L 251 -59.55 -9.03 -22.53
N GLU L 252 -59.62 -9.23 -21.21
CA GLU L 252 -59.78 -8.12 -20.29
C GLU L 252 -58.47 -7.39 -20.02
N ARG L 253 -57.34 -8.00 -20.38
CA ARG L 253 -56.01 -7.44 -20.14
C ARG L 253 -55.34 -6.93 -21.40
N PHE L 254 -55.52 -7.62 -22.52
CA PHE L 254 -54.86 -7.25 -23.77
C PHE L 254 -55.83 -6.82 -24.87
N GLY L 255 -57.13 -6.99 -24.69
CA GLY L 255 -58.09 -6.65 -25.71
C GLY L 255 -58.54 -7.87 -26.50
N ALA L 256 -59.79 -7.83 -26.96
CA ALA L 256 -60.35 -8.96 -27.70
C ALA L 256 -59.62 -9.17 -29.03
N GLU L 257 -59.24 -8.07 -29.69
CA GLU L 257 -58.66 -8.15 -31.03
C GLU L 257 -57.40 -9.01 -31.04
N PHE L 258 -56.51 -8.80 -30.05
CA PHE L 258 -55.26 -9.54 -30.02
C PHE L 258 -55.46 -10.99 -29.58
N VAL L 259 -56.35 -11.22 -28.62
CA VAL L 259 -56.60 -12.57 -28.15
C VAL L 259 -57.27 -13.40 -29.24
N ASP L 260 -58.28 -12.84 -29.91
CA ASP L 260 -58.93 -13.56 -31.00
C ASP L 260 -57.93 -13.93 -32.09
N GLY L 261 -56.98 -13.02 -32.39
CA GLY L 261 -55.97 -13.33 -33.38
C GLY L 261 -55.09 -14.50 -32.98
N LEU L 262 -54.74 -14.59 -31.68
CA LEU L 262 -53.95 -15.72 -31.21
C LEU L 262 -54.74 -17.03 -31.31
N LEU L 263 -55.98 -17.03 -30.82
CA LEU L 263 -56.82 -18.22 -30.90
C LEU L 263 -56.95 -18.71 -32.34
N ALA L 264 -57.02 -17.78 -33.29
CA ALA L 264 -57.20 -18.16 -34.69
C ALA L 264 -55.92 -18.70 -35.30
N GLY L 265 -54.76 -18.17 -34.90
CA GLY L 265 -53.53 -18.48 -35.58
C GLY L 265 -52.63 -19.54 -34.96
N LEU L 266 -52.78 -19.78 -33.66
CA LEU L 266 -51.77 -20.57 -32.93
C LEU L 266 -51.71 -22.01 -33.45
N GLY L 267 -52.85 -22.57 -33.84
CA GLY L 267 -52.84 -23.93 -34.37
C GLY L 267 -52.08 -24.04 -35.67
N SER L 268 -52.40 -23.15 -36.63
CA SER L 268 -51.71 -23.17 -37.91
C SER L 268 -50.22 -22.82 -37.75
N ALA L 269 -49.90 -21.88 -36.86
CA ALA L 269 -48.51 -21.53 -36.62
C ALA L 269 -47.75 -22.66 -35.94
N GLN L 270 -48.43 -23.46 -35.12
CA GLN L 270 -47.80 -24.64 -34.53
C GLN L 270 -47.43 -25.66 -35.60
N GLU L 271 -48.34 -25.90 -36.54
CA GLU L 271 -48.07 -26.86 -37.61
C GLU L 271 -46.93 -26.38 -38.52
N THR L 272 -46.92 -25.08 -38.84
CA THR L 272 -45.81 -24.51 -39.60
C THR L 272 -44.48 -24.73 -38.87
N LEU L 273 -44.47 -24.48 -37.56
CA LEU L 273 -43.25 -24.63 -36.78
C LEU L 273 -42.78 -26.08 -36.76
N ILE L 274 -43.71 -27.03 -36.60
CA ILE L 274 -43.34 -28.43 -36.52
C ILE L 274 -42.67 -28.89 -37.81
N ARG L 275 -43.31 -28.63 -38.94
CA ARG L 275 -42.92 -29.28 -40.19
C ARG L 275 -41.96 -28.46 -41.03
N LYS L 276 -41.94 -27.14 -40.89
CA LYS L 276 -41.17 -26.31 -41.81
C LYS L 276 -39.97 -25.61 -41.19
N THR L 277 -39.86 -25.57 -39.87
CA THR L 277 -38.77 -24.83 -39.22
C THR L 277 -38.00 -25.72 -38.26
N ARG L 278 -36.79 -25.27 -37.94
CA ARG L 278 -35.99 -25.83 -36.85
C ARG L 278 -35.46 -24.68 -36.00
N PHE L 279 -35.05 -25.00 -34.79
CA PHE L 279 -34.60 -24.02 -33.81
C PHE L 279 -33.36 -24.56 -33.11
N PHE L 280 -32.27 -23.79 -33.12
CA PHE L 280 -30.98 -24.27 -32.65
C PHE L 280 -30.28 -23.21 -31.82
N MET L 281 -29.24 -23.64 -31.12
CA MET L 281 -28.34 -22.78 -30.35
C MET L 281 -26.94 -22.90 -30.94
N ALA L 282 -26.40 -21.77 -31.40
CA ALA L 282 -25.12 -21.76 -32.10
C ALA L 282 -24.15 -20.81 -31.39
N THR L 283 -22.87 -21.21 -31.39
CA THR L 283 -21.79 -20.39 -30.84
C THR L 283 -20.97 -19.84 -32.00
N LEU L 284 -20.98 -18.52 -32.15
CA LEU L 284 -20.20 -17.82 -33.17
C LEU L 284 -19.04 -17.09 -32.51
N ARG L 285 -17.88 -17.12 -33.14
CA ARG L 285 -16.68 -16.50 -32.59
C ARG L 285 -16.16 -15.43 -33.54
N LYS L 286 -15.85 -14.26 -32.97
CA LYS L 286 -15.07 -13.27 -33.69
C LYS L 286 -13.60 -13.68 -33.66
N PRO L 287 -12.95 -13.85 -34.81
CA PRO L 287 -11.58 -14.37 -34.83
C PRO L 287 -10.60 -13.43 -34.13
N ALA L 288 -9.60 -14.03 -33.49
CA ALA L 288 -8.61 -13.28 -32.74
C ALA L 288 -7.39 -12.99 -33.59
N VAL L 289 -6.60 -12.02 -33.14
CA VAL L 289 -5.37 -11.63 -33.84
C VAL L 289 -4.15 -12.23 -33.15
N GLU M 26 41.86 39.57 -29.81
CA GLU M 26 41.30 38.64 -30.78
C GLU M 26 41.25 37.22 -30.23
N VAL M 27 41.83 37.02 -29.04
CA VAL M 27 41.69 35.73 -28.38
C VAL M 27 40.24 35.50 -27.96
N TYR M 28 39.49 36.57 -27.72
CA TYR M 28 38.05 36.44 -27.51
C TYR M 28 37.34 36.03 -28.79
N HIS M 29 37.77 36.57 -29.93
CA HIS M 29 37.17 36.18 -31.21
C HIS M 29 37.51 34.74 -31.55
N LEU M 30 38.67 34.24 -31.09
CA LEU M 30 39.05 32.85 -31.30
C LEU M 30 38.30 31.89 -30.38
N THR M 31 37.81 32.35 -29.24
CA THR M 31 37.15 31.49 -28.26
C THR M 31 35.67 31.82 -28.03
N LEU M 32 35.28 33.09 -28.11
CA LEU M 32 33.92 33.50 -27.79
C LEU M 32 33.04 33.84 -28.99
N GLY M 33 33.63 34.22 -30.12
CA GLY M 33 32.86 34.45 -31.32
C GLY M 33 33.19 35.78 -31.95
N GLU M 34 32.41 36.14 -32.97
CA GLU M 34 32.64 37.35 -33.76
C GLU M 34 32.44 38.65 -32.97
N SER M 35 32.00 38.58 -31.73
CA SER M 35 31.82 39.75 -30.87
C SER M 35 32.72 39.62 -29.65
N VAL M 36 32.67 40.64 -28.79
CA VAL M 36 33.46 40.64 -27.55
C VAL M 36 32.54 40.82 -26.36
N HIS M 37 31.65 39.84 -26.13
CA HIS M 37 30.73 39.92 -25.00
C HIS M 37 30.20 38.52 -24.70
N CYS M 38 29.31 38.46 -23.72
CA CYS M 38 28.75 37.18 -23.27
C CYS M 38 27.86 36.57 -24.35
N GLY M 39 27.53 35.30 -24.13
CA GLY M 39 26.54 34.60 -24.92
C GLY M 39 25.27 34.40 -24.10
N LEU M 40 24.13 34.50 -24.77
CA LEU M 40 22.84 34.26 -24.12
C LEU M 40 22.64 32.75 -24.03
N TRP M 41 23.30 32.15 -23.05
CA TRP M 41 23.18 30.71 -22.85
C TRP M 41 21.87 30.34 -22.18
N PHE M 42 21.31 31.24 -21.37
CA PHE M 42 20.06 30.98 -20.67
C PHE M 42 19.02 31.97 -21.13
N PRO M 43 17.88 31.51 -21.65
CA PRO M 43 16.88 32.44 -22.17
C PRO M 43 16.42 33.38 -21.08
N PRO M 44 16.02 34.60 -21.44
CA PRO M 44 15.74 35.62 -20.41
C PRO M 44 14.66 35.24 -19.42
N ASP M 45 13.66 34.47 -19.85
CA ASP M 45 12.57 34.12 -18.94
C ASP M 45 12.93 33.02 -17.95
N ALA M 46 14.09 32.36 -18.13
CA ALA M 46 14.47 31.28 -17.24
C ALA M 46 14.89 31.82 -15.87
N PRO M 47 14.73 31.04 -14.82
CA PRO M 47 15.01 31.55 -13.47
C PRO M 47 16.51 31.65 -13.19
N VAL M 48 16.83 32.52 -12.24
CA VAL M 48 18.20 32.61 -11.72
C VAL M 48 18.51 31.34 -10.94
N PRO M 49 19.59 30.62 -11.26
CA PRO M 49 19.86 29.35 -10.59
C PRO M 49 20.28 29.55 -9.14
N GLN M 50 20.21 28.45 -8.38
CA GLN M 50 20.66 28.49 -6.99
C GLN M 50 22.17 28.65 -6.90
N ASP M 51 22.90 27.99 -7.79
CA ASP M 51 24.35 28.11 -7.88
C ASP M 51 24.75 28.65 -9.25
N MET M 52 26.00 29.07 -9.34
CA MET M 52 26.67 29.31 -10.62
C MET M 52 27.64 28.19 -10.95
N GLU M 53 27.66 27.12 -10.13
CA GLU M 53 28.48 25.96 -10.44
C GLU M 53 28.09 25.41 -11.81
N LEU M 54 29.09 24.88 -12.53
CA LEU M 54 28.83 24.33 -13.86
C LEU M 54 27.76 23.23 -13.81
N VAL M 55 27.75 22.43 -12.75
CA VAL M 55 26.83 21.31 -12.67
C VAL M 55 25.40 21.80 -12.42
N THR M 56 25.24 22.84 -11.60
CA THR M 56 23.91 23.36 -11.32
C THR M 56 23.27 23.94 -12.56
N MET M 57 24.03 24.74 -13.31
CA MET M 57 23.49 25.38 -14.51
C MET M 57 23.19 24.36 -15.59
N SER M 58 24.12 23.43 -15.83
CA SER M 58 23.87 22.36 -16.79
C SER M 58 22.66 21.53 -16.39
N SER M 59 22.41 21.40 -15.09
CA SER M 59 21.22 20.69 -14.63
C SER M 59 19.95 21.46 -15.00
N GLN M 60 19.96 22.78 -14.85
CA GLN M 60 18.83 23.58 -15.30
C GLN M 60 18.64 23.47 -16.82
N ALA M 61 19.76 23.40 -17.55
CA ALA M 61 19.67 23.17 -19.00
C ALA M 61 19.05 21.81 -19.30
N GLN M 62 19.36 20.81 -18.47
CA GLN M 62 18.73 19.50 -18.63
C GLN M 62 17.23 19.54 -18.37
N ASP M 63 16.81 20.31 -17.36
CA ASP M 63 15.39 20.36 -17.01
C ASP M 63 14.59 21.09 -18.07
N ARG M 64 15.17 22.15 -18.66
CA ARG M 64 14.52 22.82 -19.77
C ARG M 64 14.51 21.94 -21.01
N TYR M 65 15.51 21.06 -21.13
CA TYR M 65 15.52 20.02 -22.16
C TYR M 65 14.38 19.03 -21.96
N THR M 66 14.15 18.60 -20.71
CA THR M 66 13.07 17.67 -20.41
C THR M 66 11.70 18.32 -20.62
N ASP M 67 11.54 19.59 -20.23
CA ASP M 67 10.32 20.32 -20.55
C ASP M 67 10.03 20.28 -22.03
N TYR M 68 11.05 20.53 -22.86
CA TYR M 68 10.86 20.58 -24.30
C TYR M 68 10.41 19.23 -24.85
N LEU M 69 11.04 18.14 -24.39
CA LEU M 69 10.60 16.81 -24.81
C LEU M 69 9.16 16.55 -24.40
N ILE M 70 8.78 16.95 -23.19
CA ILE M 70 7.40 16.77 -22.74
C ILE M 70 6.44 17.57 -23.60
N GLU M 71 6.82 18.82 -23.93
CA GLU M 71 6.00 19.63 -24.81
C GLU M 71 5.86 19.02 -26.20
N THR M 72 6.89 18.30 -26.65
CA THR M 72 6.90 17.76 -28.01
C THR M 72 6.10 16.47 -28.11
N LEU M 73 6.35 15.52 -27.20
CA LEU M 73 5.58 14.28 -27.20
C LEU M 73 4.14 14.50 -26.74
N ASP M 74 3.92 15.53 -25.92
CA ASP M 74 2.59 15.92 -25.47
C ASP M 74 1.76 14.74 -24.95
N PRO M 75 2.21 14.08 -23.88
CA PRO M 75 1.38 13.04 -23.27
C PRO M 75 0.21 13.66 -22.52
N LYS M 76 -0.91 12.95 -22.53
CA LYS M 76 -2.16 13.46 -21.97
C LYS M 76 -2.50 12.73 -20.67
N ALA M 77 -3.17 13.46 -19.78
CA ALA M 77 -3.46 12.94 -18.45
C ALA M 77 -4.21 11.62 -18.52
N GLY M 78 -3.77 10.67 -17.69
CA GLY M 78 -4.33 9.34 -17.66
C GLY M 78 -3.61 8.31 -18.50
N GLN M 79 -2.69 8.75 -19.36
CA GLN M 79 -1.97 7.82 -20.22
C GLN M 79 -0.83 7.15 -19.44
N HIS M 80 -0.22 6.15 -20.07
CA HIS M 80 0.88 5.40 -19.50
C HIS M 80 2.06 5.45 -20.47
N LEU M 81 3.19 5.96 -19.99
CA LEU M 81 4.36 6.22 -20.83
C LEU M 81 5.50 5.30 -20.45
N LEU M 82 6.17 4.77 -21.47
CA LEU M 82 7.32 3.89 -21.29
C LEU M 82 8.61 4.69 -21.50
N ASP M 83 9.48 4.69 -20.49
CA ASP M 83 10.76 5.40 -20.56
C ASP M 83 11.85 4.39 -20.86
N ILE M 84 12.17 4.24 -22.15
CA ILE M 84 13.18 3.27 -22.59
C ILE M 84 14.56 3.82 -22.22
N GLY M 85 15.25 3.13 -21.32
CA GLY M 85 16.53 3.61 -20.82
C GLY M 85 16.38 4.81 -19.91
N CYS M 86 15.76 4.61 -18.75
CA CYS M 86 15.22 5.70 -17.93
C CYS M 86 16.24 6.36 -17.02
N GLY M 87 17.47 5.87 -16.94
CA GLY M 87 18.45 6.51 -16.08
C GLY M 87 18.05 6.42 -14.63
N THR M 88 18.12 7.56 -13.92
CA THR M 88 17.79 7.63 -12.51
C THR M 88 16.40 8.23 -12.25
N GLY M 89 15.61 8.46 -13.30
CA GLY M 89 14.18 8.66 -13.15
C GLY M 89 13.69 10.10 -13.10
N ARG M 90 14.59 11.09 -13.10
CA ARG M 90 14.13 12.47 -13.01
C ARG M 90 13.24 12.84 -14.19
N THR M 91 13.57 12.35 -15.38
CA THR M 91 12.78 12.65 -16.57
C THR M 91 11.35 12.14 -16.41
N ALA M 92 11.21 10.89 -15.95
CA ALA M 92 9.88 10.34 -15.68
C ALA M 92 9.18 11.10 -14.56
N LEU M 93 9.92 11.56 -13.56
CA LEU M 93 9.33 12.35 -12.47
C LEU M 93 8.74 13.65 -12.99
N LYS M 94 9.50 14.37 -13.84
CA LYS M 94 9.00 15.61 -14.39
C LYS M 94 7.79 15.38 -15.29
N ALA M 95 7.78 14.27 -16.03
CA ALA M 95 6.64 13.96 -16.88
C ALA M 95 5.40 13.65 -16.06
N ALA M 96 5.55 12.87 -14.99
CA ALA M 96 4.40 12.48 -14.18
C ALA M 96 3.80 13.68 -13.44
N ARG M 97 4.65 14.55 -12.87
CA ARG M 97 4.14 15.73 -12.18
C ARG M 97 3.45 16.68 -13.15
N GLN M 98 4.07 16.93 -14.32
CA GLN M 98 3.57 17.98 -15.20
C GLN M 98 2.31 17.54 -15.93
N ARG M 99 2.23 16.28 -16.34
CA ARG M 99 1.16 15.83 -17.22
C ARG M 99 0.14 14.92 -16.56
N GLY M 100 0.32 14.54 -15.31
CA GLY M 100 -0.65 13.66 -14.65
C GLY M 100 -0.78 12.29 -15.27
N ILE M 101 0.35 11.67 -15.62
CA ILE M 101 0.36 10.37 -16.28
C ILE M 101 1.14 9.38 -15.41
N ALA M 102 1.05 8.12 -15.78
CA ALA M 102 1.89 7.07 -15.20
C ALA M 102 3.07 6.83 -16.12
N VAL M 103 4.22 6.50 -15.53
CA VAL M 103 5.43 6.21 -16.28
C VAL M 103 6.02 4.90 -15.77
N THR M 104 6.45 4.07 -16.71
CA THR M 104 7.21 2.86 -16.41
C THR M 104 8.56 2.95 -17.12
N GLY M 105 9.63 3.06 -16.35
CA GLY M 105 10.98 3.21 -16.89
C GLY M 105 11.78 1.94 -16.71
N VAL M 106 12.50 1.55 -17.76
CA VAL M 106 13.35 0.37 -17.75
C VAL M 106 14.79 0.79 -18.00
N ALA M 107 15.71 0.05 -17.38
CA ALA M 107 17.14 0.27 -17.54
C ALA M 107 17.87 -0.99 -17.10
N VAL M 108 19.09 -1.18 -17.62
CA VAL M 108 19.81 -2.43 -17.41
C VAL M 108 20.72 -2.29 -16.20
N SER M 109 20.63 -1.16 -15.52
CA SER M 109 21.52 -0.87 -14.39
C SER M 109 20.74 -0.93 -13.09
N LYS M 110 21.16 -1.81 -12.17
CA LYS M 110 20.47 -1.96 -10.90
C LYS M 110 20.59 -0.70 -10.04
N GLU M 111 21.78 -0.10 -9.99
CA GLU M 111 21.96 1.12 -9.21
C GLU M 111 21.07 2.24 -9.70
N GLN M 112 20.94 2.39 -11.02
CA GLN M 112 20.07 3.43 -11.57
C GLN M 112 18.60 3.17 -11.24
N ILE M 113 18.17 1.92 -11.33
CA ILE M 113 16.77 1.59 -11.05
C ILE M 113 16.46 1.81 -9.57
N ALA M 114 17.33 1.33 -8.69
CA ALA M 114 17.13 1.55 -7.26
C ALA M 114 17.06 3.03 -6.93
N ALA M 115 17.95 3.83 -7.54
CA ALA M 115 17.93 5.27 -7.30
C ALA M 115 16.62 5.90 -7.79
N ALA M 116 16.05 5.36 -8.87
CA ALA M 116 14.80 5.91 -9.39
C ALA M 116 13.61 5.54 -8.50
N ASN M 117 13.59 4.31 -7.99
CA ASN M 117 12.54 3.93 -7.05
C ASN M 117 12.62 4.75 -5.78
N ARG M 118 13.85 5.06 -5.32
CA ARG M 118 14.01 5.99 -4.21
C ARG M 118 13.47 7.37 -4.57
N LEU M 119 13.68 7.80 -5.81
CA LEU M 119 13.15 9.09 -6.25
C LEU M 119 11.62 9.09 -6.24
N ALA M 120 11.00 8.04 -6.76
CA ALA M 120 9.55 7.93 -6.72
C ALA M 120 9.04 7.91 -5.27
N ALA M 121 9.77 7.24 -4.38
CA ALA M 121 9.36 7.15 -2.99
C ALA M 121 9.45 8.51 -2.31
N GLY M 122 10.53 9.26 -2.57
CA GLY M 122 10.71 10.54 -1.91
C GLY M 122 9.71 11.59 -2.33
N HIS M 123 9.18 11.49 -3.55
CA HIS M 123 8.19 12.43 -4.07
C HIS M 123 6.77 11.89 -3.95
N GLY M 124 6.57 10.80 -3.23
CA GLY M 124 5.23 10.24 -3.04
C GLY M 124 4.52 9.88 -4.32
N LEU M 125 5.22 9.24 -5.25
CA LEU M 125 4.65 8.90 -6.55
C LEU M 125 4.99 7.47 -6.95
N THR M 126 5.15 6.59 -5.97
CA THR M 126 5.44 5.19 -6.28
C THR M 126 4.27 4.49 -6.97
N GLU M 127 3.05 4.99 -6.80
CA GLU M 127 1.89 4.41 -7.47
C GLU M 127 1.81 4.78 -8.95
N ARG M 128 2.42 5.90 -9.35
CA ARG M 128 2.43 6.32 -10.75
C ARG M 128 3.78 6.13 -11.43
N LEU M 129 4.85 5.92 -10.67
CA LEU M 129 6.19 5.71 -11.20
C LEU M 129 6.63 4.29 -10.89
N THR M 130 6.90 3.50 -11.93
CA THR M 130 7.30 2.11 -11.81
C THR M 130 8.62 1.93 -12.56
N PHE M 131 9.70 1.67 -11.84
CA PHE M 131 11.02 1.50 -12.42
C PHE M 131 11.48 0.05 -12.27
N GLU M 132 11.95 -0.53 -13.37
CA GLU M 132 12.29 -1.94 -13.40
C GLU M 132 13.60 -2.16 -14.17
N VAL M 133 14.29 -3.23 -13.80
CA VAL M 133 15.49 -3.68 -14.52
C VAL M 133 15.04 -4.58 -15.66
N ALA M 134 15.22 -4.11 -16.89
CA ALA M 134 14.77 -4.90 -18.04
C ALA M 134 15.57 -4.49 -19.27
N ASP M 135 15.62 -5.39 -20.24
CA ASP M 135 16.27 -5.14 -21.51
C ASP M 135 15.24 -4.59 -22.50
N ALA M 136 15.55 -3.42 -23.07
CA ALA M 136 14.67 -2.82 -24.06
C ALA M 136 14.62 -3.60 -25.36
N MET M 137 15.60 -4.48 -25.60
CA MET M 137 15.57 -5.38 -26.75
C MET M 137 14.77 -6.64 -26.48
N ARG M 138 14.42 -6.93 -25.22
CA ARG M 138 13.53 -8.02 -24.84
C ARG M 138 12.65 -7.52 -23.68
N LEU M 139 11.70 -6.64 -24.01
CA LEU M 139 10.85 -6.06 -22.98
C LEU M 139 9.87 -7.10 -22.45
N PRO M 140 9.61 -7.12 -21.14
CA PRO M 140 8.71 -8.13 -20.58
C PRO M 140 7.24 -7.76 -20.64
N TYR M 141 6.90 -6.58 -21.14
CA TYR M 141 5.54 -6.10 -21.08
C TYR M 141 4.72 -6.63 -22.25
N GLU M 142 3.41 -6.70 -22.06
CA GLU M 142 2.51 -7.27 -23.06
C GLU M 142 2.34 -6.32 -24.24
N ASP M 143 1.69 -6.84 -25.28
CA ASP M 143 1.45 -6.06 -26.49
C ASP M 143 0.46 -4.93 -26.21
N GLU M 144 0.74 -3.76 -26.77
CA GLU M 144 -0.14 -2.60 -26.69
C GLU M 144 -0.50 -2.26 -25.24
N SER M 145 0.55 -2.04 -24.45
CA SER M 145 0.41 -1.73 -23.03
C SER M 145 0.54 -0.25 -22.74
N PHE M 146 1.25 0.49 -23.59
CA PHE M 146 1.56 1.89 -23.32
C PHE M 146 0.98 2.78 -24.42
N ASP M 147 0.58 4.00 -24.01
CA ASP M 147 0.05 4.96 -24.96
C ASP M 147 1.15 5.69 -25.70
N CYS M 148 2.33 5.83 -25.09
CA CYS M 148 3.44 6.53 -25.71
C CYS M 148 4.73 6.10 -25.02
N ALA M 149 5.85 6.39 -25.66
CA ALA M 149 7.14 6.02 -25.11
C ALA M 149 8.20 6.97 -25.66
N TRP M 150 9.35 6.98 -25.00
CA TRP M 150 10.49 7.72 -25.53
C TRP M 150 11.78 7.02 -25.14
N ALA M 151 12.74 7.06 -26.06
CA ALA M 151 14.11 6.61 -25.82
C ALA M 151 14.98 7.84 -25.85
N ILE M 152 15.35 8.34 -24.68
CA ILE M 152 16.11 9.59 -24.57
C ILE M 152 17.59 9.23 -24.53
N GLU M 153 18.25 9.29 -25.70
CA GLU M 153 19.71 9.14 -25.82
C GLU M 153 20.18 7.77 -25.32
N SER M 154 19.32 6.76 -25.45
CA SER M 154 19.63 5.43 -24.95
C SER M 154 19.78 4.38 -26.03
N LEU M 155 19.28 4.64 -27.25
CA LEU M 155 19.38 3.65 -28.32
C LEU M 155 20.83 3.30 -28.64
N CYS M 156 21.76 4.23 -28.37
CA CYS M 156 23.16 4.00 -28.70
C CYS M 156 23.80 2.88 -27.89
N HIS M 157 23.08 2.29 -26.93
CA HIS M 157 23.57 1.14 -26.20
C HIS M 157 22.97 -0.16 -26.69
N MET M 158 22.00 -0.11 -27.61
CA MET M 158 21.21 -1.26 -28.00
C MET M 158 21.30 -1.52 -29.50
N ASP M 159 20.82 -2.71 -29.89
CA ASP M 159 20.54 -2.99 -31.29
C ASP M 159 19.24 -2.29 -31.64
N ARG M 160 19.33 -1.26 -32.47
CA ARG M 160 18.18 -0.40 -32.73
C ARG M 160 17.07 -1.16 -33.44
N ALA M 161 17.40 -2.20 -34.19
CA ALA M 161 16.37 -3.01 -34.84
C ALA M 161 15.48 -3.68 -33.80
N LYS M 162 16.09 -4.35 -32.82
CA LYS M 162 15.31 -5.07 -31.82
C LYS M 162 14.59 -4.11 -30.88
N ALA M 163 15.26 -3.05 -30.43
CA ALA M 163 14.65 -2.12 -29.48
C ALA M 163 13.43 -1.44 -30.10
N LEU M 164 13.57 -0.92 -31.32
CA LEU M 164 12.45 -0.27 -31.98
C LEU M 164 11.33 -1.25 -32.29
N GLY M 165 11.68 -2.47 -32.71
CA GLY M 165 10.67 -3.50 -32.90
C GLY M 165 9.96 -3.88 -31.61
N GLU M 166 10.68 -3.85 -30.49
CA GLU M 166 10.08 -4.16 -29.19
C GLU M 166 9.25 -2.98 -28.68
N ALA M 167 9.71 -1.75 -28.94
CA ALA M 167 8.93 -0.57 -28.60
C ALA M 167 7.63 -0.51 -29.40
N TRP M 168 7.70 -0.89 -30.68
CA TRP M 168 6.49 -0.93 -31.51
C TRP M 168 5.51 -1.98 -31.02
N ARG M 169 6.01 -3.08 -30.48
CA ARG M 169 5.12 -4.15 -30.01
C ARG M 169 4.36 -3.72 -28.76
N VAL M 170 5.02 -3.00 -27.85
CA VAL M 170 4.40 -2.64 -26.57
C VAL M 170 3.54 -1.38 -26.66
N LEU M 171 3.55 -0.68 -27.79
CA LEU M 171 2.77 0.54 -27.95
C LEU M 171 1.38 0.22 -28.46
N LYS M 172 0.40 0.91 -27.90
CA LYS M 172 -0.95 0.85 -28.44
C LYS M 172 -0.95 1.45 -29.84
N PRO M 173 -1.73 0.90 -30.77
CA PRO M 173 -1.79 1.48 -32.11
C PRO M 173 -2.29 2.92 -32.06
N GLY M 174 -1.54 3.81 -32.70
CA GLY M 174 -1.80 5.23 -32.71
C GLY M 174 -0.91 6.04 -31.80
N GLY M 175 -0.16 5.38 -30.90
CA GLY M 175 0.71 6.09 -30.00
C GLY M 175 2.06 6.44 -30.62
N ASP M 176 2.76 7.33 -29.94
CA ASP M 176 4.01 7.91 -30.46
C ASP M 176 5.20 7.46 -29.64
N LEU M 177 6.34 7.31 -30.32
CA LEU M 177 7.62 7.05 -29.69
C LEU M 177 8.55 8.22 -29.98
N LEU M 178 8.99 8.91 -28.93
CA LEU M 178 9.94 9.99 -29.08
C LEU M 178 11.36 9.44 -29.03
N VAL M 179 12.20 9.91 -29.94
CA VAL M 179 13.54 9.34 -30.09
C VAL M 179 14.56 10.46 -30.24
N LEU M 180 15.55 10.48 -29.35
CA LEU M 180 16.72 11.33 -29.47
C LEU M 180 17.90 10.42 -29.81
N GLU M 181 18.46 10.60 -31.01
CA GLU M 181 19.39 9.64 -31.56
C GLU M 181 20.43 10.35 -32.41
N SER M 182 21.61 9.75 -32.52
CA SER M 182 22.67 10.24 -33.38
C SER M 182 22.74 9.42 -34.66
N VAL M 183 23.34 10.03 -35.67
CA VAL M 183 23.51 9.43 -37.00
C VAL M 183 24.80 9.96 -37.59
N VAL M 184 25.55 9.09 -38.27
CA VAL M 184 26.81 9.50 -38.89
C VAL M 184 26.53 10.21 -40.20
N THR M 185 27.42 11.15 -40.54
CA THR M 185 27.43 11.78 -41.85
C THR M 185 28.65 11.42 -42.68
N GLU M 186 29.72 10.91 -42.04
CA GLU M 186 30.90 10.37 -42.69
C GLU M 186 30.90 8.84 -42.52
N GLU M 187 32.07 8.23 -42.71
CA GLU M 187 32.22 6.78 -42.68
C GLU M 187 32.77 6.25 -41.37
N LEU M 188 33.51 7.08 -40.62
CA LEU M 188 34.15 6.73 -39.35
C LEU M 188 35.32 5.78 -39.52
N THR M 189 36.48 6.17 -39.02
CA THR M 189 37.64 5.29 -38.99
C THR M 189 37.51 4.29 -37.84
N GLU M 190 38.33 3.23 -37.90
CA GLU M 190 38.26 2.15 -36.93
C GLU M 190 38.63 2.59 -35.51
N PRO M 191 39.67 3.42 -35.31
CA PRO M 191 39.89 3.94 -33.95
C PRO M 191 38.72 4.75 -33.43
N GLU M 192 38.07 5.52 -34.29
CA GLU M 192 36.90 6.29 -33.88
C GLU M 192 35.76 5.37 -33.45
N THR M 193 35.56 4.27 -34.17
CA THR M 193 34.53 3.31 -33.76
C THR M 193 34.87 2.64 -32.44
N ALA M 194 36.17 2.51 -32.13
CA ALA M 194 36.58 1.95 -30.85
C ALA M 194 36.40 2.93 -29.70
N LEU M 195 36.51 4.23 -29.97
CA LEU M 195 36.31 5.23 -28.91
C LEU M 195 34.89 5.20 -28.35
N PHE M 196 33.89 4.93 -29.20
CA PHE M 196 32.53 4.73 -28.70
C PHE M 196 32.50 3.61 -27.66
N GLU M 197 33.23 2.53 -27.90
CA GLU M 197 33.19 1.37 -27.00
C GLU M 197 33.93 1.67 -25.70
N THR M 198 35.07 2.37 -25.78
CA THR M 198 35.90 2.56 -24.60
C THR M 198 35.40 3.70 -23.72
N LEU M 199 35.07 4.84 -24.34
CA LEU M 199 34.63 6.00 -23.57
C LEU M 199 33.26 5.78 -22.95
N TYR M 200 32.23 5.69 -23.80
CA TYR M 200 30.88 5.43 -23.31
C TYR M 200 30.61 3.93 -23.39
N ALA M 201 29.39 3.54 -23.77
CA ALA M 201 29.14 2.12 -23.97
C ALA M 201 28.75 1.82 -25.41
N ALA M 202 29.58 2.27 -26.35
CA ALA M 202 29.67 1.72 -27.70
C ALA M 202 28.46 1.87 -28.60
N ASN M 203 28.32 0.91 -29.52
CA ASN M 203 27.39 0.92 -30.64
C ASN M 203 27.51 2.23 -31.41
N VAL M 204 28.33 2.21 -32.48
CA VAL M 204 28.48 3.41 -33.30
C VAL M 204 27.12 3.79 -33.88
N PRO M 205 26.84 5.08 -34.10
CA PRO M 205 25.53 5.45 -34.63
C PRO M 205 25.37 4.95 -36.06
N PRO M 206 24.18 4.56 -36.47
CA PRO M 206 23.99 4.11 -37.85
C PRO M 206 23.93 5.30 -38.80
N ARG M 207 23.66 5.04 -40.07
CA ARG M 207 23.50 6.11 -41.04
C ARG M 207 22.05 6.53 -41.11
N LEU M 208 21.82 7.76 -41.57
CA LEU M 208 20.50 8.37 -41.68
C LEU M 208 19.53 7.42 -42.36
N GLY M 209 19.75 7.13 -43.65
CA GLY M 209 18.87 6.22 -44.37
C GLY M 209 18.79 4.86 -43.71
N GLU M 210 19.91 4.37 -43.17
CA GLU M 210 19.92 3.10 -42.45
C GLU M 210 18.97 3.15 -41.26
N PHE M 211 19.03 4.23 -40.48
CA PHE M 211 18.15 4.37 -39.32
C PHE M 211 16.69 4.34 -39.74
N PHE M 212 16.34 5.11 -40.78
CA PHE M 212 14.95 5.18 -41.21
C PHE M 212 14.49 3.87 -41.85
N ASP M 213 15.40 3.13 -42.49
CA ASP M 213 15.10 1.77 -42.91
C ASP M 213 14.67 0.93 -41.71
N ILE M 214 15.41 1.03 -40.61
CA ILE M 214 15.05 0.30 -39.39
C ILE M 214 13.72 0.79 -38.84
N VAL M 215 13.50 2.10 -38.85
CA VAL M 215 12.26 2.67 -38.30
C VAL M 215 11.05 2.16 -39.09
N SER M 216 11.11 2.25 -40.41
CA SER M 216 10.02 1.74 -41.23
C SER M 216 9.88 0.22 -41.07
N GLY M 217 11.00 -0.48 -40.91
CA GLY M 217 10.94 -1.92 -40.79
C GLY M 217 10.25 -2.36 -39.51
N ALA M 218 10.44 -1.59 -38.44
CA ALA M 218 9.70 -1.87 -37.21
C ALA M 218 8.20 -1.64 -37.39
N GLY M 219 7.81 -0.87 -38.40
CA GLY M 219 6.42 -0.51 -38.61
C GLY M 219 6.07 0.93 -38.24
N PHE M 220 7.06 1.75 -37.92
CA PHE M 220 6.82 3.12 -37.50
C PHE M 220 6.71 4.06 -38.70
N HIS M 221 5.79 5.01 -38.61
CA HIS M 221 5.81 6.17 -39.50
C HIS M 221 6.59 7.29 -38.83
N THR M 222 7.21 8.12 -39.65
CA THR M 222 8.05 9.22 -39.17
C THR M 222 7.29 10.53 -39.37
N LEU M 223 6.97 11.19 -38.26
CA LEU M 223 6.19 12.42 -38.30
C LEU M 223 7.05 13.67 -38.22
N SER M 224 8.19 13.63 -37.52
CA SER M 224 9.00 14.82 -37.34
C SER M 224 10.46 14.43 -37.18
N LEU M 225 11.33 15.40 -37.48
CA LEU M 225 12.76 15.31 -37.18
C LEU M 225 13.25 16.73 -36.96
N LYS M 226 14.05 16.92 -35.92
CA LYS M 226 14.63 18.23 -35.64
C LYS M 226 16.05 18.06 -35.15
N ASP M 227 16.96 18.85 -35.71
CA ASP M 227 18.36 18.78 -35.36
C ASP M 227 18.61 19.47 -34.02
N LEU M 228 19.35 18.78 -33.15
CA LEU M 228 19.81 19.34 -31.88
C LEU M 228 21.30 19.11 -31.70
N SER M 229 22.03 19.02 -32.82
CA SER M 229 23.46 18.70 -32.76
C SER M 229 24.24 19.74 -31.96
N ALA M 230 23.82 21.01 -32.01
CA ALA M 230 24.48 22.04 -31.22
C ALA M 230 24.35 21.75 -29.73
N ASN M 231 23.18 21.26 -29.30
CA ASN M 231 22.97 21.00 -27.88
C ASN M 231 23.84 19.84 -27.38
N LEU M 232 24.01 18.80 -28.21
CA LEU M 232 24.86 17.69 -27.80
C LEU M 232 26.33 18.07 -27.84
N ALA M 233 26.73 18.93 -28.79
CA ALA M 233 28.10 19.45 -28.78
C ALA M 233 28.38 20.21 -27.49
N MET M 234 27.50 21.15 -27.13
CA MET M 234 27.69 21.95 -25.92
C MET M 234 27.72 21.07 -24.67
N THR M 235 26.82 20.10 -24.59
CA THR M 235 26.82 19.21 -23.43
C THR M 235 28.11 18.40 -23.36
N MET M 236 28.61 17.95 -24.52
CA MET M 236 29.89 17.26 -24.56
C MET M 236 31.01 18.16 -24.05
N ASN M 237 31.01 19.42 -24.47
CA ASN M 237 32.02 20.36 -23.99
C ASN M 237 31.91 20.57 -22.49
N VAL M 238 30.69 20.82 -22.00
CA VAL M 238 30.46 20.98 -20.57
C VAL M 238 30.99 19.76 -19.81
N PHE M 239 30.80 18.57 -20.38
CA PHE M 239 31.27 17.36 -19.72
C PHE M 239 32.79 17.33 -19.63
N ALA M 240 33.47 17.60 -20.75
CA ALA M 240 34.93 17.60 -20.76
C ALA M 240 35.49 18.59 -19.75
N LEU M 241 35.02 19.84 -19.81
CA LEU M 241 35.45 20.85 -18.84
C LEU M 241 35.25 20.38 -17.41
N GLY M 242 34.21 19.57 -17.16
CA GLY M 242 34.05 18.99 -15.85
C GLY M 242 35.16 17.99 -15.54
N VAL M 243 35.48 17.12 -16.50
CA VAL M 243 36.52 16.12 -16.27
C VAL M 243 37.89 16.78 -16.20
N TYR M 244 38.16 17.74 -17.10
CA TYR M 244 39.46 18.41 -17.11
C TYR M 244 39.72 19.12 -15.78
N SER M 245 38.72 19.81 -15.24
CA SER M 245 38.91 20.64 -14.06
C SER M 245 39.04 19.83 -12.78
N ARG M 246 38.50 18.62 -12.75
CA ARG M 246 38.41 17.83 -11.53
C ARG M 246 38.98 16.43 -11.73
N ARG M 247 40.23 16.38 -12.22
CA ARG M 247 40.87 15.10 -12.46
C ARG M 247 41.10 14.33 -11.16
N ALA M 248 41.65 15.00 -10.15
CA ALA M 248 41.94 14.33 -8.89
C ALA M 248 40.68 13.81 -8.23
N GLU M 249 39.61 14.62 -8.24
CA GLU M 249 38.36 14.21 -7.61
C GLU M 249 37.79 12.95 -8.27
N PHE M 250 37.83 12.90 -9.60
CA PHE M 250 37.26 11.76 -10.32
C PHE M 250 38.16 10.53 -10.29
N THR M 251 39.47 10.70 -10.13
CA THR M 251 40.36 9.55 -10.00
C THR M 251 40.16 8.85 -8.66
N GLU M 252 39.96 9.62 -7.60
CA GLU M 252 39.75 9.06 -6.27
C GLU M 252 38.39 8.40 -6.15
N ARG M 253 37.46 8.69 -7.06
CA ARG M 253 36.09 8.20 -7.01
C ARG M 253 35.81 7.07 -7.99
N PHE M 254 36.46 7.06 -9.15
CA PHE M 254 36.24 6.05 -10.17
C PHE M 254 37.50 5.27 -10.55
N GLY M 255 38.67 5.68 -10.07
CA GLY M 255 39.90 5.01 -10.44
C GLY M 255 40.63 5.74 -11.55
N ALA M 256 41.96 5.85 -11.44
CA ALA M 256 42.74 6.56 -12.45
C ALA M 256 42.58 5.96 -13.84
N GLU M 257 42.18 4.69 -13.92
CA GLU M 257 41.95 4.00 -15.18
C GLU M 257 40.88 4.71 -16.00
N PHE M 258 39.67 4.72 -15.46
CA PHE M 258 38.53 5.40 -16.09
C PHE M 258 38.87 6.83 -16.49
N VAL M 259 39.49 7.57 -15.59
CA VAL M 259 39.69 9.00 -15.80
C VAL M 259 40.75 9.26 -16.86
N ASP M 260 41.92 8.65 -16.72
CA ASP M 260 42.98 8.86 -17.70
C ASP M 260 42.52 8.47 -19.11
N GLY M 261 41.70 7.43 -19.22
CA GLY M 261 41.12 7.09 -20.51
C GLY M 261 40.25 8.20 -21.07
N LEU M 262 39.45 8.83 -20.21
CA LEU M 262 38.63 9.96 -20.64
C LEU M 262 39.48 11.13 -21.08
N LEU M 263 40.50 11.47 -20.28
CA LEU M 263 41.41 12.55 -20.66
C LEU M 263 42.05 12.30 -22.01
N ALA M 264 42.31 11.03 -22.36
CA ALA M 264 42.94 10.70 -23.63
C ALA M 264 41.96 10.65 -24.80
N GLY M 265 40.67 10.43 -24.54
CA GLY M 265 39.73 10.22 -25.63
C GLY M 265 38.74 11.36 -25.90
N LEU M 266 38.58 12.26 -24.92
CA LEU M 266 37.51 13.25 -25.03
C LEU M 266 37.73 14.22 -26.18
N GLY M 267 38.98 14.69 -26.37
CA GLY M 267 39.24 15.63 -27.45
C GLY M 267 38.94 15.04 -28.81
N SER M 268 39.46 13.84 -29.09
CA SER M 268 39.23 13.20 -30.37
C SER M 268 37.77 12.82 -30.55
N ALA M 269 37.13 12.36 -29.48
CA ALA M 269 35.71 12.05 -29.55
C ALA M 269 34.89 13.30 -29.85
N GLN M 270 35.25 14.42 -29.22
CA GLN M 270 34.59 15.70 -29.52
C GLN M 270 34.73 16.04 -31.00
N GLU M 271 35.94 15.91 -31.53
CA GLU M 271 36.18 16.23 -32.94
C GLU M 271 35.40 15.30 -33.85
N THR M 272 35.33 14.01 -33.50
CA THR M 272 34.52 13.07 -34.27
C THR M 272 33.05 13.47 -34.23
N LEU M 273 32.55 13.87 -33.06
CA LEU M 273 31.17 14.31 -32.92
C LEU M 273 30.88 15.54 -33.77
N ILE M 274 31.78 16.52 -33.73
CA ILE M 274 31.58 17.77 -34.46
C ILE M 274 31.56 17.52 -35.96
N ARG M 275 32.50 16.74 -36.47
CA ARG M 275 32.73 16.66 -37.91
C ARG M 275 31.90 15.58 -38.60
N LYS M 276 31.57 14.49 -37.91
CA LYS M 276 31.03 13.31 -38.59
C LYS M 276 29.64 12.89 -38.15
N THR M 277 29.07 13.47 -37.11
CA THR M 277 27.79 13.01 -36.59
C THR M 277 26.81 14.18 -36.48
N ARG M 278 25.52 13.83 -36.46
CA ARG M 278 24.44 14.75 -36.13
C ARG M 278 23.53 14.09 -35.11
N PHE M 279 22.74 14.91 -34.43
CA PHE M 279 21.89 14.44 -33.33
C PHE M 279 20.54 15.12 -33.44
N PHE M 280 19.47 14.32 -33.46
CA PHE M 280 18.15 14.85 -33.78
C PHE M 280 17.07 14.27 -32.86
N MET M 281 15.94 14.96 -32.85
CA MET M 281 14.72 14.54 -32.16
C MET M 281 13.70 14.10 -33.19
N ALA M 282 13.20 12.87 -33.06
CA ALA M 282 12.31 12.29 -34.05
C ALA M 282 11.04 11.80 -33.39
N THR M 283 9.89 12.12 -33.99
CA THR M 283 8.60 11.58 -33.57
C THR M 283 8.21 10.46 -34.53
N LEU M 284 8.16 9.23 -34.00
CA LEU M 284 7.71 8.07 -34.75
C LEU M 284 6.34 7.66 -34.24
N ARG M 285 5.46 7.27 -35.16
CA ARG M 285 4.11 6.85 -34.79
C ARG M 285 3.89 5.39 -35.16
N LYS M 286 3.32 4.64 -34.23
CA LYS M 286 2.73 3.35 -34.57
C LYS M 286 1.39 3.60 -35.25
N PRO M 287 1.16 3.10 -36.46
CA PRO M 287 -0.08 3.42 -37.17
C PRO M 287 -1.31 2.85 -36.47
N ALA M 288 -2.39 3.60 -36.51
CA ALA M 288 -3.65 3.18 -35.92
C ALA M 288 -4.48 2.37 -36.91
N VAL M 289 -5.44 1.63 -36.38
CA VAL M 289 -6.31 0.81 -37.21
C VAL M 289 -7.63 1.53 -37.48
N GLN N 11 27.63 -4.09 -30.77
CA GLN N 11 29.03 -3.87 -30.39
C GLN N 11 29.25 -4.15 -28.90
N VAL N 12 28.19 -3.98 -28.09
CA VAL N 12 28.23 -4.31 -26.67
C VAL N 12 26.91 -4.98 -26.28
N THR N 13 26.90 -5.53 -25.08
CA THR N 13 25.77 -6.25 -24.52
C THR N 13 25.13 -5.47 -23.38
N ALA N 14 23.92 -5.89 -23.02
CA ALA N 14 23.19 -5.23 -21.95
C ALA N 14 23.90 -5.38 -20.60
N ASP N 15 24.34 -6.61 -20.30
CA ASP N 15 25.06 -6.87 -19.06
C ASP N 15 26.23 -5.91 -18.90
N GLU N 16 26.98 -5.69 -19.97
CA GLU N 16 28.14 -4.80 -19.92
C GLU N 16 27.74 -3.35 -19.66
N VAL N 17 26.70 -2.88 -20.36
CA VAL N 17 26.23 -1.50 -20.14
C VAL N 17 25.71 -1.33 -18.72
N GLY N 18 25.02 -2.33 -18.19
CA GLY N 18 24.50 -2.23 -16.84
C GLY N 18 25.60 -2.10 -15.80
N ASP N 19 26.65 -2.92 -15.94
CA ASP N 19 27.80 -2.80 -15.04
C ASP N 19 28.44 -1.42 -15.17
N TRP N 20 28.46 -0.87 -16.38
CA TRP N 20 29.12 0.41 -16.63
C TRP N 20 28.45 1.53 -15.84
N TYR N 21 27.13 1.66 -15.96
CA TYR N 21 26.42 2.70 -15.23
C TYR N 21 26.38 2.42 -13.73
N ASP N 22 26.42 1.14 -13.33
CA ASP N 22 26.53 0.82 -11.91
C ASP N 22 27.81 1.37 -11.32
N LYS N 23 28.86 1.49 -12.14
CA LYS N 23 30.17 1.93 -11.69
C LYS N 23 30.43 3.41 -11.92
N PHE N 24 29.98 3.96 -13.06
CA PHE N 24 30.33 5.32 -13.45
C PHE N 24 29.14 6.22 -13.74
N GLY N 25 27.90 5.77 -13.51
CA GLY N 25 26.75 6.60 -13.79
C GLY N 25 26.72 7.91 -13.04
N GLU N 26 27.49 8.02 -11.96
CA GLU N 26 27.50 9.22 -11.14
C GLU N 26 28.35 10.35 -11.74
N VAL N 27 29.26 10.03 -12.67
CA VAL N 27 30.10 11.08 -13.24
C VAL N 27 29.29 12.01 -14.13
N TYR N 28 28.20 11.52 -14.72
CA TYR N 28 27.31 12.40 -15.47
C TYR N 28 26.57 13.36 -14.56
N HIS N 29 26.05 12.86 -13.43
CA HIS N 29 25.39 13.74 -12.47
C HIS N 29 26.37 14.72 -11.84
N LEU N 30 27.63 14.33 -11.69
CA LEU N 30 28.66 15.24 -11.17
C LEU N 30 29.02 16.34 -12.15
N THR N 31 28.82 16.12 -13.46
CA THR N 31 29.21 17.09 -14.48
C THR N 31 28.03 17.68 -15.24
N LEU N 32 26.98 16.90 -15.50
CA LEU N 32 25.88 17.34 -16.33
C LEU N 32 24.64 17.78 -15.55
N GLY N 33 24.30 17.08 -14.47
CA GLY N 33 23.21 17.51 -13.63
C GLY N 33 22.38 16.34 -13.16
N GLU N 34 21.22 16.67 -12.58
CA GLU N 34 20.34 15.67 -11.97
C GLU N 34 19.74 14.71 -12.99
N SER N 35 19.92 14.95 -14.28
CA SER N 35 19.51 14.03 -15.32
C SER N 35 20.74 13.57 -16.09
N VAL N 36 20.54 12.59 -16.98
CA VAL N 36 21.64 12.03 -17.73
C VAL N 36 21.40 12.22 -19.22
N HIS N 37 21.14 13.46 -19.62
CA HIS N 37 20.93 13.77 -21.03
C HIS N 37 21.39 15.20 -21.29
N CYS N 38 21.18 15.66 -22.52
CA CYS N 38 21.72 16.94 -22.96
C CYS N 38 21.03 18.09 -22.23
N GLY N 39 21.65 19.26 -22.33
CA GLY N 39 21.05 20.50 -21.90
C GLY N 39 20.55 21.29 -23.11
N LEU N 40 19.49 22.06 -22.89
CA LEU N 40 18.90 22.84 -23.98
C LEU N 40 19.65 24.16 -24.04
N TRP N 41 20.87 24.09 -24.59
CA TRP N 41 21.73 25.26 -24.66
C TRP N 41 21.36 26.20 -25.80
N PHE N 42 20.56 25.74 -26.76
CA PHE N 42 20.11 26.57 -27.88
C PHE N 42 18.59 26.49 -27.93
N PRO N 43 17.89 27.62 -27.84
CA PRO N 43 16.42 27.56 -27.87
C PRO N 43 15.94 26.89 -29.14
N PRO N 44 14.79 26.22 -29.10
CA PRO N 44 14.33 25.45 -30.27
C PRO N 44 14.16 26.28 -31.53
N ASP N 45 13.73 27.54 -31.41
CA ASP N 45 13.52 28.37 -32.59
C ASP N 45 14.81 28.87 -33.23
N ALA N 46 15.96 28.63 -32.60
CA ALA N 46 17.22 29.11 -33.15
C ALA N 46 17.63 28.29 -34.37
N PRO N 47 18.38 28.88 -35.29
CA PRO N 47 18.81 28.14 -36.48
C PRO N 47 20.00 27.23 -36.16
N VAL N 48 20.15 26.21 -37.01
CA VAL N 48 21.27 25.28 -36.87
C VAL N 48 22.56 25.98 -37.29
N PRO N 49 23.61 25.94 -36.49
CA PRO N 49 24.86 26.61 -36.85
C PRO N 49 25.50 25.99 -38.08
N GLN N 50 26.49 26.70 -38.62
CA GLN N 50 27.24 26.20 -39.77
C GLN N 50 28.17 25.06 -39.38
N ASP N 51 28.73 25.11 -38.16
CA ASP N 51 29.61 24.08 -37.66
C ASP N 51 29.36 23.92 -36.16
N MET N 52 30.11 23.01 -35.54
CA MET N 52 29.97 22.75 -34.11
C MET N 52 31.21 23.14 -33.33
N GLU N 53 32.15 23.86 -33.93
CA GLU N 53 33.30 24.35 -33.17
C GLU N 53 32.83 25.31 -32.08
N LEU N 54 33.42 25.19 -30.90
CA LEU N 54 32.97 25.94 -29.73
C LEU N 54 32.90 27.43 -30.00
N VAL N 55 33.72 27.93 -30.94
CA VAL N 55 33.79 29.36 -31.18
C VAL N 55 32.57 29.87 -31.95
N THR N 56 31.99 29.05 -32.83
CA THR N 56 30.85 29.51 -33.61
C THR N 56 29.54 29.36 -32.85
N MET N 57 29.36 28.24 -32.13
CA MET N 57 28.23 28.11 -31.23
C MET N 57 28.21 29.25 -30.23
N SER N 58 29.37 29.58 -29.67
CA SER N 58 29.48 30.74 -28.79
C SER N 58 29.15 32.03 -29.53
N SER N 59 29.52 32.11 -30.82
CA SER N 59 29.24 33.31 -31.59
C SER N 59 27.74 33.49 -31.82
N GLN N 60 27.02 32.39 -32.06
CA GLN N 60 25.58 32.48 -32.25
C GLN N 60 24.89 32.93 -30.96
N ALA N 61 25.34 32.40 -29.82
CA ALA N 61 24.82 32.88 -28.54
C ALA N 61 25.09 34.37 -28.37
N GLN N 62 26.24 34.84 -28.85
CA GLN N 62 26.54 36.27 -28.81
C GLN N 62 25.56 37.07 -29.65
N ASP N 63 25.23 36.58 -30.85
CA ASP N 63 24.28 37.29 -31.70
C ASP N 63 22.88 37.32 -31.09
N ARG N 64 22.48 36.21 -30.47
CA ARG N 64 21.23 36.20 -29.72
C ARG N 64 21.30 37.09 -28.48
N TYR N 65 22.48 37.12 -27.84
CA TYR N 65 22.73 38.09 -26.78
C TYR N 65 22.52 39.52 -27.27
N THR N 66 23.11 39.86 -28.42
CA THR N 66 22.95 41.20 -28.98
C THR N 66 21.50 41.48 -29.36
N ASP N 67 20.83 40.51 -29.99
CA ASP N 67 19.42 40.69 -30.35
C ASP N 67 18.57 41.03 -29.14
N TYR N 68 18.91 40.49 -27.96
CA TYR N 68 18.14 40.80 -26.77
C TYR N 68 18.42 42.20 -26.26
N LEU N 69 19.68 42.64 -26.34
CA LEU N 69 20.02 44.01 -25.97
C LEU N 69 19.31 45.02 -26.86
N ILE N 70 19.27 44.76 -28.17
CA ILE N 70 18.55 45.63 -29.09
C ILE N 70 17.07 45.67 -28.71
N GLU N 71 16.48 44.48 -28.52
CA GLU N 71 15.08 44.40 -28.13
C GLU N 71 14.83 45.11 -26.79
N THR N 72 15.81 45.09 -25.89
CA THR N 72 15.62 45.71 -24.58
C THR N 72 15.65 47.23 -24.69
N LEU N 73 16.72 47.77 -25.27
CA LEU N 73 16.82 49.22 -25.41
C LEU N 73 15.78 49.76 -26.38
N ASP N 74 15.43 48.97 -27.40
CA ASP N 74 14.41 49.30 -28.39
C ASP N 74 14.67 50.66 -29.03
N PRO N 75 15.76 50.81 -29.79
CA PRO N 75 15.99 52.08 -30.49
C PRO N 75 15.01 52.24 -31.66
N LYS N 76 14.52 53.46 -31.84
CA LYS N 76 13.53 53.77 -32.86
C LYS N 76 14.21 54.27 -34.12
N ALA N 77 13.65 53.89 -35.27
CA ALA N 77 14.23 54.22 -36.57
C ALA N 77 14.49 55.71 -36.69
N GLY N 78 15.70 56.06 -37.13
CA GLY N 78 16.12 57.43 -37.28
C GLY N 78 16.87 58.01 -36.11
N GLN N 79 17.12 57.23 -35.06
CA GLN N 79 17.81 57.71 -33.87
C GLN N 79 19.32 57.51 -34.01
N HIS N 80 20.05 58.11 -33.09
CA HIS N 80 21.51 58.06 -33.07
C HIS N 80 21.96 57.44 -31.75
N LEU N 81 22.69 56.33 -31.82
CA LEU N 81 23.08 55.56 -30.66
C LEU N 81 24.59 55.64 -30.45
N LEU N 82 24.99 55.83 -29.19
CA LEU N 82 26.40 55.90 -28.82
C LEU N 82 26.82 54.57 -28.20
N ASP N 83 27.78 53.89 -28.83
CA ASP N 83 28.28 52.61 -28.35
C ASP N 83 29.55 52.88 -27.54
N ILE N 84 29.40 52.95 -26.22
CA ILE N 84 30.51 53.25 -25.32
C ILE N 84 31.30 51.96 -25.09
N GLY N 85 32.46 51.85 -25.74
CA GLY N 85 33.23 50.62 -25.71
C GLY N 85 32.68 49.64 -26.72
N CYS N 86 32.85 49.94 -28.00
CA CYS N 86 32.17 49.24 -29.07
C CYS N 86 32.90 48.00 -29.58
N GLY N 87 34.16 47.80 -29.18
CA GLY N 87 34.88 46.62 -29.61
C GLY N 87 35.20 46.68 -31.10
N THR N 88 34.90 45.61 -31.81
CA THR N 88 35.10 45.52 -33.25
C THR N 88 33.86 45.84 -34.05
N GLY N 89 32.77 46.21 -33.37
CA GLY N 89 31.65 46.85 -34.04
C GLY N 89 30.54 45.97 -34.54
N ARG N 90 30.58 44.66 -34.27
CA ARG N 90 29.48 43.79 -34.73
C ARG N 90 28.16 44.17 -34.07
N THR N 91 28.21 44.50 -32.78
CA THR N 91 26.99 44.93 -32.09
C THR N 91 26.37 46.14 -32.79
N ALA N 92 27.20 47.14 -33.10
CA ALA N 92 26.71 48.32 -33.80
C ALA N 92 26.15 47.96 -35.17
N LEU N 93 26.79 47.02 -35.87
CA LEU N 93 26.33 46.61 -37.19
C LEU N 93 24.92 46.00 -37.11
N LYS N 94 24.73 45.05 -36.20
CA LYS N 94 23.42 44.41 -36.05
C LYS N 94 22.34 45.44 -35.71
N ALA N 95 22.65 46.37 -34.80
CA ALA N 95 21.69 47.39 -34.43
C ALA N 95 21.32 48.27 -35.62
N ALA N 96 22.32 48.64 -36.43
CA ALA N 96 22.05 49.49 -37.57
C ALA N 96 21.21 48.77 -38.61
N ARG N 97 21.54 47.50 -38.89
CA ARG N 97 20.78 46.76 -39.87
C ARG N 97 19.34 46.53 -39.42
N GLN N 98 19.15 46.20 -38.14
CA GLN N 98 17.83 45.77 -37.67
C GLN N 98 16.88 46.94 -37.45
N ARG N 99 17.35 48.03 -36.86
CA ARG N 99 16.46 49.12 -36.47
C ARG N 99 16.54 50.34 -37.38
N GLY N 100 17.43 50.34 -38.36
CA GLY N 100 17.56 51.48 -39.25
C GLY N 100 17.95 52.75 -38.52
N ILE N 101 19.00 52.66 -37.71
CA ILE N 101 19.45 53.77 -36.88
C ILE N 101 20.95 53.96 -37.06
N ALA N 102 21.42 55.14 -36.68
CA ALA N 102 22.84 55.48 -36.78
C ALA N 102 23.50 55.21 -35.44
N VAL N 103 24.50 54.33 -35.44
CA VAL N 103 25.30 54.12 -34.24
C VAL N 103 26.51 55.04 -34.33
N THR N 104 27.28 55.11 -33.25
CA THR N 104 28.54 55.85 -33.23
C THR N 104 29.47 55.25 -32.18
N GLY N 105 30.24 54.23 -32.53
CA GLY N 105 31.04 53.54 -31.55
C GLY N 105 32.33 54.26 -31.20
N VAL N 106 32.87 53.91 -30.04
CA VAL N 106 34.12 54.47 -29.54
C VAL N 106 34.92 53.36 -28.88
N ALA N 107 36.22 53.62 -28.70
CA ALA N 107 37.12 52.67 -28.05
C ALA N 107 38.45 53.38 -27.80
N VAL N 108 39.34 52.69 -27.07
CA VAL N 108 40.69 53.17 -26.82
C VAL N 108 41.74 52.35 -27.57
N SER N 109 41.33 51.32 -28.29
CA SER N 109 42.25 50.48 -29.06
C SER N 109 42.19 50.85 -30.53
N LYS N 110 43.36 51.13 -31.11
CA LYS N 110 43.40 51.48 -32.53
C LYS N 110 43.06 50.28 -33.41
N GLU N 111 43.50 49.09 -33.00
CA GLU N 111 43.23 47.88 -33.78
C GLU N 111 41.73 47.62 -33.88
N GLN N 112 41.00 47.77 -32.78
CA GLN N 112 39.56 47.49 -32.79
C GLN N 112 38.81 48.50 -33.65
N ILE N 113 39.13 49.79 -33.51
CA ILE N 113 38.44 50.80 -34.30
C ILE N 113 38.72 50.62 -35.79
N ALA N 114 39.96 50.25 -36.13
CA ALA N 114 40.28 49.96 -37.52
C ALA N 114 39.46 48.78 -38.04
N ALA N 115 39.36 47.71 -37.24
CA ALA N 115 38.58 46.55 -37.65
C ALA N 115 37.10 46.88 -37.79
N ALA N 116 36.58 47.77 -36.93
CA ALA N 116 35.17 48.16 -37.03
C ALA N 116 34.93 49.03 -38.26
N ASN N 117 35.87 49.92 -38.58
CA ASN N 117 35.76 50.69 -39.82
C ASN N 117 35.82 49.79 -41.03
N ARG N 118 36.63 48.73 -40.97
CA ARG N 118 36.64 47.74 -42.04
C ARG N 118 35.28 47.06 -42.16
N LEU N 119 34.69 46.68 -41.02
CA LEU N 119 33.38 46.04 -41.03
C LEU N 119 32.31 46.96 -41.63
N ALA N 120 32.31 48.23 -41.20
CA ALA N 120 31.37 49.20 -41.75
C ALA N 120 31.57 49.40 -43.24
N ALA N 121 32.81 49.28 -43.73
CA ALA N 121 33.07 49.37 -45.15
C ALA N 121 32.55 48.13 -45.88
N GLY N 122 32.80 46.93 -45.33
CA GLY N 122 32.46 45.71 -46.03
C GLY N 122 30.96 45.50 -46.19
N HIS N 123 30.16 46.04 -45.27
CA HIS N 123 28.72 45.95 -45.37
C HIS N 123 28.08 47.19 -45.99
N GLY N 124 28.88 48.14 -46.45
CA GLY N 124 28.36 49.34 -47.09
C GLY N 124 27.55 50.26 -46.19
N LEU N 125 28.01 50.44 -44.95
CA LEU N 125 27.29 51.25 -43.97
C LEU N 125 28.24 52.21 -43.27
N THR N 126 29.24 52.72 -43.99
CA THR N 126 30.12 53.73 -43.40
C THR N 126 29.45 55.07 -43.19
N GLU N 127 28.29 55.32 -43.82
CA GLU N 127 27.53 56.55 -43.61
C GLU N 127 26.64 56.51 -42.37
N ARG N 128 26.23 55.32 -41.93
CA ARG N 128 25.44 55.17 -40.71
C ARG N 128 26.22 54.60 -39.53
N LEU N 129 27.47 54.19 -39.73
CA LEU N 129 28.33 53.64 -38.69
C LEU N 129 29.59 54.48 -38.60
N THR N 130 29.83 55.07 -37.43
CA THR N 130 31.02 55.86 -37.16
C THR N 130 31.79 55.23 -36.00
N PHE N 131 33.07 54.94 -36.22
CA PHE N 131 33.93 54.30 -35.24
C PHE N 131 35.19 55.12 -35.07
N GLU N 132 35.42 55.64 -33.85
CA GLU N 132 36.55 56.52 -33.57
C GLU N 132 37.25 56.07 -32.31
N VAL N 133 38.54 56.41 -32.21
CA VAL N 133 39.34 56.14 -31.02
C VAL N 133 39.16 57.31 -30.06
N ALA N 134 38.50 57.06 -28.93
CA ALA N 134 38.20 58.12 -27.99
C ALA N 134 38.00 57.54 -26.59
N ASP N 135 38.20 58.39 -25.59
CA ASP N 135 38.06 58.00 -24.21
C ASP N 135 36.63 58.25 -23.74
N ALA N 136 36.02 57.24 -23.11
CA ALA N 136 34.68 57.39 -22.57
C ALA N 136 34.66 58.25 -21.32
N MET N 137 35.79 58.36 -20.62
CA MET N 137 35.89 59.27 -19.48
C MET N 137 36.11 60.72 -19.92
N ARG N 138 36.36 60.97 -21.21
CA ARG N 138 36.57 62.29 -21.79
C ARG N 138 36.06 62.25 -23.23
N LEU N 139 34.74 62.15 -23.40
CA LEU N 139 34.17 62.04 -24.73
C LEU N 139 34.26 63.38 -25.46
N PRO N 140 34.60 63.37 -26.75
CA PRO N 140 34.74 64.61 -27.52
C PRO N 140 33.45 65.13 -28.15
N TYR N 141 32.31 64.48 -27.93
CA TYR N 141 31.08 64.85 -28.61
C TYR N 141 30.32 65.93 -27.83
N GLU N 142 29.38 66.56 -28.52
CA GLU N 142 28.63 67.67 -27.96
C GLU N 142 27.62 67.17 -26.92
N ASP N 143 27.18 68.10 -26.07
CA ASP N 143 26.09 67.82 -25.14
C ASP N 143 24.81 67.50 -25.92
N GLU N 144 24.11 66.45 -25.48
CA GLU N 144 22.80 66.08 -26.01
C GLU N 144 22.89 65.77 -27.51
N SER N 145 23.87 64.96 -27.89
CA SER N 145 24.06 64.59 -29.28
C SER N 145 23.39 63.27 -29.65
N PHE N 146 23.24 62.35 -28.69
CA PHE N 146 22.76 61.00 -28.97
C PHE N 146 21.39 60.77 -28.34
N ASP N 147 20.60 59.92 -29.01
CA ASP N 147 19.27 59.58 -28.50
C ASP N 147 19.34 58.53 -27.40
N CYS N 148 20.23 57.54 -27.57
CA CYS N 148 20.40 56.47 -26.58
C CYS N 148 21.82 55.95 -26.70
N ALA N 149 22.22 55.13 -25.72
CA ALA N 149 23.59 54.65 -25.67
C ALA N 149 23.63 53.34 -24.89
N TRP N 150 24.75 52.63 -25.02
CA TRP N 150 24.95 51.45 -24.20
C TRP N 150 26.44 51.20 -23.96
N ALA N 151 26.75 50.74 -22.74
CA ALA N 151 28.10 50.37 -22.32
C ALA N 151 28.09 48.87 -22.07
N ILE N 152 28.39 48.09 -23.10
CA ILE N 152 28.25 46.65 -23.09
C ILE N 152 29.54 46.03 -22.55
N GLU N 153 29.53 45.68 -21.27
CA GLU N 153 30.66 44.99 -20.62
C GLU N 153 31.95 45.79 -20.77
N SER N 154 31.85 47.12 -20.71
CA SER N 154 32.99 47.98 -20.91
C SER N 154 33.32 48.85 -19.71
N LEU N 155 32.36 49.10 -18.81
CA LEU N 155 32.60 49.99 -17.68
C LEU N 155 33.64 49.47 -16.72
N CYS N 156 33.93 48.16 -16.73
CA CYS N 156 34.97 47.62 -15.85
C CYS N 156 36.37 47.99 -16.30
N HIS N 157 36.52 48.77 -17.37
CA HIS N 157 37.82 49.29 -17.78
C HIS N 157 38.01 50.75 -17.38
N MET N 158 36.96 51.44 -16.96
CA MET N 158 36.98 52.89 -16.77
C MET N 158 36.64 53.26 -15.33
N ASP N 159 36.67 54.57 -15.07
CA ASP N 159 36.09 55.12 -13.85
C ASP N 159 34.60 55.30 -14.08
N ARG N 160 33.79 54.54 -13.35
CA ARG N 160 32.35 54.48 -13.62
C ARG N 160 31.69 55.84 -13.40
N ALA N 161 32.19 56.65 -12.47
CA ALA N 161 31.60 57.95 -12.22
C ALA N 161 31.81 58.89 -13.40
N LYS N 162 33.05 59.00 -13.87
CA LYS N 162 33.35 59.87 -15.01
C LYS N 162 32.64 59.39 -16.26
N ALA N 163 32.69 58.08 -16.52
CA ALA N 163 32.10 57.55 -17.74
C ALA N 163 30.59 57.73 -17.76
N LEU N 164 29.93 57.51 -16.62
CA LEU N 164 28.48 57.68 -16.57
C LEU N 164 28.07 59.15 -16.65
N GLY N 165 28.80 60.03 -15.95
CA GLY N 165 28.56 61.45 -16.09
C GLY N 165 28.81 61.94 -17.50
N GLU N 166 29.86 61.40 -18.15
CA GLU N 166 30.12 61.74 -19.55
C GLU N 166 28.97 61.27 -20.44
N ALA N 167 28.51 60.04 -20.23
CA ALA N 167 27.40 59.52 -21.02
C ALA N 167 26.11 60.30 -20.76
N TRP N 168 25.94 60.80 -19.53
CA TRP N 168 24.75 61.60 -19.23
C TRP N 168 24.76 62.91 -20.00
N ARG N 169 25.93 63.56 -20.08
CA ARG N 169 26.02 64.84 -20.79
C ARG N 169 25.73 64.68 -22.27
N VAL N 170 26.28 63.63 -22.90
CA VAL N 170 26.10 63.43 -24.33
C VAL N 170 24.74 62.86 -24.70
N LEU N 171 23.88 62.58 -23.72
CA LEU N 171 22.57 62.02 -23.96
C LEU N 171 21.51 63.12 -23.98
N LYS N 172 20.56 63.00 -24.91
CA LYS N 172 19.45 63.93 -24.96
C LYS N 172 18.52 63.65 -23.78
N PRO N 173 17.91 64.69 -23.20
CA PRO N 173 16.99 64.46 -22.08
C PRO N 173 15.79 63.61 -22.49
N GLY N 174 15.54 62.56 -21.71
CA GLY N 174 14.54 61.57 -22.02
C GLY N 174 15.09 60.29 -22.63
N GLY N 175 16.35 60.31 -23.09
CA GLY N 175 16.93 59.11 -23.66
C GLY N 175 17.44 58.14 -22.61
N ASP N 176 17.70 56.92 -23.04
CA ASP N 176 18.07 55.83 -22.15
C ASP N 176 19.48 55.35 -22.44
N LEU N 177 20.15 54.89 -21.38
CA LEU N 177 21.48 54.30 -21.46
C LEU N 177 21.42 52.88 -20.92
N LEU N 178 21.72 51.91 -21.78
CA LEU N 178 21.75 50.51 -21.37
C LEU N 178 23.14 50.17 -20.83
N VAL N 179 23.18 49.47 -19.71
CA VAL N 179 24.42 49.20 -19.00
C VAL N 179 24.48 47.72 -18.63
N LEU N 180 25.58 47.07 -18.99
CA LEU N 180 25.83 45.67 -18.67
C LEU N 180 27.05 45.63 -17.75
N GLU N 181 26.81 45.59 -16.44
CA GLU N 181 27.85 45.78 -15.45
C GLU N 181 27.81 44.68 -14.40
N SER N 182 28.97 44.39 -13.82
CA SER N 182 29.11 43.46 -12.70
C SER N 182 29.27 44.21 -11.39
N VAL N 183 29.07 43.48 -10.29
CA VAL N 183 29.08 44.04 -8.94
C VAL N 183 29.51 42.94 -7.97
N VAL N 184 30.18 43.33 -6.88
CA VAL N 184 30.62 42.40 -5.85
C VAL N 184 29.50 42.19 -4.83
N THR N 185 29.40 40.95 -4.34
CA THR N 185 28.50 40.63 -3.23
C THR N 185 29.24 40.29 -1.94
N GLU N 186 30.51 39.92 -2.01
CA GLU N 186 31.40 39.78 -0.87
C GLU N 186 32.36 40.96 -0.85
N GLU N 187 33.52 40.78 -0.22
CA GLU N 187 34.47 41.88 -0.01
C GLU N 187 35.68 41.82 -0.93
N LEU N 188 35.99 40.67 -1.51
CA LEU N 188 37.15 40.48 -2.38
C LEU N 188 38.47 40.57 -1.61
N THR N 189 39.24 39.49 -1.59
CA THR N 189 40.61 39.55 -1.09
C THR N 189 41.50 40.28 -2.09
N GLU N 190 42.65 40.73 -1.61
CA GLU N 190 43.59 41.45 -2.47
C GLU N 190 44.14 40.61 -3.63
N PRO N 191 44.41 39.30 -3.50
CA PRO N 191 44.80 38.53 -4.69
C PRO N 191 43.75 38.54 -5.78
N GLU N 192 42.48 38.48 -5.41
CA GLU N 192 41.41 38.53 -6.40
C GLU N 192 41.35 39.88 -7.10
N THR N 193 41.47 40.97 -6.34
CA THR N 193 41.49 42.31 -6.93
C THR N 193 42.64 42.45 -7.93
N ALA N 194 43.79 41.82 -7.63
CA ALA N 194 44.91 41.84 -8.57
C ALA N 194 44.65 40.93 -9.77
N LEU N 195 43.87 39.85 -9.59
CA LEU N 195 43.52 39.00 -10.71
C LEU N 195 42.68 39.74 -11.75
N PHE N 196 41.89 40.72 -11.30
CA PHE N 196 41.17 41.57 -12.26
C PHE N 196 42.13 42.35 -13.14
N GLU N 197 43.26 42.79 -12.57
CA GLU N 197 44.19 43.65 -13.29
C GLU N 197 45.15 42.87 -14.18
N THR N 198 45.51 41.65 -13.78
CA THR N 198 46.45 40.84 -14.56
C THR N 198 45.79 40.02 -15.65
N LEU N 199 44.56 39.52 -15.43
CA LEU N 199 43.90 38.66 -16.41
C LEU N 199 43.20 39.48 -17.51
N TYR N 200 42.24 40.30 -17.13
CA TYR N 200 41.59 41.21 -18.06
C TYR N 200 42.25 42.59 -17.93
N ALA N 201 41.50 43.69 -17.79
CA ALA N 201 42.06 45.03 -17.66
C ALA N 201 41.46 45.76 -16.46
N ALA N 202 41.56 45.11 -15.30
CA ALA N 202 41.50 45.78 -14.00
C ALA N 202 40.14 46.35 -13.59
N ASN N 203 40.20 47.29 -12.63
CA ASN N 203 39.04 47.95 -12.02
C ASN N 203 38.09 46.95 -11.38
N VAL N 204 38.23 46.77 -10.07
CA VAL N 204 37.36 45.82 -9.38
C VAL N 204 35.91 46.30 -9.45
N PRO N 205 34.91 45.41 -9.51
CA PRO N 205 33.53 45.88 -9.62
C PRO N 205 33.09 46.56 -8.33
N PRO N 206 32.23 47.56 -8.42
CA PRO N 206 31.76 48.23 -7.21
C PRO N 206 30.67 47.44 -6.51
N ARG N 207 30.03 48.04 -5.51
CA ARG N 207 28.93 47.41 -4.81
C ARG N 207 27.60 47.89 -5.35
N LEU N 208 26.55 47.12 -5.08
CA LEU N 208 25.23 47.40 -5.64
C LEU N 208 24.77 48.80 -5.27
N GLY N 209 24.68 49.10 -3.97
CA GLY N 209 24.31 50.44 -3.55
C GLY N 209 25.33 51.48 -3.97
N GLU N 210 26.62 51.12 -3.95
CA GLU N 210 27.66 52.03 -4.42
C GLU N 210 27.47 52.37 -5.89
N PHE N 211 27.21 51.34 -6.72
CA PHE N 211 27.02 51.57 -8.14
C PHE N 211 25.81 52.46 -8.42
N PHE N 212 24.70 52.20 -7.72
CA PHE N 212 23.50 53.00 -7.93
C PHE N 212 23.61 54.38 -7.28
N ASP N 213 24.46 54.54 -6.28
CA ASP N 213 24.79 55.90 -5.83
C ASP N 213 25.57 56.66 -6.89
N ILE N 214 26.41 55.97 -7.66
CA ILE N 214 27.09 56.59 -8.78
C ILE N 214 26.11 56.92 -9.91
N VAL N 215 25.23 55.97 -10.23
CA VAL N 215 24.23 56.19 -11.28
C VAL N 215 23.34 57.37 -10.93
N SER N 216 22.91 57.47 -9.67
CA SER N 216 22.15 58.64 -9.23
C SER N 216 23.00 59.91 -9.29
N GLY N 217 24.27 59.81 -8.90
CA GLY N 217 25.11 61.00 -8.86
C GLY N 217 25.39 61.61 -10.21
N ALA N 218 25.46 60.79 -11.25
CA ALA N 218 25.58 61.31 -12.60
C ALA N 218 24.28 61.94 -13.09
N GLY N 219 23.17 61.70 -12.41
CA GLY N 219 21.88 62.25 -12.78
C GLY N 219 20.94 61.27 -13.44
N PHE N 220 21.21 59.97 -13.37
CA PHE N 220 20.38 58.96 -14.02
C PHE N 220 19.32 58.44 -13.07
N HIS N 221 18.12 58.22 -13.60
CA HIS N 221 17.12 57.40 -12.94
C HIS N 221 17.31 55.95 -13.36
N THR N 222 16.80 55.04 -12.53
CA THR N 222 16.90 53.61 -12.79
C THR N 222 15.53 53.08 -13.17
N LEU N 223 15.42 52.52 -14.38
CA LEU N 223 14.17 51.99 -14.89
C LEU N 223 14.09 50.47 -14.80
N SER N 224 15.18 49.75 -15.06
CA SER N 224 15.13 48.30 -15.03
C SER N 224 16.48 47.74 -14.61
N LEU N 225 16.47 46.47 -14.22
CA LEU N 225 17.65 45.70 -13.91
C LEU N 225 17.30 44.23 -14.04
N LYS N 226 18.20 43.44 -14.62
CA LYS N 226 17.97 42.01 -14.81
C LYS N 226 19.28 41.25 -14.64
N ASP N 227 19.29 40.32 -13.70
CA ASP N 227 20.47 39.50 -13.45
C ASP N 227 20.75 38.59 -14.64
N LEU N 228 22.00 38.58 -15.10
CA LEU N 228 22.45 37.69 -16.16
C LEU N 228 23.69 36.90 -15.76
N SER N 229 23.91 36.75 -14.44
CA SER N 229 25.16 36.16 -13.94
C SER N 229 25.39 34.76 -14.50
N ALA N 230 24.32 34.01 -14.76
CA ALA N 230 24.48 32.68 -15.34
C ALA N 230 25.09 32.76 -16.74
N ASN N 231 24.71 33.79 -17.52
CA ASN N 231 25.30 33.95 -18.84
C ASN N 231 26.80 34.23 -18.75
N LEU N 232 27.20 35.10 -17.83
CA LEU N 232 28.61 35.43 -17.67
C LEU N 232 29.40 34.22 -17.15
N ALA N 233 28.85 33.51 -16.17
CA ALA N 233 29.52 32.31 -15.67
C ALA N 233 29.70 31.29 -16.78
N MET N 234 28.72 31.17 -17.67
CA MET N 234 28.82 30.21 -18.76
C MET N 234 29.83 30.67 -19.81
N THR N 235 29.76 31.94 -20.19
CA THR N 235 30.76 32.51 -21.11
C THR N 235 32.17 32.25 -20.59
N MET N 236 32.38 32.48 -19.29
CA MET N 236 33.70 32.29 -18.71
C MET N 236 34.12 30.82 -18.80
N ASN N 237 33.20 29.90 -18.55
CA ASN N 237 33.51 28.47 -18.69
C ASN N 237 33.82 28.13 -20.15
N VAL N 238 33.06 28.70 -21.08
CA VAL N 238 33.35 28.50 -22.51
C VAL N 238 34.76 28.94 -22.83
N PHE N 239 35.07 30.21 -22.51
CA PHE N 239 36.40 30.75 -22.70
C PHE N 239 37.47 29.88 -22.04
N ALA N 240 37.26 29.54 -20.77
CA ALA N 240 38.25 28.79 -20.02
C ALA N 240 38.47 27.41 -20.62
N LEU N 241 37.41 26.77 -21.12
CA LEU N 241 37.56 25.48 -21.79
C LEU N 241 38.30 25.62 -23.11
N GLY N 242 38.02 26.69 -23.86
CA GLY N 242 38.76 26.92 -25.10
C GLY N 242 40.26 27.04 -24.87
N VAL N 243 40.66 27.73 -23.81
CA VAL N 243 42.08 27.79 -23.46
C VAL N 243 42.59 26.41 -23.06
N TYR N 244 41.86 25.74 -22.16
CA TYR N 244 42.15 24.38 -21.70
C TYR N 244 42.45 23.42 -22.85
N SER N 245 42.03 23.77 -24.07
CA SER N 245 42.18 22.91 -25.22
C SER N 245 43.20 23.39 -26.24
N ARG N 246 43.56 24.67 -26.23
CA ARG N 246 44.36 25.27 -27.30
C ARG N 246 45.48 26.13 -26.71
N ARG N 247 46.32 25.53 -25.86
CA ARG N 247 47.45 26.26 -25.30
C ARG N 247 48.54 26.47 -26.34
N ALA N 248 48.83 25.44 -27.15
CA ALA N 248 49.92 25.54 -28.11
C ALA N 248 49.65 26.61 -29.17
N GLU N 249 48.37 26.79 -29.56
CA GLU N 249 48.04 27.82 -30.54
C GLU N 249 48.17 29.22 -29.95
N PHE N 250 47.71 29.41 -28.72
CA PHE N 250 47.69 30.74 -28.13
C PHE N 250 49.06 31.19 -27.65
N THR N 251 49.91 30.26 -27.21
CA THR N 251 51.28 30.63 -26.88
C THR N 251 52.05 31.07 -28.11
N GLU N 252 51.76 30.46 -29.26
CA GLU N 252 52.44 30.80 -30.51
C GLU N 252 51.91 32.10 -31.12
N ARG N 253 50.71 32.53 -30.74
CA ARG N 253 50.10 33.72 -31.31
C ARG N 253 50.19 34.90 -30.34
N PHE N 258 51.62 35.41 -21.74
CA PHE N 258 50.21 35.78 -21.70
C PHE N 258 49.33 34.57 -21.42
N VAL N 259 49.66 33.44 -22.06
CA VAL N 259 48.83 32.25 -21.92
C VAL N 259 49.03 31.60 -20.57
N ASP N 260 50.28 31.49 -20.11
CA ASP N 260 50.55 30.86 -18.82
C ASP N 260 49.86 31.58 -17.68
N GLY N 261 49.69 32.90 -17.78
CA GLY N 261 48.95 33.64 -16.76
C GLY N 261 47.47 33.31 -16.76
N LEU N 262 46.89 33.09 -17.95
CA LEU N 262 45.49 32.68 -18.01
C LEU N 262 45.30 31.27 -17.45
N LEU N 263 46.20 30.35 -17.81
CA LEU N 263 46.17 29.01 -17.22
C LEU N 263 46.19 29.06 -15.70
N ALA N 264 47.05 29.91 -15.13
CA ALA N 264 47.22 29.97 -13.68
C ALA N 264 46.08 30.68 -12.96
N GLY N 265 45.35 31.56 -13.64
CA GLY N 265 44.37 32.39 -12.96
C GLY N 265 42.91 32.11 -13.24
N LEU N 266 42.62 31.43 -14.36
CA LEU N 266 41.23 31.29 -14.80
C LEU N 266 40.38 30.52 -13.80
N GLY N 267 40.96 29.53 -13.12
CA GLY N 267 40.18 28.75 -12.17
C GLY N 267 39.81 29.55 -10.94
N SER N 268 40.78 30.24 -10.35
CA SER N 268 40.51 31.09 -9.18
C SER N 268 39.57 32.23 -9.54
N ALA N 269 39.75 32.83 -10.72
CA ALA N 269 38.85 33.89 -11.17
C ALA N 269 37.42 33.38 -11.32
N GLN N 270 37.28 32.16 -11.87
CA GLN N 270 35.95 31.55 -11.99
C GLN N 270 35.29 31.40 -10.62
N GLU N 271 36.04 30.93 -9.63
CA GLU N 271 35.49 30.76 -8.29
C GLU N 271 35.10 32.11 -7.68
N THR N 272 35.90 33.14 -7.93
CA THR N 272 35.55 34.48 -7.47
C THR N 272 34.29 34.99 -8.16
N LEU N 273 34.19 34.80 -9.47
CA LEU N 273 33.02 35.23 -10.22
C LEU N 273 31.76 34.51 -9.74
N ILE N 274 31.88 33.22 -9.44
CA ILE N 274 30.71 32.43 -9.06
C ILE N 274 30.22 32.85 -7.68
N ARG N 275 31.12 32.98 -6.71
CA ARG N 275 30.71 33.13 -5.33
C ARG N 275 30.61 34.58 -4.86
N LYS N 276 31.31 35.52 -5.51
CA LYS N 276 31.43 36.87 -4.98
C LYS N 276 30.89 37.97 -5.89
N THR N 277 30.47 37.66 -7.12
CA THR N 277 30.04 38.70 -8.05
C THR N 277 28.70 38.35 -8.71
N ARG N 278 28.03 39.38 -9.21
CA ARG N 278 26.83 39.23 -10.03
C ARG N 278 26.91 40.21 -11.19
N PHE N 279 26.19 39.87 -12.26
CA PHE N 279 26.24 40.61 -13.52
C PHE N 279 24.83 40.85 -14.03
N PHE N 280 24.50 42.10 -14.33
CA PHE N 280 23.12 42.47 -14.65
C PHE N 280 23.07 43.43 -15.83
N MET N 281 21.90 43.49 -16.46
CA MET N 281 21.59 44.44 -17.52
C MET N 281 20.63 45.49 -16.95
N ALA N 282 21.05 46.74 -16.97
CA ALA N 282 20.31 47.82 -16.33
C ALA N 282 19.98 48.91 -17.33
N THR N 283 18.74 49.40 -17.29
CA THR N 283 18.28 50.51 -18.13
C THR N 283 18.26 51.77 -17.29
N LEU N 284 19.14 52.71 -17.62
CA LEU N 284 19.20 54.01 -16.95
C LEU N 284 18.65 55.08 -17.87
N ARG N 285 17.84 55.99 -17.31
CA ARG N 285 17.23 57.06 -18.10
C ARG N 285 17.73 58.42 -17.63
N LYS N 286 18.18 59.23 -18.57
CA LYS N 286 18.37 60.64 -18.32
C LYS N 286 17.02 61.34 -18.32
N PRO N 287 16.62 61.96 -17.21
CA PRO N 287 15.26 62.51 -17.11
C PRO N 287 14.98 63.55 -18.19
N ALA N 288 13.69 63.72 -18.47
CA ALA N 288 13.23 64.65 -19.49
C ALA N 288 12.66 65.92 -18.85
N GLN O 11 9.41 7.60 -64.69
CA GLN O 11 8.29 7.14 -65.50
C GLN O 11 7.86 8.17 -66.54
N VAL O 12 8.39 9.39 -66.42
CA VAL O 12 8.04 10.48 -67.32
C VAL O 12 9.27 11.32 -67.62
N THR O 13 9.18 12.06 -68.72
CA THR O 13 10.19 13.03 -69.12
C THR O 13 9.73 14.43 -68.78
N ALA O 14 10.67 15.37 -68.83
CA ALA O 14 10.33 16.77 -68.53
C ALA O 14 9.41 17.36 -69.59
N ASP O 15 9.61 16.98 -70.86
CA ASP O 15 8.81 17.54 -71.94
C ASP O 15 7.34 17.13 -71.80
N GLU O 16 7.09 15.89 -71.38
CA GLU O 16 5.71 15.46 -71.16
C GLU O 16 5.06 16.28 -70.05
N VAL O 17 5.77 16.47 -68.93
CA VAL O 17 5.22 17.21 -67.80
C VAL O 17 5.00 18.67 -68.18
N GLY O 18 5.93 19.26 -68.94
CA GLY O 18 5.76 20.64 -69.36
C GLY O 18 4.54 20.83 -70.24
N ASP O 19 4.33 19.91 -71.20
CA ASP O 19 3.12 19.96 -72.00
C ASP O 19 1.86 19.65 -71.20
N TRP O 20 1.98 18.92 -70.07
CA TRP O 20 0.81 18.62 -69.26
C TRP O 20 0.28 19.85 -68.52
N TYR O 21 1.18 20.61 -67.89
CA TYR O 21 0.77 21.88 -67.31
C TYR O 21 0.40 22.90 -68.38
N ASP O 22 0.92 22.76 -69.60
CA ASP O 22 0.46 23.61 -70.70
C ASP O 22 -1.02 23.38 -71.00
N LYS O 23 -1.45 22.12 -71.03
CA LYS O 23 -2.81 21.82 -71.43
C LYS O 23 -3.79 21.73 -70.26
N PHE O 24 -3.35 21.29 -69.08
CA PHE O 24 -4.25 21.09 -67.96
C PHE O 24 -3.80 21.83 -66.70
N GLY O 25 -2.96 22.86 -66.84
CA GLY O 25 -2.36 23.46 -65.65
C GLY O 25 -3.33 24.33 -64.88
N GLU O 26 -4.17 25.10 -65.59
CA GLU O 26 -5.02 26.06 -64.90
C GLU O 26 -6.20 25.42 -64.18
N VAL O 27 -6.34 24.08 -64.21
CA VAL O 27 -7.40 23.45 -63.44
C VAL O 27 -7.15 23.59 -61.94
N TYR O 28 -5.88 23.70 -61.54
CA TYR O 28 -5.57 23.89 -60.12
C TYR O 28 -5.94 25.29 -59.67
N HIS O 29 -5.68 26.30 -60.49
CA HIS O 29 -6.12 27.66 -60.17
C HIS O 29 -7.64 27.79 -60.17
N LEU O 30 -8.36 26.94 -60.92
CA LEU O 30 -9.81 26.93 -60.88
C LEU O 30 -10.36 26.28 -59.61
N THR O 31 -9.61 25.36 -59.00
CA THR O 31 -10.07 24.61 -57.84
C THR O 31 -9.33 24.92 -56.56
N LEU O 32 -8.02 25.21 -56.63
CA LEU O 32 -7.21 25.31 -55.43
C LEU O 32 -6.73 26.71 -55.09
N GLY O 33 -6.58 27.60 -56.06
CA GLY O 33 -6.29 28.99 -55.76
C GLY O 33 -5.20 29.53 -56.66
N GLU O 34 -4.76 30.75 -56.30
CA GLU O 34 -3.80 31.51 -57.10
C GLU O 34 -2.39 30.93 -57.03
N SER O 35 -2.18 29.82 -56.34
CA SER O 35 -0.92 29.09 -56.36
C SER O 35 -1.19 27.67 -56.85
N VAL O 36 -0.12 26.86 -56.90
CA VAL O 36 -0.26 25.47 -57.32
C VAL O 36 0.32 24.56 -56.23
N HIS O 37 -0.23 24.62 -55.03
CA HIS O 37 0.27 23.78 -53.94
C HIS O 37 -0.83 23.61 -52.90
N CYS O 38 -0.49 22.88 -51.84
CA CYS O 38 -1.43 22.59 -50.77
C CYS O 38 -1.84 23.88 -50.06
N GLY O 39 -2.95 23.79 -49.34
CA GLY O 39 -3.35 24.81 -48.41
C GLY O 39 -2.97 24.40 -47.00
N LEU O 40 -2.72 25.40 -46.15
CA LEU O 40 -2.42 25.14 -44.75
C LEU O 40 -3.75 25.06 -44.00
N TRP O 41 -4.41 23.91 -44.13
CA TRP O 41 -5.69 23.70 -43.46
C TRP O 41 -5.51 23.40 -41.99
N PHE O 42 -4.41 22.78 -41.61
CA PHE O 42 -4.12 22.50 -40.22
C PHE O 42 -2.93 23.33 -39.78
N PRO O 43 -3.06 24.11 -38.71
CA PRO O 43 -1.93 24.92 -38.26
C PRO O 43 -0.77 24.03 -37.86
N PRO O 44 0.46 24.54 -37.98
CA PRO O 44 1.64 23.67 -37.76
C PRO O 44 1.73 23.08 -36.36
N ASP O 45 1.18 23.74 -35.35
CA ASP O 45 1.27 23.21 -33.99
C ASP O 45 0.22 22.15 -33.70
N ALA O 46 -0.60 21.79 -34.68
CA ALA O 46 -1.67 20.81 -34.47
C ALA O 46 -1.12 19.39 -34.61
N PRO O 47 -1.67 18.45 -33.84
CA PRO O 47 -1.16 17.07 -33.89
C PRO O 47 -1.42 16.41 -35.24
N VAL O 48 -0.58 15.44 -35.57
CA VAL O 48 -0.83 14.58 -36.75
C VAL O 48 -2.03 13.69 -36.46
N PRO O 49 -3.06 13.70 -37.31
CA PRO O 49 -4.26 12.91 -37.03
C PRO O 49 -3.97 11.42 -36.92
N GLN O 50 -4.91 10.69 -36.29
CA GLN O 50 -4.79 9.25 -36.18
C GLN O 50 -4.83 8.58 -37.55
N ASP O 51 -5.78 8.99 -38.39
CA ASP O 51 -5.86 8.57 -39.78
C ASP O 51 -6.14 9.79 -40.63
N MET O 52 -6.23 9.57 -41.95
CA MET O 52 -6.41 10.66 -42.89
C MET O 52 -7.80 10.70 -43.50
N GLU O 53 -8.75 9.94 -42.96
CA GLU O 53 -10.12 10.00 -43.46
C GLU O 53 -10.67 11.41 -43.27
N LEU O 54 -11.61 11.77 -44.14
CA LEU O 54 -12.17 13.13 -44.10
C LEU O 54 -12.87 13.40 -42.78
N VAL O 55 -13.56 12.40 -42.23
CA VAL O 55 -14.30 12.60 -40.99
C VAL O 55 -13.34 12.88 -39.83
N THR O 56 -12.19 12.21 -39.80
CA THR O 56 -11.27 12.37 -38.69
C THR O 56 -10.60 13.74 -38.73
N MET O 57 -10.06 14.13 -39.90
CA MET O 57 -9.49 15.46 -40.03
C MET O 57 -10.53 16.53 -39.70
N SER O 58 -11.78 16.30 -40.06
CA SER O 58 -12.85 17.21 -39.67
C SER O 58 -13.06 17.19 -38.16
N SER O 59 -12.98 16.01 -37.54
CA SER O 59 -13.21 15.90 -36.10
C SER O 59 -12.15 16.69 -35.31
N GLN O 60 -10.91 16.67 -35.78
CA GLN O 60 -9.85 17.44 -35.11
C GLN O 60 -10.10 18.94 -35.27
N ALA O 61 -10.53 19.36 -36.45
CA ALA O 61 -10.95 20.75 -36.63
C ALA O 61 -12.10 21.09 -35.70
N GLN O 62 -13.02 20.16 -35.49
CA GLN O 62 -14.13 20.38 -34.56
C GLN O 62 -13.64 20.62 -33.14
N ASP O 63 -12.68 19.80 -32.68
CA ASP O 63 -12.20 19.95 -31.31
C ASP O 63 -11.35 21.20 -31.13
N ARG O 64 -10.63 21.62 -32.17
CA ARG O 64 -9.92 22.90 -32.11
C ARG O 64 -10.91 24.06 -32.08
N TYR O 65 -11.99 23.94 -32.85
CA TYR O 65 -13.14 24.85 -32.72
C TYR O 65 -13.62 24.92 -31.28
N THR O 66 -13.87 23.77 -30.67
CA THR O 66 -14.34 23.73 -29.29
C THR O 66 -13.37 24.40 -28.34
N ASP O 67 -12.07 24.15 -28.50
CA ASP O 67 -11.07 24.83 -27.68
C ASP O 67 -11.17 26.34 -27.81
N TYR O 68 -11.43 26.83 -29.03
CA TYR O 68 -11.52 28.26 -29.26
C TYR O 68 -12.71 28.87 -28.55
N LEU O 69 -13.85 28.17 -28.56
CA LEU O 69 -15.03 28.65 -27.84
C LEU O 69 -14.77 28.69 -26.34
N ILE O 70 -14.17 27.62 -25.80
CA ILE O 70 -13.80 27.59 -24.39
C ILE O 70 -12.91 28.77 -24.05
N GLU O 71 -11.92 29.05 -24.91
CA GLU O 71 -11.01 30.16 -24.69
C GLU O 71 -11.73 31.50 -24.75
N THR O 72 -12.73 31.63 -25.62
CA THR O 72 -13.44 32.90 -25.79
C THR O 72 -14.38 33.18 -24.61
N LEU O 73 -15.19 32.20 -24.24
CA LEU O 73 -16.11 32.39 -23.13
C LEU O 73 -15.38 32.41 -21.79
N ASP O 74 -14.30 31.66 -21.67
CA ASP O 74 -13.43 31.67 -20.50
C ASP O 74 -14.20 31.34 -19.23
N PRO O 75 -14.84 30.17 -19.13
CA PRO O 75 -15.49 29.81 -17.86
C PRO O 75 -14.45 29.49 -16.80
N LYS O 76 -14.75 29.89 -15.57
CA LYS O 76 -13.80 29.74 -14.48
C LYS O 76 -14.12 28.48 -13.68
N ALA O 77 -13.08 27.91 -13.07
CA ALA O 77 -13.22 26.68 -12.31
C ALA O 77 -14.28 26.83 -11.23
N GLY O 78 -15.11 25.81 -11.08
CA GLY O 78 -16.19 25.82 -10.11
C GLY O 78 -17.49 26.42 -10.60
N GLN O 79 -17.51 27.00 -11.79
CA GLN O 79 -18.73 27.56 -12.33
C GLN O 79 -19.60 26.47 -12.95
N HIS O 80 -20.85 26.83 -13.23
CA HIS O 80 -21.81 25.94 -13.87
C HIS O 80 -22.25 26.57 -15.18
N LEU O 81 -22.07 25.84 -16.27
CA LEU O 81 -22.31 26.33 -17.63
C LEU O 81 -23.46 25.56 -18.26
N LEU O 82 -24.39 26.29 -18.87
CA LEU O 82 -25.55 25.70 -19.52
C LEU O 82 -25.29 25.61 -21.03
N ASP O 83 -25.42 24.40 -21.57
CA ASP O 83 -25.24 24.15 -22.99
C ASP O 83 -26.62 24.09 -23.64
N ILE O 84 -26.98 25.15 -24.35
CA ILE O 84 -28.29 25.27 -24.96
C ILE O 84 -28.21 24.63 -26.35
N GLY O 85 -28.74 23.41 -26.46
CA GLY O 85 -28.59 22.63 -27.68
C GLY O 85 -27.27 21.91 -27.69
N CYS O 86 -27.10 20.93 -26.80
CA CYS O 86 -25.80 20.38 -26.47
C CYS O 86 -25.37 19.22 -27.36
N GLY O 87 -26.20 18.81 -28.32
CA GLY O 87 -25.81 17.72 -29.21
C GLY O 87 -25.55 16.45 -28.42
N THR O 88 -24.44 15.78 -28.75
CA THR O 88 -24.04 14.56 -28.08
C THR O 88 -23.02 14.78 -26.98
N GLY O 89 -22.75 16.04 -26.63
CA GLY O 89 -22.09 16.37 -25.38
C GLY O 89 -20.57 16.43 -25.40
N ARG O 90 -19.93 16.22 -26.54
CA ARG O 90 -18.47 16.31 -26.56
C ARG O 90 -18.00 17.72 -26.24
N THR O 91 -18.73 18.73 -26.72
CA THR O 91 -18.39 20.11 -26.38
C THR O 91 -18.42 20.32 -24.87
N ALA O 92 -19.43 19.77 -24.20
CA ALA O 92 -19.51 19.90 -22.75
C ALA O 92 -18.38 19.14 -22.06
N LEU O 93 -18.04 17.96 -22.57
CA LEU O 93 -16.98 17.15 -21.96
C LEU O 93 -15.66 17.90 -21.93
N LYS O 94 -15.24 18.42 -23.08
CA LYS O 94 -13.96 19.13 -23.16
C LYS O 94 -13.94 20.33 -22.21
N ALA O 95 -15.03 21.10 -22.19
CA ALA O 95 -15.11 22.24 -21.28
C ALA O 95 -14.97 21.79 -19.83
N ALA O 96 -15.60 20.68 -19.48
CA ALA O 96 -15.49 20.16 -18.12
C ALA O 96 -14.07 19.75 -17.79
N ARG O 97 -13.44 19.00 -18.69
CA ARG O 97 -12.06 18.56 -18.46
C ARG O 97 -11.11 19.75 -18.39
N GLN O 98 -11.30 20.75 -19.25
CA GLN O 98 -10.29 21.79 -19.41
C GLN O 98 -10.39 22.86 -18.34
N ARG O 99 -11.60 23.24 -17.96
CA ARG O 99 -11.78 24.35 -17.03
C ARG O 99 -12.19 23.93 -15.63
N GLY O 100 -12.49 22.65 -15.39
CA GLY O 100 -12.90 22.20 -14.07
C GLY O 100 -14.23 22.80 -13.67
N ILE O 101 -15.21 22.72 -14.57
CA ILE O 101 -16.53 23.26 -14.35
C ILE O 101 -17.54 22.12 -14.37
N ALA O 102 -18.75 22.43 -13.97
CA ALA O 102 -19.92 21.59 -14.21
C ALA O 102 -20.63 22.13 -15.43
N VAL O 103 -21.18 21.21 -16.24
CA VAL O 103 -21.92 21.59 -17.43
C VAL O 103 -23.25 20.85 -17.43
N THR O 104 -24.33 21.59 -17.70
CA THR O 104 -25.66 21.03 -17.90
C THR O 104 -26.10 21.36 -19.32
N GLY O 105 -26.44 20.34 -20.09
CA GLY O 105 -26.81 20.50 -21.48
C GLY O 105 -28.24 20.05 -21.72
N VAL O 106 -28.94 20.75 -22.61
CA VAL O 106 -30.33 20.46 -22.94
C VAL O 106 -30.45 20.28 -24.44
N ALA O 107 -31.22 19.27 -24.86
CA ALA O 107 -31.50 19.05 -26.27
C ALA O 107 -32.87 18.41 -26.38
N VAL O 108 -33.45 18.48 -27.58
CA VAL O 108 -34.78 17.97 -27.83
C VAL O 108 -34.76 16.57 -28.42
N SER O 109 -33.58 15.99 -28.62
CA SER O 109 -33.44 14.66 -29.20
C SER O 109 -33.12 13.65 -28.09
N LYS O 110 -34.00 12.67 -27.92
CA LYS O 110 -33.77 11.63 -26.92
C LYS O 110 -32.47 10.90 -27.18
N GLU O 111 -32.23 10.51 -28.44
CA GLU O 111 -31.04 9.74 -28.79
C GLU O 111 -29.77 10.53 -28.49
N GLN O 112 -29.77 11.83 -28.77
CA GLN O 112 -28.58 12.64 -28.50
C GLN O 112 -28.30 12.73 -27.00
N ILE O 113 -29.34 12.92 -26.19
CA ILE O 113 -29.14 13.03 -24.74
C ILE O 113 -28.61 11.73 -24.17
N ALA O 114 -29.21 10.60 -24.55
CA ALA O 114 -28.71 9.30 -24.10
C ALA O 114 -27.23 9.13 -24.43
N ALA O 115 -26.83 9.54 -25.64
CA ALA O 115 -25.42 9.43 -26.03
C ALA O 115 -24.53 10.34 -25.18
N ALA O 116 -25.01 11.54 -24.86
CA ALA O 116 -24.23 12.43 -24.01
C ALA O 116 -24.12 11.90 -22.59
N ASN O 117 -25.14 11.21 -22.10
CA ASN O 117 -25.04 10.56 -20.80
C ASN O 117 -24.07 9.38 -20.83
N ARG O 118 -24.10 8.59 -21.91
CA ARG O 118 -23.11 7.53 -22.08
C ARG O 118 -21.70 8.10 -22.08
N LEU O 119 -21.51 9.19 -22.82
CA LEU O 119 -20.19 9.84 -22.88
C LEU O 119 -19.72 10.24 -21.48
N ALA O 120 -20.58 10.93 -20.72
CA ALA O 120 -20.22 11.36 -19.38
C ALA O 120 -19.92 10.18 -18.47
N ALA O 121 -20.64 9.07 -18.64
CA ALA O 121 -20.37 7.88 -17.84
C ALA O 121 -19.03 7.27 -18.21
N GLY O 122 -18.75 7.12 -19.51
CA GLY O 122 -17.52 6.47 -19.93
C GLY O 122 -16.28 7.25 -19.54
N HIS O 123 -16.41 8.56 -19.38
CA HIS O 123 -15.32 9.39 -18.90
C HIS O 123 -15.42 9.67 -17.41
N GLY O 124 -16.28 8.95 -16.69
CA GLY O 124 -16.45 9.10 -15.26
C GLY O 124 -16.75 10.52 -14.82
N LEU O 125 -17.72 11.17 -15.49
CA LEU O 125 -18.04 12.57 -15.23
C LEU O 125 -19.54 12.79 -15.14
N THR O 126 -20.30 11.77 -14.75
CA THR O 126 -21.74 11.96 -14.56
C THR O 126 -22.06 12.89 -13.40
N GLU O 127 -21.07 13.23 -12.57
CA GLU O 127 -21.28 14.12 -11.43
C GLU O 127 -21.06 15.60 -11.79
N ARG O 128 -20.36 15.86 -12.90
CA ARG O 128 -20.20 17.23 -13.38
C ARG O 128 -20.87 17.49 -14.73
N LEU O 129 -21.33 16.45 -15.42
CA LEU O 129 -22.00 16.58 -16.72
C LEU O 129 -23.42 16.03 -16.58
N THR O 130 -24.41 16.91 -16.60
CA THR O 130 -25.81 16.52 -16.61
C THR O 130 -26.40 16.85 -17.96
N PHE O 131 -27.09 15.88 -18.56
CA PHE O 131 -27.68 16.04 -19.90
C PHE O 131 -29.14 15.66 -19.82
N GLU O 132 -30.03 16.59 -20.18
CA GLU O 132 -31.46 16.40 -20.04
C GLU O 132 -32.18 16.75 -21.34
N VAL O 133 -33.34 16.14 -21.53
CA VAL O 133 -34.20 16.40 -22.68
C VAL O 133 -35.10 17.57 -22.33
N ALA O 134 -34.86 18.72 -22.96
CA ALA O 134 -35.60 19.93 -22.62
C ALA O 134 -35.65 20.87 -23.81
N ASP O 135 -36.65 21.74 -23.79
CA ASP O 135 -36.84 22.76 -24.80
C ASP O 135 -36.20 24.05 -24.33
N ALA O 136 -35.26 24.58 -25.11
CA ALA O 136 -34.57 25.83 -24.80
C ALA O 136 -35.49 27.04 -24.77
N MET O 137 -36.67 26.92 -25.36
CA MET O 137 -37.67 27.98 -25.29
C MET O 137 -38.59 27.86 -24.07
N ARG O 138 -38.45 26.77 -23.29
CA ARG O 138 -39.16 26.55 -22.01
C ARG O 138 -38.18 25.83 -21.07
N LEU O 139 -37.13 26.53 -20.67
CA LEU O 139 -36.11 25.93 -19.81
C LEU O 139 -36.69 25.63 -18.44
N PRO O 140 -36.52 24.41 -17.92
CA PRO O 140 -37.12 24.06 -16.64
C PRO O 140 -36.33 24.51 -15.42
N TYR O 141 -35.20 25.20 -15.60
CA TYR O 141 -34.37 25.60 -14.49
C TYR O 141 -34.83 26.92 -13.90
N GLU O 142 -34.40 27.20 -12.68
CA GLU O 142 -34.80 28.41 -11.98
C GLU O 142 -34.06 29.62 -12.53
N ASP O 143 -34.56 30.81 -12.16
CA ASP O 143 -33.88 32.05 -12.51
C ASP O 143 -32.53 32.12 -11.82
N GLU O 144 -31.52 32.59 -12.55
CA GLU O 144 -30.17 32.80 -12.03
C GLU O 144 -29.59 31.48 -11.51
N SER O 145 -29.55 30.48 -12.38
CA SER O 145 -29.00 29.18 -12.04
C SER O 145 -27.57 28.99 -12.50
N PHE O 146 -27.19 29.61 -13.62
CA PHE O 146 -25.93 29.33 -14.28
C PHE O 146 -25.06 30.58 -14.34
N ASP O 147 -23.74 30.37 -14.33
CA ASP O 147 -22.80 31.47 -14.41
C ASP O 147 -22.52 31.89 -15.84
N CYS O 148 -22.53 30.94 -16.77
CA CYS O 148 -22.37 31.23 -18.19
C CYS O 148 -23.09 30.16 -18.99
N ALA O 149 -23.21 30.40 -20.29
CA ALA O 149 -23.93 29.48 -21.16
C ALA O 149 -23.47 29.72 -22.59
N TRP O 150 -23.76 28.74 -23.46
CA TRP O 150 -23.50 28.94 -24.88
C TRP O 150 -24.50 28.16 -25.70
N ALA O 151 -24.88 28.75 -26.84
CA ALA O 151 -25.75 28.11 -27.83
C ALA O 151 -24.92 27.98 -29.10
N ILE O 152 -24.36 26.80 -29.31
CA ILE O 152 -23.40 26.54 -30.39
C ILE O 152 -24.18 25.98 -31.57
N GLU O 153 -24.52 26.86 -32.52
CA GLU O 153 -25.17 26.48 -33.79
C GLU O 153 -26.47 25.73 -33.53
N SER O 154 -27.28 26.26 -32.62
CA SER O 154 -28.56 25.67 -32.27
C SER O 154 -29.73 26.63 -32.35
N LEU O 155 -29.50 27.94 -32.33
CA LEU O 155 -30.60 28.90 -32.40
C LEU O 155 -31.39 28.80 -33.70
N CYS O 156 -30.82 28.20 -34.74
CA CYS O 156 -31.53 28.04 -36.01
C CYS O 156 -32.67 27.04 -35.93
N HIS O 157 -32.81 26.32 -34.82
CA HIS O 157 -33.93 25.42 -34.64
C HIS O 157 -35.01 26.00 -33.74
N MET O 158 -34.84 27.25 -33.29
CA MET O 158 -35.69 27.82 -32.26
C MET O 158 -36.19 29.20 -32.66
N ASP O 159 -37.24 29.64 -31.98
CA ASP O 159 -37.61 31.05 -31.95
C ASP O 159 -36.57 31.79 -31.12
N ARG O 160 -35.77 32.63 -31.76
CA ARG O 160 -34.64 33.25 -31.08
C ARG O 160 -35.06 34.23 -30.00
N ALA O 161 -36.26 34.81 -30.09
CA ALA O 161 -36.73 35.71 -29.02
C ALA O 161 -37.00 34.96 -27.73
N LYS O 162 -37.68 33.82 -27.83
CA LYS O 162 -37.98 33.03 -26.63
C LYS O 162 -36.71 32.41 -26.03
N ALA O 163 -35.86 31.84 -26.87
CA ALA O 163 -34.68 31.15 -26.37
C ALA O 163 -33.69 32.12 -25.72
N LEU O 164 -33.52 33.31 -26.31
CA LEU O 164 -32.59 34.28 -25.74
C LEU O 164 -33.10 34.84 -24.42
N GLY O 165 -34.39 35.15 -24.33
CA GLY O 165 -34.95 35.62 -23.07
C GLY O 165 -34.90 34.56 -21.99
N GLU O 166 -35.15 33.30 -22.36
CA GLU O 166 -35.07 32.22 -21.39
C GLU O 166 -33.63 32.00 -20.93
N ALA O 167 -32.67 32.09 -21.85
CA ALA O 167 -31.27 32.06 -21.47
C ALA O 167 -30.93 33.22 -20.55
N TRP O 168 -31.46 34.42 -20.84
CA TRP O 168 -31.28 35.57 -19.96
C TRP O 168 -31.82 35.30 -18.56
N ARG O 169 -32.97 34.64 -18.48
CA ARG O 169 -33.61 34.39 -17.19
C ARG O 169 -32.80 33.43 -16.34
N VAL O 170 -32.25 32.37 -16.95
CA VAL O 170 -31.52 31.35 -16.20
C VAL O 170 -30.09 31.75 -15.90
N LEU O 171 -29.65 32.92 -16.33
CA LEU O 171 -28.29 33.38 -16.10
C LEU O 171 -28.22 34.25 -14.85
N LYS O 172 -27.14 34.10 -14.10
CA LYS O 172 -26.87 35.03 -13.01
C LYS O 172 -26.47 36.38 -13.60
N PRO O 173 -26.91 37.49 -13.00
CA PRO O 173 -26.53 38.80 -13.53
C PRO O 173 -25.02 38.99 -13.53
N GLY O 174 -24.49 39.41 -14.67
CA GLY O 174 -23.06 39.47 -14.89
C GLY O 174 -22.50 38.31 -15.66
N GLY O 175 -23.29 37.27 -15.90
CA GLY O 175 -22.82 36.14 -16.68
C GLY O 175 -22.82 36.45 -18.17
N ASP O 176 -22.27 35.50 -18.94
CA ASP O 176 -22.14 35.64 -20.38
C ASP O 176 -22.79 34.47 -21.09
N LEU O 177 -23.33 34.75 -22.28
CA LEU O 177 -23.89 33.74 -23.17
C LEU O 177 -23.15 33.80 -24.49
N LEU O 178 -22.47 32.72 -24.86
CA LEU O 178 -21.77 32.63 -26.13
C LEU O 178 -22.73 32.09 -27.19
N VAL O 179 -22.80 32.79 -28.33
CA VAL O 179 -23.77 32.48 -29.37
C VAL O 179 -23.05 32.34 -30.70
N LEU O 180 -23.29 31.23 -31.38
CA LEU O 180 -22.80 30.98 -32.74
C LEU O 180 -24.02 30.95 -33.65
N GLU O 181 -24.27 32.08 -34.33
CA GLU O 181 -25.52 32.29 -35.05
C GLU O 181 -25.24 32.76 -36.46
N SER O 182 -26.16 32.41 -37.37
CA SER O 182 -26.14 32.86 -38.75
C SER O 182 -27.11 34.02 -38.96
N VAL O 183 -26.93 34.73 -40.06
CA VAL O 183 -27.69 35.93 -40.39
C VAL O 183 -27.80 36.03 -41.91
N VAL O 184 -28.96 36.49 -42.39
CA VAL O 184 -29.13 36.74 -43.82
C VAL O 184 -28.59 38.12 -44.18
N THR O 185 -27.91 38.19 -45.32
CA THR O 185 -27.49 39.46 -45.88
C THR O 185 -28.37 39.92 -47.03
N GLU O 186 -29.07 38.99 -47.69
CA GLU O 186 -30.03 39.30 -48.74
C GLU O 186 -31.44 39.04 -48.21
N GLU O 187 -32.41 38.93 -49.12
CA GLU O 187 -33.82 38.79 -48.74
C GLU O 187 -34.28 37.34 -48.66
N LEU O 188 -33.62 36.43 -49.40
CA LEU O 188 -33.96 35.01 -49.47
C LEU O 188 -35.27 34.77 -50.23
N THR O 189 -35.22 33.93 -51.25
CA THR O 189 -36.42 33.52 -51.96
C THR O 189 -37.16 32.43 -51.18
N GLU O 190 -38.41 32.21 -51.55
CA GLU O 190 -39.27 31.25 -50.85
C GLU O 190 -38.78 29.80 -50.98
N PRO O 191 -38.24 29.38 -52.13
CA PRO O 191 -37.61 28.05 -52.17
C PRO O 191 -36.36 27.95 -51.32
N GLU O 192 -35.56 29.02 -51.24
CA GLU O 192 -34.39 29.02 -50.36
C GLU O 192 -34.81 28.89 -48.90
N THR O 193 -35.89 29.58 -48.50
CA THR O 193 -36.39 29.45 -47.14
C THR O 193 -36.92 28.04 -46.87
N ALA O 194 -37.42 27.36 -47.90
CA ALA O 194 -37.92 25.99 -47.73
C ALA O 194 -36.79 24.98 -47.63
N LEU O 195 -35.62 25.28 -48.22
CA LEU O 195 -34.50 24.34 -48.15
C LEU O 195 -34.00 24.17 -46.72
N PHE O 196 -33.99 25.24 -45.93
CA PHE O 196 -33.69 25.13 -44.50
C PHE O 196 -34.59 24.08 -43.85
N GLU O 197 -35.87 24.11 -44.16
CA GLU O 197 -36.82 23.22 -43.52
C GLU O 197 -36.62 21.78 -43.98
N THR O 198 -36.38 21.57 -45.27
CA THR O 198 -36.34 20.21 -45.80
C THR O 198 -34.99 19.55 -45.56
N LEU O 199 -33.90 20.29 -45.71
CA LEU O 199 -32.58 19.70 -45.53
C LEU O 199 -32.22 19.53 -44.05
N TYR O 200 -32.08 20.65 -43.35
CA TYR O 200 -31.79 20.61 -41.92
C TYR O 200 -33.10 20.67 -41.14
N ALA O 201 -33.16 21.51 -40.11
CA ALA O 201 -34.39 21.70 -39.34
C ALA O 201 -34.78 23.16 -39.25
N ALA O 202 -34.65 23.88 -40.37
CA ALA O 202 -35.43 25.09 -40.67
C ALA O 202 -35.09 26.34 -39.89
N ASN O 203 -36.13 27.17 -39.69
CA ASN O 203 -36.05 28.54 -39.18
C ASN O 203 -35.02 29.36 -39.93
N VAL O 204 -35.50 30.19 -40.86
CA VAL O 204 -34.59 31.01 -41.67
C VAL O 204 -33.84 31.96 -40.77
N PRO O 205 -32.55 32.23 -41.03
CA PRO O 205 -31.81 33.11 -40.14
C PRO O 205 -32.35 34.53 -40.19
N PRO O 206 -32.27 35.26 -39.09
CA PRO O 206 -32.79 36.63 -39.05
C PRO O 206 -31.80 37.59 -39.70
N ARG O 207 -32.17 38.87 -39.71
CA ARG O 207 -31.29 39.92 -40.18
C ARG O 207 -30.45 40.45 -39.03
N LEU O 208 -29.35 41.10 -39.39
CA LEU O 208 -28.38 41.56 -38.40
C LEU O 208 -29.03 42.49 -37.37
N GLY O 209 -29.65 43.57 -37.86
CA GLY O 209 -30.35 44.48 -36.94
C GLY O 209 -31.49 43.80 -36.23
N GLU O 210 -32.24 42.94 -36.93
CA GLU O 210 -33.36 42.25 -36.30
C GLU O 210 -32.88 41.33 -35.18
N PHE O 211 -31.81 40.57 -35.44
CA PHE O 211 -31.24 39.70 -34.42
C PHE O 211 -30.85 40.50 -33.18
N PHE O 212 -30.17 41.62 -33.38
CA PHE O 212 -29.72 42.43 -32.25
C PHE O 212 -30.84 43.26 -31.64
N ASP O 213 -31.94 43.48 -32.37
CA ASP O 213 -33.16 43.97 -31.72
C ASP O 213 -33.69 42.92 -30.75
N ILE O 214 -33.62 41.65 -31.13
CA ILE O 214 -34.04 40.57 -30.24
C ILE O 214 -33.09 40.47 -29.04
N VAL O 215 -31.78 40.54 -29.29
CA VAL O 215 -30.79 40.44 -28.23
C VAL O 215 -31.02 41.53 -27.19
N SER O 216 -31.19 42.78 -27.64
CA SER O 216 -31.49 43.87 -26.71
C SER O 216 -32.81 43.64 -26.00
N GLY O 217 -33.80 43.08 -26.70
CA GLY O 217 -35.09 42.86 -26.08
C GLY O 217 -35.03 41.85 -24.95
N ALA O 218 -34.18 40.83 -25.10
CA ALA O 218 -33.98 39.87 -24.01
C ALA O 218 -33.33 40.53 -22.80
N GLY O 219 -32.75 41.72 -22.97
CA GLY O 219 -31.97 42.35 -21.92
C GLY O 219 -30.49 42.11 -22.03
N PHE O 220 -30.02 41.52 -23.12
CA PHE O 220 -28.59 41.27 -23.29
C PHE O 220 -27.88 42.50 -23.85
N HIS O 221 -26.68 42.73 -23.35
CA HIS O 221 -25.75 43.65 -24.01
C HIS O 221 -24.82 42.84 -24.90
N THR O 222 -24.32 43.49 -25.94
CA THR O 222 -23.46 42.84 -26.92
C THR O 222 -22.01 43.24 -26.66
N LEU O 223 -21.16 42.26 -26.38
CA LEU O 223 -19.76 42.50 -26.05
C LEU O 223 -18.81 42.24 -27.21
N SER O 224 -19.04 41.18 -27.98
CA SER O 224 -18.13 40.84 -29.06
C SER O 224 -18.89 40.20 -30.20
N LEU O 225 -18.25 40.20 -31.38
CA LEU O 225 -18.75 39.52 -32.56
C LEU O 225 -17.54 39.24 -33.45
N LYS O 226 -17.53 38.08 -34.09
CA LYS O 226 -16.43 37.73 -34.97
C LYS O 226 -16.94 36.83 -36.09
N ASP O 227 -16.67 37.23 -37.32
CA ASP O 227 -17.12 36.44 -38.46
C ASP O 227 -16.35 35.13 -38.52
N LEU O 228 -17.09 34.03 -38.64
CA LEU O 228 -16.53 32.71 -38.87
C LEU O 228 -17.22 32.05 -40.07
N SER O 229 -17.63 32.86 -41.04
CA SER O 229 -18.41 32.35 -42.16
C SER O 229 -17.62 31.36 -43.00
N ALA O 230 -16.33 31.63 -43.21
CA ALA O 230 -15.48 30.72 -43.98
C ALA O 230 -15.48 29.32 -43.36
N ASN O 231 -15.44 29.24 -42.02
CA ASN O 231 -15.44 27.95 -41.35
C ASN O 231 -16.72 27.17 -41.63
N LEU O 232 -17.87 27.87 -41.62
CA LEU O 232 -19.13 27.20 -41.95
C LEU O 232 -19.17 26.78 -43.41
N ALA O 233 -18.59 27.58 -44.30
CA ALA O 233 -18.57 27.23 -45.72
C ALA O 233 -17.72 25.98 -45.96
N MET O 234 -16.53 25.93 -45.36
CA MET O 234 -15.68 24.76 -45.52
C MET O 234 -16.32 23.52 -44.92
N THR O 235 -16.98 23.67 -43.76
CA THR O 235 -17.65 22.54 -43.13
C THR O 235 -18.79 22.02 -44.00
N MET O 236 -19.61 22.93 -44.51
CA MET O 236 -20.72 22.52 -45.38
C MET O 236 -20.19 21.85 -46.65
N ASN O 237 -18.99 22.23 -47.09
CA ASN O 237 -18.35 21.51 -48.19
C ASN O 237 -17.93 20.10 -47.76
N VAL O 238 -17.35 19.99 -46.56
CA VAL O 238 -16.96 18.67 -46.04
C VAL O 238 -18.18 17.78 -45.93
N PHE O 239 -19.28 18.32 -45.43
CA PHE O 239 -20.51 17.56 -45.32
C PHE O 239 -21.01 17.15 -46.71
N ALA O 240 -20.99 18.09 -47.66
CA ALA O 240 -21.46 17.79 -49.01
C ALA O 240 -20.59 16.73 -49.68
N LEU O 241 -19.27 16.90 -49.61
CA LEU O 241 -18.37 15.91 -50.21
C LEU O 241 -18.56 14.55 -49.57
N GLY O 242 -18.75 14.51 -48.25
CA GLY O 242 -18.98 13.24 -47.58
C GLY O 242 -20.24 12.55 -48.06
N VAL O 243 -21.30 13.33 -48.27
CA VAL O 243 -22.56 12.76 -48.76
C VAL O 243 -22.41 12.30 -50.21
N TYR O 244 -21.81 13.15 -51.05
CA TYR O 244 -21.60 12.80 -52.45
C TYR O 244 -20.83 11.48 -52.57
N SER O 245 -19.79 11.31 -51.78
CA SER O 245 -18.91 10.16 -51.93
C SER O 245 -19.57 8.88 -51.45
N ARG O 246 -20.42 8.96 -50.43
CA ARG O 246 -20.94 7.76 -49.78
C ARG O 246 -22.47 7.71 -49.86
N ARG O 247 -23.00 7.90 -51.06
CA ARG O 247 -24.46 7.84 -51.26
C ARG O 247 -25.00 6.47 -50.88
N ALA O 248 -24.30 5.41 -51.32
CA ALA O 248 -24.79 4.06 -51.06
C ALA O 248 -24.84 3.75 -49.57
N GLU O 249 -23.75 4.03 -48.87
CA GLU O 249 -23.70 3.79 -47.43
C GLU O 249 -24.79 4.56 -46.70
N PHE O 250 -25.03 5.80 -47.10
CA PHE O 250 -26.01 6.62 -46.41
C PHE O 250 -27.44 6.22 -46.76
N THR O 251 -27.67 5.74 -47.99
CA THR O 251 -29.00 5.27 -48.34
C THR O 251 -29.35 3.99 -47.59
N GLU O 252 -28.35 3.14 -47.31
CA GLU O 252 -28.61 1.88 -46.62
C GLU O 252 -28.89 2.07 -45.13
N ARG O 253 -28.57 3.25 -44.58
CA ARG O 253 -28.77 3.50 -43.16
C ARG O 253 -29.84 4.55 -42.87
N PHE O 254 -29.99 5.57 -43.72
CA PHE O 254 -30.93 6.65 -43.49
C PHE O 254 -32.09 6.65 -44.49
N GLY O 255 -32.10 5.75 -45.45
CA GLY O 255 -33.16 5.73 -46.44
C GLY O 255 -32.83 6.54 -47.68
N ALA O 256 -33.46 6.15 -48.80
CA ALA O 256 -33.21 6.84 -50.06
C ALA O 256 -33.80 8.25 -50.06
N GLU O 257 -34.97 8.42 -49.45
CA GLU O 257 -35.64 9.72 -49.45
C GLU O 257 -34.77 10.80 -48.82
N PHE O 258 -34.09 10.47 -47.72
CA PHE O 258 -33.28 11.46 -47.03
C PHE O 258 -32.03 11.81 -47.81
N VAL O 259 -31.29 10.80 -48.27
CA VAL O 259 -30.06 11.04 -49.02
C VAL O 259 -30.35 11.78 -50.31
N ASP O 260 -31.33 11.29 -51.08
CA ASP O 260 -31.70 11.95 -52.33
C ASP O 260 -32.12 13.40 -52.09
N GLY O 261 -32.75 13.69 -50.95
CA GLY O 261 -33.05 15.08 -50.62
C GLY O 261 -31.79 15.91 -50.45
N LEU O 262 -30.79 15.37 -49.74
CA LEU O 262 -29.53 16.08 -49.58
C LEU O 262 -28.84 16.29 -50.92
N LEU O 263 -28.74 15.23 -51.73
CA LEU O 263 -28.06 15.34 -53.01
C LEU O 263 -28.67 16.44 -53.87
N ALA O 264 -30.00 16.48 -53.97
CA ALA O 264 -30.68 17.46 -54.80
C ALA O 264 -30.70 18.86 -54.20
N GLY O 265 -30.31 19.02 -52.93
CA GLY O 265 -30.43 20.32 -52.28
C GLY O 265 -29.12 20.95 -51.84
N LEU O 266 -28.07 20.14 -51.68
CA LEU O 266 -26.84 20.65 -51.07
C LEU O 266 -26.14 21.67 -51.95
N GLY O 267 -26.22 21.52 -53.27
CA GLY O 267 -25.60 22.46 -54.18
C GLY O 267 -26.19 23.85 -54.04
N SER O 268 -27.51 23.95 -54.21
CA SER O 268 -28.19 25.23 -54.10
C SER O 268 -28.07 25.81 -52.70
N ALA O 269 -28.13 24.94 -51.68
CA ALA O 269 -27.99 25.40 -50.30
C ALA O 269 -26.60 25.98 -50.05
N GLN O 270 -25.57 25.32 -50.58
CA GLN O 270 -24.21 25.87 -50.48
C GLN O 270 -24.14 27.26 -51.09
N GLU O 271 -24.76 27.43 -52.26
CA GLU O 271 -24.73 28.72 -52.94
C GLU O 271 -25.44 29.79 -52.11
N THR O 272 -26.64 29.47 -51.62
CA THR O 272 -27.38 30.41 -50.76
C THR O 272 -26.56 30.80 -49.54
N LEU O 273 -25.85 29.84 -48.96
CA LEU O 273 -24.98 30.12 -47.82
C LEU O 273 -23.86 31.07 -48.21
N ILE O 274 -23.22 30.81 -49.34
CA ILE O 274 -22.11 31.66 -49.79
C ILE O 274 -22.59 33.09 -50.02
N ARG O 275 -23.68 33.24 -50.78
CA ARG O 275 -24.04 34.54 -51.34
C ARG O 275 -24.90 35.39 -50.43
N LYS O 276 -25.68 34.78 -49.53
CA LYS O 276 -26.70 35.54 -48.81
C LYS O 276 -26.57 35.53 -47.29
N THR O 277 -25.71 34.69 -46.71
CA THR O 277 -25.69 34.54 -45.26
C THR O 277 -24.27 34.70 -44.71
N ARG O 278 -24.20 35.00 -43.41
CA ARG O 278 -22.95 35.09 -42.68
C ARG O 278 -23.12 34.43 -41.31
N PHE O 279 -22.02 33.91 -40.79
CA PHE O 279 -22.01 33.13 -39.56
C PHE O 279 -20.97 33.70 -38.61
N PHE O 280 -21.38 34.00 -37.37
CA PHE O 280 -20.50 34.68 -36.44
C PHE O 280 -20.61 34.09 -35.04
N MET O 281 -19.60 34.40 -34.23
CA MET O 281 -19.55 34.06 -32.81
C MET O 281 -19.66 35.34 -32.00
N ALA O 282 -20.67 35.44 -31.15
CA ALA O 282 -20.96 36.66 -30.41
C ALA O 282 -21.07 36.39 -28.92
N THR O 283 -20.54 37.30 -28.11
CA THR O 283 -20.58 37.21 -26.66
C THR O 283 -21.63 38.19 -26.14
N LEU O 284 -22.66 37.67 -25.48
CA LEU O 284 -23.73 38.47 -24.92
C LEU O 284 -23.64 38.44 -23.41
N ARG O 285 -23.75 39.60 -22.78
CA ARG O 285 -23.71 39.70 -21.32
C ARG O 285 -25.08 40.03 -20.76
N LYS O 286 -25.40 39.39 -19.63
CA LYS O 286 -26.49 39.85 -18.78
C LYS O 286 -25.97 40.92 -17.84
N PRO O 287 -26.49 42.14 -17.86
CA PRO O 287 -25.90 43.21 -17.06
C PRO O 287 -25.94 42.88 -15.57
N ALA O 288 -24.97 43.43 -14.85
CA ALA O 288 -24.82 43.17 -13.42
C ALA O 288 -25.41 44.32 -12.61
N VAL O 289 -25.75 44.01 -11.37
CA VAL O 289 -26.27 45.01 -10.44
C VAL O 289 -25.21 45.33 -9.40
N GLN P 11 -42.18 28.10 -37.48
CA GLN P 11 -41.66 27.50 -38.69
C GLN P 11 -41.50 25.99 -38.50
N VAL P 12 -40.79 25.59 -37.45
CA VAL P 12 -40.72 24.19 -37.03
C VAL P 12 -40.77 24.12 -35.51
N THR P 13 -41.24 22.99 -35.01
CA THR P 13 -41.43 22.76 -33.59
C THR P 13 -40.25 21.99 -33.01
N ALA P 14 -40.11 22.10 -31.68
CA ALA P 14 -39.05 21.36 -30.99
C ALA P 14 -39.26 19.85 -31.14
N ASP P 15 -40.49 19.39 -30.91
CA ASP P 15 -40.84 17.98 -31.13
C ASP P 15 -41.02 17.79 -32.64
N GLU P 16 -39.89 17.72 -33.33
CA GLU P 16 -39.79 17.71 -34.79
C GLU P 16 -38.31 17.76 -35.12
N VAL P 17 -37.65 18.79 -34.60
CA VAL P 17 -36.20 18.82 -34.58
C VAL P 17 -35.65 17.62 -33.79
N GLY P 18 -36.29 17.32 -32.66
CA GLY P 18 -35.89 16.14 -31.90
C GLY P 18 -36.06 14.85 -32.69
N ASP P 19 -37.17 14.72 -33.42
CA ASP P 19 -37.37 13.55 -34.26
C ASP P 19 -36.37 13.53 -35.42
N TRP P 20 -36.03 14.70 -35.95
CA TRP P 20 -35.06 14.76 -37.05
C TRP P 20 -33.70 14.25 -36.60
N TYR P 21 -33.23 14.72 -35.45
CA TYR P 21 -31.93 14.27 -34.95
C TYR P 21 -31.98 12.83 -34.45
N ASP P 22 -33.12 12.40 -33.90
CA ASP P 22 -33.27 10.99 -33.51
C ASP P 22 -33.08 10.09 -34.71
N LYS P 23 -33.55 10.52 -35.89
CA LYS P 23 -33.50 9.72 -37.10
C LYS P 23 -32.20 9.88 -37.87
N PHE P 24 -31.65 11.11 -37.94
CA PHE P 24 -30.57 11.41 -38.86
C PHE P 24 -29.36 12.05 -38.20
N GLY P 25 -29.34 12.15 -36.87
CA GLY P 25 -28.23 12.80 -36.20
C GLY P 25 -26.89 12.15 -36.50
N GLU P 26 -26.89 10.84 -36.78
CA GLU P 26 -25.64 10.12 -36.96
C GLU P 26 -24.89 10.54 -38.22
N VAL P 27 -25.56 11.20 -39.18
CA VAL P 27 -24.86 11.56 -40.41
C VAL P 27 -23.80 12.62 -40.16
N TYR P 28 -24.02 13.49 -39.17
CA TYR P 28 -23.01 14.49 -38.84
C TYR P 28 -21.79 13.85 -38.20
N HIS P 29 -21.98 12.80 -37.39
CA HIS P 29 -20.85 12.10 -36.81
C HIS P 29 -20.11 11.27 -37.86
N LEU P 30 -20.79 10.85 -38.92
CA LEU P 30 -20.14 10.07 -39.97
C LEU P 30 -19.37 10.96 -40.95
N THR P 31 -19.75 12.23 -41.08
CA THR P 31 -19.14 13.14 -42.04
C THR P 31 -18.28 14.23 -41.40
N LEU P 32 -18.70 14.78 -40.25
CA LEU P 32 -18.05 15.96 -39.70
C LEU P 32 -17.20 15.70 -38.47
N GLY P 33 -17.41 14.58 -37.76
CA GLY P 33 -16.53 14.23 -36.67
C GLY P 33 -17.33 13.87 -35.42
N GLU P 34 -16.62 13.83 -34.29
CA GLU P 34 -17.22 13.44 -33.02
C GLU P 34 -18.12 14.52 -32.42
N SER P 35 -18.11 15.73 -32.97
CA SER P 35 -19.00 16.80 -32.55
C SER P 35 -20.00 17.07 -33.67
N VAL P 36 -20.91 18.01 -33.41
CA VAL P 36 -21.94 18.38 -34.38
C VAL P 36 -21.86 19.88 -34.63
N HIS P 37 -20.69 20.38 -34.97
CA HIS P 37 -20.53 21.81 -35.24
C HIS P 37 -19.38 22.01 -36.22
N CYS P 38 -19.07 23.27 -36.48
CA CYS P 38 -18.12 23.62 -37.51
C CYS P 38 -16.71 23.18 -37.13
N GLY P 39 -15.84 23.11 -38.15
CA GLY P 39 -14.42 22.94 -37.94
C GLY P 39 -13.73 24.30 -38.02
N LEU P 40 -12.68 24.45 -37.22
CA LEU P 40 -11.90 25.70 -37.22
C LEU P 40 -10.85 25.60 -38.33
N TRP P 41 -11.35 25.68 -39.57
CA TRP P 41 -10.49 25.54 -40.74
C TRP P 41 -9.64 26.77 -40.98
N PHE P 42 -10.07 27.93 -40.52
CA PHE P 42 -9.31 29.16 -40.67
C PHE P 42 -8.92 29.69 -39.30
N PRO P 43 -7.63 29.85 -39.01
CA PRO P 43 -7.20 30.35 -37.69
C PRO P 43 -7.91 31.65 -37.33
N PRO P 44 -8.08 31.92 -36.05
CA PRO P 44 -8.83 33.12 -35.64
C PRO P 44 -8.21 34.43 -36.10
N ASP P 45 -6.88 34.52 -36.17
CA ASP P 45 -6.24 35.76 -36.60
C ASP P 45 -6.26 35.96 -38.12
N ALA P 46 -6.80 34.99 -38.87
CA ALA P 46 -6.83 35.09 -40.33
C ALA P 46 -7.93 36.05 -40.77
N PRO P 47 -7.72 36.77 -41.87
CA PRO P 47 -8.73 37.72 -42.33
C PRO P 47 -9.90 37.02 -42.99
N VAL P 48 -11.03 37.72 -43.03
CA VAL P 48 -12.23 37.18 -43.67
C VAL P 48 -12.05 37.23 -45.19
N PRO P 49 -12.24 36.11 -45.90
CA PRO P 49 -12.06 36.12 -47.36
C PRO P 49 -13.04 37.05 -48.04
N GLN P 50 -12.80 37.26 -49.35
CA GLN P 50 -13.63 38.18 -50.12
C GLN P 50 -14.93 37.50 -50.56
N ASP P 51 -14.87 36.24 -50.94
CA ASP P 51 -16.05 35.43 -51.17
C ASP P 51 -15.90 34.12 -50.39
N MET P 52 -16.93 33.27 -50.45
CA MET P 52 -16.91 31.96 -49.82
C MET P 52 -16.75 30.83 -50.82
N GLU P 53 -16.44 31.15 -52.08
CA GLU P 53 -16.23 30.11 -53.08
C GLU P 53 -15.05 29.23 -52.69
N LEU P 54 -15.21 27.92 -52.91
CA LEU P 54 -14.20 26.95 -52.49
C LEU P 54 -12.82 27.33 -52.99
N VAL P 55 -12.75 27.93 -54.19
CA VAL P 55 -11.46 28.24 -54.78
C VAL P 55 -10.78 29.38 -54.03
N THR P 56 -11.56 30.34 -53.53
CA THR P 56 -10.97 31.47 -52.82
C THR P 56 -10.50 31.08 -51.43
N MET P 57 -11.32 30.35 -50.68
CA MET P 57 -10.90 29.90 -49.37
C MET P 57 -9.66 29.01 -49.46
N SER P 58 -9.64 28.10 -50.45
CA SER P 58 -8.44 27.30 -50.68
C SER P 58 -7.26 28.16 -51.13
N SER P 59 -7.51 29.33 -51.71
CA SER P 59 -6.41 30.22 -52.09
C SER P 59 -5.81 30.90 -50.87
N GLN P 60 -6.66 31.33 -49.93
CA GLN P 60 -6.15 31.92 -48.70
C GLN P 60 -5.33 30.90 -47.91
N ALA P 61 -5.81 29.64 -47.87
CA ALA P 61 -5.03 28.58 -47.24
C ALA P 61 -3.71 28.38 -47.97
N GLN P 62 -3.71 28.50 -49.30
CA GLN P 62 -2.47 28.40 -50.07
C GLN P 62 -1.49 29.49 -49.65
N ASP P 63 -1.97 30.73 -49.53
CA ASP P 63 -1.10 31.84 -49.18
C ASP P 63 -0.52 31.66 -47.77
N ARG P 64 -1.33 31.16 -46.84
CA ARG P 64 -0.84 30.87 -45.49
C ARG P 64 0.17 29.74 -45.53
N TYR P 65 -0.04 28.75 -46.40
CA TYR P 65 0.95 27.72 -46.66
C TYR P 65 2.26 28.34 -47.14
N THR P 66 2.18 29.25 -48.11
CA THR P 66 3.37 29.93 -48.62
C THR P 66 4.06 30.72 -47.52
N ASP P 67 3.27 31.47 -46.72
CA ASP P 67 3.85 32.23 -45.61
C ASP P 67 4.65 31.33 -44.67
N TYR P 68 4.12 30.13 -44.38
CA TYR P 68 4.80 29.21 -43.48
C TYR P 68 6.11 28.70 -44.09
N LEU P 69 6.10 28.41 -45.39
CA LEU P 69 7.33 28.01 -46.06
C LEU P 69 8.38 29.11 -46.01
N ILE P 70 7.97 30.35 -46.27
CA ILE P 70 8.88 31.50 -46.15
C ILE P 70 9.45 31.56 -44.73
N GLU P 71 8.58 31.48 -43.73
CA GLU P 71 9.02 31.54 -42.34
C GLU P 71 9.96 30.40 -42.00
N THR P 72 9.71 29.21 -42.55
CA THR P 72 10.52 28.04 -42.22
C THR P 72 11.92 28.15 -42.80
N LEU P 73 12.02 28.35 -44.12
CA LEU P 73 13.32 28.49 -44.75
C LEU P 73 14.05 29.71 -44.23
N ASP P 74 13.31 30.81 -44.00
CA ASP P 74 13.83 32.06 -43.48
C ASP P 74 14.90 32.65 -44.40
N PRO P 75 14.57 33.00 -45.65
CA PRO P 75 15.56 33.65 -46.51
C PRO P 75 15.80 35.08 -46.06
N LYS P 76 17.06 35.50 -46.10
CA LYS P 76 17.46 36.79 -45.55
C LYS P 76 17.48 37.84 -46.66
N ALA P 77 17.31 39.10 -46.25
CA ALA P 77 17.21 40.20 -47.19
C ALA P 77 18.46 40.29 -48.06
N GLY P 78 18.25 40.46 -49.36
CA GLY P 78 19.37 40.56 -50.30
C GLY P 78 19.91 39.24 -50.79
N GLN P 79 19.30 38.12 -50.43
CA GLN P 79 19.76 36.82 -50.88
C GLN P 79 19.06 36.44 -52.19
N HIS P 80 19.56 35.36 -52.80
CA HIS P 80 19.01 34.84 -54.04
C HIS P 80 18.46 33.44 -53.79
N LEU P 81 17.20 33.23 -54.16
CA LEU P 81 16.49 31.98 -53.91
C LEU P 81 16.11 31.35 -55.24
N LEU P 82 16.30 30.04 -55.35
CA LEU P 82 15.98 29.29 -56.56
C LEU P 82 14.71 28.49 -56.34
N ASP P 83 13.68 28.80 -57.13
CA ASP P 83 12.38 28.12 -57.02
C ASP P 83 12.35 27.00 -58.06
N ILE P 84 12.75 25.80 -57.63
CA ILE P 84 12.79 24.63 -58.49
C ILE P 84 11.37 24.16 -58.77
N GLY P 85 10.88 24.41 -59.98
CA GLY P 85 9.50 24.12 -60.31
C GLY P 85 8.56 25.19 -59.79
N CYS P 86 8.71 26.41 -60.33
CA CYS P 86 8.10 27.60 -59.74
C CYS P 86 6.63 27.80 -60.11
N GLY P 87 6.07 26.96 -60.98
CA GLY P 87 4.68 27.15 -61.35
C GLY P 87 4.47 28.47 -62.05
N THR P 88 3.46 29.22 -61.60
CA THR P 88 3.15 30.54 -62.16
C THR P 88 3.64 31.68 -61.29
N GLY P 89 4.42 31.38 -60.24
CA GLY P 89 5.27 32.37 -59.61
C GLY P 89 4.71 33.14 -58.42
N ARG P 90 3.48 32.85 -57.98
CA ARG P 90 2.94 33.57 -56.85
C ARG P 90 3.78 33.33 -55.59
N THR P 91 4.27 32.10 -55.42
CA THR P 91 5.15 31.80 -54.30
C THR P 91 6.40 32.68 -54.33
N ALA P 92 7.04 32.77 -55.49
CA ALA P 92 8.25 33.59 -55.61
C ALA P 92 7.94 35.07 -55.37
N LEU P 93 6.76 35.53 -55.80
CA LEU P 93 6.38 36.91 -55.60
C LEU P 93 6.25 37.23 -54.11
N LYS P 94 5.44 36.45 -53.39
CA LYS P 94 5.28 36.67 -51.95
C LYS P 94 6.61 36.64 -51.22
N ALA P 95 7.52 35.75 -51.64
CA ALA P 95 8.83 35.69 -51.00
C ALA P 95 9.62 36.97 -51.27
N ALA P 96 9.58 37.47 -52.51
CA ALA P 96 10.30 38.70 -52.83
C ALA P 96 9.76 39.88 -52.05
N ARG P 97 8.44 40.02 -51.95
CA ARG P 97 7.86 41.16 -51.26
C ARG P 97 8.11 41.10 -49.76
N GLN P 98 8.04 39.90 -49.16
CA GLN P 98 8.08 39.80 -47.70
C GLN P 98 9.50 39.86 -47.17
N ARG P 99 10.46 39.30 -47.90
CA ARG P 99 11.83 39.21 -47.41
C ARG P 99 12.82 40.10 -48.17
N GLY P 100 12.35 40.84 -49.18
CA GLY P 100 13.25 41.69 -49.94
C GLY P 100 14.38 40.92 -50.57
N ILE P 101 14.06 39.83 -51.26
CA ILE P 101 15.05 38.96 -51.89
C ILE P 101 14.77 38.90 -53.39
N ALA P 102 15.73 38.38 -54.13
CA ALA P 102 15.57 38.06 -55.54
C ALA P 102 15.32 36.57 -55.69
N VAL P 103 14.40 36.21 -56.59
CA VAL P 103 14.02 34.82 -56.79
C VAL P 103 14.16 34.48 -58.26
N THR P 104 14.83 33.36 -58.55
CA THR P 104 14.91 32.80 -59.89
C THR P 104 14.14 31.48 -59.91
N GLY P 105 13.09 31.41 -60.71
CA GLY P 105 12.24 30.23 -60.81
C GLY P 105 12.37 29.57 -62.17
N VAL P 106 12.39 28.24 -62.17
CA VAL P 106 12.50 27.45 -63.39
C VAL P 106 11.33 26.48 -63.45
N ALA P 107 10.83 26.24 -64.66
CA ALA P 107 9.74 25.30 -64.90
C ALA P 107 9.82 24.84 -66.34
N VAL P 108 9.32 23.63 -66.60
CA VAL P 108 9.44 23.02 -67.91
C VAL P 108 8.23 23.36 -68.78
N SER P 109 7.37 24.24 -68.28
CA SER P 109 6.17 24.64 -69.01
C SER P 109 6.32 26.07 -69.52
N LYS P 110 6.12 26.25 -70.83
CA LYS P 110 6.20 27.58 -71.42
C LYS P 110 5.06 28.48 -70.94
N GLU P 111 3.87 27.90 -70.74
CA GLU P 111 2.72 28.70 -70.36
C GLU P 111 2.84 29.19 -68.92
N GLN P 112 3.30 28.34 -68.01
CA GLN P 112 3.47 28.75 -66.63
C GLN P 112 4.55 29.83 -66.51
N ILE P 113 5.64 29.69 -67.26
CA ILE P 113 6.68 30.71 -67.26
C ILE P 113 6.16 32.01 -67.86
N ALA P 114 5.33 31.93 -68.89
CA ALA P 114 4.69 33.13 -69.44
C ALA P 114 3.82 33.81 -68.40
N ALA P 115 3.02 33.03 -67.66
CA ALA P 115 2.16 33.61 -66.62
C ALA P 115 2.98 34.20 -65.48
N ALA P 116 4.11 33.57 -65.14
CA ALA P 116 4.94 34.08 -64.05
C ALA P 116 5.61 35.39 -64.43
N ASN P 117 6.10 35.50 -65.66
CA ASN P 117 6.69 36.75 -66.12
C ASN P 117 5.65 37.85 -66.26
N ARG P 118 4.41 37.49 -66.62
CA ARG P 118 3.32 38.45 -66.65
C ARG P 118 2.98 38.93 -65.23
N LEU P 119 3.02 38.02 -64.26
CA LEU P 119 2.78 38.41 -62.87
C LEU P 119 3.86 39.36 -62.36
N ALA P 120 5.12 39.03 -62.63
CA ALA P 120 6.22 39.89 -62.19
C ALA P 120 6.14 41.26 -62.82
N ALA P 121 5.67 41.34 -64.07
CA ALA P 121 5.52 42.63 -64.73
C ALA P 121 4.35 43.41 -64.15
N GLY P 122 3.26 42.71 -63.80
CA GLY P 122 2.12 43.38 -63.22
C GLY P 122 2.38 43.96 -61.84
N HIS P 123 3.34 43.37 -61.11
CA HIS P 123 3.73 43.88 -59.80
C HIS P 123 5.00 44.73 -59.85
N GLY P 124 5.54 44.98 -61.04
CA GLY P 124 6.73 45.80 -61.16
C GLY P 124 7.95 45.23 -60.46
N LEU P 125 8.15 43.91 -60.54
CA LEU P 125 9.27 43.26 -59.90
C LEU P 125 10.02 42.36 -60.88
N THR P 126 10.06 42.76 -62.15
CA THR P 126 10.83 42.02 -63.15
C THR P 126 12.33 42.12 -62.93
N GLU P 127 12.78 43.00 -62.04
CA GLU P 127 14.20 43.12 -61.72
C GLU P 127 14.63 42.20 -60.60
N ARG P 128 13.70 41.76 -59.74
CA ARG P 128 14.01 40.82 -58.66
C ARG P 128 13.36 39.46 -58.86
N LEU P 129 12.58 39.29 -59.94
CA LEU P 129 11.93 38.02 -60.25
C LEU P 129 12.26 37.63 -61.68
N THR P 130 13.01 36.54 -61.85
CA THR P 130 13.39 36.03 -63.15
C THR P 130 12.85 34.61 -63.30
N PHE P 131 12.02 34.39 -64.32
CA PHE P 131 11.40 33.10 -64.57
C PHE P 131 11.84 32.58 -65.93
N GLU P 132 12.28 31.32 -65.97
CA GLU P 132 12.86 30.74 -67.17
C GLU P 132 12.38 29.31 -67.36
N VAL P 133 12.31 28.88 -68.62
CA VAL P 133 11.99 27.50 -68.96
C VAL P 133 13.28 26.69 -68.88
N ALA P 134 13.41 25.88 -67.83
CA ALA P 134 14.62 25.10 -67.64
C ALA P 134 14.28 23.79 -66.95
N ASP P 135 15.15 22.81 -67.13
CA ASP P 135 15.00 21.50 -66.48
C ASP P 135 15.77 21.51 -65.17
N ALA P 136 15.13 21.03 -64.11
CA ALA P 136 15.80 20.97 -62.81
C ALA P 136 16.84 19.86 -62.77
N MET P 137 16.61 18.77 -63.50
CA MET P 137 17.61 17.71 -63.64
C MET P 137 18.77 18.11 -64.54
N ARG P 138 18.62 19.19 -65.33
CA ARG P 138 19.68 19.72 -66.19
C ARG P 138 19.73 21.25 -66.03
N LEU P 139 20.02 21.71 -64.82
CA LEU P 139 19.95 23.13 -64.52
C LEU P 139 21.02 23.90 -65.31
N PRO P 140 20.66 25.03 -65.92
CA PRO P 140 21.65 25.81 -66.67
C PRO P 140 22.21 26.99 -65.89
N TYR P 141 22.77 26.73 -64.71
CA TYR P 141 23.25 27.80 -63.84
C TYR P 141 24.63 27.47 -63.32
N GLU P 142 25.35 28.52 -62.94
CA GLU P 142 26.70 28.38 -62.41
C GLU P 142 26.67 27.64 -61.08
N ASP P 143 27.86 27.19 -60.66
CA ASP P 143 28.00 26.56 -59.36
C ASP P 143 28.12 27.63 -58.28
N GLU P 144 27.41 27.42 -57.17
CA GLU P 144 27.43 28.32 -56.02
C GLU P 144 26.94 29.72 -56.40
N SER P 145 25.71 29.76 -56.88
CA SER P 145 25.09 31.02 -57.29
C SER P 145 23.94 31.47 -56.41
N PHE P 146 23.23 30.54 -55.77
CA PHE P 146 22.03 30.85 -55.01
C PHE P 146 22.29 30.67 -53.51
N ASP P 147 21.68 31.55 -52.71
CA ASP P 147 21.79 31.45 -51.25
C ASP P 147 20.91 30.35 -50.68
N CYS P 148 19.73 30.14 -51.27
CA CYS P 148 18.81 29.11 -50.82
C CYS P 148 17.93 28.70 -51.99
N ALA P 149 17.05 27.73 -51.76
CA ALA P 149 16.22 27.17 -52.82
C ALA P 149 15.12 26.33 -52.19
N TRP P 150 14.04 26.12 -52.92
CA TRP P 150 13.00 25.21 -52.47
C TRP P 150 12.34 24.52 -53.66
N ALA P 151 12.02 23.24 -53.47
CA ALA P 151 11.26 22.45 -54.44
C ALA P 151 9.90 22.17 -53.81
N ILE P 152 8.91 22.99 -54.14
CA ILE P 152 7.59 22.91 -53.52
C ILE P 152 6.71 22.01 -54.36
N GLU P 153 6.61 20.74 -53.95
CA GLU P 153 5.69 19.77 -54.55
C GLU P 153 5.99 19.57 -56.03
N SER P 154 7.28 19.54 -56.39
CA SER P 154 7.70 19.38 -57.77
C SER P 154 8.62 18.20 -58.00
N LEU P 155 9.23 17.64 -56.95
CA LEU P 155 10.16 16.52 -57.12
C LEU P 155 9.47 15.28 -57.67
N CYS P 156 8.14 15.19 -57.61
CA CYS P 156 7.43 14.04 -58.14
C CYS P 156 7.32 14.05 -59.65
N HIS P 157 7.80 15.10 -60.31
CA HIS P 157 7.87 15.12 -61.76
C HIS P 157 9.27 14.80 -62.28
N MET P 158 10.25 14.63 -61.40
CA MET P 158 11.65 14.54 -61.79
C MET P 158 12.31 13.33 -61.17
N ASP P 159 13.48 12.98 -61.70
CA ASP P 159 14.39 12.07 -61.02
C ASP P 159 14.96 12.79 -59.80
N ARG P 160 14.64 12.28 -58.61
CA ARG P 160 14.99 12.97 -57.38
C ARG P 160 16.50 12.99 -57.15
N ALA P 161 17.21 11.93 -57.55
CA ALA P 161 18.66 11.92 -57.40
C ALA P 161 19.30 13.04 -58.21
N LYS P 162 18.95 13.13 -59.49
CA LYS P 162 19.52 14.18 -60.35
C LYS P 162 19.11 15.57 -59.87
N ALA P 163 17.81 15.78 -59.65
CA ALA P 163 17.32 17.08 -59.23
C ALA P 163 17.99 17.55 -57.95
N LEU P 164 18.19 16.65 -56.99
CA LEU P 164 18.79 17.04 -55.72
C LEU P 164 20.28 17.33 -55.86
N GLY P 165 21.01 16.49 -56.59
CA GLY P 165 22.42 16.76 -56.83
C GLY P 165 22.65 18.01 -57.66
N GLU P 166 21.68 18.35 -58.52
CA GLU P 166 21.76 19.58 -59.30
C GLU P 166 21.43 20.80 -58.43
N ALA P 167 20.43 20.66 -57.56
CA ALA P 167 20.17 21.72 -56.56
C ALA P 167 21.37 21.91 -55.63
N TRP P 168 22.07 20.82 -55.31
CA TRP P 168 23.26 20.93 -54.46
C TRP P 168 24.37 21.71 -55.14
N ARG P 169 24.57 21.49 -56.44
CA ARG P 169 25.67 22.14 -57.15
C ARG P 169 25.46 23.65 -57.26
N VAL P 170 24.22 24.08 -57.49
CA VAL P 170 23.93 25.51 -57.66
C VAL P 170 23.82 26.26 -56.36
N LEU P 171 23.90 25.58 -55.22
CA LEU P 171 23.79 26.21 -53.91
C LEU P 171 25.17 26.58 -53.38
N LYS P 172 25.25 27.73 -52.72
CA LYS P 172 26.44 28.09 -51.99
C LYS P 172 26.59 27.20 -50.76
N PRO P 173 27.82 26.87 -50.37
CA PRO P 173 28.02 26.04 -49.17
C PRO P 173 27.56 26.76 -47.91
N GLY P 174 26.70 26.08 -47.15
CA GLY P 174 26.08 26.65 -45.97
C GLY P 174 24.62 27.04 -46.16
N GLY P 175 24.16 27.16 -47.40
CA GLY P 175 22.78 27.46 -47.66
C GLY P 175 21.86 26.25 -47.46
N ASP P 176 20.57 26.48 -47.60
CA ASP P 176 19.57 25.47 -47.29
C ASP P 176 18.59 25.31 -48.45
N LEU P 177 18.09 24.08 -48.60
CA LEU P 177 17.12 23.73 -49.63
C LEU P 177 15.89 23.16 -48.94
N LEU P 178 14.76 23.83 -49.10
CA LEU P 178 13.49 23.37 -48.53
C LEU P 178 12.80 22.44 -49.52
N VAL P 179 12.40 21.26 -49.03
CA VAL P 179 11.87 20.21 -49.89
C VAL P 179 10.50 19.79 -49.36
N LEU P 180 9.49 19.78 -50.24
CA LEU P 180 8.13 19.38 -49.91
C LEU P 180 7.82 18.13 -50.71
N GLU P 181 8.05 16.97 -50.11
CA GLU P 181 8.07 15.70 -50.83
C GLU P 181 7.15 14.69 -50.15
N SER P 182 6.69 13.71 -50.94
CA SER P 182 5.91 12.58 -50.47
C SER P 182 6.74 11.30 -50.50
N VAL P 183 6.25 10.28 -49.80
CA VAL P 183 6.96 9.01 -49.63
C VAL P 183 5.92 7.92 -49.42
N VAL P 184 6.19 6.72 -49.96
CA VAL P 184 5.31 5.58 -49.76
C VAL P 184 5.59 4.95 -48.40
N THR P 185 4.54 4.49 -47.74
CA THR P 185 4.68 3.67 -46.55
C THR P 185 4.32 2.20 -46.76
N GLU P 186 3.55 1.89 -47.81
CA GLU P 186 3.25 0.54 -48.23
C GLU P 186 3.96 0.26 -49.56
N GLU P 187 3.57 -0.82 -50.23
CA GLU P 187 4.30 -1.27 -51.41
C GLU P 187 3.78 -0.69 -52.71
N LEU P 188 2.51 -0.27 -52.76
CA LEU P 188 1.85 0.22 -53.97
C LEU P 188 1.62 -0.89 -54.98
N THR P 189 0.38 -1.06 -55.41
CA THR P 189 0.07 -1.97 -56.51
C THR P 189 0.34 -1.27 -57.84
N GLU P 190 0.47 -2.08 -58.89
CA GLU P 190 0.75 -1.52 -60.22
C GLU P 190 -0.37 -0.62 -60.74
N PRO P 191 -1.66 -0.89 -60.51
CA PRO P 191 -2.67 0.11 -60.91
C PRO P 191 -2.51 1.44 -60.21
N GLU P 192 -2.16 1.43 -58.92
CA GLU P 192 -1.94 2.68 -58.20
C GLU P 192 -0.75 3.44 -58.76
N THR P 193 0.36 2.76 -59.01
CA THR P 193 1.52 3.39 -59.64
C THR P 193 1.15 3.97 -61.01
N ALA P 194 0.25 3.31 -61.74
CA ALA P 194 -0.20 3.85 -63.02
C ALA P 194 -1.10 5.06 -62.85
N LEU P 195 -1.88 5.10 -61.77
CA LEU P 195 -2.73 6.27 -61.51
C LEU P 195 -1.91 7.53 -61.32
N PHE P 196 -0.72 7.42 -60.73
CA PHE P 196 0.18 8.57 -60.63
C PHE P 196 0.48 9.15 -62.00
N GLU P 197 0.67 8.29 -63.00
CA GLU P 197 0.96 8.77 -64.35
C GLU P 197 -0.27 9.36 -65.02
N THR P 198 -1.42 8.69 -64.90
CA THR P 198 -2.60 9.07 -65.66
C THR P 198 -3.33 10.27 -65.06
N LEU P 199 -3.24 10.47 -63.75
CA LEU P 199 -3.93 11.59 -63.11
C LEU P 199 -3.05 12.84 -63.06
N TYR P 200 -1.93 12.75 -62.37
CA TYR P 200 -0.96 13.84 -62.34
C TYR P 200 0.14 13.53 -63.35
N ALA P 201 1.39 13.89 -63.05
CA ALA P 201 2.47 13.57 -63.96
C ALA P 201 3.47 12.60 -63.35
N ALA P 202 2.96 11.50 -62.80
CA ALA P 202 3.72 10.26 -62.59
C ALA P 202 4.84 10.33 -61.57
N ASN P 203 5.82 9.44 -61.75
CA ASN P 203 6.92 9.17 -60.83
C ASN P 203 6.37 8.89 -59.43
N VAL P 204 6.25 7.61 -59.10
CA VAL P 204 5.76 7.17 -57.81
C VAL P 204 6.70 7.68 -56.72
N PRO P 205 6.21 7.98 -55.53
CA PRO P 205 7.10 8.51 -54.49
C PRO P 205 8.06 7.43 -54.01
N PRO P 206 9.23 7.82 -53.53
CA PRO P 206 10.18 6.82 -53.01
C PRO P 206 9.85 6.42 -51.60
N ARG P 207 10.71 5.61 -50.99
CA ARG P 207 10.57 5.24 -49.60
C ARG P 207 11.37 6.20 -48.72
N LEU P 208 11.14 6.13 -47.41
CA LEU P 208 11.75 7.08 -46.50
C LEU P 208 13.27 6.94 -46.50
N GLY P 209 13.77 5.76 -46.13
CA GLY P 209 15.21 5.53 -46.17
C GLY P 209 15.79 5.66 -47.56
N GLU P 210 15.01 5.32 -48.58
CA GLU P 210 15.46 5.52 -49.96
C GLU P 210 15.63 6.99 -50.27
N PHE P 211 14.64 7.81 -49.91
CA PHE P 211 14.70 9.25 -50.16
C PHE P 211 15.90 9.89 -49.48
N PHE P 212 16.12 9.56 -48.20
CA PHE P 212 17.22 10.18 -47.47
C PHE P 212 18.57 9.57 -47.84
N ASP P 213 18.60 8.32 -48.32
CA ASP P 213 19.82 7.82 -48.94
C ASP P 213 20.16 8.64 -50.17
N ILE P 214 19.14 9.03 -50.95
CA ILE P 214 19.37 9.93 -52.08
C ILE P 214 19.85 11.29 -51.58
N VAL P 215 19.25 11.79 -50.51
CA VAL P 215 19.63 13.11 -49.98
C VAL P 215 21.07 13.09 -49.48
N SER P 216 21.48 11.99 -48.84
CA SER P 216 22.88 11.86 -48.44
C SER P 216 23.80 11.72 -49.65
N GLY P 217 23.36 10.97 -50.66
CA GLY P 217 24.18 10.81 -51.86
C GLY P 217 24.43 12.12 -52.60
N ALA P 218 23.43 13.02 -52.60
CA ALA P 218 23.63 14.35 -53.16
C ALA P 218 24.49 15.24 -52.28
N GLY P 219 24.81 14.81 -51.06
CA GLY P 219 25.68 15.56 -50.18
C GLY P 219 24.98 16.48 -49.20
N PHE P 220 23.67 16.33 -49.02
CA PHE P 220 22.92 17.19 -48.12
C PHE P 220 22.91 16.64 -46.71
N HIS P 221 22.89 17.53 -45.74
CA HIS P 221 22.55 17.19 -44.36
C HIS P 221 21.07 17.43 -44.13
N THR P 222 20.51 16.71 -43.17
CA THR P 222 19.10 16.81 -42.84
C THR P 222 18.94 17.54 -41.53
N LEU P 223 18.28 18.70 -41.57
CA LEU P 223 18.07 19.52 -40.39
C LEU P 223 16.66 19.40 -39.81
N SER P 224 15.65 19.21 -40.64
CA SER P 224 14.28 19.14 -40.12
C SER P 224 13.41 18.33 -41.07
N LEU P 225 12.32 17.81 -40.50
CA LEU P 225 11.26 17.15 -41.25
C LEU P 225 9.99 17.28 -40.43
N LYS P 226 8.87 17.51 -41.12
CA LYS P 226 7.61 17.71 -40.43
C LYS P 226 6.48 17.21 -41.31
N ASP P 227 5.68 16.30 -40.77
CA ASP P 227 4.55 15.75 -41.52
C ASP P 227 3.55 16.84 -41.85
N LEU P 228 3.12 16.89 -43.11
CA LEU P 228 2.05 17.76 -43.55
C LEU P 228 0.99 16.97 -44.31
N SER P 229 0.93 15.65 -44.09
CA SER P 229 0.04 14.79 -44.85
C SER P 229 -1.42 15.20 -44.72
N ALA P 230 -1.80 15.72 -43.56
CA ALA P 230 -3.18 16.19 -43.36
C ALA P 230 -3.51 17.34 -44.31
N ASN P 231 -2.54 18.20 -44.60
CA ASN P 231 -2.77 19.28 -45.56
C ASN P 231 -2.94 18.75 -46.98
N LEU P 232 -2.15 17.74 -47.35
CA LEU P 232 -2.26 17.17 -48.69
C LEU P 232 -3.59 16.46 -48.88
N ALA P 233 -4.01 15.67 -47.89
CA ALA P 233 -5.29 14.97 -48.00
C ALA P 233 -6.46 15.95 -48.15
N MET P 234 -6.46 17.04 -47.37
CA MET P 234 -7.51 18.03 -47.49
C MET P 234 -7.48 18.73 -48.85
N THR P 235 -6.29 19.14 -49.29
CA THR P 235 -6.16 19.79 -50.59
C THR P 235 -6.66 18.88 -51.71
N MET P 236 -6.33 17.59 -51.65
CA MET P 236 -6.85 16.66 -52.65
C MET P 236 -8.35 16.46 -52.52
N ASN P 237 -8.89 16.54 -51.30
CA ASN P 237 -10.34 16.52 -51.12
C ASN P 237 -10.99 17.74 -51.75
N VAL P 238 -10.40 18.92 -51.54
CA VAL P 238 -10.92 20.15 -52.13
C VAL P 238 -10.89 20.07 -53.66
N PHE P 239 -9.81 19.50 -54.20
CA PHE P 239 -9.69 19.35 -55.64
C PHE P 239 -10.75 18.41 -56.19
N ALA P 240 -10.98 17.28 -55.51
CA ALA P 240 -11.97 16.31 -55.97
C ALA P 240 -13.37 16.89 -55.93
N LEU P 241 -13.70 17.63 -54.87
CA LEU P 241 -15.03 18.23 -54.78
C LEU P 241 -15.26 19.24 -55.90
N GLY P 242 -14.25 20.04 -56.23
CA GLY P 242 -14.39 20.98 -57.34
C GLY P 242 -14.60 20.26 -58.66
N VAL P 243 -13.86 19.19 -58.90
CA VAL P 243 -14.02 18.43 -60.14
C VAL P 243 -15.40 17.79 -60.20
N TYR P 244 -15.83 17.20 -59.08
CA TYR P 244 -17.14 16.55 -59.05
C TYR P 244 -18.26 17.54 -59.35
N SER P 245 -18.21 18.72 -58.72
CA SER P 245 -19.31 19.67 -58.83
C SER P 245 -19.32 20.41 -60.16
N ARG P 246 -18.17 20.55 -60.80
CA ARG P 246 -18.04 21.39 -61.99
C ARG P 246 -17.60 20.59 -63.21
N ARG P 247 -18.09 19.34 -63.33
CA ARG P 247 -17.74 18.49 -64.46
C ARG P 247 -18.11 19.14 -65.79
N ALA P 248 -19.32 19.72 -65.86
CA ALA P 248 -19.76 20.35 -67.09
C ALA P 248 -18.82 21.49 -67.49
N GLU P 249 -18.43 22.31 -66.51
CA GLU P 249 -17.54 23.44 -66.80
C GLU P 249 -16.18 22.96 -67.27
N PHE P 250 -15.66 21.88 -66.67
CA PHE P 250 -14.30 21.44 -66.96
C PHE P 250 -14.22 20.64 -68.26
N THR P 251 -15.28 19.92 -68.62
CA THR P 251 -15.26 19.21 -69.91
C THR P 251 -15.26 20.19 -71.07
N GLU P 252 -15.87 21.37 -70.89
CA GLU P 252 -15.94 22.36 -71.96
C GLU P 252 -14.61 23.10 -72.15
N ARG P 253 -13.69 23.00 -71.20
CA ARG P 253 -12.40 23.68 -71.27
C ARG P 253 -11.23 22.74 -71.42
N PHE P 254 -11.27 21.57 -70.79
CA PHE P 254 -10.19 20.60 -70.88
C PHE P 254 -10.57 19.33 -71.62
N GLY P 255 -11.84 19.17 -71.98
CA GLY P 255 -12.24 17.98 -72.70
C GLY P 255 -12.71 16.87 -71.77
N ALA P 256 -13.57 16.00 -72.30
CA ALA P 256 -14.17 14.94 -71.49
C ALA P 256 -13.17 13.83 -71.16
N GLU P 257 -12.21 13.58 -72.05
CA GLU P 257 -11.24 12.50 -71.83
C GLU P 257 -10.47 12.72 -70.54
N PHE P 258 -10.14 13.97 -70.23
CA PHE P 258 -9.39 14.27 -69.02
C PHE P 258 -10.28 14.24 -67.78
N VAL P 259 -11.48 14.82 -67.87
CA VAL P 259 -12.33 14.94 -66.69
C VAL P 259 -12.83 13.57 -66.24
N ASP P 260 -13.21 12.71 -67.19
CA ASP P 260 -13.68 11.38 -66.83
C ASP P 260 -12.61 10.59 -66.10
N GLY P 261 -11.38 10.59 -66.63
CA GLY P 261 -10.29 9.95 -65.92
C GLY P 261 -10.07 10.56 -64.55
N LEU P 262 -10.23 11.88 -64.43
CA LEU P 262 -10.15 12.53 -63.12
C LEU P 262 -11.21 11.97 -62.17
N LEU P 263 -12.40 11.68 -62.67
CA LEU P 263 -13.50 11.19 -61.83
C LEU P 263 -13.15 9.86 -61.19
N ALA P 264 -13.04 8.81 -62.00
CA ALA P 264 -12.69 7.49 -61.46
C ALA P 264 -11.33 7.53 -60.77
N GLY P 265 -10.37 8.27 -61.33
CA GLY P 265 -9.04 8.30 -60.75
C GLY P 265 -9.02 8.89 -59.34
N LEU P 266 -9.60 10.09 -59.18
CA LEU P 266 -9.58 10.75 -57.88
C LEU P 266 -10.19 9.87 -56.79
N GLY P 267 -11.22 9.10 -57.14
CA GLY P 267 -11.81 8.16 -56.20
C GLY P 267 -10.77 7.20 -55.65
N SER P 268 -10.13 6.44 -56.53
CA SER P 268 -9.14 5.47 -56.08
C SER P 268 -7.90 6.16 -55.51
N ALA P 269 -7.48 7.27 -56.10
CA ALA P 269 -6.23 7.91 -55.70
C ALA P 269 -6.30 8.45 -54.29
N GLN P 270 -7.44 9.02 -53.90
CA GLN P 270 -7.62 9.53 -52.54
C GLN P 270 -7.37 8.41 -51.52
N GLU P 271 -7.86 7.21 -51.82
CA GLU P 271 -7.63 6.08 -50.92
C GLU P 271 -6.16 5.71 -50.85
N THR P 272 -5.49 5.67 -52.02
CA THR P 272 -4.06 5.38 -52.04
C THR P 272 -3.27 6.41 -51.23
N LEU P 273 -3.60 7.69 -51.39
CA LEU P 273 -2.88 8.75 -50.69
C LEU P 273 -3.06 8.65 -49.18
N ILE P 274 -4.28 8.34 -48.74
CA ILE P 274 -4.55 8.27 -47.30
C ILE P 274 -3.80 7.10 -46.67
N ARG P 275 -3.80 5.94 -47.33
CA ARG P 275 -3.38 4.72 -46.67
C ARG P 275 -1.92 4.36 -46.90
N LYS P 276 -1.33 4.76 -48.03
CA LYS P 276 -0.01 4.26 -48.41
C LYS P 276 1.07 5.32 -48.54
N THR P 277 0.76 6.60 -48.37
CA THR P 277 1.76 7.65 -48.54
C THR P 277 1.75 8.61 -47.37
N ARG P 278 2.84 9.38 -47.25
CA ARG P 278 2.94 10.50 -46.33
C ARG P 278 3.70 11.62 -47.01
N PHE P 279 3.41 12.85 -46.58
CA PHE P 279 3.88 14.07 -47.24
C PHE P 279 4.51 14.97 -46.18
N PHE P 280 5.73 15.43 -46.43
CA PHE P 280 6.46 16.17 -45.42
C PHE P 280 7.22 17.34 -46.02
N MET P 281 7.59 18.26 -45.14
CA MET P 281 8.48 19.39 -45.43
C MET P 281 9.81 19.13 -44.74
N ALA P 282 10.89 19.10 -45.52
CA ALA P 282 12.21 18.82 -44.99
C ALA P 282 13.15 19.98 -45.29
N THR P 283 14.02 20.29 -44.33
CA THR P 283 15.02 21.34 -44.48
C THR P 283 16.38 20.69 -44.64
N LEU P 284 16.94 20.78 -45.84
CA LEU P 284 18.22 20.18 -46.17
C LEU P 284 19.28 21.27 -46.26
N ARG P 285 20.49 20.97 -45.77
CA ARG P 285 21.58 21.93 -45.78
C ARG P 285 22.75 21.40 -46.60
N LYS P 286 23.32 22.27 -47.42
CA LYS P 286 24.59 21.98 -48.07
C LYS P 286 25.70 22.36 -47.09
N PRO P 287 26.52 21.41 -46.61
CA PRO P 287 27.49 21.74 -45.56
C PRO P 287 28.42 22.90 -45.94
N ALA P 288 28.88 23.61 -44.92
CA ALA P 288 29.71 24.79 -45.10
C ALA P 288 31.18 24.45 -44.86
N VAL P 289 32.05 25.25 -45.46
CA VAL P 289 33.50 25.09 -45.31
C VAL P 289 34.03 26.08 -44.29
N PHE Q 24 -12.50 75.61 -28.86
CA PHE Q 24 -13.46 74.70 -28.26
C PHE Q 24 -12.92 73.29 -28.15
N GLY Q 25 -12.03 72.93 -29.08
CA GLY Q 25 -11.53 71.57 -29.15
C GLY Q 25 -10.26 71.31 -28.37
N GLU Q 26 -9.45 72.36 -28.15
CA GLU Q 26 -8.16 72.19 -27.51
C GLU Q 26 -8.26 71.59 -26.12
N VAL Q 27 -9.41 71.71 -25.45
CA VAL Q 27 -9.56 71.16 -24.11
C VAL Q 27 -9.35 69.66 -24.11
N TYR Q 28 -9.77 68.97 -25.17
CA TYR Q 28 -9.57 67.53 -25.27
C TYR Q 28 -8.09 67.19 -25.31
N HIS Q 29 -7.31 67.95 -26.08
CA HIS Q 29 -5.85 67.78 -26.06
C HIS Q 29 -5.30 68.01 -24.67
N LEU Q 30 -5.76 69.09 -24.01
CA LEU Q 30 -5.24 69.48 -22.71
C LEU Q 30 -5.49 68.43 -21.63
N THR Q 31 -6.49 67.57 -21.81
CA THR Q 31 -6.85 66.56 -20.82
C THR Q 31 -6.51 65.13 -21.24
N LEU Q 32 -6.49 64.84 -22.56
CA LEU Q 32 -6.36 63.47 -23.02
C LEU Q 32 -5.09 63.17 -23.83
N GLY Q 33 -4.42 64.18 -24.37
CA GLY Q 33 -3.05 64.07 -24.80
C GLY Q 33 -2.88 64.52 -26.23
N GLU Q 34 -1.92 63.88 -26.91
CA GLU Q 34 -1.50 64.22 -28.27
C GLU Q 34 -2.52 63.83 -29.33
N SER Q 35 -3.64 63.23 -28.93
CA SER Q 35 -4.67 62.77 -29.85
C SER Q 35 -6.03 63.12 -29.27
N VAL Q 36 -7.08 62.71 -29.99
CA VAL Q 36 -8.45 63.04 -29.56
C VAL Q 36 -9.34 61.81 -29.61
N HIS Q 37 -9.09 60.86 -28.71
CA HIS Q 37 -9.93 59.66 -28.64
C HIS Q 37 -9.65 58.96 -27.31
N CYS Q 38 -10.33 57.83 -27.12
CA CYS Q 38 -10.20 57.05 -25.89
C CYS Q 38 -8.77 56.54 -25.73
N GLY Q 39 -8.45 56.13 -24.52
CA GLY Q 39 -7.18 55.50 -24.20
C GLY Q 39 -7.38 54.02 -23.96
N LEU Q 40 -6.35 53.24 -24.27
CA LEU Q 40 -6.42 51.79 -24.07
C LEU Q 40 -5.98 51.46 -22.64
N TRP Q 41 -6.84 51.85 -21.69
CA TRP Q 41 -6.54 51.61 -20.29
C TRP Q 41 -6.65 50.14 -19.93
N PHE Q 42 -7.47 49.39 -20.64
CA PHE Q 42 -7.62 47.95 -20.41
C PHE Q 42 -7.12 47.19 -21.62
N PRO Q 43 -6.13 46.31 -21.45
CA PRO Q 43 -5.64 45.55 -22.59
C PRO Q 43 -6.77 44.79 -23.25
N PRO Q 44 -6.67 44.53 -24.56
CA PRO Q 44 -7.80 43.90 -25.28
C PRO Q 44 -8.20 42.55 -24.73
N ASP Q 45 -7.25 41.75 -24.24
CA ASP Q 45 -7.57 40.41 -23.74
C ASP Q 45 -8.22 40.43 -22.36
N ALA Q 46 -8.40 41.60 -21.76
CA ALA Q 46 -9.04 41.68 -20.45
C ALA Q 46 -10.55 41.56 -20.59
N PRO Q 47 -11.22 40.96 -19.60
CA PRO Q 47 -12.67 40.82 -19.69
C PRO Q 47 -13.37 42.15 -19.51
N VAL Q 48 -14.64 42.17 -19.91
CA VAL Q 48 -15.47 43.37 -19.76
C VAL Q 48 -15.93 43.46 -18.31
N PRO Q 49 -15.70 44.59 -17.63
CA PRO Q 49 -16.07 44.70 -16.22
C PRO Q 49 -17.55 44.48 -15.99
N GLN Q 50 -17.88 44.32 -14.72
CA GLN Q 50 -19.26 44.09 -14.32
C GLN Q 50 -20.06 45.38 -14.32
N ASP Q 51 -19.49 46.46 -13.78
CA ASP Q 51 -20.08 47.78 -13.98
C ASP Q 51 -19.03 48.71 -14.58
N MET Q 52 -19.30 50.02 -14.63
CA MET Q 52 -18.33 50.98 -15.14
C MET Q 52 -17.97 52.05 -14.12
N GLU Q 53 -18.25 51.79 -12.85
CA GLU Q 53 -17.86 52.71 -11.80
C GLU Q 53 -16.34 52.69 -11.63
N LEU Q 54 -15.80 53.85 -11.24
CA LEU Q 54 -14.34 54.00 -11.14
C LEU Q 54 -13.73 52.93 -10.24
N VAL Q 55 -14.44 52.56 -9.18
CA VAL Q 55 -13.90 51.59 -8.22
C VAL Q 55 -13.77 50.21 -8.86
N THR Q 56 -14.77 49.78 -9.62
CA THR Q 56 -14.73 48.44 -10.19
C THR Q 56 -13.67 48.32 -11.27
N MET Q 57 -13.52 49.33 -12.11
CA MET Q 57 -12.47 49.31 -13.13
C MET Q 57 -11.09 49.32 -12.50
N SER Q 58 -10.91 50.10 -11.44
CA SER Q 58 -9.64 50.10 -10.71
C SER Q 58 -9.39 48.75 -10.05
N SER Q 59 -10.43 48.13 -9.52
CA SER Q 59 -10.28 46.82 -8.88
C SER Q 59 -9.84 45.76 -9.87
N GLN Q 60 -10.39 45.80 -11.09
CA GLN Q 60 -9.92 44.88 -12.12
C GLN Q 60 -8.48 45.16 -12.50
N ALA Q 61 -8.08 46.44 -12.50
CA ALA Q 61 -6.67 46.78 -12.67
C ALA Q 61 -5.84 46.29 -11.48
N GLN Q 62 -6.43 46.26 -10.28
CA GLN Q 62 -5.74 45.70 -9.13
C GLN Q 62 -5.49 44.20 -9.30
N ASP Q 63 -6.52 43.46 -9.71
CA ASP Q 63 -6.37 42.02 -9.85
C ASP Q 63 -5.38 41.65 -10.95
N ARG Q 64 -5.34 42.44 -12.03
CA ARG Q 64 -4.32 42.21 -13.06
C ARG Q 64 -2.93 42.54 -12.52
N TYR Q 65 -2.81 43.59 -11.70
CA TYR Q 65 -1.59 43.88 -10.97
C TYR Q 65 -1.15 42.66 -10.14
N THR Q 66 -2.08 42.12 -9.35
CA THR Q 66 -1.79 40.94 -8.55
C THR Q 66 -1.35 39.77 -9.43
N ASP Q 67 -2.07 39.53 -10.53
CA ASP Q 67 -1.71 38.47 -11.46
C ASP Q 67 -0.27 38.63 -11.94
N TYR Q 68 0.16 39.88 -12.15
CA TYR Q 68 1.51 40.13 -12.64
C TYR Q 68 2.54 39.84 -11.56
N LEU Q 69 2.26 40.23 -10.31
CA LEU Q 69 3.16 39.91 -9.21
C LEU Q 69 3.30 38.41 -9.03
N ILE Q 70 2.18 37.68 -9.12
CA ILE Q 70 2.23 36.23 -9.03
C ILE Q 70 3.09 35.65 -10.15
N GLU Q 71 2.90 36.15 -11.37
CA GLU Q 71 3.69 35.68 -12.51
C GLU Q 71 5.17 35.97 -12.31
N THR Q 72 5.49 37.10 -11.69
CA THR Q 72 6.88 37.49 -11.52
C THR Q 72 7.58 36.66 -10.45
N LEU Q 73 7.02 36.64 -9.24
CA LEU Q 73 7.60 35.84 -8.16
C LEU Q 73 7.52 34.35 -8.44
N ASP Q 74 6.55 33.91 -9.23
CA ASP Q 74 6.42 32.52 -9.65
C ASP Q 74 6.53 31.54 -8.49
N PRO Q 75 5.59 31.59 -7.54
CA PRO Q 75 5.55 30.55 -6.50
C PRO Q 75 5.03 29.25 -7.08
N LYS Q 76 5.61 28.15 -6.62
CA LYS Q 76 5.29 26.82 -7.11
C LYS Q 76 4.35 26.11 -6.15
N ALA Q 77 3.60 25.16 -6.69
CA ALA Q 77 2.60 24.44 -5.91
C ALA Q 77 3.24 23.76 -4.70
N GLY Q 78 2.56 23.87 -3.55
CA GLY Q 78 3.01 23.24 -2.33
C GLY Q 78 3.93 24.08 -1.48
N GLN Q 79 4.41 25.22 -1.99
CA GLN Q 79 5.26 26.10 -1.20
C GLN Q 79 4.43 26.89 -0.20
N HIS Q 80 5.10 27.68 0.64
CA HIS Q 80 4.44 28.50 1.64
C HIS Q 80 4.96 29.93 1.52
N LEU Q 81 4.06 30.86 1.24
CA LEU Q 81 4.41 32.25 0.96
C LEU Q 81 4.00 33.13 2.14
N LEU Q 82 4.85 34.11 2.45
CA LEU Q 82 4.59 35.07 3.52
C LEU Q 82 4.24 36.42 2.91
N ASP Q 83 3.07 36.95 3.27
CA ASP Q 83 2.61 38.25 2.79
C ASP Q 83 2.90 39.28 3.87
N ILE Q 84 3.95 40.07 3.64
CA ILE Q 84 4.39 41.08 4.60
C ILE Q 84 3.53 42.32 4.41
N GLY Q 85 2.61 42.57 5.34
CA GLY Q 85 1.66 43.64 5.20
C GLY Q 85 0.53 43.25 4.28
N CYS Q 86 -0.26 42.26 4.69
CA CYS Q 86 -1.18 41.55 3.81
C CYS Q 86 -2.49 42.28 3.55
N GLY Q 87 -2.76 43.41 4.21
CA GLY Q 87 -4.00 44.11 3.98
C GLY Q 87 -5.20 43.26 4.36
N THR Q 88 -6.16 43.15 3.43
CA THR Q 88 -7.36 42.36 3.64
C THR Q 88 -7.32 41.02 2.90
N GLY Q 89 -6.18 40.67 2.31
CA GLY Q 89 -5.91 39.29 1.95
C GLY Q 89 -6.37 38.83 0.58
N ARG Q 90 -6.88 39.72 -0.27
CA ARG Q 90 -7.26 39.28 -1.62
C ARG Q 90 -6.04 38.83 -2.41
N THR Q 91 -4.93 39.57 -2.29
CA THR Q 91 -3.68 39.15 -2.93
C THR Q 91 -3.28 37.76 -2.48
N ALA Q 92 -3.37 37.49 -1.17
CA ALA Q 92 -3.06 36.16 -0.67
C ALA Q 92 -4.04 35.13 -1.20
N LEU Q 93 -5.31 35.51 -1.33
CA LEU Q 93 -6.33 34.59 -1.83
C LEU Q 93 -6.05 34.19 -3.27
N LYS Q 94 -5.85 35.18 -4.15
CA LYS Q 94 -5.60 34.90 -5.56
C LYS Q 94 -4.39 33.99 -5.74
N ALA Q 95 -3.29 34.29 -5.03
CA ALA Q 95 -2.08 33.49 -5.14
C ALA Q 95 -2.33 32.04 -4.72
N ALA Q 96 -3.09 31.86 -3.63
CA ALA Q 96 -3.38 30.50 -3.16
C ALA Q 96 -4.23 29.75 -4.18
N ARG Q 97 -5.19 30.43 -4.81
CA ARG Q 97 -6.05 29.76 -5.77
C ARG Q 97 -5.31 29.43 -7.06
N GLN Q 98 -4.42 30.32 -7.50
CA GLN Q 98 -3.80 30.16 -8.81
C GLN Q 98 -2.63 29.19 -8.78
N ARG Q 99 -1.90 29.13 -7.67
CA ARG Q 99 -0.65 28.37 -7.63
C ARG Q 99 -0.69 27.17 -6.69
N GLY Q 100 -1.80 26.95 -5.97
CA GLY Q 100 -1.88 25.83 -5.05
C GLY Q 100 -0.89 25.91 -3.90
N ILE Q 101 -0.75 27.10 -3.31
CA ILE Q 101 0.20 27.33 -2.24
C ILE Q 101 -0.57 27.67 -0.97
N ALA Q 102 0.13 27.58 0.16
CA ALA Q 102 -0.33 28.16 1.40
C ALA Q 102 0.26 29.55 1.54
N VAL Q 103 -0.49 30.44 2.18
CA VAL Q 103 -0.05 31.81 2.40
C VAL Q 103 -0.30 32.18 3.85
N THR Q 104 0.70 32.77 4.48
CA THR Q 104 0.56 33.43 5.78
C THR Q 104 0.73 34.92 5.58
N GLY Q 105 -0.25 35.70 6.03
CA GLY Q 105 -0.22 37.15 5.90
C GLY Q 105 -0.22 37.82 7.25
N VAL Q 106 0.62 38.85 7.39
CA VAL Q 106 0.72 39.60 8.62
C VAL Q 106 0.39 41.05 8.35
N ALA Q 107 -0.34 41.67 9.29
CA ALA Q 107 -0.63 43.09 9.24
C ALA Q 107 -0.77 43.59 10.67
N VAL Q 108 -0.52 44.89 10.86
CA VAL Q 108 -0.64 45.49 12.19
C VAL Q 108 -2.06 45.93 12.49
N SER Q 109 -3.00 45.72 11.58
CA SER Q 109 -4.37 46.17 11.73
C SER Q 109 -5.27 45.00 12.11
N LYS Q 110 -5.93 45.11 13.27
CA LYS Q 110 -6.85 44.06 13.70
C LYS Q 110 -8.00 43.91 12.72
N GLU Q 111 -8.58 45.03 12.30
CA GLU Q 111 -9.72 44.99 11.38
C GLU Q 111 -9.35 44.30 10.07
N GLN Q 112 -8.15 44.58 9.55
CA GLN Q 112 -7.76 44.00 8.27
C GLN Q 112 -7.54 42.50 8.38
N ILE Q 113 -6.99 42.04 9.50
CA ILE Q 113 -6.78 40.61 9.67
C ILE Q 113 -8.10 39.90 9.91
N ALA Q 114 -9.02 40.54 10.64
CA ALA Q 114 -10.36 39.98 10.82
C ALA Q 114 -11.06 39.84 9.47
N ALA Q 115 -10.96 40.85 8.62
CA ALA Q 115 -11.54 40.77 7.28
C ALA Q 115 -10.88 39.67 6.46
N ALA Q 116 -9.55 39.57 6.53
CA ALA Q 116 -8.84 38.58 5.73
C ALA Q 116 -9.17 37.15 6.16
N ASN Q 117 -9.43 36.95 7.45
CA ASN Q 117 -9.83 35.62 7.90
C ASN Q 117 -11.28 35.32 7.51
N ARG Q 118 -12.11 36.35 7.41
CA ARG Q 118 -13.45 36.17 6.84
C ARG Q 118 -13.37 35.77 5.37
N LEU Q 119 -12.51 36.46 4.61
CA LEU Q 119 -12.36 36.15 3.19
C LEU Q 119 -11.93 34.71 2.97
N ALA Q 120 -10.94 34.26 3.74
CA ALA Q 120 -10.50 32.86 3.65
C ALA Q 120 -11.62 31.92 4.04
N ALA Q 121 -12.40 32.26 5.07
CA ALA Q 121 -13.46 31.38 5.54
C ALA Q 121 -14.56 31.23 4.48
N GLY Q 122 -14.92 32.33 3.81
CA GLY Q 122 -15.94 32.26 2.79
C GLY Q 122 -15.54 31.42 1.61
N HIS Q 123 -14.27 31.50 1.21
CA HIS Q 123 -13.75 30.74 0.07
C HIS Q 123 -13.30 29.34 0.45
N GLY Q 124 -13.52 28.91 1.69
CA GLY Q 124 -13.16 27.57 2.11
C GLY Q 124 -11.67 27.29 2.07
N LEU Q 125 -10.86 28.27 2.48
CA LEU Q 125 -9.41 28.17 2.39
C LEU Q 125 -8.72 28.57 3.69
N THR Q 126 -9.35 28.30 4.83
CA THR Q 126 -8.73 28.69 6.10
C THR Q 126 -7.51 27.84 6.41
N GLU Q 127 -7.45 26.60 5.92
CA GLU Q 127 -6.29 25.75 6.17
C GLU Q 127 -5.10 26.11 5.29
N ARG Q 128 -5.33 26.81 4.18
CA ARG Q 128 -4.23 27.27 3.34
C ARG Q 128 -3.94 28.76 3.50
N LEU Q 129 -4.88 29.53 4.04
CA LEU Q 129 -4.69 30.95 4.28
C LEU Q 129 -4.68 31.20 5.79
N THR Q 130 -3.57 31.76 6.27
CA THR Q 130 -3.43 32.13 7.68
C THR Q 130 -3.12 33.61 7.75
N PHE Q 131 -3.92 34.36 8.51
CA PHE Q 131 -3.76 35.80 8.63
C PHE Q 131 -3.67 36.16 10.10
N GLU Q 132 -2.60 36.84 10.49
CA GLU Q 132 -2.29 37.10 11.88
C GLU Q 132 -1.87 38.54 12.06
N VAL Q 133 -2.14 39.08 13.25
CA VAL Q 133 -1.67 40.40 13.62
C VAL Q 133 -0.23 40.26 14.12
N ALA Q 134 0.72 40.83 13.37
CA ALA Q 134 2.11 40.72 13.72
C ALA Q 134 2.88 41.87 13.10
N ASP Q 135 3.97 42.26 13.77
CA ASP Q 135 4.83 43.32 13.27
C ASP Q 135 5.89 42.73 12.34
N ALA Q 136 5.98 43.27 11.13
CA ALA Q 136 6.98 42.81 10.18
C ALA Q 136 8.40 43.17 10.60
N MET Q 137 8.55 44.14 11.50
CA MET Q 137 9.85 44.47 12.05
C MET Q 137 10.27 43.53 13.18
N ARG Q 138 9.36 42.67 13.65
CA ARG Q 138 9.60 41.65 14.68
C ARG Q 138 8.69 40.46 14.38
N LEU Q 139 9.05 39.68 13.37
CA LEU Q 139 8.23 38.54 12.99
C LEU Q 139 8.29 37.45 14.06
N PRO Q 140 7.17 36.80 14.37
CA PRO Q 140 7.19 35.70 15.34
C PRO Q 140 7.52 34.34 14.74
N TYR Q 141 7.81 34.27 13.45
CA TYR Q 141 8.03 32.99 12.78
C TYR Q 141 9.47 32.54 12.96
N GLU Q 142 9.66 31.23 12.93
CA GLU Q 142 10.99 30.67 13.10
C GLU Q 142 11.83 30.91 11.85
N ASP Q 143 13.12 30.62 11.97
CA ASP Q 143 14.04 30.79 10.85
C ASP Q 143 13.73 29.79 9.75
N GLU Q 144 13.88 30.22 8.50
CA GLU Q 144 13.77 29.35 7.33
C GLU Q 144 12.43 28.61 7.32
N SER Q 145 11.35 29.38 7.41
CA SER Q 145 10.00 28.83 7.43
C SER Q 145 9.30 28.93 6.08
N PHE Q 146 9.64 29.93 5.28
CA PHE Q 146 8.88 30.25 4.07
C PHE Q 146 9.76 30.08 2.84
N ASP Q 147 9.15 29.62 1.74
CA ASP Q 147 9.87 29.46 0.49
C ASP Q 147 10.03 30.79 -0.24
N CYS Q 148 9.07 31.70 -0.10
CA CYS Q 148 9.12 32.99 -0.76
C CYS Q 148 8.24 33.96 0.04
N ALA Q 149 8.32 35.23 -0.31
CA ALA Q 149 7.55 36.27 0.36
C ALA Q 149 7.43 37.47 -0.57
N TRP Q 150 6.49 38.35 -0.24
CA TRP Q 150 6.40 39.62 -0.93
C TRP Q 150 5.89 40.70 0.02
N ALA Q 151 6.38 41.92 -0.18
CA ALA Q 151 5.97 43.10 0.56
C ALA Q 151 5.39 44.08 -0.45
N ILE Q 152 4.08 43.99 -0.67
CA ILE Q 152 3.39 44.76 -1.70
C ILE Q 152 2.96 46.08 -1.09
N GLU Q 153 3.77 47.12 -1.29
CA GLU Q 153 3.44 48.50 -0.91
C GLU Q 153 3.19 48.62 0.59
N SER Q 154 4.00 47.92 1.37
CA SER Q 154 3.93 47.99 2.83
C SER Q 154 5.19 48.53 3.49
N LEU Q 155 6.34 48.45 2.83
CA LEU Q 155 7.60 48.86 3.44
C LEU Q 155 7.63 50.32 3.86
N CYS Q 156 6.82 51.18 3.24
CA CYS Q 156 6.79 52.60 3.61
C CYS Q 156 6.15 52.84 4.97
N HIS Q 157 5.69 51.80 5.66
CA HIS Q 157 5.19 51.95 7.02
C HIS Q 157 6.18 51.49 8.07
N MET Q 158 7.28 50.86 7.67
CA MET Q 158 8.15 50.14 8.58
C MET Q 158 9.57 50.69 8.54
N ASP Q 159 10.40 50.13 9.43
CA ASP Q 159 11.85 50.25 9.36
C ASP Q 159 12.31 49.26 8.30
N ARG Q 160 12.65 49.78 7.11
CA ARG Q 160 13.00 48.92 5.99
C ARG Q 160 14.18 48.01 6.32
N ALA Q 161 15.12 48.48 7.14
CA ALA Q 161 16.26 47.66 7.51
C ALA Q 161 15.86 46.51 8.42
N LYS Q 162 15.12 46.82 9.49
CA LYS Q 162 14.62 45.75 10.36
C LYS Q 162 13.68 44.82 9.61
N ALA Q 163 12.84 45.37 8.74
CA ALA Q 163 11.86 44.55 8.02
C ALA Q 163 12.56 43.59 7.04
N LEU Q 164 13.45 44.12 6.20
CA LEU Q 164 14.11 43.28 5.20
C LEU Q 164 14.98 42.19 5.85
N GLY Q 165 15.70 42.55 6.91
CA GLY Q 165 16.47 41.54 7.63
C GLY Q 165 15.58 40.49 8.26
N GLU Q 166 14.40 40.89 8.75
CA GLU Q 166 13.47 39.93 9.32
C GLU Q 166 12.89 39.01 8.25
N ALA Q 167 12.60 39.56 7.07
CA ALA Q 167 12.17 38.72 5.95
C ALA Q 167 13.28 37.78 5.52
N TRP Q 168 14.53 38.24 5.58
CA TRP Q 168 15.68 37.38 5.25
C TRP Q 168 15.77 36.21 6.22
N ARG Q 169 15.56 36.46 7.52
CA ARG Q 169 15.67 35.40 8.51
C ARG Q 169 14.60 34.33 8.31
N VAL Q 170 13.36 34.74 8.02
CA VAL Q 170 12.26 33.78 7.88
C VAL Q 170 12.20 33.12 6.51
N LEU Q 171 13.03 33.57 5.57
CA LEU Q 171 13.08 32.95 4.26
C LEU Q 171 14.02 31.76 4.27
N LYS Q 172 13.59 30.67 3.63
CA LYS Q 172 14.49 29.57 3.39
C LYS Q 172 15.62 30.02 2.46
N PRO Q 173 16.84 29.50 2.65
CA PRO Q 173 17.94 29.88 1.75
C PRO Q 173 17.66 29.44 0.32
N GLY Q 174 17.82 30.38 -0.61
CA GLY Q 174 17.48 30.15 -2.00
C GLY Q 174 16.13 30.67 -2.42
N GLY Q 175 15.27 31.08 -1.46
CA GLY Q 175 13.98 31.64 -1.79
C GLY Q 175 14.05 33.12 -2.08
N ASP Q 176 12.95 33.66 -2.60
CA ASP Q 176 12.91 35.01 -3.12
C ASP Q 176 11.92 35.88 -2.34
N LEU Q 177 12.18 37.18 -2.34
CA LEU Q 177 11.30 38.18 -1.75
C LEU Q 177 10.98 39.22 -2.79
N LEU Q 178 9.70 39.32 -3.15
CA LEU Q 178 9.24 40.36 -4.06
C LEU Q 178 8.91 41.62 -3.28
N VAL Q 179 9.40 42.76 -3.76
CA VAL Q 179 9.29 44.01 -3.03
C VAL Q 179 8.77 45.09 -3.98
N LEU Q 180 7.75 45.82 -3.53
CA LEU Q 180 7.18 46.95 -4.26
C LEU Q 180 7.42 48.19 -3.42
N GLU Q 181 8.48 48.93 -3.75
CA GLU Q 181 8.97 50.02 -2.93
C GLU Q 181 9.14 51.29 -3.74
N SER Q 182 9.07 52.43 -3.07
CA SER Q 182 9.32 53.74 -3.66
C SER Q 182 10.65 54.29 -3.16
N VAL Q 183 11.18 55.25 -3.91
CA VAL Q 183 12.49 55.85 -3.63
C VAL Q 183 12.46 57.29 -4.14
N VAL Q 184 13.11 58.21 -3.40
CA VAL Q 184 13.17 59.60 -3.80
C VAL Q 184 14.24 59.81 -4.87
N THR Q 185 14.00 60.76 -5.77
CA THR Q 185 14.99 61.20 -6.72
C THR Q 185 15.52 62.60 -6.46
N GLU Q 186 14.81 63.38 -5.65
CA GLU Q 186 15.26 64.68 -5.18
C GLU Q 186 15.56 64.58 -3.68
N GLU Q 187 15.48 65.70 -2.96
CA GLU Q 187 15.86 65.76 -1.56
C GLU Q 187 14.68 65.83 -0.59
N LEU Q 188 13.51 66.23 -1.07
CA LEU Q 188 12.30 66.40 -0.28
C LEU Q 188 12.41 67.55 0.71
N THR Q 189 11.53 68.53 0.57
CA THR Q 189 11.40 69.58 1.58
C THR Q 189 10.67 69.03 2.80
N GLU Q 190 10.79 69.74 3.92
CA GLU Q 190 10.23 69.27 5.17
C GLU Q 190 8.69 69.24 5.17
N PRO Q 191 8.01 70.21 4.56
CA PRO Q 191 6.54 70.07 4.43
C PRO Q 191 6.14 68.83 3.64
N GLU Q 192 6.92 68.48 2.60
CA GLU Q 192 6.64 67.26 1.86
C GLU Q 192 6.85 66.03 2.71
N THR Q 193 7.91 66.02 3.53
CA THR Q 193 8.15 64.88 4.42
C THR Q 193 7.05 64.76 5.47
N ALA Q 194 6.43 65.87 5.85
CA ALA Q 194 5.30 65.81 6.78
C ALA Q 194 4.01 65.33 6.11
N LEU Q 195 3.86 65.57 4.81
CA LEU Q 195 2.67 65.09 4.11
C LEU Q 195 2.57 63.56 4.09
N PHE Q 196 3.72 62.88 4.11
CA PHE Q 196 3.70 61.42 4.19
C PHE Q 196 3.04 60.95 5.48
N GLU Q 197 3.36 61.58 6.61
CA GLU Q 197 2.80 61.18 7.90
C GLU Q 197 1.33 61.57 8.03
N THR Q 198 0.96 62.76 7.54
CA THR Q 198 -0.38 63.28 7.76
C THR Q 198 -1.40 62.64 6.81
N LEU Q 199 -1.01 62.40 5.55
CA LEU Q 199 -1.93 61.82 4.60
C LEU Q 199 -2.03 60.31 4.76
N TYR Q 200 -0.93 59.60 4.48
CA TYR Q 200 -0.88 58.17 4.68
C TYR Q 200 -0.25 57.86 6.04
N ALA Q 201 0.52 56.78 6.15
CA ALA Q 201 1.20 56.44 7.38
C ALA Q 201 2.72 56.55 7.24
N ALA Q 202 3.17 57.62 6.59
CA ALA Q 202 4.50 58.19 6.80
C ALA Q 202 5.69 57.40 6.27
N ASN Q 203 6.83 57.61 6.94
CA ASN Q 203 8.15 57.13 6.55
C ASN Q 203 8.49 57.53 5.13
N VAL Q 204 9.30 58.57 4.99
CA VAL Q 204 9.68 59.07 3.67
C VAL Q 204 10.45 57.99 2.94
N PRO Q 205 10.33 57.87 1.61
CA PRO Q 205 11.07 56.82 0.91
C PRO Q 205 12.58 57.09 0.94
N PRO Q 206 13.39 56.05 0.98
CA PRO Q 206 14.84 56.25 1.02
C PRO Q 206 15.40 56.60 -0.35
N ARG Q 207 16.73 56.57 -0.47
CA ARG Q 207 17.39 56.79 -1.75
C ARG Q 207 17.73 55.44 -2.38
N LEU Q 208 17.94 55.46 -3.69
CA LEU Q 208 18.15 54.24 -4.46
C LEU Q 208 19.33 53.44 -3.88
N GLY Q 209 20.52 54.04 -3.87
CA GLY Q 209 21.67 53.38 -3.28
C GLY Q 209 21.52 53.14 -1.79
N GLU Q 210 20.81 54.03 -1.09
CA GLU Q 210 20.54 53.82 0.33
C GLU Q 210 19.69 52.58 0.53
N PHE Q 211 18.61 52.45 -0.25
CA PHE Q 211 17.73 51.30 -0.14
C PHE Q 211 18.48 50.01 -0.45
N PHE Q 212 19.26 49.99 -1.52
CA PHE Q 212 20.01 48.79 -1.88
C PHE Q 212 21.21 48.52 -0.97
N ASP Q 213 21.78 49.55 -0.33
CA ASP Q 213 22.70 49.28 0.78
C ASP Q 213 22.00 48.56 1.93
N ILE Q 214 20.73 48.90 2.17
CA ILE Q 214 19.96 48.18 3.18
C ILE Q 214 19.66 46.76 2.72
N VAL Q 215 19.31 46.59 1.45
CA VAL Q 215 19.03 45.27 0.91
C VAL Q 215 20.25 44.37 1.04
N SER Q 216 21.41 44.88 0.64
CA SER Q 216 22.64 44.11 0.76
C SER Q 216 23.01 43.88 2.23
N GLY Q 217 22.75 44.87 3.08
CA GLY Q 217 23.02 44.71 4.50
C GLY Q 217 22.17 43.64 5.15
N ALA Q 218 20.92 43.49 4.70
CA ALA Q 218 20.05 42.44 5.20
C ALA Q 218 20.44 41.06 4.67
N GLY Q 219 21.31 40.99 3.66
CA GLY Q 219 21.76 39.74 3.11
C GLY Q 219 21.18 39.36 1.76
N PHE Q 220 20.45 40.26 1.11
CA PHE Q 220 19.75 39.93 -0.13
C PHE Q 220 20.59 40.29 -1.35
N HIS Q 221 20.62 39.37 -2.32
CA HIS Q 221 21.03 39.71 -3.68
C HIS Q 221 19.84 40.31 -4.43
N THR Q 222 20.14 41.12 -5.44
CA THR Q 222 19.12 41.73 -6.27
C THR Q 222 19.13 41.06 -7.63
N LEU Q 223 18.00 40.48 -8.01
CA LEU Q 223 17.88 39.80 -9.30
C LEU Q 223 17.16 40.63 -10.35
N SER Q 224 16.24 41.51 -9.96
CA SER Q 224 15.52 42.30 -10.94
C SER Q 224 15.01 43.58 -10.31
N LEU Q 225 14.68 44.54 -11.16
CA LEU Q 225 14.03 45.78 -10.79
C LEU Q 225 13.28 46.27 -12.01
N LYS Q 226 12.04 46.72 -11.81
CA LYS Q 226 11.23 47.24 -12.91
C LYS Q 226 10.42 48.43 -12.43
N ASP Q 227 10.54 49.54 -13.13
CA ASP Q 227 9.80 50.74 -12.76
C ASP Q 227 8.31 50.55 -13.03
N LEU Q 228 7.50 51.00 -12.07
CA LEU Q 228 6.04 50.98 -12.19
C LEU Q 228 5.45 52.32 -11.76
N SER Q 229 6.21 53.40 -11.95
CA SER Q 229 5.80 54.70 -11.45
C SER Q 229 4.50 55.18 -12.10
N ALA Q 230 4.35 54.92 -13.40
CA ALA Q 230 3.14 55.35 -14.11
C ALA Q 230 1.90 54.74 -13.48
N ASN Q 231 1.99 53.48 -13.03
CA ASN Q 231 0.85 52.82 -12.41
C ASN Q 231 0.50 53.47 -11.07
N LEU Q 232 1.52 53.88 -10.30
CA LEU Q 232 1.24 54.54 -9.02
C LEU Q 232 0.70 55.95 -9.24
N ALA Q 233 1.22 56.66 -10.25
CA ALA Q 233 0.68 57.97 -10.58
C ALA Q 233 -0.79 57.86 -11.02
N MET Q 234 -1.11 56.87 -11.85
CA MET Q 234 -2.49 56.65 -12.23
C MET Q 234 -3.34 56.24 -11.02
N THR Q 235 -2.82 55.34 -10.19
CA THR Q 235 -3.57 54.93 -9.00
C THR Q 235 -3.83 56.11 -8.07
N MET Q 236 -2.82 56.96 -7.87
CA MET Q 236 -3.02 58.15 -7.05
C MET Q 236 -3.99 59.12 -7.69
N ASN Q 237 -4.02 59.21 -9.02
CA ASN Q 237 -5.02 60.04 -9.70
C ASN Q 237 -6.44 59.49 -9.49
N VAL Q 238 -6.60 58.17 -9.61
CA VAL Q 238 -7.91 57.56 -9.41
C VAL Q 238 -8.40 57.80 -7.98
N PHE Q 239 -7.52 57.62 -7.00
CA PHE Q 239 -7.88 57.85 -5.61
C PHE Q 239 -8.27 59.32 -5.38
N ALA Q 240 -7.49 60.24 -5.94
CA ALA Q 240 -7.78 61.66 -5.78
C ALA Q 240 -9.13 62.03 -6.39
N LEU Q 241 -9.42 61.52 -7.59
CA LEU Q 241 -10.71 61.80 -8.20
C LEU Q 241 -11.85 61.19 -7.39
N GLY Q 242 -11.63 60.00 -6.82
CA GLY Q 242 -12.66 59.41 -5.97
C GLY Q 242 -12.96 60.25 -4.75
N VAL Q 243 -11.91 60.79 -4.11
CA VAL Q 243 -12.12 61.65 -2.95
C VAL Q 243 -12.80 62.95 -3.37
N TYR Q 244 -12.31 63.57 -4.44
CA TYR Q 244 -12.88 64.83 -4.91
C TYR Q 244 -14.36 64.70 -5.23
N SER Q 245 -14.74 63.59 -5.87
CA SER Q 245 -16.10 63.44 -6.36
C SER Q 245 -17.08 63.02 -5.26
N ARG Q 246 -16.59 62.47 -4.15
CA ARG Q 246 -17.45 61.92 -3.10
C ARG Q 246 -17.05 62.48 -1.74
N ARG Q 247 -17.02 63.81 -1.62
CA ARG Q 247 -16.63 64.45 -0.38
C ARG Q 247 -17.69 64.26 0.70
N ALA Q 248 -18.93 64.67 0.41
CA ALA Q 248 -20.00 64.52 1.39
C ALA Q 248 -20.20 63.06 1.79
N GLU Q 249 -19.95 62.15 0.86
CA GLU Q 249 -20.05 60.73 1.16
C GLU Q 249 -19.00 60.32 2.20
N PHE Q 250 -17.75 60.73 1.99
CA PHE Q 250 -16.66 60.28 2.84
C PHE Q 250 -16.60 61.00 4.17
N THR Q 251 -17.06 62.26 4.23
CA THR Q 251 -17.06 62.98 5.50
C THR Q 251 -18.03 62.37 6.50
N GLU Q 252 -19.13 61.80 6.03
CA GLU Q 252 -20.09 61.11 6.88
C GLU Q 252 -19.60 59.73 7.31
N ARG Q 253 -18.47 59.27 6.79
CA ARG Q 253 -17.92 57.95 7.08
C ARG Q 253 -16.65 58.00 7.94
N PHE Q 254 -15.70 58.86 7.56
CA PHE Q 254 -14.44 58.96 8.27
C PHE Q 254 -14.28 60.27 9.04
N GLY Q 255 -15.24 61.17 8.94
CA GLY Q 255 -15.17 62.45 9.60
C GLY Q 255 -14.68 63.55 8.68
N ALA Q 256 -15.11 64.78 8.97
CA ALA Q 256 -14.67 65.92 8.16
C ALA Q 256 -13.16 66.13 8.27
N GLU Q 257 -12.62 65.98 9.48
CA GLU Q 257 -11.18 66.17 9.69
C GLU Q 257 -10.35 65.34 8.73
N PHE Q 258 -10.70 64.06 8.58
CA PHE Q 258 -9.92 63.18 7.70
C PHE Q 258 -10.03 63.60 6.25
N VAL Q 259 -11.27 63.80 5.77
CA VAL Q 259 -11.47 64.10 4.36
C VAL Q 259 -10.87 65.46 3.99
N ASP Q 260 -11.09 66.47 4.84
CA ASP Q 260 -10.52 67.79 4.57
C ASP Q 260 -9.00 67.73 4.50
N GLY Q 261 -8.39 66.89 5.34
CA GLY Q 261 -6.95 66.68 5.22
C GLY Q 261 -6.56 66.12 3.87
N LEU Q 262 -7.35 65.19 3.33
CA LEU Q 262 -7.08 64.65 2.00
C LEU Q 262 -7.24 65.72 0.93
N LEU Q 263 -8.32 66.52 1.00
CA LEU Q 263 -8.55 67.53 -0.02
C LEU Q 263 -7.42 68.56 -0.06
N ALA Q 264 -6.87 68.90 1.10
CA ALA Q 264 -5.84 69.94 1.15
C ALA Q 264 -4.46 69.43 0.77
N GLY Q 265 -4.24 68.12 0.75
CA GLY Q 265 -2.90 67.60 0.54
C GLY Q 265 -2.68 66.80 -0.73
N LEU Q 266 -3.75 66.21 -1.28
CA LEU Q 266 -3.58 65.28 -2.39
C LEU Q 266 -2.96 65.94 -3.62
N GLY Q 267 -3.26 67.21 -3.87
CA GLY Q 267 -2.68 67.89 -5.01
C GLY Q 267 -1.18 68.06 -4.89
N SER Q 268 -0.74 68.61 -3.75
CA SER Q 268 0.70 68.78 -3.52
C SER Q 268 1.42 67.45 -3.45
N ALA Q 269 0.79 66.45 -2.81
CA ALA Q 269 1.40 65.12 -2.73
C ALA Q 269 1.55 64.50 -4.12
N GLN Q 270 0.55 64.68 -4.99
CA GLN Q 270 0.65 64.19 -6.36
C GLN Q 270 1.85 64.80 -7.07
N GLU Q 271 1.99 66.13 -6.97
CA GLU Q 271 3.12 66.81 -7.60
C GLU Q 271 4.45 66.28 -7.06
N THR Q 272 4.52 66.05 -5.74
CA THR Q 272 5.73 65.49 -5.15
C THR Q 272 6.00 64.08 -5.69
N LEU Q 273 4.95 63.26 -5.78
CA LEU Q 273 5.10 61.90 -6.31
C LEU Q 273 5.59 61.93 -7.76
N ILE Q 274 5.09 62.88 -8.55
CA ILE Q 274 5.45 62.93 -9.97
C ILE Q 274 6.92 63.30 -10.13
N ARG Q 275 7.35 64.37 -9.47
CA ARG Q 275 8.64 64.99 -9.78
C ARG Q 275 9.79 64.46 -8.94
N LYS Q 276 9.53 63.88 -7.77
CA LYS Q 276 10.60 63.55 -6.85
C LYS Q 276 10.71 62.07 -6.49
N THR Q 277 9.75 61.23 -6.86
CA THR Q 277 9.76 59.83 -6.45
C THR Q 277 9.56 58.92 -7.64
N ARG Q 278 10.01 57.66 -7.49
CA ARG Q 278 9.73 56.58 -8.41
C ARG Q 278 9.27 55.36 -7.62
N PHE Q 279 8.63 54.42 -8.31
CA PHE Q 279 8.06 53.23 -7.70
C PHE Q 279 8.40 52.03 -8.57
N PHE Q 280 8.99 51.00 -7.96
CA PHE Q 280 9.50 49.88 -8.72
C PHE Q 280 9.21 48.56 -8.03
N MET Q 281 9.23 47.49 -8.82
CA MET Q 281 9.08 46.11 -8.35
C MET Q 281 10.44 45.42 -8.45
N ALA Q 282 10.96 44.98 -7.31
CA ALA Q 282 12.27 44.36 -7.24
C ALA Q 282 12.18 42.95 -6.67
N THR Q 283 12.99 42.04 -7.21
CA THR Q 283 13.06 40.66 -6.74
C THR Q 283 14.38 40.46 -6.02
N LEU Q 284 14.31 40.27 -4.71
CA LEU Q 284 15.48 40.04 -3.89
C LEU Q 284 15.57 38.56 -3.54
N ARG Q 285 16.77 37.99 -3.63
CA ARG Q 285 16.98 36.58 -3.34
C ARG Q 285 17.85 36.42 -2.11
N LYS Q 286 17.39 35.54 -1.21
CA LYS Q 286 18.27 35.04 -0.16
C LYS Q 286 19.21 34.00 -0.77
N PRO Q 287 20.52 34.21 -0.74
CA PRO Q 287 21.43 33.25 -1.37
C PRO Q 287 21.33 31.86 -0.75
N ALA Q 288 21.50 30.85 -1.59
CA ALA Q 288 21.50 29.46 -1.14
C ALA Q 288 22.92 29.01 -0.83
N VAL Q 289 23.02 27.93 -0.05
CA VAL Q 289 24.32 27.36 0.30
C VAL Q 289 24.63 26.17 -0.61
N GLN R 10 12.70 57.85 11.58
CA GLN R 10 11.38 57.35 11.21
C GLN R 10 10.31 58.04 12.03
N GLN R 11 9.11 58.17 11.46
CA GLN R 11 8.07 59.01 12.03
C GLN R 11 6.76 58.29 12.32
N VAL R 12 6.73 56.96 12.23
CA VAL R 12 5.54 56.20 12.61
C VAL R 12 5.93 54.93 13.34
N THR R 13 5.02 54.46 14.18
CA THR R 13 5.11 53.17 14.86
C THR R 13 4.05 52.23 14.30
N ALA R 14 4.18 50.95 14.67
CA ALA R 14 3.24 49.94 14.19
C ALA R 14 1.85 50.17 14.78
N ASP R 15 1.75 50.17 16.11
CA ASP R 15 0.49 50.44 16.79
C ASP R 15 0.10 51.91 16.60
N GLU R 16 -0.07 52.30 15.35
CA GLU R 16 -0.35 53.67 14.93
C GLU R 16 -0.75 53.59 13.46
N VAL R 17 0.05 52.86 12.69
CA VAL R 17 -0.36 52.47 11.35
C VAL R 17 -1.52 51.48 11.41
N GLY R 18 -1.43 50.48 12.30
CA GLY R 18 -2.55 49.57 12.48
C GLY R 18 -3.79 50.28 12.99
N ASP R 19 -3.60 51.28 13.86
CA ASP R 19 -4.71 52.13 14.26
C ASP R 19 -5.28 52.90 13.06
N TRP R 20 -4.41 53.30 12.13
CA TRP R 20 -4.85 54.05 10.96
C TRP R 20 -5.74 53.21 10.06
N TYR R 21 -5.32 51.97 9.77
CA TYR R 21 -6.12 51.13 8.88
C TYR R 21 -7.36 50.59 9.58
N ASP R 22 -7.35 50.49 10.91
CA ASP R 22 -8.56 50.12 11.63
C ASP R 22 -9.67 51.13 11.42
N LYS R 23 -9.31 52.40 11.21
CA LYS R 23 -10.28 53.48 11.11
C LYS R 23 -10.48 53.99 9.70
N PHE R 24 -9.40 54.08 8.91
CA PHE R 24 -9.46 54.66 7.58
C PHE R 24 -9.26 53.64 6.46
N GLY R 25 -9.21 52.35 6.79
CA GLY R 25 -8.80 51.37 5.80
C GLY R 25 -9.76 51.24 4.64
N GLU R 26 -11.07 51.26 4.92
CA GLU R 26 -12.07 50.99 3.90
C GLU R 26 -12.12 52.04 2.80
N VAL R 27 -11.43 53.18 2.96
CA VAL R 27 -11.47 54.21 1.92
C VAL R 27 -10.79 53.73 0.65
N TYR R 28 -9.82 52.82 0.76
CA TYR R 28 -9.16 52.29 -0.42
C TYR R 28 -10.01 51.25 -1.12
N HIS R 29 -10.86 50.52 -0.38
CA HIS R 29 -11.78 49.60 -1.02
C HIS R 29 -12.96 50.33 -1.64
N LEU R 30 -13.33 51.49 -1.09
CA LEU R 30 -14.39 52.31 -1.70
C LEU R 30 -13.92 53.06 -2.93
N THR R 31 -12.62 53.31 -3.09
CA THR R 31 -12.09 54.06 -4.23
C THR R 31 -11.27 53.23 -5.20
N LEU R 32 -10.46 52.30 -4.71
CA LEU R 32 -9.52 51.58 -5.57
C LEU R 32 -9.90 50.13 -5.86
N GLY R 33 -10.66 49.48 -5.00
CA GLY R 33 -11.18 48.18 -5.34
C GLY R 33 -11.07 47.20 -4.18
N GLU R 34 -11.16 45.91 -4.51
CA GLU R 34 -11.19 44.86 -3.50
C GLU R 34 -9.83 44.59 -2.86
N SER R 35 -8.77 45.25 -3.33
CA SER R 35 -7.44 45.15 -2.74
C SER R 35 -6.97 46.52 -2.27
N VAL R 36 -5.73 46.59 -1.80
CA VAL R 36 -5.16 47.84 -1.29
C VAL R 36 -3.82 48.12 -1.98
N HIS R 37 -3.80 48.07 -3.31
CA HIS R 37 -2.55 48.33 -4.03
C HIS R 37 -2.88 48.93 -5.40
N CYS R 38 -1.83 49.24 -6.14
CA CYS R 38 -1.95 49.89 -7.44
C CYS R 38 -2.65 48.99 -8.44
N GLY R 39 -3.20 49.62 -9.48
CA GLY R 39 -3.75 48.90 -10.61
C GLY R 39 -2.77 48.91 -11.77
N LEU R 40 -2.83 47.86 -12.59
CA LEU R 40 -1.95 47.74 -13.74
C LEU R 40 -2.56 48.49 -14.92
N TRP R 41 -2.48 49.83 -14.82
CA TRP R 41 -3.04 50.68 -15.86
C TRP R 41 -2.19 50.68 -17.12
N PHE R 42 -0.89 50.41 -17.00
CA PHE R 42 -0.01 50.32 -18.15
C PHE R 42 0.51 48.89 -18.27
N PRO R 43 0.31 48.24 -19.42
CA PRO R 43 0.83 46.89 -19.58
C PRO R 43 2.33 46.86 -19.35
N PRO R 44 2.87 45.71 -18.93
CA PRO R 44 4.29 45.67 -18.54
C PRO R 44 5.26 45.96 -19.67
N ASP R 45 4.92 45.61 -20.91
CA ASP R 45 5.83 45.84 -22.03
C ASP R 45 5.85 47.29 -22.48
N ALA R 46 5.00 48.15 -21.92
CA ALA R 46 4.92 49.54 -22.36
C ALA R 46 6.10 50.34 -21.82
N PRO R 47 6.56 51.34 -22.56
CA PRO R 47 7.69 52.16 -22.10
C PRO R 47 7.30 53.01 -20.90
N VAL R 48 8.33 53.57 -20.27
CA VAL R 48 8.11 54.51 -19.17
C VAL R 48 7.85 55.90 -19.76
N PRO R 49 6.74 56.55 -19.41
CA PRO R 49 6.41 57.85 -20.01
C PRO R 49 7.48 58.89 -19.73
N GLN R 50 7.41 59.99 -20.48
CA GLN R 50 8.34 61.10 -20.27
C GLN R 50 8.04 61.80 -18.94
N ASP R 51 6.78 62.06 -18.65
CA ASP R 51 6.36 62.66 -17.40
C ASP R 51 5.20 61.87 -16.83
N MET R 52 4.77 62.24 -15.63
CA MET R 52 3.68 61.58 -14.94
C MET R 52 2.41 62.44 -14.90
N GLU R 53 2.36 63.49 -15.70
CA GLU R 53 1.14 64.29 -15.80
C GLU R 53 0.01 63.45 -16.39
N LEU R 54 -1.20 63.69 -15.91
CA LEU R 54 -2.35 62.91 -16.33
C LEU R 54 -2.54 62.98 -17.85
N VAL R 55 -2.24 64.13 -18.44
CA VAL R 55 -2.46 64.30 -19.87
C VAL R 55 -1.52 63.42 -20.67
N THR R 56 -0.25 63.34 -20.26
CA THR R 56 0.73 62.57 -21.03
C THR R 56 0.48 61.07 -20.89
N MET R 57 0.28 60.60 -19.66
CA MET R 57 -0.05 59.19 -19.46
C MET R 57 -1.30 58.80 -20.25
N SER R 58 -2.31 59.68 -20.27
CA SER R 58 -3.49 59.43 -21.10
C SER R 58 -3.14 59.40 -22.58
N SER R 59 -2.16 60.22 -22.98
CA SER R 59 -1.77 60.27 -24.38
C SER R 59 -1.12 58.97 -24.82
N GLN R 60 -0.31 58.37 -23.96
CA GLN R 60 0.28 57.07 -24.28
C GLN R 60 -0.79 55.99 -24.37
N ALA R 61 -1.79 56.05 -23.49
CA ALA R 61 -2.94 55.16 -23.60
C ALA R 61 -3.69 55.41 -24.90
N GLN R 62 -3.76 56.67 -25.33
CA GLN R 62 -4.32 56.99 -26.64
C GLN R 62 -3.53 56.34 -27.76
N ASP R 63 -2.20 56.45 -27.72
CA ASP R 63 -1.39 55.94 -28.81
C ASP R 63 -1.42 54.42 -28.87
N ARG R 64 -1.50 53.74 -27.71
CA ARG R 64 -1.71 52.30 -27.72
C ARG R 64 -3.11 51.94 -28.20
N TYR R 65 -4.09 52.81 -27.94
CA TYR R 65 -5.42 52.68 -28.53
C TYR R 65 -5.35 52.75 -30.05
N THR R 66 -4.55 53.69 -30.58
CA THR R 66 -4.39 53.81 -32.03
C THR R 66 -3.73 52.56 -32.62
N ASP R 67 -2.66 52.09 -31.98
CA ASP R 67 -2.00 50.87 -32.45
C ASP R 67 -2.97 49.70 -32.51
N TYR R 68 -3.88 49.61 -31.55
CA TYR R 68 -4.83 48.50 -31.53
C TYR R 68 -5.84 48.61 -32.67
N LEU R 69 -6.37 49.82 -32.91
CA LEU R 69 -7.24 50.03 -34.06
C LEU R 69 -6.51 49.71 -35.35
N ILE R 70 -5.22 50.08 -35.44
CA ILE R 70 -4.43 49.81 -36.63
C ILE R 70 -4.33 48.30 -36.86
N GLU R 71 -3.91 47.57 -35.83
CA GLU R 71 -3.79 46.13 -35.92
C GLU R 71 -5.11 45.46 -36.28
N THR R 72 -6.21 45.99 -35.74
CA THR R 72 -7.52 45.35 -35.94
C THR R 72 -7.98 45.47 -37.39
N LEU R 73 -7.86 46.67 -37.96
CA LEU R 73 -8.28 46.87 -39.35
C LEU R 73 -7.26 46.29 -40.33
N ASP R 74 -5.96 46.34 -39.99
CA ASP R 74 -4.87 46.01 -40.90
C ASP R 74 -4.84 47.05 -42.02
N PRO R 75 -3.85 47.04 -42.89
CA PRO R 75 -3.71 48.16 -43.83
C PRO R 75 -3.54 47.76 -45.30
N LYS R 76 -2.55 46.89 -45.54
CA LYS R 76 -2.08 46.47 -46.84
C LYS R 76 -1.41 47.65 -47.55
N ALA R 77 -0.11 47.49 -47.83
CA ALA R 77 0.74 48.61 -48.21
C ALA R 77 0.17 49.39 -49.39
N GLY R 78 0.32 50.71 -49.34
CA GLY R 78 -0.08 51.58 -50.41
C GLY R 78 -1.57 51.84 -50.54
N GLN R 79 -2.41 51.02 -49.90
CA GLN R 79 -3.85 51.21 -49.99
C GLN R 79 -4.26 52.58 -49.44
N HIS R 80 -5.48 52.97 -49.76
CA HIS R 80 -6.01 54.30 -49.44
C HIS R 80 -7.17 54.13 -48.46
N LEU R 81 -7.04 54.76 -47.29
CA LEU R 81 -8.08 54.67 -46.27
C LEU R 81 -8.53 56.05 -45.83
N LEU R 82 -9.85 56.19 -45.67
CA LEU R 82 -10.49 57.48 -45.45
C LEU R 82 -10.78 57.66 -43.97
N ASP R 83 -10.28 58.76 -43.39
CA ASP R 83 -10.51 59.06 -41.99
C ASP R 83 -11.74 59.97 -41.88
N ILE R 84 -12.89 59.35 -41.62
CA ILE R 84 -14.16 60.07 -41.51
C ILE R 84 -14.20 60.73 -40.14
N GLY R 85 -14.03 62.04 -40.11
CA GLY R 85 -13.90 62.76 -38.86
C GLY R 85 -12.49 62.63 -38.30
N CYS R 86 -11.52 63.14 -39.04
CA CYS R 86 -10.11 62.88 -38.75
C CYS R 86 -9.57 63.66 -37.55
N GLY R 87 -10.32 64.60 -37.00
CA GLY R 87 -9.83 65.34 -35.84
C GLY R 87 -8.63 66.19 -36.20
N THR R 88 -7.53 66.01 -35.46
CA THR R 88 -6.26 66.65 -35.78
C THR R 88 -5.25 65.67 -36.38
N GLY R 89 -5.66 64.43 -36.62
CA GLY R 89 -4.96 63.59 -37.56
C GLY R 89 -3.75 62.83 -37.04
N ARG R 90 -3.54 62.75 -35.72
CA ARG R 90 -2.44 61.90 -35.25
C ARG R 90 -2.73 60.44 -35.54
N THR R 91 -3.99 60.02 -35.45
CA THR R 91 -4.37 58.66 -35.80
C THR R 91 -3.94 58.33 -37.23
N ALA R 92 -4.28 59.20 -38.18
CA ALA R 92 -3.87 58.99 -39.57
C ALA R 92 -2.35 59.02 -39.70
N LEU R 93 -1.68 59.85 -38.91
CA LEU R 93 -0.23 59.91 -38.94
C LEU R 93 0.38 58.58 -38.53
N LYS R 94 0.00 58.07 -37.36
CA LYS R 94 0.53 56.79 -36.89
C LYS R 94 0.23 55.67 -37.89
N ALA R 95 -0.99 55.64 -38.43
CA ALA R 95 -1.35 54.60 -39.39
C ALA R 95 -0.45 54.64 -40.62
N ALA R 96 -0.20 55.85 -41.14
CA ALA R 96 0.64 55.97 -42.33
C ALA R 96 2.07 55.53 -42.05
N ARG R 97 2.60 55.91 -40.89
CA ARG R 97 3.99 55.56 -40.57
C ARG R 97 4.16 54.06 -40.38
N GLN R 98 3.20 53.41 -39.72
CA GLN R 98 3.36 52.01 -39.36
C GLN R 98 3.19 51.09 -40.56
N ARG R 99 2.41 51.49 -41.56
CA ARG R 99 1.94 50.54 -42.55
C ARG R 99 2.09 51.00 -44.00
N GLY R 100 2.71 52.16 -44.24
CA GLY R 100 3.01 52.61 -45.59
C GLY R 100 1.81 52.80 -46.49
N ILE R 101 0.82 53.55 -46.03
CA ILE R 101 -0.40 53.77 -46.78
C ILE R 101 -0.63 55.27 -46.93
N ALA R 102 -1.64 55.61 -47.72
CA ALA R 102 -2.12 56.98 -47.84
C ALA R 102 -3.41 57.12 -47.07
N VAL R 103 -3.60 58.27 -46.43
CA VAL R 103 -4.81 58.52 -45.66
C VAL R 103 -5.39 59.87 -46.04
N VAL R 108 -15.05 68.78 -40.26
CA VAL R 108 -15.97 69.89 -40.45
C VAL R 108 -15.47 71.16 -39.75
N SER R 109 -14.38 71.02 -38.99
CA SER R 109 -13.83 72.14 -38.23
C SER R 109 -12.63 72.70 -38.99
N LYS R 110 -12.77 73.94 -39.45
CA LYS R 110 -11.67 74.62 -40.12
C LYS R 110 -10.45 74.74 -39.20
N GLU R 111 -10.68 74.96 -37.91
CA GLU R 111 -9.57 75.00 -36.96
C GLU R 111 -8.92 73.63 -36.81
N GLN R 112 -9.73 72.58 -36.66
CA GLN R 112 -9.21 71.23 -36.48
C GLN R 112 -8.49 70.75 -37.74
N ILE R 113 -9.13 70.90 -38.91
CA ILE R 113 -8.53 70.44 -40.15
C ILE R 113 -7.24 71.21 -40.45
N ALA R 114 -7.17 72.48 -40.06
CA ALA R 114 -5.93 73.23 -40.20
C ALA R 114 -4.83 72.63 -39.33
N ALA R 115 -5.14 72.36 -38.06
CA ALA R 115 -4.16 71.72 -37.17
C ALA R 115 -3.79 70.32 -37.68
N ALA R 116 -4.71 69.64 -38.35
CA ALA R 116 -4.42 68.31 -38.89
C ALA R 116 -3.50 68.41 -40.10
N ASN R 117 -3.75 69.37 -41.00
CA ASN R 117 -2.87 69.56 -42.14
C ASN R 117 -1.53 70.13 -41.71
N ARG R 118 -1.51 70.92 -40.63
CA ARG R 118 -0.23 71.29 -40.00
C ARG R 118 0.45 70.09 -39.37
N LEU R 119 -0.32 69.15 -38.82
CA LEU R 119 0.27 67.97 -38.20
C LEU R 119 0.96 67.08 -39.23
N ALA R 120 0.21 66.61 -40.24
CA ALA R 120 0.80 65.91 -41.36
C ALA R 120 1.92 66.70 -42.01
N ALA R 121 1.90 68.02 -41.86
CA ALA R 121 2.96 68.87 -42.38
C ALA R 121 4.26 68.68 -41.60
N GLY R 122 4.20 68.89 -40.27
CA GLY R 122 5.37 68.79 -39.42
C GLY R 122 6.07 67.44 -39.49
N HIS R 123 5.38 66.44 -40.06
CA HIS R 123 5.92 65.10 -40.29
C HIS R 123 5.83 64.85 -41.79
N GLY R 124 6.90 65.16 -42.52
CA GLY R 124 6.91 65.10 -43.98
C GLY R 124 6.32 63.86 -44.60
N LEU R 125 4.99 63.70 -44.49
CA LEU R 125 4.29 62.51 -44.96
C LEU R 125 2.97 62.86 -45.65
N THR R 126 2.92 64.01 -46.32
CA THR R 126 1.68 64.55 -46.85
C THR R 126 1.31 64.03 -48.22
N GLU R 127 2.22 63.37 -48.94
CA GLU R 127 1.80 62.54 -50.07
C GLU R 127 0.76 61.53 -49.63
N ARG R 128 0.91 61.04 -48.40
CA ARG R 128 0.07 59.99 -47.85
C ARG R 128 -0.92 60.50 -46.81
N LEU R 129 -0.94 61.80 -46.57
CA LEU R 129 -1.85 62.40 -45.57
C LEU R 129 -2.45 63.67 -46.18
N THR R 130 -3.69 63.57 -46.66
CA THR R 130 -4.45 64.71 -47.13
C THR R 130 -5.62 64.94 -46.20
N PHE R 131 -5.77 66.18 -45.73
CA PHE R 131 -6.86 66.55 -44.83
C PHE R 131 -7.63 67.70 -45.43
N GLU R 132 -8.96 67.54 -45.50
CA GLU R 132 -9.84 68.53 -46.12
C GLU R 132 -11.06 68.78 -45.25
N VAL R 133 -11.57 70.00 -45.31
CA VAL R 133 -12.80 70.37 -44.60
C VAL R 133 -13.96 69.84 -45.43
N ALA R 134 -14.59 68.76 -44.98
CA ALA R 134 -15.67 68.15 -45.74
C ALA R 134 -16.66 67.49 -44.79
N ASP R 135 -17.89 67.38 -45.27
CA ASP R 135 -18.95 66.71 -44.52
C ASP R 135 -18.92 65.22 -44.84
N ALA R 136 -19.12 64.39 -43.81
CA ALA R 136 -19.15 62.95 -44.01
C ALA R 136 -20.49 62.45 -44.52
N MET R 137 -21.56 63.21 -44.31
CA MET R 137 -22.84 62.96 -44.95
C MET R 137 -22.96 63.64 -46.31
N ARG R 138 -21.90 64.33 -46.74
CA ARG R 138 -21.82 64.98 -48.06
C ARG R 138 -20.38 64.91 -48.56
N LEU R 139 -19.83 63.70 -48.64
CA LEU R 139 -18.43 63.55 -49.04
C LEU R 139 -18.24 63.96 -50.49
N PRO R 140 -17.18 64.70 -50.80
CA PRO R 140 -16.95 65.13 -52.19
C PRO R 140 -16.28 64.12 -53.08
N TYR R 141 -15.85 62.98 -52.54
CA TYR R 141 -15.08 62.00 -53.29
C TYR R 141 -16.00 61.06 -54.05
N GLU R 142 -15.49 60.54 -55.17
CA GLU R 142 -16.30 59.78 -56.10
C GLU R 142 -16.46 58.34 -55.63
N ASP R 143 -17.19 57.55 -56.44
CA ASP R 143 -17.52 56.18 -56.07
C ASP R 143 -16.29 55.28 -56.14
N GLU R 144 -16.15 54.43 -55.12
CA GLU R 144 -15.13 53.38 -55.09
C GLU R 144 -13.72 53.96 -55.19
N SER R 145 -13.45 54.95 -54.35
CA SER R 145 -12.12 55.58 -54.33
C SER R 145 -11.20 55.00 -53.28
N PHE R 146 -11.75 54.54 -52.16
CA PHE R 146 -10.94 54.10 -51.02
C PHE R 146 -10.96 52.59 -50.87
N TRP R 150 -11.93 54.75 -41.62
CA TRP R 150 -12.56 54.40 -40.36
C TRP R 150 -13.28 55.59 -39.73
N ALA R 151 -14.22 55.30 -38.84
CA ALA R 151 -15.04 56.31 -38.18
C ALA R 151 -14.77 56.22 -36.68
N ILE R 152 -13.82 57.04 -36.21
CA ILE R 152 -13.31 56.94 -34.85
C ILE R 152 -14.03 57.99 -34.00
N GLU R 153 -15.08 57.55 -33.29
CA GLU R 153 -15.80 58.37 -32.34
C GLU R 153 -16.26 59.68 -32.98
N SER R 154 -16.82 59.56 -34.18
CA SER R 154 -17.33 60.72 -34.91
C SER R 154 -18.77 60.57 -35.41
N LEU R 155 -19.32 59.35 -35.44
CA LEU R 155 -20.68 59.16 -35.93
C LEU R 155 -21.73 59.84 -35.04
N CYS R 156 -21.41 60.10 -33.78
CA CYS R 156 -22.36 60.75 -32.87
C CYS R 156 -22.45 62.26 -33.10
N HIS R 157 -21.82 62.77 -34.16
CA HIS R 157 -22.04 64.13 -34.60
C HIS R 157 -22.88 64.22 -35.86
N MET R 158 -23.15 63.09 -36.51
CA MET R 158 -23.82 63.05 -37.80
C MET R 158 -25.06 62.18 -37.74
N ASP R 159 -25.80 62.19 -38.83
CA ASP R 159 -26.88 61.24 -39.08
C ASP R 159 -26.24 59.93 -39.54
N ARG R 160 -26.39 58.88 -38.73
CA ARG R 160 -25.65 57.64 -38.97
C ARG R 160 -26.08 56.94 -40.26
N ALA R 161 -27.30 57.18 -40.74
CA ALA R 161 -27.73 56.55 -41.99
C ALA R 161 -27.03 57.16 -43.20
N LYS R 162 -27.02 58.50 -43.29
CA LYS R 162 -26.35 59.16 -44.40
C LYS R 162 -24.84 58.98 -44.32
N ALA R 163 -24.27 59.09 -43.12
CA ALA R 163 -22.82 58.93 -42.96
C ALA R 163 -22.35 57.54 -43.37
N LEU R 164 -23.11 56.50 -43.01
CA LEU R 164 -22.72 55.14 -43.35
C LEU R 164 -22.92 54.87 -44.84
N GLY R 165 -24.04 55.35 -45.41
CA GLY R 165 -24.25 55.19 -46.84
C GLY R 165 -23.26 55.98 -47.67
N GLU R 166 -22.79 57.12 -47.16
CA GLU R 166 -21.76 57.89 -47.84
C GLU R 166 -20.40 57.21 -47.74
N ALA R 167 -20.12 56.54 -46.62
CA ALA R 167 -18.90 55.75 -46.50
C ALA R 167 -18.95 54.51 -47.39
N TRP R 168 -20.12 53.89 -47.52
CA TRP R 168 -20.27 52.70 -48.35
C TRP R 168 -19.99 53.01 -49.81
N ARG R 169 -20.49 54.14 -50.30
CA ARG R 169 -20.35 54.48 -51.71
C ARG R 169 -18.90 54.78 -52.09
N VAL R 170 -18.17 55.47 -51.21
CA VAL R 170 -16.78 55.81 -51.50
C VAL R 170 -15.82 54.65 -51.31
N LEU R 171 -16.29 53.53 -50.76
CA LEU R 171 -15.44 52.38 -50.51
C LEU R 171 -15.46 51.43 -51.72
N LYS R 172 -14.32 50.82 -51.99
CA LYS R 172 -14.25 49.79 -53.02
C LYS R 172 -14.96 48.53 -52.52
N PRO R 173 -15.58 47.78 -53.43
CA PRO R 173 -16.26 46.55 -53.01
C PRO R 173 -15.27 45.54 -52.46
N GLY R 174 -15.54 45.06 -51.26
CA GLY R 174 -14.61 44.23 -50.53
C GLY R 174 -13.81 44.96 -49.47
N GLY R 175 -13.84 46.27 -49.46
CA GLY R 175 -13.14 47.02 -48.43
C GLY R 175 -13.88 46.98 -47.11
N ASP R 176 -13.22 47.54 -46.09
CA ASP R 176 -13.70 47.43 -44.72
C ASP R 176 -13.74 48.79 -44.05
N LEU R 177 -14.78 49.01 -43.23
CA LEU R 177 -14.99 50.25 -42.51
C LEU R 177 -14.98 49.96 -41.02
N LEU R 178 -14.05 50.58 -40.29
CA LEU R 178 -13.93 50.41 -38.85
C LEU R 178 -14.73 51.50 -38.15
N VAL R 179 -15.67 51.10 -37.28
CA VAL R 179 -16.60 52.01 -36.65
C VAL R 179 -16.43 51.93 -35.14
N LEU R 180 -16.31 53.09 -34.49
CA LEU R 180 -16.20 53.20 -33.04
C LEU R 180 -17.42 54.00 -32.57
N GLU R 181 -18.47 53.29 -32.14
CA GLU R 181 -19.79 53.88 -31.96
C GLU R 181 -20.40 53.43 -30.64
N SER R 182 -21.21 54.30 -30.06
CA SER R 182 -21.96 54.02 -28.83
C SER R 182 -23.41 53.67 -29.15
N VAL R 183 -24.08 53.08 -28.15
CA VAL R 183 -25.45 52.62 -28.28
C VAL R 183 -26.12 52.67 -26.91
N VAL R 184 -27.37 53.14 -26.87
CA VAL R 184 -28.13 53.14 -25.63
C VAL R 184 -28.65 51.74 -25.36
N THR R 185 -28.67 51.37 -24.07
CA THR R 185 -29.30 50.12 -23.65
C THR R 185 -30.64 50.33 -22.95
N GLU R 186 -30.92 51.54 -22.46
CA GLU R 186 -32.21 51.92 -21.94
C GLU R 186 -32.84 52.94 -22.89
N GLU R 187 -33.69 53.83 -22.36
CA GLU R 187 -34.50 54.71 -23.17
C GLU R 187 -34.04 56.17 -23.18
N LEU R 188 -33.24 56.59 -22.20
CA LEU R 188 -32.76 57.96 -22.07
C LEU R 188 -33.89 58.94 -21.78
N THR R 189 -33.83 59.58 -20.61
CA THR R 189 -34.74 60.70 -20.34
C THR R 189 -34.35 61.89 -21.20
N GLU R 190 -35.27 62.86 -21.29
CA GLU R 190 -35.08 64.02 -22.16
C GLU R 190 -33.95 64.93 -21.66
N PRO R 191 -33.81 65.14 -20.34
CA PRO R 191 -32.64 65.90 -19.88
C PRO R 191 -31.31 65.27 -20.26
N GLU R 192 -31.23 63.94 -20.22
CA GLU R 192 -30.01 63.25 -20.65
C GLU R 192 -29.76 63.46 -22.14
N THR R 193 -30.80 63.31 -22.96
CA THR R 193 -30.66 63.59 -24.39
C THR R 193 -30.22 65.02 -24.65
N ALA R 194 -30.59 65.95 -23.77
CA ALA R 194 -30.16 67.34 -23.89
C ALA R 194 -28.69 67.49 -23.50
N LEU R 195 -28.26 66.77 -22.45
CA LEU R 195 -26.85 66.83 -22.04
C LEU R 195 -25.91 66.42 -23.16
N PHE R 196 -26.35 65.52 -24.04
CA PHE R 196 -25.53 65.15 -25.20
C PHE R 196 -25.21 66.36 -26.06
N GLU R 197 -26.19 67.25 -26.25
CA GLU R 197 -26.00 68.41 -27.11
C GLU R 197 -25.24 69.53 -26.38
N THR R 198 -25.57 69.78 -25.12
CA THR R 198 -25.00 70.92 -24.42
C THR R 198 -23.54 70.66 -24.03
N LEU R 199 -23.21 69.42 -23.68
CA LEU R 199 -21.84 69.10 -23.28
C LEU R 199 -20.94 68.96 -24.49
N TYR R 200 -21.14 67.89 -25.27
CA TYR R 200 -20.35 67.64 -26.47
C TYR R 200 -21.09 68.21 -27.68
N ALA R 201 -21.16 67.44 -28.76
CA ALA R 201 -21.88 67.89 -29.94
C ALA R 201 -23.01 66.93 -30.33
N ALA R 202 -23.88 66.61 -29.36
CA ALA R 202 -25.23 66.14 -29.63
C ALA R 202 -25.37 64.76 -30.26
N ASN R 203 -26.52 64.53 -30.89
CA ASN R 203 -26.94 63.27 -31.49
C ASN R 203 -26.89 62.13 -30.49
N VAL R 204 -28.05 61.80 -29.92
CA VAL R 204 -28.12 60.69 -28.97
C VAL R 204 -27.75 59.40 -29.68
N PRO R 205 -27.06 58.47 -29.02
CA PRO R 205 -26.70 57.23 -29.70
C PRO R 205 -27.94 56.43 -30.05
N PRO R 206 -27.88 55.61 -31.08
CA PRO R 206 -29.05 54.80 -31.46
C PRO R 206 -29.14 53.55 -30.61
N ARG R 207 -30.07 52.67 -30.95
CA ARG R 207 -30.15 51.36 -30.32
C ARG R 207 -29.31 50.36 -31.10
N LEU R 208 -29.06 49.20 -30.50
CA LEU R 208 -28.16 48.22 -31.10
C LEU R 208 -28.72 47.70 -32.43
N GLY R 209 -29.90 47.08 -32.38
CA GLY R 209 -30.57 46.63 -33.60
C GLY R 209 -30.98 47.75 -34.53
N GLU R 210 -31.23 48.95 -34.01
CA GLU R 210 -31.49 50.11 -34.86
C GLU R 210 -30.23 50.52 -35.61
N PHE R 211 -29.08 50.49 -34.95
CA PHE R 211 -27.83 50.86 -35.61
C PHE R 211 -27.43 49.86 -36.69
N PHE R 212 -27.65 48.57 -36.46
CA PHE R 212 -27.30 47.57 -37.45
C PHE R 212 -28.34 47.41 -38.55
N ASP R 213 -29.60 47.78 -38.29
CA ASP R 213 -30.53 47.96 -39.40
C ASP R 213 -30.08 49.10 -40.30
N ILE R 214 -29.41 50.10 -39.74
CA ILE R 214 -28.79 51.15 -40.55
C ILE R 214 -27.55 50.61 -41.26
N VAL R 215 -26.74 49.81 -40.57
CA VAL R 215 -25.59 49.20 -41.20
C VAL R 215 -26.01 48.33 -42.37
N SER R 216 -27.06 47.53 -42.20
CA SER R 216 -27.55 46.71 -43.29
C SER R 216 -28.22 47.56 -44.37
N GLY R 217 -28.97 48.58 -43.97
CA GLY R 217 -29.59 49.47 -44.95
C GLY R 217 -28.59 50.22 -45.80
N ALA R 218 -27.42 50.50 -45.24
CA ALA R 218 -26.32 51.06 -46.01
C ALA R 218 -25.60 50.03 -46.86
N GLY R 219 -26.02 48.76 -46.80
CA GLY R 219 -25.41 47.72 -47.60
C GLY R 219 -24.16 47.12 -47.02
N PHE R 220 -23.93 47.23 -45.72
CA PHE R 220 -22.74 46.71 -45.07
C PHE R 220 -23.02 45.33 -44.47
N HIS R 221 -21.99 44.49 -44.47
CA HIS R 221 -21.95 43.30 -43.64
C HIS R 221 -21.25 43.62 -42.32
N THR R 222 -21.47 42.76 -41.33
CA THR R 222 -20.86 42.92 -40.01
C THR R 222 -19.88 41.79 -39.79
N LEU R 223 -18.58 42.13 -39.77
CA LEU R 223 -17.54 41.14 -39.58
C LEU R 223 -17.14 40.97 -38.12
N SER R 224 -17.07 42.06 -37.36
CA SER R 224 -16.63 41.96 -35.98
C SER R 224 -17.25 43.08 -35.15
N LEU R 225 -17.18 42.91 -33.84
CA LEU R 225 -17.58 43.91 -32.86
C LEU R 225 -16.86 43.56 -31.56
N LYS R 226 -16.50 44.58 -30.79
CA LYS R 226 -15.79 44.37 -29.55
C LYS R 226 -16.11 45.50 -28.59
N ASP R 227 -16.68 45.15 -27.44
CA ASP R 227 -16.99 46.14 -26.42
C ASP R 227 -15.72 46.82 -25.93
N LEU R 228 -15.76 48.16 -25.86
CA LEU R 228 -14.68 48.94 -25.29
C LEU R 228 -15.23 50.01 -24.35
N SER R 229 -16.41 49.75 -23.78
CA SER R 229 -17.08 50.74 -22.93
C SER R 229 -16.22 51.11 -21.71
N ALA R 230 -15.41 50.17 -21.23
CA ALA R 230 -14.54 50.44 -20.08
C ALA R 230 -13.51 51.51 -20.42
N ASN R 231 -12.97 51.48 -21.64
CA ASN R 231 -12.01 52.50 -22.04
C ASN R 231 -12.66 53.87 -22.18
N LEU R 232 -13.93 53.91 -22.58
CA LEU R 232 -14.64 55.18 -22.66
C LEU R 232 -14.93 55.73 -21.27
N ALA R 233 -15.25 54.86 -20.32
CA ALA R 233 -15.54 55.32 -18.95
C ALA R 233 -14.28 55.84 -18.27
N MET R 234 -13.15 55.14 -18.45
CA MET R 234 -11.89 55.62 -17.89
C MET R 234 -11.46 56.94 -18.52
N THR R 235 -11.56 57.03 -19.85
CA THR R 235 -11.21 58.28 -20.54
C THR R 235 -12.08 59.43 -20.07
N MET R 236 -13.40 59.22 -20.03
CA MET R 236 -14.31 60.23 -19.52
C MET R 236 -13.98 60.59 -18.06
N ASN R 237 -13.51 59.61 -17.29
CA ASN R 237 -13.09 59.89 -15.91
C ASN R 237 -11.83 60.75 -15.88
N VAL R 238 -10.84 60.41 -16.71
CA VAL R 238 -9.64 61.24 -16.82
C VAL R 238 -10.01 62.65 -17.26
N PHE R 239 -10.91 62.76 -18.24
CA PHE R 239 -11.38 64.06 -18.70
C PHE R 239 -12.00 64.86 -17.56
N ALA R 240 -12.94 64.25 -16.84
CA ALA R 240 -13.63 64.96 -15.76
C ALA R 240 -12.67 65.38 -14.67
N LEU R 241 -11.65 64.58 -14.39
CA LEU R 241 -10.66 64.95 -13.38
C LEU R 241 -9.80 66.10 -13.86
N GLY R 242 -9.47 66.13 -15.16
CA GLY R 242 -8.72 67.27 -15.68
C GLY R 242 -9.49 68.57 -15.59
N VAL R 243 -10.81 68.51 -15.84
CA VAL R 243 -11.63 69.70 -15.74
C VAL R 243 -11.78 70.14 -14.30
N TYR R 244 -12.04 69.18 -13.39
CA TYR R 244 -12.18 69.52 -11.98
C TYR R 244 -10.92 70.16 -11.42
N SER R 245 -9.76 69.60 -11.76
CA SER R 245 -8.50 70.04 -11.17
C SER R 245 -8.00 71.37 -11.72
N ARG R 246 -8.45 71.77 -12.90
CA ARG R 246 -7.91 72.94 -13.59
C ARG R 246 -9.04 73.85 -14.07
N ARG R 247 -9.97 74.18 -13.17
CA ARG R 247 -11.08 75.06 -13.54
C ARG R 247 -10.58 76.46 -13.88
N ALA R 248 -9.66 77.00 -13.08
CA ALA R 248 -9.20 78.36 -13.32
C ALA R 248 -8.47 78.48 -14.65
N GLU R 249 -7.67 77.46 -15.00
CA GLU R 249 -6.95 77.49 -16.27
C GLU R 249 -7.89 77.44 -17.46
N PHE R 250 -8.98 76.67 -17.35
CA PHE R 250 -9.89 76.53 -18.48
C PHE R 250 -10.88 77.67 -18.58
N THR R 251 -11.24 78.30 -17.44
CA THR R 251 -12.09 79.48 -17.50
C THR R 251 -11.38 80.64 -18.20
N GLU R 252 -10.06 80.73 -18.06
CA GLU R 252 -9.27 81.76 -18.71
C GLU R 252 -8.98 81.44 -20.17
N ARG R 253 -9.30 80.24 -20.64
CA ARG R 253 -8.98 79.79 -21.99
C ARG R 253 -10.20 79.56 -22.86
N PHE R 254 -11.31 79.09 -22.29
CA PHE R 254 -12.52 78.83 -23.05
C PHE R 254 -13.74 79.58 -22.52
N GLY R 255 -13.59 80.37 -21.48
CA GLY R 255 -14.75 81.06 -20.90
C GLY R 255 -15.39 80.24 -19.80
N ALA R 256 -15.94 80.95 -18.81
CA ALA R 256 -16.51 80.29 -17.64
C ALA R 256 -17.81 79.55 -17.96
N GLU R 257 -18.57 80.04 -18.94
CA GLU R 257 -19.83 79.39 -19.30
C GLU R 257 -19.60 77.94 -19.73
N PHE R 258 -18.56 77.71 -20.54
CA PHE R 258 -18.22 76.35 -20.94
C PHE R 258 -17.89 75.49 -19.73
N VAL R 259 -17.18 76.05 -18.75
CA VAL R 259 -16.77 75.30 -17.58
C VAL R 259 -17.99 74.92 -16.72
N ASP R 260 -18.87 75.88 -16.47
CA ASP R 260 -20.07 75.60 -15.67
C ASP R 260 -20.89 74.47 -16.29
N GLY R 261 -21.26 74.63 -17.56
CA GLY R 261 -21.99 73.57 -18.25
C GLY R 261 -21.24 72.25 -18.24
N LEU R 262 -19.91 72.30 -18.35
CA LEU R 262 -19.10 71.09 -18.23
C LEU R 262 -19.32 70.40 -16.90
N LEU R 263 -19.22 71.16 -15.80
CA LEU R 263 -19.21 70.56 -14.46
C LEU R 263 -20.51 69.82 -14.18
N ALA R 264 -21.64 70.52 -14.26
CA ALA R 264 -22.93 69.87 -13.98
C ALA R 264 -23.19 68.72 -14.94
N GLY R 265 -22.80 68.88 -16.20
CA GLY R 265 -22.95 67.81 -17.17
C GLY R 265 -22.17 66.57 -16.81
N LEU R 266 -20.84 66.68 -16.79
CA LEU R 266 -19.93 65.60 -16.42
C LEU R 266 -20.46 64.81 -15.23
N GLY R 267 -21.03 65.51 -14.25
CA GLY R 267 -21.63 64.86 -13.10
C GLY R 267 -22.64 63.82 -13.49
N SER R 268 -23.77 64.25 -14.06
CA SER R 268 -24.79 63.29 -14.51
C SER R 268 -24.41 62.59 -15.81
N ALA R 269 -23.45 63.13 -16.58
CA ALA R 269 -23.07 62.51 -17.84
C ALA R 269 -22.44 61.14 -17.62
N GLN R 270 -21.51 61.04 -16.68
CA GLN R 270 -20.88 59.76 -16.36
C GLN R 270 -21.92 58.72 -15.98
N GLU R 271 -22.79 59.07 -15.03
CA GLU R 271 -23.79 58.12 -14.54
C GLU R 271 -24.74 57.70 -15.65
N THR R 272 -25.21 58.66 -16.45
CA THR R 272 -26.10 58.33 -17.56
C THR R 272 -25.39 57.46 -18.59
N LEU R 273 -24.15 57.83 -18.95
CA LEU R 273 -23.38 57.05 -19.91
C LEU R 273 -23.26 55.60 -19.48
N ILE R 274 -22.88 55.37 -18.22
CA ILE R 274 -22.72 54.00 -17.72
C ILE R 274 -24.05 53.27 -17.71
N ARG R 275 -25.02 53.81 -16.96
CA ARG R 275 -26.25 53.08 -16.68
C ARG R 275 -26.99 52.69 -17.95
N LYS R 276 -26.80 53.43 -19.04
CA LYS R 276 -27.67 53.28 -20.20
C LYS R 276 -26.97 53.13 -21.55
N THR R 277 -25.65 53.26 -21.63
CA THR R 277 -24.97 53.20 -22.92
C THR R 277 -23.75 52.29 -22.87
N ARG R 278 -23.40 51.75 -24.03
CA ARG R 278 -22.17 50.99 -24.23
C ARG R 278 -21.44 51.58 -25.43
N PHE R 279 -20.19 51.14 -25.60
CA PHE R 279 -19.31 51.66 -26.65
C PHE R 279 -18.45 50.53 -27.20
N PHE R 280 -18.43 50.39 -28.52
CA PHE R 280 -17.79 49.25 -29.15
C PHE R 280 -17.06 49.67 -30.41
N MET R 281 -16.16 48.78 -30.86
CA MET R 281 -15.44 48.91 -32.12
C MET R 281 -15.88 47.77 -33.03
N ALA R 282 -16.42 48.12 -34.20
CA ALA R 282 -16.95 47.15 -35.14
C ALA R 282 -16.26 47.28 -36.49
N THR R 283 -16.15 46.15 -37.19
CA THR R 283 -15.59 46.09 -38.54
C THR R 283 -16.71 45.71 -39.51
N LEU R 284 -17.08 46.65 -40.37
CA LEU R 284 -18.08 46.42 -41.41
C LEU R 284 -17.39 46.23 -42.75
N ARG R 285 -17.98 45.43 -43.62
CA ARG R 285 -17.44 45.18 -44.95
C ARG R 285 -18.47 45.53 -46.01
N LYS R 286 -18.03 46.25 -47.02
CA LYS R 286 -18.80 46.38 -48.26
C LYS R 286 -18.58 45.13 -49.09
N PRO R 287 -19.63 44.39 -49.47
CA PRO R 287 -19.43 43.10 -50.12
C PRO R 287 -18.64 43.21 -51.43
N ALA R 288 -17.86 42.18 -51.70
CA ALA R 288 -17.08 42.10 -52.93
C ALA R 288 -17.88 41.38 -54.01
N VAL R 289 -17.45 41.58 -55.26
CA VAL R 289 -18.15 41.03 -56.41
C VAL R 289 -17.39 39.85 -57.00
#